data_8GZN
#
_entry.id   8GZN
#
_cell.length_a   1.00
_cell.length_b   1.00
_cell.length_c   1.00
_cell.angle_alpha   90.00
_cell.angle_beta   90.00
_cell.angle_gamma   90.00
#
_symmetry.space_group_name_H-M   'P 1'
#
loop_
_entity.id
_entity.type
_entity.pdbx_description
1 polymer 'Immunoglobulin heavy constant mu'
2 polymer 'Erythrocyte membrane protein 1'
3 polymer 'Immunoglobulin J chain'
#
loop_
_entity_poly.entity_id
_entity_poly.type
_entity_poly.pdbx_seq_one_letter_code
_entity_poly.pdbx_strand_id
1 'polypeptide(L)'
;GSASAPTLFPLVSCENSPSDTSSVAVGCLAQDFLPDSITFSWKYKNNSDISSTRGFPSVLRGGKYAATSQVLLPSKDVMQ
GTDEHVVCKVQHPNGNKEKNVPLPVIAELPPKVSVFVPPRDGFFGNPRKSKLICQATGFSPRQIQVSWLREGKQVGSGVT
TDQVQAEAKESGPTTYKVTSTLTIKESDWLGQSMFTCRVDHRGLTFQQNASSMCVPDQDTAIRVFAIPPSFASIFLTKST
KLTCLVTDLTTYDSVTISWTRQNGEAVKTHTNISESHPNATFSAVGEASICEDDWNSGERFTCTVTHTDLPSPLKQTISR
PKGVALHRPDVYLLPPAREQLNLRESATITCLVTGFSPADVFVQWMQRGQPLSPEKYVTSAPMPEPQAPGRYFAHSILTV
SEEEWNTGETYTCVVAHEALPNRVTERTVDKSTGKPTLYNVSLVMSDTAGTCY
;
A,B,C,D,E,F,G,H,K,L
2 'polypeptide(L)'
;MDSTSTIANKIEEYLGAKSDDSKIDELLKADPSEVEYYRSGGDGDYLKNNICKITVNHSDSGKYDPCEKKLPPYDDNDQW
KCQQNSSDGSGKPENICVPPRRERLCTYNLENLKFDKIRDNNAFLADVLLTARNEGEKIVQNHPDTNSSNVCNALERSFA
DLADIIRGTDQWKGTNSNLEKNLKQMFAKIRENDKVLQDKYPKDQKYTKLREAWWNANRQKVWEVITCGARSNDLLIKRG
WRTSGKSDRKKNFELCRKCGHYEKEVPTKLDYVPQFLRWLTEWIEDFYREKQNLIDDMERHREECTREDHKSKEGTSYCS
TCKDKCKKYCECVKKWKTEWENQENKYKDLYEQNKNKTSQKNTSRYDDYVKDFFEKLEANYSSLENYIKGDPYFAEYATK
LSFILNPSDANNPSGETANHNDEACNCNESGISSVGQAQTSGPSSNKTCITHSSIKTNKKKECKDVKLGVRENDKDLKIC
VIEDTSLSGVDNCCCQDLLGILQENCSDNKRGSSSNDSCDNKNQDECQKKLEKVFASLTNGYKCDKCKSGTSRSKKKWIW
KKSSGNEEGLQEEYANTIGLPPRTQSLYLGNLPKLENVCEDVKDINFDTKEKFLAGCLIVSFHEGKNLKKRYPQNKNSGN
KENLCKALEYSFADYGDLIKGTSIWDNEYTKDLELNLQNNFGKLFGKYIKKNNTAEQDTSYSSLDELRESWWNTNKKYIW
TAMKHGAEMNITTCNADGSVTGSGSSCDDIPTIDLIPQYLRFLQEWVENFCEQRQAKVKDVITNCKSCKESGNKCKTECK
TKCKDECEKYKKFIEACGTAGGGIGTAGSPWSKRWDQIYKRYSKHIEDAKRNRKAGTKNCGTSSTTNAAASTDENKCVQS
DIDSFFKHLIDIGLTTPSSYLSNVLDDNICGADKAPWTTYTTYTTTEKCNKERDKSKSQSSDTLVVVNVPSPLGNTPYRY
KYACQCKIPTNEETCDDRKEYMNQWSCGSARTMKRGYKNDNYELCKYNGVDVKPTTVRSNSSKLDGNDVTFFNLFEQWNK
EIQYQIEQYMTNANISCIDEKEVLDSVSDEGTPKVRGGYEDGRNNNTDQGTNCKEKCKCYKLWIEKINDQWGKQKDNYNK
FRSKQIYDANKGSQNKKVVSLSNFLFFSCWEEYIQKYFNGDWSKIKNIGSDTFEFLIKKCGNNSAHGEEIFSEKLKNAEK
KCKENESTDTNINKSETSCDLNATNYIRGCQSKTYDGKIFPGKGGEKQWICKDTIIHGDTNGACIPPRTQNLCVGELWDK
SYGGRSNIKNDTKELLKEKIKNAIHKETELLYEYHDTGTAIISKNDKKGQKGKNDPNGLPKGFCHAVQRSFIDYKNMILG
TSVNIYEHIGKLQEDIKKIIEKGTPQQKDKIGGVGSSTENVNAWWKGIEREMWDAVRCAITKINKKNNNSIFNGDECGVS
PPTGNDEDQSVSWFKEWGEQFCIERLRYEQNIREACTINGKNEKKCINSKSGQGDKIQGACKRKCEKYKKYISEKKQEWD
KQKTKYENKYVGKSASDLLKENYPECISANFDFIFNDNIEYKTYYPYGDYSSICSCEQVKYYKYNNAEKKNNKSLCYEKD
NDMTWSKKYIKKLENGRSLEGVYVPPRRQQLCLYELFPIIIKNEEGMEKAKEELLETLQIVAEREAYYLWKQYNPTGKGI
DDANKKACCAIRGSFYDLEDIIKGNDLVHDEYTKYIDSKLNEIFGSSNTNDIDTKRARTDWWENETITNGTDRKTIRQLV
WDAMQSGVRYAVEEKNENFPLCMGVEHIGIAKPQFIRWLEEWTNEFCEKYTKYFEDMKSKCDPPKRADTCGDNSNIECKK
ACANYTNWLNPKRIEWNGMSNYYNKIYRKSNKESEDGKDYSMIMAPTVIDYLNKRCHGEINGNYICCSCKNIGAYNTTSG
TVNKKLQKKETECEEEKGPLDLMNEVLNKMDKKYSAHKMKCTEVYLEHVEEQLNEIDNAIKDYKLYPLDRCFDDQTKMKV
CDLIADAIGCKDKTKLDELDEWNDMDLRGTYNKHKGVLIPPRRRQLCFSRIVRGPANLRSLNEFKEEILKGAQSEGKFLG
NYYKEHKDKEKALEAMKNSFYDYEDIIKGTDMLTNIEFKDIKIKLDRLLEKETNNTKKAEDWWKTNKKSIWNAMLCGYKK
SGNKIIDPSWCTIPTTETPPQFLRWIKEWGTNVCIQKQEHKEYVKSKCSNVTNLGAQASESNNCTSEIKKYQEWSRKRSI
QWETISKRYKKYKRMDILKDVKEPDANTYLREHCSKCPCGFNDMEEMNNNEDNEKEAFKQIKEQVKIPAELEDVIYRIKH
HEYDKGNDYICNKYKNIHDRMKKNNGNFVTDNFVKKSWEISNGVLIPPRRKNLFLYIDPSKICEYKKDPKLFKDFIYWSA
FTEVERLKKAYGGARAKVVHAMKYSFTDIGSIIKGDDMMEKNSSDKIGKILGDTDGQNEKRKKWWDMNKYHIWESMLCGY
REAEGDTETNENCRFPDIESVPQFLRWFQEWSENFCDRRQKLYDKLNSECISAECTNGSVDNSKCTHACVNYKNYILTKK
TEYEIQTNKYDNEFKNKNSNDKDAPDYLKEKCNDNKCECLNKHIDDKNKTWKNPYETLEDTFKSKCDCPKPLPSPIKPDD
LPPQADEPFLESRGPFEGKPIPNPLLGLDSTRTGHHHHHH
;
I,M
3 'polypeptide(L)'
;EDERIVLVDNKCKCARITSRIIRSSEDPNEDIVERNIRIIVPLNNRENISDPTSPLRTRFVYHLSDLCKKCDPTEVELDN
QIVTATQSNICDEDSATETCYTYDRNKCYTAVVPLVYGGETKMVETALTPDACYPD
;
J
#
# COMPACT_ATOMS: atom_id res chain seq x y z
N LYS A 322 -30.37 -44.17 43.29
CA LYS A 322 -31.71 -44.44 43.78
C LYS A 322 -32.56 -43.17 43.75
N GLY A 323 -32.61 -42.52 42.60
CA GLY A 323 -33.38 -41.30 42.44
C GLY A 323 -32.61 -40.15 41.84
N VAL A 324 -31.42 -40.44 41.30
CA VAL A 324 -30.56 -39.44 40.69
C VAL A 324 -30.38 -39.78 39.22
N ALA A 325 -30.59 -38.80 38.36
CA ALA A 325 -30.40 -38.99 36.92
C ALA A 325 -28.92 -39.02 36.58
N LEU A 326 -28.55 -39.90 35.65
CA LEU A 326 -27.16 -40.07 35.24
C LEU A 326 -26.82 -39.01 34.20
N HIS A 327 -26.60 -37.78 34.69
CA HIS A 327 -26.25 -36.68 33.81
C HIS A 327 -24.83 -36.86 33.27
N ARG A 328 -24.60 -36.32 32.08
CA ARG A 328 -23.32 -36.48 31.40
C ARG A 328 -22.20 -35.86 32.22
N PRO A 329 -21.21 -36.63 32.66
CA PRO A 329 -20.09 -36.04 33.41
C PRO A 329 -19.11 -35.33 32.50
N ASP A 330 -19.14 -34.00 32.51
CA ASP A 330 -18.25 -33.21 31.68
C ASP A 330 -16.85 -33.19 32.30
N VAL A 331 -15.84 -33.40 31.47
CA VAL A 331 -14.45 -33.45 31.91
C VAL A 331 -13.63 -32.44 31.11
N TYR A 332 -12.86 -31.62 31.82
CA TYR A 332 -11.99 -30.63 31.20
C TYR A 332 -10.57 -30.81 31.73
N LEU A 333 -9.59 -30.46 30.89
CA LEU A 333 -8.18 -30.52 31.23
C LEU A 333 -7.59 -29.12 31.20
N LEU A 334 -6.85 -28.76 32.25
CA LEU A 334 -6.20 -27.46 32.33
C LEU A 334 -4.70 -27.65 32.53
N PRO A 335 -3.87 -27.00 31.72
CA PRO A 335 -2.42 -27.15 31.83
C PRO A 335 -1.84 -26.11 32.77
N PRO A 336 -0.61 -26.30 33.23
CA PRO A 336 0.03 -25.28 34.08
C PRO A 336 0.17 -23.95 33.35
N ALA A 337 0.04 -22.87 34.11
CA ALA A 337 0.15 -21.53 33.54
C ALA A 337 1.58 -21.26 33.08
N ARG A 338 1.70 -20.40 32.07
CA ARG A 338 3.01 -20.07 31.52
C ARG A 338 3.89 -19.40 32.58
N GLU A 339 3.28 -18.54 33.41
CA GLU A 339 4.04 -17.87 34.46
C GLU A 339 4.67 -18.87 35.42
N GLN A 340 4.00 -20.00 35.65
CA GLN A 340 4.61 -21.06 36.45
C GLN A 340 5.82 -21.67 35.77
N LEU A 341 5.89 -21.62 34.45
CA LEU A 341 7.04 -22.12 33.71
C LEU A 341 8.06 -21.02 33.47
N ASN A 342 8.46 -20.33 34.54
CA ASN A 342 9.45 -19.27 34.44
C ASN A 342 10.60 -19.48 35.42
N LEU A 343 10.28 -19.96 36.62
CA LEU A 343 11.30 -20.28 37.60
C LEU A 343 11.89 -21.67 37.39
N ARG A 344 11.34 -22.45 36.46
CA ARG A 344 11.87 -23.77 36.10
C ARG A 344 11.98 -24.68 37.33
N GLU A 345 10.89 -24.77 38.09
CA GLU A 345 10.84 -25.60 39.29
C GLU A 345 9.96 -26.82 39.11
N SER A 346 8.70 -26.64 38.72
CA SER A 346 7.80 -27.76 38.46
C SER A 346 6.62 -27.25 37.65
N ALA A 347 5.67 -28.15 37.39
CA ALA A 347 4.45 -27.82 36.65
C ALA A 347 3.28 -28.47 37.37
N THR A 348 2.07 -28.18 36.89
CA THR A 348 0.87 -28.71 37.53
C THR A 348 -0.24 -28.82 36.50
N ILE A 349 -0.61 -30.04 36.15
CA ILE A 349 -1.74 -30.31 35.27
C ILE A 349 -2.94 -30.65 36.15
N THR A 350 -4.15 -30.41 35.63
CA THR A 350 -5.34 -30.82 36.37
C THR A 350 -6.45 -31.23 35.41
N CYS A 351 -7.32 -32.09 35.89
CA CYS A 351 -8.55 -32.44 35.19
C CYS A 351 -9.73 -32.32 36.14
N LEU A 352 -10.74 -31.60 35.71
CA LEU A 352 -11.93 -31.35 36.53
C LEU A 352 -13.13 -32.01 35.89
N VAL A 353 -13.99 -32.60 36.72
CA VAL A 353 -15.25 -33.18 36.29
C VAL A 353 -16.37 -32.37 36.92
N THR A 354 -17.38 -32.02 36.11
CA THR A 354 -18.42 -31.12 36.56
C THR A 354 -19.76 -31.52 35.95
N GLY A 355 -20.83 -31.30 36.70
CA GLY A 355 -22.17 -31.52 36.18
C GLY A 355 -22.52 -32.98 36.00
N PHE A 356 -22.60 -33.72 37.10
CA PHE A 356 -22.89 -35.14 37.03
C PHE A 356 -23.58 -35.58 38.31
N SER A 357 -24.22 -36.75 38.24
CA SER A 357 -24.87 -37.36 39.39
C SER A 357 -25.00 -38.84 39.11
N PRO A 358 -24.76 -39.72 40.10
CA PRO A 358 -24.34 -39.40 41.46
C PRO A 358 -22.82 -39.36 41.65
N ALA A 359 -22.39 -39.46 42.90
CA ALA A 359 -20.98 -39.46 43.27
C ALA A 359 -20.33 -40.80 43.01
N ASP A 360 -19.16 -41.03 43.61
CA ASP A 360 -18.38 -42.26 43.45
C ASP A 360 -17.91 -42.42 42.00
N VAL A 361 -17.07 -41.47 41.57
CA VAL A 361 -16.47 -41.47 40.25
C VAL A 361 -14.96 -41.64 40.42
N PHE A 362 -14.39 -42.62 39.71
CA PHE A 362 -12.97 -42.89 39.80
C PHE A 362 -12.21 -42.19 38.68
N VAL A 363 -11.10 -41.56 39.04
CA VAL A 363 -10.31 -40.74 38.12
C VAL A 363 -8.83 -41.01 38.35
N GLN A 364 -8.08 -41.16 37.24
CA GLN A 364 -6.63 -41.32 37.31
C GLN A 364 -6.04 -40.93 35.96
N TRP A 365 -4.71 -40.88 35.91
CA TRP A 365 -4.00 -40.52 34.70
C TRP A 365 -3.24 -41.70 34.12
N MET A 366 -3.29 -41.83 32.81
CA MET A 366 -2.45 -42.73 32.04
C MET A 366 -1.36 -41.92 31.34
N GLN A 367 -0.14 -42.46 31.35
CA GLN A 367 1.02 -41.85 30.69
C GLN A 367 1.38 -42.74 29.50
N ARG A 368 0.84 -42.40 28.33
CA ARG A 368 1.06 -43.18 27.10
C ARG A 368 0.72 -44.66 27.31
N GLY A 369 -0.38 -44.91 28.01
CA GLY A 369 -0.80 -46.26 28.32
C GLY A 369 -0.18 -46.86 29.56
N GLN A 370 0.86 -46.23 30.12
CA GLN A 370 1.49 -46.72 31.32
C GLN A 370 0.76 -46.17 32.54
N PRO A 371 0.26 -47.01 33.44
CA PRO A 371 -0.44 -46.49 34.62
C PRO A 371 0.49 -45.65 35.49
N LEU A 372 -0.07 -44.60 36.07
CA LEU A 372 0.68 -43.67 36.90
C LEU A 372 0.53 -44.02 38.38
N SER A 373 1.58 -43.72 39.14
CA SER A 373 1.58 -44.04 40.56
C SER A 373 0.51 -43.23 41.28
N PRO A 374 -0.35 -43.86 42.08
CA PRO A 374 -1.42 -43.11 42.76
C PRO A 374 -0.92 -42.03 43.70
N GLU A 375 0.23 -42.25 44.35
CA GLU A 375 0.71 -41.28 45.34
C GLU A 375 1.24 -40.01 44.71
N LYS A 376 1.56 -40.03 43.42
CA LYS A 376 2.09 -38.85 42.75
C LYS A 376 1.03 -37.75 42.61
N TYR A 377 -0.24 -38.08 42.72
CA TYR A 377 -1.32 -37.13 42.55
C TYR A 377 -2.35 -37.31 43.66
N VAL A 378 -3.09 -36.23 43.92
CA VAL A 378 -4.16 -36.22 44.91
C VAL A 378 -5.41 -35.66 44.26
N THR A 379 -6.50 -36.40 44.35
CA THR A 379 -7.79 -35.96 43.81
C THR A 379 -8.66 -35.38 44.92
N SER A 380 -9.79 -34.81 44.51
CA SER A 380 -10.71 -34.16 45.44
C SER A 380 -11.91 -35.06 45.70
N ALA A 381 -12.76 -34.62 46.63
CA ALA A 381 -13.99 -35.31 46.96
C ALA A 381 -15.19 -34.52 46.42
N PRO A 382 -16.17 -35.19 45.84
CA PRO A 382 -17.28 -34.47 45.22
C PRO A 382 -18.07 -33.66 46.24
N MET A 383 -18.52 -32.48 45.80
CA MET A 383 -19.38 -31.61 46.59
C MET A 383 -20.48 -31.06 45.68
N PRO A 384 -21.63 -30.71 46.24
CA PRO A 384 -22.73 -30.23 45.40
C PRO A 384 -22.36 -28.96 44.65
N GLU A 385 -22.84 -28.87 43.42
CA GLU A 385 -22.63 -27.71 42.58
C GLU A 385 -23.56 -26.57 43.02
N PRO A 386 -23.06 -25.33 43.06
CA PRO A 386 -23.89 -24.21 43.52
C PRO A 386 -25.16 -24.00 42.70
N GLN A 387 -25.01 -23.86 41.38
CA GLN A 387 -26.16 -23.54 40.53
C GLN A 387 -27.15 -24.71 40.50
N ALA A 388 -26.67 -25.92 40.26
CA ALA A 388 -27.53 -27.10 40.21
C ALA A 388 -27.21 -28.02 41.37
N PRO A 389 -28.10 -28.14 42.37
CA PRO A 389 -27.80 -29.02 43.51
C PRO A 389 -27.59 -30.47 43.12
N GLY A 390 -28.31 -30.96 42.11
CA GLY A 390 -28.13 -32.34 41.68
C GLY A 390 -26.76 -32.60 41.11
N ARG A 391 -26.23 -31.68 40.32
CA ARG A 391 -24.91 -31.83 39.73
C ARG A 391 -23.83 -31.77 40.79
N TYR A 392 -22.80 -32.59 40.62
CA TYR A 392 -21.61 -32.58 41.48
C TYR A 392 -20.39 -32.25 40.65
N PHE A 393 -19.28 -31.99 41.33
CA PHE A 393 -18.04 -31.72 40.63
C PHE A 393 -16.86 -32.07 41.54
N ALA A 394 -15.72 -32.30 40.91
CA ALA A 394 -14.52 -32.72 41.61
C ALA A 394 -13.31 -32.39 40.74
N HIS A 395 -12.14 -32.43 41.36
CA HIS A 395 -10.89 -32.06 40.71
C HIS A 395 -9.83 -33.13 40.96
N SER A 396 -8.89 -33.23 40.02
CA SER A 396 -7.72 -34.07 40.18
C SER A 396 -6.51 -33.27 39.71
N ILE A 397 -5.44 -33.29 40.50
CA ILE A 397 -4.28 -32.43 40.29
C ILE A 397 -3.03 -33.29 40.30
N LEU A 398 -2.16 -33.08 39.31
CA LEU A 398 -0.88 -33.77 39.23
C LEU A 398 0.24 -32.74 39.08
N THR A 399 1.36 -33.02 39.74
CA THR A 399 2.53 -32.15 39.70
C THR A 399 3.68 -32.88 39.01
N VAL A 400 4.27 -32.24 38.01
CA VAL A 400 5.38 -32.79 37.24
C VAL A 400 6.45 -31.72 37.10
N SER A 401 7.64 -32.15 36.65
CA SER A 401 8.76 -31.26 36.43
C SER A 401 8.58 -30.48 35.13
N GLU A 402 9.19 -29.29 35.07
CA GLU A 402 9.03 -28.44 33.90
C GLU A 402 9.74 -29.02 32.69
N GLU A 403 10.89 -29.67 32.89
CA GLU A 403 11.60 -30.28 31.78
C GLU A 403 10.85 -31.47 31.21
N GLU A 404 9.98 -32.10 32.00
CA GLU A 404 9.14 -33.17 31.47
C GLU A 404 8.21 -32.64 30.39
N TRP A 405 7.60 -31.47 30.62
CA TRP A 405 6.79 -30.84 29.59
C TRP A 405 7.66 -30.26 28.47
N ASN A 406 8.86 -29.78 28.82
CA ASN A 406 9.78 -29.32 27.79
C ASN A 406 10.15 -30.44 26.83
N THR A 407 10.06 -31.69 27.28
CA THR A 407 10.25 -32.85 26.42
C THR A 407 8.94 -33.37 25.86
N GLY A 408 7.83 -32.68 26.10
CA GLY A 408 6.51 -33.15 25.67
C GLY A 408 5.86 -34.03 26.73
N GLU A 409 5.82 -35.34 26.47
CA GLU A 409 5.35 -36.33 27.43
C GLU A 409 3.91 -36.04 27.87
N THR A 410 3.01 -36.14 26.91
CA THR A 410 1.59 -35.91 27.18
C THR A 410 1.03 -37.02 28.06
N TYR A 411 -0.05 -36.69 28.77
CA TYR A 411 -0.76 -37.62 29.63
C TYR A 411 -2.25 -37.58 29.29
N THR A 412 -3.03 -38.40 29.99
CA THR A 412 -4.48 -38.37 29.80
C THR A 412 -5.17 -38.67 31.12
N CYS A 413 -6.31 -38.04 31.32
CA CYS A 413 -7.11 -38.19 32.53
C CYS A 413 -8.36 -39.02 32.20
N VAL A 414 -8.62 -40.04 33.02
CA VAL A 414 -9.71 -40.97 32.80
C VAL A 414 -10.84 -40.66 33.77
N VAL A 415 -12.06 -41.06 33.39
CA VAL A 415 -13.24 -40.92 34.23
C VAL A 415 -13.90 -42.27 34.35
N ALA A 416 -14.58 -42.51 35.48
CA ALA A 416 -15.35 -43.73 35.71
C ALA A 416 -16.68 -43.34 36.34
N HIS A 417 -17.67 -43.06 35.49
CA HIS A 417 -19.02 -42.74 35.94
C HIS A 417 -20.03 -43.50 35.12
N GLU A 418 -21.09 -43.97 35.79
CA GLU A 418 -22.09 -44.83 35.17
C GLU A 418 -22.94 -44.11 34.14
N ALA A 419 -22.89 -42.78 34.08
CA ALA A 419 -23.72 -42.05 33.13
C ALA A 419 -23.33 -42.36 31.69
N LEU A 420 -22.03 -42.31 31.39
CA LEU A 420 -21.57 -42.61 30.04
C LEU A 420 -21.82 -44.09 29.74
N PRO A 421 -22.32 -44.43 28.55
CA PRO A 421 -22.44 -45.85 28.20
C PRO A 421 -21.11 -46.58 28.22
N ASN A 422 -20.03 -45.90 27.83
CA ASN A 422 -18.69 -46.45 27.93
C ASN A 422 -18.05 -46.20 29.28
N ARG A 423 -18.62 -45.29 30.08
CA ARG A 423 -18.17 -45.00 31.44
C ARG A 423 -16.77 -44.40 31.49
N VAL A 424 -16.15 -44.17 30.33
CA VAL A 424 -14.77 -43.70 30.27
C VAL A 424 -14.64 -42.70 29.14
N THR A 425 -13.93 -41.59 29.41
CA THR A 425 -13.49 -40.67 28.39
C THR A 425 -12.03 -40.30 28.65
N GLU A 426 -11.34 -39.88 27.59
CA GLU A 426 -9.93 -39.55 27.68
C GLU A 426 -9.67 -38.23 26.95
N ARG A 427 -8.58 -37.58 27.34
CA ARG A 427 -8.14 -36.34 26.71
C ARG A 427 -6.65 -36.40 26.39
N THR A 428 -6.08 -35.27 26.00
CA THR A 428 -4.66 -35.22 25.67
C THR A 428 -4.17 -33.79 25.82
N VAL A 429 -3.10 -33.59 26.58
CA VAL A 429 -2.54 -32.27 26.85
C VAL A 429 -1.03 -32.33 26.68
N ASP A 430 -0.48 -31.36 25.95
CA ASP A 430 0.95 -31.26 25.73
C ASP A 430 1.27 -29.84 25.27
N LYS A 431 2.51 -29.61 24.85
CA LYS A 431 2.92 -28.29 24.40
C LYS A 431 2.16 -27.85 23.16
N SER A 432 2.00 -28.76 22.19
CA SER A 432 1.39 -28.40 20.92
C SER A 432 -0.07 -27.99 21.10
N THR A 433 -0.83 -28.75 21.89
CA THR A 433 -2.24 -28.46 22.06
C THR A 433 -2.50 -27.30 23.01
N GLY A 434 -1.49 -26.86 23.76
CA GLY A 434 -1.67 -25.80 24.72
C GLY A 434 -1.33 -24.42 24.18
N LYS A 435 -2.37 -23.68 23.75
CA LYS A 435 -2.24 -22.30 23.30
C LYS A 435 -1.16 -22.16 22.23
N PRO A 436 -1.40 -22.62 21.00
CA PRO A 436 -0.39 -22.46 19.95
C PRO A 436 -0.24 -21.01 19.52
N THR A 437 0.88 -20.39 19.87
CA THR A 437 1.10 -18.98 19.55
C THR A 437 1.43 -18.77 18.07
N LEU A 438 1.92 -19.79 17.39
CA LEU A 438 2.30 -19.69 15.99
C LEU A 438 1.36 -20.55 15.14
N TYR A 439 0.92 -19.98 14.02
CA TYR A 439 0.01 -20.65 13.09
C TYR A 439 0.71 -20.78 11.75
N ASN A 440 1.34 -21.93 11.51
CA ASN A 440 2.01 -22.21 10.26
C ASN A 440 1.01 -22.87 9.32
N VAL A 441 0.25 -22.04 8.60
CA VAL A 441 -0.75 -22.52 7.65
C VAL A 441 -0.18 -22.35 6.25
N SER A 442 -0.05 -23.45 5.52
CA SER A 442 0.55 -23.47 4.19
C SER A 442 -0.33 -24.25 3.22
N LEU A 443 -1.63 -23.94 3.22
CA LEU A 443 -2.56 -24.64 2.35
C LEU A 443 -2.21 -24.41 0.88
N VAL A 444 -2.37 -25.46 0.08
CA VAL A 444 -2.12 -25.41 -1.36
C VAL A 444 -3.42 -25.76 -2.08
N MET A 445 -3.77 -24.94 -3.08
CA MET A 445 -4.94 -25.16 -3.90
C MET A 445 -4.51 -25.15 -5.36
N SER A 446 -4.99 -26.12 -6.13
CA SER A 446 -4.58 -26.23 -7.52
C SER A 446 -5.64 -27.04 -8.27
N ASP A 447 -5.58 -26.97 -9.61
CA ASP A 447 -6.49 -27.68 -10.49
C ASP A 447 -7.94 -27.32 -10.17
N THR A 448 -8.26 -26.04 -10.34
CA THR A 448 -9.60 -25.54 -10.04
C THR A 448 -10.67 -26.18 -10.91
N ALA A 449 -10.32 -26.66 -12.11
CA ALA A 449 -11.29 -27.35 -12.94
C ALA A 449 -11.66 -28.70 -12.34
N GLY A 450 -10.65 -29.49 -11.95
CA GLY A 450 -10.89 -30.77 -11.33
C GLY A 450 -11.45 -31.82 -12.27
N THR A 451 -11.39 -33.09 -11.87
CA THR A 451 -11.97 -34.20 -12.61
C THR A 451 -13.05 -34.81 -11.72
N CYS A 452 -14.26 -34.25 -11.79
CA CYS A 452 -15.37 -34.65 -10.92
C CYS A 452 -16.56 -34.98 -11.81
N TYR A 453 -16.63 -36.22 -12.28
CA TYR A 453 -17.71 -36.67 -13.14
C TYR A 453 -18.05 -38.13 -12.88
N ILE B 222 -17.99 -31.92 81.00
CA ILE B 222 -17.81 -30.47 80.94
C ILE B 222 -16.76 -30.13 79.87
N ARG B 223 -17.23 -29.52 78.78
CA ARG B 223 -16.37 -29.11 77.68
C ARG B 223 -16.44 -27.60 77.55
N VAL B 224 -15.27 -26.96 77.46
CA VAL B 224 -15.18 -25.50 77.37
C VAL B 224 -14.64 -25.16 75.99
N PHE B 225 -15.50 -24.60 75.14
CA PHE B 225 -15.09 -24.07 73.84
C PHE B 225 -14.38 -22.75 74.06
N ALA B 226 -13.10 -22.71 73.72
CA ALA B 226 -12.28 -21.50 73.78
C ALA B 226 -11.83 -21.19 72.36
N ILE B 227 -12.66 -20.46 71.63
CA ILE B 227 -12.41 -20.14 70.23
C ILE B 227 -11.58 -18.87 70.15
N PRO B 228 -10.36 -18.94 69.62
CA PRO B 228 -9.56 -17.73 69.41
C PRO B 228 -9.98 -17.04 68.13
N PRO B 229 -9.61 -15.77 67.94
CA PRO B 229 -9.92 -15.10 66.67
C PRO B 229 -9.12 -15.71 65.53
N SER B 230 -9.83 -16.34 64.60
CA SER B 230 -9.17 -16.94 63.44
C SER B 230 -8.62 -15.86 62.52
N PHE B 231 -7.53 -16.19 61.82
CA PHE B 231 -6.85 -15.20 60.99
C PHE B 231 -7.78 -14.65 59.91
N ALA B 232 -8.64 -15.51 59.36
CA ALA B 232 -9.66 -15.03 58.43
C ALA B 232 -10.58 -14.02 59.12
N SER B 233 -11.05 -14.36 60.31
CA SER B 233 -11.86 -13.41 61.07
C SER B 233 -11.05 -12.20 61.51
N ILE B 234 -9.77 -12.38 61.81
CA ILE B 234 -8.91 -11.25 62.16
C ILE B 234 -8.89 -10.24 61.01
N PHE B 235 -8.63 -10.72 59.79
CA PHE B 235 -8.57 -9.82 58.65
C PHE B 235 -9.94 -9.24 58.32
N LEU B 236 -11.00 -10.05 58.43
CA LEU B 236 -12.33 -9.58 58.07
C LEU B 236 -12.82 -8.50 59.02
N THR B 237 -12.53 -8.64 60.31
CA THR B 237 -13.13 -7.79 61.34
C THR B 237 -12.23 -6.63 61.77
N LYS B 238 -10.92 -6.86 61.89
CA LYS B 238 -9.99 -5.90 62.47
C LYS B 238 -10.32 -5.58 63.93
N SER B 239 -11.23 -6.35 64.53
CA SER B 239 -11.70 -6.14 65.89
C SER B 239 -11.73 -7.48 66.62
N THR B 240 -10.61 -8.20 66.56
CA THR B 240 -10.48 -9.58 67.02
C THR B 240 -11.15 -9.82 68.37
N LYS B 241 -12.01 -10.82 68.43
CA LYS B 241 -12.68 -11.25 69.65
C LYS B 241 -12.46 -12.74 69.84
N LEU B 242 -12.31 -13.15 71.08
CA LEU B 242 -12.16 -14.56 71.44
C LEU B 242 -13.31 -14.95 72.38
N THR B 243 -13.89 -16.12 72.14
CA THR B 243 -15.06 -16.57 72.86
C THR B 243 -14.71 -17.75 73.77
N CYS B 244 -15.40 -17.83 74.90
CA CYS B 244 -15.16 -18.91 75.86
C CYS B 244 -16.50 -19.27 76.49
N LEU B 245 -16.98 -20.48 76.22
CA LEU B 245 -18.26 -20.94 76.74
C LEU B 245 -18.16 -22.36 77.26
N VAL B 246 -18.82 -22.64 78.38
CA VAL B 246 -18.79 -23.93 79.04
C VAL B 246 -20.12 -24.64 78.81
N THR B 247 -20.06 -25.90 78.40
CA THR B 247 -21.25 -26.72 78.21
C THR B 247 -21.31 -27.79 79.29
N ASP B 248 -22.32 -28.66 79.19
CA ASP B 248 -22.53 -29.76 80.14
C ASP B 248 -22.68 -29.22 81.56
N LEU B 249 -23.65 -28.32 81.73
CA LEU B 249 -23.92 -27.73 83.03
C LEU B 249 -25.40 -27.42 83.14
N THR B 250 -25.88 -27.28 84.36
CA THR B 250 -27.29 -26.93 84.58
C THR B 250 -27.55 -25.49 84.16
N THR B 251 -28.77 -25.23 83.71
CA THR B 251 -29.18 -23.88 83.29
C THR B 251 -29.41 -23.02 84.53
N TYR B 252 -28.30 -22.63 85.15
CA TYR B 252 -28.30 -21.90 86.40
C TYR B 252 -27.58 -20.57 86.21
N ASP B 253 -28.09 -19.53 86.87
CA ASP B 253 -27.58 -18.17 86.68
C ASP B 253 -26.32 -17.99 87.53
N SER B 254 -25.84 -16.75 87.64
CA SER B 254 -24.65 -16.40 88.41
C SER B 254 -23.42 -17.18 87.91
N VAL B 255 -23.06 -16.91 86.66
CA VAL B 255 -21.95 -17.57 85.99
C VAL B 255 -20.94 -16.50 85.61
N THR B 256 -19.67 -16.73 85.95
CA THR B 256 -18.59 -15.78 85.68
C THR B 256 -17.66 -16.38 84.63
N ILE B 257 -17.52 -15.70 83.51
CA ILE B 257 -16.61 -16.12 82.44
C ILE B 257 -15.67 -14.95 82.20
N SER B 258 -14.55 -14.91 82.90
CA SER B 258 -13.58 -13.83 82.76
C SER B 258 -12.32 -14.36 82.08
N TRP B 259 -11.41 -13.45 81.76
CA TRP B 259 -10.17 -13.78 81.09
C TRP B 259 -9.00 -13.14 81.81
N THR B 260 -7.87 -13.82 81.82
CA THR B 260 -6.65 -13.30 82.42
C THR B 260 -5.49 -13.53 81.46
N ARG B 261 -4.48 -12.66 81.56
CA ARG B 261 -3.31 -12.80 80.72
C ARG B 261 -2.36 -13.83 81.32
N GLN B 262 -1.16 -13.95 80.75
CA GLN B 262 -0.16 -14.87 81.31
C GLN B 262 0.24 -14.43 82.72
N ASN B 263 0.18 -13.13 83.01
CA ASN B 263 0.42 -12.60 84.34
C ASN B 263 -0.86 -12.38 85.13
N GLY B 264 -1.99 -12.86 84.62
CA GLY B 264 -3.26 -12.71 85.31
C GLY B 264 -3.79 -11.30 85.40
N GLU B 265 -3.62 -10.51 84.35
CA GLU B 265 -4.18 -9.16 84.32
C GLU B 265 -5.68 -9.22 84.02
N ALA B 266 -6.40 -8.21 84.51
CA ALA B 266 -7.83 -8.16 84.35
C ALA B 266 -8.21 -7.96 82.88
N VAL B 267 -9.48 -8.24 82.57
CA VAL B 267 -9.99 -8.17 81.21
C VAL B 267 -11.27 -7.35 81.22
N LYS B 268 -11.66 -6.87 80.04
CA LYS B 268 -12.91 -6.14 79.89
C LYS B 268 -14.09 -7.06 80.18
N THR B 269 -15.18 -6.46 80.63
CA THR B 269 -16.33 -7.23 81.12
C THR B 269 -16.93 -8.08 80.00
N HIS B 270 -17.47 -9.24 80.39
CA HIS B 270 -18.10 -10.17 79.46
C HIS B 270 -19.60 -9.88 79.43
N THR B 271 -20.12 -9.66 78.23
CA THR B 271 -21.51 -9.27 78.03
C THR B 271 -22.19 -10.29 77.13
N ASN B 272 -23.54 -10.25 77.12
CA ASN B 272 -24.37 -11.16 76.33
C ASN B 272 -24.19 -12.60 76.80
N ILE B 273 -24.37 -12.82 78.11
CA ILE B 273 -24.31 -14.16 78.67
C ILE B 273 -25.55 -14.94 78.28
N SER B 274 -25.38 -16.25 78.08
CA SER B 274 -26.49 -17.11 77.69
C SER B 274 -27.55 -17.16 78.79
N GLU B 275 -28.80 -17.29 78.37
CA GLU B 275 -29.92 -17.37 79.29
C GLU B 275 -30.11 -18.81 79.75
N SER B 276 -31.23 -19.08 80.42
CA SER B 276 -31.60 -20.45 80.80
C SER B 276 -32.20 -21.13 79.57
N HIS B 277 -31.30 -21.52 78.66
CA HIS B 277 -31.72 -22.06 77.38
C HIS B 277 -32.42 -23.41 77.57
N PRO B 278 -33.39 -23.74 76.70
CA PRO B 278 -34.12 -25.01 76.85
C PRO B 278 -33.27 -26.23 76.56
N ASN B 279 -32.05 -26.08 76.06
CA ASN B 279 -31.19 -27.21 75.72
C ASN B 279 -30.56 -27.87 76.93
N ALA B 280 -31.02 -27.56 78.13
CA ALA B 280 -30.57 -28.16 79.39
C ALA B 280 -29.09 -27.90 79.66
N THR B 281 -28.49 -26.92 78.97
CA THR B 281 -27.12 -26.53 79.23
C THR B 281 -27.02 -25.01 79.28
N PHE B 282 -26.09 -24.53 80.09
CA PHE B 282 -25.84 -23.09 80.26
C PHE B 282 -24.56 -22.76 79.49
N SER B 283 -24.70 -22.49 78.20
CA SER B 283 -23.56 -22.17 77.35
C SER B 283 -23.20 -20.69 77.47
N ALA B 284 -22.79 -20.31 78.69
CA ALA B 284 -22.45 -18.93 78.99
C ALA B 284 -21.19 -18.54 78.23
N VAL B 285 -21.36 -17.73 77.18
CA VAL B 285 -20.24 -17.34 76.34
C VAL B 285 -19.52 -16.15 76.97
N GLY B 286 -18.19 -16.19 76.94
CA GLY B 286 -17.38 -15.09 77.44
C GLY B 286 -16.65 -14.37 76.33
N GLU B 287 -17.05 -13.13 76.05
CA GLU B 287 -16.48 -12.34 74.97
C GLU B 287 -15.53 -11.30 75.54
N ALA B 288 -14.32 -11.24 74.97
CA ALA B 288 -13.32 -10.27 75.38
C ALA B 288 -12.76 -9.58 74.15
N SER B 289 -12.58 -8.26 74.26
CA SER B 289 -12.09 -7.44 73.16
C SER B 289 -10.58 -7.29 73.31
N ILE B 290 -9.85 -8.36 73.00
CA ILE B 290 -8.40 -8.35 73.08
C ILE B 290 -7.84 -7.60 71.87
N CYS B 291 -6.79 -6.82 72.10
CA CYS B 291 -6.13 -6.13 71.02
C CYS B 291 -5.33 -7.10 70.17
N GLU B 292 -5.14 -6.74 68.90
CA GLU B 292 -4.45 -7.63 67.96
C GLU B 292 -3.00 -7.85 68.38
N ASP B 293 -2.31 -6.77 68.78
CA ASP B 293 -0.91 -6.89 69.17
C ASP B 293 -0.75 -7.76 70.42
N ASP B 294 -1.71 -7.67 71.34
CA ASP B 294 -1.67 -8.49 72.55
C ASP B 294 -1.74 -9.97 72.20
N TRP B 295 -2.63 -10.34 71.27
CA TRP B 295 -2.76 -11.74 70.92
C TRP B 295 -1.58 -12.23 70.09
N ASN B 296 -1.09 -11.41 69.17
CA ASN B 296 0.02 -11.83 68.34
C ASN B 296 1.37 -11.71 69.04
N SER B 297 1.41 -11.17 70.26
CA SER B 297 2.65 -11.09 71.01
C SER B 297 3.12 -12.45 71.51
N GLY B 298 2.30 -13.49 71.40
CA GLY B 298 2.66 -14.82 71.85
C GLY B 298 2.23 -15.15 73.26
N GLU B 299 1.72 -14.18 74.01
CA GLU B 299 1.26 -14.44 75.37
C GLU B 299 0.04 -15.35 75.36
N ARG B 300 0.02 -16.28 76.32
CA ARG B 300 -1.11 -17.18 76.50
C ARG B 300 -2.06 -16.61 77.54
N PHE B 301 -3.36 -16.77 77.30
CA PHE B 301 -4.38 -16.22 78.17
C PHE B 301 -5.28 -17.33 78.68
N THR B 302 -5.66 -17.23 79.95
CA THR B 302 -6.45 -18.25 80.62
C THR B 302 -7.89 -17.77 80.77
N CYS B 303 -8.82 -18.60 80.33
CA CYS B 303 -10.25 -18.33 80.50
C CYS B 303 -10.69 -18.83 81.87
N THR B 304 -10.83 -17.92 82.82
CA THR B 304 -11.25 -18.28 84.17
C THR B 304 -12.78 -18.37 84.19
N VAL B 305 -13.28 -19.59 84.35
CA VAL B 305 -14.72 -19.83 84.42
C VAL B 305 -15.05 -20.30 85.83
N THR B 306 -15.98 -19.59 86.48
CA THR B 306 -16.38 -19.85 87.84
C THR B 306 -17.90 -19.89 87.91
N HIS B 307 -18.42 -20.86 88.66
CA HIS B 307 -19.85 -21.06 88.78
C HIS B 307 -20.24 -21.09 90.26
N THR B 308 -21.50 -20.76 90.53
CA THR B 308 -21.99 -20.80 91.90
C THR B 308 -22.07 -22.24 92.41
N ASP B 309 -22.61 -23.13 91.58
CA ASP B 309 -22.72 -24.54 91.99
C ASP B 309 -21.35 -25.18 92.16
N LEU B 310 -20.43 -24.92 91.22
CA LEU B 310 -19.06 -25.42 91.33
C LEU B 310 -18.11 -24.25 91.52
N PRO B 311 -17.62 -24.00 92.73
CA PRO B 311 -16.80 -22.80 92.98
C PRO B 311 -15.45 -22.83 92.30
N SER B 312 -14.95 -23.99 91.92
CA SER B 312 -13.60 -24.08 91.36
C SER B 312 -13.60 -23.57 89.92
N PRO B 313 -12.84 -22.52 89.60
CA PRO B 313 -12.71 -22.10 88.21
C PRO B 313 -11.95 -23.15 87.40
N LEU B 314 -12.27 -23.23 86.12
CA LEU B 314 -11.60 -24.15 85.21
C LEU B 314 -10.65 -23.37 84.32
N LYS B 315 -9.43 -23.87 84.15
CA LYS B 315 -8.35 -23.16 83.47
C LYS B 315 -8.25 -23.66 82.03
N GLN B 316 -8.27 -22.72 81.08
CA GLN B 316 -8.03 -23.00 79.67
C GLN B 316 -7.06 -21.96 79.13
N THR B 317 -5.86 -22.38 78.78
CA THR B 317 -4.83 -21.48 78.27
C THR B 317 -4.82 -21.51 76.75
N ILE B 318 -4.73 -20.34 76.14
CA ILE B 318 -4.81 -20.19 74.70
C ILE B 318 -3.64 -19.34 74.21
N SER B 319 -3.08 -19.73 73.07
CA SER B 319 -1.97 -19.04 72.42
C SER B 319 -1.78 -19.67 71.05
N ARG B 320 -0.93 -19.04 70.23
CA ARG B 320 -0.67 -19.60 68.92
C ARG B 320 0.15 -20.88 69.04
N PRO B 321 -0.10 -21.87 68.20
CA PRO B 321 0.81 -23.02 68.12
C PRO B 321 2.06 -22.68 67.31
N LYS B 322 3.06 -22.09 67.95
CA LYS B 322 4.29 -21.69 67.27
C LYS B 322 5.05 -22.91 66.74
N GLY B 323 6.15 -22.68 66.03
CA GLY B 323 6.85 -23.76 65.39
C GLY B 323 7.24 -23.50 63.96
N VAL B 324 6.63 -24.25 63.02
CA VAL B 324 7.03 -24.22 61.62
C VAL B 324 7.03 -22.79 61.09
N ALA B 325 8.03 -22.48 60.27
CA ALA B 325 8.19 -21.15 59.72
C ALA B 325 7.08 -20.84 58.70
N LEU B 326 6.92 -19.56 58.42
CA LEU B 326 5.88 -19.09 57.51
C LEU B 326 6.45 -18.99 56.10
N HIS B 327 6.00 -19.87 55.21
CA HIS B 327 6.44 -19.84 53.83
C HIS B 327 5.42 -19.11 52.97
N ARG B 328 5.92 -18.22 52.12
CA ARG B 328 5.05 -17.44 51.25
C ARG B 328 4.43 -18.35 50.18
N PRO B 329 3.11 -18.32 50.02
CA PRO B 329 2.47 -19.14 49.00
C PRO B 329 2.63 -18.51 47.62
N ASP B 330 2.13 -19.22 46.61
CA ASP B 330 1.99 -18.65 45.28
C ASP B 330 0.61 -18.99 44.74
N VAL B 331 0.01 -18.02 44.04
CA VAL B 331 -1.36 -18.10 43.58
C VAL B 331 -1.36 -17.95 42.06
N TYR B 332 -1.95 -18.93 41.37
CA TYR B 332 -2.01 -18.96 39.93
C TYR B 332 -3.47 -18.96 39.49
N LEU B 333 -3.80 -18.09 38.54
CA LEU B 333 -5.16 -17.95 38.04
C LEU B 333 -5.23 -18.48 36.62
N LEU B 334 -6.21 -19.33 36.34
CA LEU B 334 -6.29 -20.03 35.08
C LEU B 334 -7.51 -19.58 34.29
N PRO B 335 -7.35 -19.18 33.04
CA PRO B 335 -8.50 -18.80 32.20
C PRO B 335 -9.31 -20.03 31.83
N PRO B 336 -10.57 -19.87 31.47
CA PRO B 336 -11.38 -21.03 31.09
C PRO B 336 -10.87 -21.66 29.81
N ALA B 337 -11.05 -22.98 29.72
CA ALA B 337 -10.60 -23.70 28.54
C ALA B 337 -11.42 -23.29 27.33
N ARG B 338 -10.74 -23.05 26.20
CA ARG B 338 -11.44 -22.62 25.00
C ARG B 338 -12.28 -23.75 24.42
N GLU B 339 -11.89 -25.00 24.65
CA GLU B 339 -12.73 -26.12 24.26
C GLU B 339 -14.03 -26.17 25.06
N GLN B 340 -14.07 -25.50 26.21
CA GLN B 340 -15.35 -25.26 26.87
C GLN B 340 -16.13 -24.14 26.19
N LEU B 341 -15.42 -23.11 25.72
CA LEU B 341 -16.08 -21.95 25.13
C LEU B 341 -16.48 -22.18 23.69
N ASN B 342 -17.22 -23.27 23.45
CA ASN B 342 -17.78 -23.53 22.12
C ASN B 342 -19.26 -23.86 22.24
N LEU B 343 -19.64 -24.44 23.38
CA LEU B 343 -21.04 -24.81 23.61
C LEU B 343 -21.91 -23.62 24.00
N ARG B 344 -21.31 -22.46 24.27
CA ARG B 344 -22.05 -21.23 24.53
C ARG B 344 -23.01 -21.37 25.70
N GLU B 345 -22.51 -21.92 26.81
CA GLU B 345 -23.40 -22.12 27.96
C GLU B 345 -22.89 -21.51 29.24
N SER B 346 -21.58 -21.55 29.50
CA SER B 346 -21.01 -21.08 30.75
C SER B 346 -19.50 -21.06 30.63
N ALA B 347 -18.84 -20.71 31.74
CA ALA B 347 -17.38 -20.64 31.81
C ALA B 347 -16.97 -20.77 33.26
N THR B 348 -15.71 -21.15 33.46
CA THR B 348 -15.19 -21.43 34.79
C THR B 348 -13.87 -20.70 35.00
N ILE B 349 -13.70 -20.15 36.20
CA ILE B 349 -12.49 -19.44 36.59
C ILE B 349 -11.94 -20.10 37.85
N THR B 350 -10.65 -20.41 37.85
CA THR B 350 -10.03 -21.11 38.97
C THR B 350 -8.77 -20.36 39.39
N CYS B 351 -8.74 -19.91 40.65
CA CYS B 351 -7.50 -19.39 41.23
C CYS B 351 -7.03 -20.33 42.32
N LEU B 352 -5.83 -20.89 42.15
CA LEU B 352 -5.29 -21.93 43.01
C LEU B 352 -4.08 -21.39 43.75
N VAL B 353 -4.11 -21.51 45.08
CA VAL B 353 -2.99 -21.11 45.94
C VAL B 353 -2.32 -22.37 46.43
N THR B 354 -0.99 -22.33 46.54
CA THR B 354 -0.27 -23.50 47.02
C THR B 354 1.06 -23.10 47.64
N GLY B 355 1.63 -24.03 48.40
CA GLY B 355 2.97 -23.85 48.95
C GLY B 355 3.04 -22.86 50.08
N PHE B 356 2.22 -23.05 51.11
CA PHE B 356 2.18 -22.15 52.25
C PHE B 356 2.13 -22.93 53.56
N SER B 357 2.73 -22.34 54.59
CA SER B 357 2.67 -22.83 55.95
C SER B 357 2.50 -21.63 56.87
N PRO B 358 1.58 -21.69 57.83
CA PRO B 358 0.67 -22.81 58.07
C PRO B 358 -0.59 -22.73 57.21
N ALA B 359 -1.63 -23.44 57.63
CA ALA B 359 -2.91 -23.45 56.94
C ALA B 359 -3.70 -22.20 57.31
N ASP B 360 -5.01 -22.23 57.03
CA ASP B 360 -5.94 -21.15 57.37
C ASP B 360 -5.59 -19.86 56.61
N VAL B 361 -5.66 -19.95 55.29
CA VAL B 361 -5.60 -18.79 54.42
C VAL B 361 -7.02 -18.39 54.06
N PHE B 362 -7.18 -17.17 53.57
CA PHE B 362 -8.52 -16.66 53.27
C PHE B 362 -8.54 -16.04 51.88
N VAL B 363 -9.41 -16.55 51.01
CA VAL B 363 -9.49 -16.08 49.64
C VAL B 363 -10.91 -15.62 49.34
N GLN B 364 -11.02 -14.69 48.39
CA GLN B 364 -12.32 -14.27 47.90
C GLN B 364 -12.12 -13.59 46.55
N TRP B 365 -13.18 -12.95 46.05
CA TRP B 365 -13.19 -12.40 44.71
C TRP B 365 -13.51 -10.91 44.74
N MET B 366 -12.87 -10.18 43.84
CA MET B 366 -13.04 -8.74 43.70
C MET B 366 -13.32 -8.50 42.21
N GLN B 367 -14.53 -8.05 41.90
CA GLN B 367 -14.94 -7.88 40.50
C GLN B 367 -15.32 -6.42 40.26
N ARG B 368 -14.74 -5.84 39.19
CA ARG B 368 -15.04 -4.50 38.68
C ARG B 368 -15.19 -3.47 39.80
N GLY B 369 -14.43 -3.65 40.88
CA GLY B 369 -14.47 -2.72 41.99
C GLY B 369 -15.47 -3.02 43.09
N GLN B 370 -16.23 -4.11 42.98
CA GLN B 370 -17.19 -4.44 44.02
C GLN B 370 -17.04 -5.90 44.44
N PRO B 371 -17.19 -6.20 45.73
CA PRO B 371 -17.08 -7.58 46.19
C PRO B 371 -18.32 -8.39 45.83
N LEU B 372 -18.16 -9.70 45.89
CA LEU B 372 -19.21 -10.65 45.54
C LEU B 372 -19.57 -11.50 46.74
N SER B 373 -20.85 -11.84 46.84
CA SER B 373 -21.31 -12.67 47.93
C SER B 373 -20.79 -14.10 47.79
N PRO B 374 -20.51 -14.77 48.91
CA PRO B 374 -19.83 -16.08 48.83
C PRO B 374 -20.63 -17.16 48.13
N GLU B 375 -21.95 -17.06 48.07
CA GLU B 375 -22.76 -18.19 47.60
C GLU B 375 -22.57 -18.50 46.12
N LYS B 376 -21.96 -17.60 45.34
CA LYS B 376 -21.74 -17.86 43.93
C LYS B 376 -20.41 -18.53 43.63
N TYR B 377 -19.64 -18.89 44.65
CA TYR B 377 -18.40 -19.63 44.43
C TYR B 377 -18.14 -20.52 45.64
N VAL B 378 -17.25 -21.49 45.45
CA VAL B 378 -16.86 -22.41 46.51
C VAL B 378 -15.34 -22.46 46.59
N THR B 379 -14.86 -22.89 47.75
CA THR B 379 -13.44 -22.99 48.02
C THR B 379 -13.12 -24.40 48.53
N SER B 380 -11.83 -24.70 48.62
CA SER B 380 -11.37 -26.01 49.03
C SER B 380 -10.60 -25.91 50.34
N ALA B 381 -10.82 -26.88 51.23
CA ALA B 381 -10.11 -26.88 52.50
C ALA B 381 -8.62 -27.14 52.27
N PRO B 382 -7.75 -26.60 53.14
CA PRO B 382 -6.31 -26.76 52.94
C PRO B 382 -5.85 -28.21 53.12
N MET B 383 -5.44 -28.84 52.02
CA MET B 383 -4.97 -30.21 52.07
C MET B 383 -3.45 -30.26 51.94
N PRO B 384 -2.79 -31.16 52.66
CA PRO B 384 -1.34 -31.30 52.50
C PRO B 384 -0.98 -31.88 51.14
N GLU B 385 0.18 -31.49 50.64
CA GLU B 385 0.68 -31.97 49.37
C GLU B 385 1.77 -33.01 49.60
N PRO B 386 1.54 -34.27 49.25
CA PRO B 386 2.54 -35.32 49.55
C PRO B 386 3.87 -35.11 48.85
N GLN B 387 3.88 -34.53 47.65
CA GLN B 387 5.12 -34.36 46.91
C GLN B 387 6.11 -33.47 47.67
N ALA B 388 5.60 -32.38 48.23
CA ALA B 388 6.41 -31.46 49.02
C ALA B 388 6.37 -31.88 50.49
N PRO B 389 7.09 -31.18 51.39
CA PRO B 389 6.87 -31.41 52.82
C PRO B 389 5.48 -30.95 53.25
N GLY B 390 5.21 -30.96 54.55
CA GLY B 390 3.85 -30.74 55.02
C GLY B 390 3.34 -29.33 54.78
N ARG B 391 3.32 -28.92 53.52
CA ARG B 391 2.77 -27.64 53.11
C ARG B 391 1.29 -27.83 52.81
N TYR B 392 0.67 -26.83 52.18
CA TYR B 392 -0.76 -26.90 51.94
C TYR B 392 -1.09 -26.21 50.62
N PHE B 393 -2.27 -26.55 50.09
CA PHE B 393 -2.76 -25.97 48.85
C PHE B 393 -4.29 -25.95 48.89
N ALA B 394 -4.87 -25.09 48.06
CA ALA B 394 -6.31 -24.97 47.92
C ALA B 394 -6.60 -24.26 46.62
N HIS B 395 -7.89 -24.21 46.25
CA HIS B 395 -8.28 -23.58 45.01
C HIS B 395 -9.71 -23.09 45.12
N SER B 396 -9.97 -21.92 44.53
CA SER B 396 -11.29 -21.33 44.47
C SER B 396 -11.82 -21.35 43.04
N ILE B 397 -13.07 -21.79 42.91
CA ILE B 397 -13.70 -22.03 41.62
C ILE B 397 -14.94 -21.14 41.52
N LEU B 398 -15.09 -20.47 40.39
CA LEU B 398 -16.23 -19.60 40.13
C LEU B 398 -16.83 -19.94 38.77
N THR B 399 -18.15 -19.97 38.69
CA THR B 399 -18.87 -20.27 37.46
C THR B 399 -19.56 -18.99 36.98
N VAL B 400 -19.23 -18.55 35.77
CA VAL B 400 -19.80 -17.34 35.18
C VAL B 400 -20.08 -17.60 33.72
N SER B 401 -21.25 -17.19 33.24
CA SER B 401 -21.63 -17.41 31.86
C SER B 401 -20.67 -16.72 30.90
N GLU B 402 -20.72 -17.13 29.64
CA GLU B 402 -19.72 -16.69 28.66
C GLU B 402 -20.08 -15.36 28.02
N GLU B 403 -21.37 -15.04 27.91
CA GLU B 403 -21.77 -13.84 27.19
C GLU B 403 -21.22 -12.58 27.86
N GLU B 404 -21.24 -12.52 29.18
CA GLU B 404 -20.58 -11.43 29.88
C GLU B 404 -19.08 -11.64 29.95
N TRP B 405 -18.62 -12.90 29.99
CA TRP B 405 -17.20 -13.18 30.10
C TRP B 405 -16.43 -12.66 28.90
N ASN B 406 -17.04 -12.65 27.72
CA ASN B 406 -16.39 -12.17 26.51
C ASN B 406 -16.55 -10.67 26.30
N THR B 407 -16.79 -9.91 27.37
CA THR B 407 -16.99 -8.46 27.25
C THR B 407 -16.21 -7.69 28.32
N GLY B 408 -15.05 -8.18 28.74
CA GLY B 408 -14.30 -7.55 29.81
C GLY B 408 -14.35 -8.40 31.07
N GLU B 409 -14.88 -7.84 32.16
CA GLU B 409 -15.25 -8.62 33.34
C GLU B 409 -14.03 -9.35 33.92
N THR B 410 -13.12 -8.56 34.47
CA THR B 410 -11.88 -9.06 35.08
C THR B 410 -12.10 -10.31 35.96
N TYR B 411 -13.01 -10.21 36.92
CA TYR B 411 -13.16 -11.20 38.00
C TYR B 411 -11.80 -11.48 38.66
N THR B 412 -11.28 -10.46 39.33
CA THR B 412 -10.02 -10.60 40.03
C THR B 412 -10.19 -11.49 41.27
N CYS B 413 -9.12 -12.22 41.61
CA CYS B 413 -9.12 -13.13 42.76
C CYS B 413 -8.09 -12.64 43.77
N VAL B 414 -8.52 -12.50 45.03
CA VAL B 414 -7.69 -11.93 46.08
C VAL B 414 -7.46 -12.97 47.17
N VAL B 415 -6.23 -13.03 47.67
CA VAL B 415 -5.80 -14.01 48.66
C VAL B 415 -5.14 -13.28 49.83
N ALA B 416 -5.32 -13.82 51.03
CA ALA B 416 -4.75 -13.26 52.25
C ALA B 416 -4.15 -14.38 53.08
N HIS B 417 -2.88 -14.20 53.45
CA HIS B 417 -2.15 -15.17 54.27
C HIS B 417 -1.12 -14.42 55.10
N GLU B 418 -0.70 -15.05 56.20
CA GLU B 418 0.21 -14.39 57.12
C GLU B 418 1.58 -14.14 56.50
N ALA B 419 2.09 -15.10 55.73
CA ALA B 419 3.48 -15.02 55.26
C ALA B 419 3.69 -13.90 54.26
N LEU B 420 2.63 -13.35 53.67
CA LEU B 420 2.79 -12.28 52.69
C LEU B 420 3.28 -11.00 53.39
N PRO B 421 4.09 -10.20 52.70
CA PRO B 421 4.57 -8.96 53.31
C PRO B 421 3.45 -8.01 53.70
N ASN B 422 2.38 -7.94 52.89
CA ASN B 422 1.23 -7.10 53.20
C ASN B 422 -0.03 -7.91 53.43
N ARG B 423 0.08 -9.24 53.45
CA ARG B 423 -1.02 -10.16 53.71
C ARG B 423 -2.15 -10.07 52.69
N VAL B 424 -1.91 -9.45 51.54
CA VAL B 424 -2.90 -9.37 50.46
C VAL B 424 -2.17 -9.53 49.14
N THR B 425 -2.69 -10.40 48.28
CA THR B 425 -2.15 -10.58 46.93
C THR B 425 -3.31 -10.71 45.96
N GLU B 426 -3.05 -10.32 44.71
CA GLU B 426 -4.10 -10.15 43.71
C GLU B 426 -3.73 -10.87 42.42
N ARG B 427 -4.75 -11.39 41.73
CA ARG B 427 -4.57 -11.97 40.40
C ARG B 427 -5.73 -11.57 39.50
N THR B 428 -5.44 -11.40 38.21
CA THR B 428 -6.42 -10.88 37.27
C THR B 428 -6.30 -11.61 35.94
N VAL B 429 -7.44 -11.82 35.28
CA VAL B 429 -7.51 -12.37 33.93
C VAL B 429 -8.57 -11.62 33.14
N ASP B 430 -8.53 -11.79 31.82
CA ASP B 430 -9.44 -11.12 30.89
C ASP B 430 -9.32 -11.84 29.55
N LYS B 431 -9.93 -11.28 28.51
CA LYS B 431 -9.76 -11.80 27.15
C LYS B 431 -8.30 -11.81 26.75
N SER B 432 -7.60 -10.69 26.92
CA SER B 432 -6.23 -10.54 26.45
C SER B 432 -5.27 -11.24 27.40
N THR B 433 -5.41 -12.57 27.47
CA THR B 433 -4.52 -13.39 28.28
C THR B 433 -3.99 -14.57 27.49
N GLY B 434 -4.73 -15.01 26.47
CA GLY B 434 -4.33 -16.15 25.69
C GLY B 434 -4.49 -15.97 24.19
N LYS B 435 -4.40 -14.74 23.72
CA LYS B 435 -4.53 -14.47 22.30
C LYS B 435 -3.29 -14.98 21.55
N PRO B 436 -3.46 -15.43 20.32
CA PRO B 436 -2.31 -15.89 19.53
C PRO B 436 -1.38 -14.75 19.17
N THR B 437 -0.14 -15.11 18.82
CA THR B 437 0.87 -14.09 18.54
C THR B 437 0.80 -13.61 17.10
N LEU B 438 0.88 -14.52 16.14
CA LEU B 438 0.89 -14.13 14.73
C LEU B 438 0.46 -15.33 13.89
N TYR B 439 0.35 -15.09 12.59
CA TYR B 439 -0.02 -16.12 11.63
C TYR B 439 1.02 -16.18 10.52
N ASN B 440 1.10 -17.33 9.86
CA ASN B 440 1.99 -17.56 8.74
C ASN B 440 1.22 -18.09 7.55
N VAL B 441 0.09 -17.44 7.24
CA VAL B 441 -0.79 -17.91 6.18
C VAL B 441 -0.12 -17.68 4.83
N SER B 442 -0.17 -18.70 3.98
CA SER B 442 0.38 -18.64 2.63
C SER B 442 -0.64 -19.20 1.65
N LEU B 443 -0.86 -18.49 0.55
CA LEU B 443 -1.78 -18.92 -0.50
C LEU B 443 -1.01 -18.99 -1.82
N VAL B 444 -1.04 -20.15 -2.45
CA VAL B 444 -0.23 -20.42 -3.63
C VAL B 444 -1.13 -20.85 -4.79
N MET B 445 -2.34 -20.27 -4.85
CA MET B 445 -3.29 -20.50 -5.94
C MET B 445 -2.62 -20.48 -7.30
N SER B 446 -2.69 -21.60 -8.02
CA SER B 446 -2.06 -21.74 -9.34
C SER B 446 -2.57 -23.04 -9.95
N ASP B 447 -2.08 -23.37 -11.14
CA ASP B 447 -2.45 -24.58 -11.85
C ASP B 447 -1.20 -25.26 -12.41
N THR B 448 -0.17 -25.40 -11.59
CA THR B 448 1.07 -26.06 -12.01
C THR B 448 1.06 -27.53 -11.60
N ILE C 222 10.42 27.54 73.60
CA ILE C 222 9.70 26.32 73.96
C ILE C 222 8.71 25.95 72.87
N ARG C 223 9.04 24.92 72.09
CA ARG C 223 8.18 24.44 71.02
C ARG C 223 7.70 23.03 71.34
N VAL C 224 6.40 22.83 71.29
CA VAL C 224 5.76 21.55 71.60
C VAL C 224 5.03 21.08 70.36
N PHE C 225 5.29 19.84 69.95
CA PHE C 225 4.63 19.23 68.80
C PHE C 225 4.16 17.84 69.18
N ALA C 226 2.84 17.61 69.10
CA ALA C 226 2.26 16.29 69.34
C ALA C 226 1.94 15.70 67.98
N ILE C 227 2.89 14.94 67.42
CA ILE C 227 2.79 14.47 66.04
C ILE C 227 1.78 13.34 65.96
N PRO C 228 0.72 13.48 65.16
CA PRO C 228 -0.19 12.36 64.95
C PRO C 228 0.50 11.27 64.15
N PRO C 229 0.08 10.01 64.33
CA PRO C 229 0.71 8.91 63.57
C PRO C 229 0.28 8.96 62.11
N SER C 230 1.25 9.01 61.21
CA SER C 230 0.96 9.04 59.78
C SER C 230 0.39 7.71 59.33
N PHE C 231 -0.57 7.77 58.39
CA PHE C 231 -1.21 6.56 57.89
C PHE C 231 -0.22 5.63 57.20
N ALA C 232 0.74 6.21 56.45
CA ALA C 232 1.73 5.38 55.77
C ALA C 232 2.55 4.58 56.75
N SER C 233 3.03 5.22 57.82
CA SER C 233 3.78 4.50 58.85
C SER C 233 2.90 3.51 59.59
N ILE C 234 1.63 3.86 59.81
CA ILE C 234 0.70 2.94 60.47
C ILE C 234 0.56 1.65 59.67
N PHE C 235 0.37 1.79 58.36
CA PHE C 235 0.26 0.60 57.51
C PHE C 235 1.59 -0.15 57.44
N LEU C 236 2.70 0.58 57.36
CA LEU C 236 4.00 -0.06 57.22
C LEU C 236 4.36 -0.89 58.45
N THR C 237 4.08 -0.37 59.64
CA THR C 237 4.50 -1.02 60.87
C THR C 237 3.41 -1.79 61.56
N LYS C 238 2.14 -1.39 61.40
CA LYS C 238 1.01 -1.95 62.12
C LYS C 238 1.20 -1.88 63.63
N SER C 239 2.08 -0.97 64.08
CA SER C 239 2.42 -0.80 65.49
C SER C 239 2.45 0.69 65.82
N THR C 240 1.37 1.38 65.44
CA THR C 240 1.28 2.85 65.52
C THR C 240 1.85 3.39 66.82
N LYS C 241 2.63 4.46 66.71
CA LYS C 241 3.39 5.02 67.82
C LYS C 241 3.32 6.54 67.71
N LEU C 242 2.73 7.18 68.72
CA LEU C 242 2.62 8.64 68.68
C LEU C 242 3.78 9.27 69.45
N THR C 243 4.21 10.44 68.96
CA THR C 243 5.41 11.10 69.45
C THR C 243 5.08 12.51 69.91
N CYS C 244 5.77 12.96 70.96
CA CYS C 244 5.67 14.31 71.47
C CYS C 244 7.07 14.87 71.58
N LEU C 245 7.32 15.98 70.88
CA LEU C 245 8.62 16.65 70.85
C LEU C 245 8.47 18.01 71.53
N VAL C 246 9.06 18.14 72.71
CA VAL C 246 9.08 19.40 73.45
C VAL C 246 10.54 19.83 73.51
N THR C 247 10.90 20.81 72.70
CA THR C 247 12.27 21.31 72.62
C THR C 247 12.28 22.82 72.86
N ASP C 248 13.46 23.41 72.68
CA ASP C 248 13.73 24.83 73.00
C ASP C 248 13.52 25.14 74.47
N LEU C 249 13.41 24.11 75.31
CA LEU C 249 13.33 24.31 76.75
C LEU C 249 14.69 24.71 77.30
N THR C 250 14.67 25.34 78.48
CA THR C 250 15.91 25.65 79.16
C THR C 250 16.60 24.36 79.59
N THR C 251 17.93 24.40 79.67
CA THR C 251 18.71 23.21 79.99
C THR C 251 18.41 22.74 81.41
N TYR C 252 17.66 21.64 81.52
CA TYR C 252 17.27 21.11 82.82
C TYR C 252 16.99 19.63 82.66
N ASP C 253 17.78 18.80 83.35
CA ASP C 253 17.62 17.36 83.27
C ASP C 253 16.45 16.89 84.12
N SER C 254 16.05 15.63 83.91
CA SER C 254 14.97 15.00 84.66
C SER C 254 13.66 15.76 84.51
N VAL C 255 13.19 15.84 83.27
CA VAL C 255 11.92 16.47 82.96
C VAL C 255 10.80 15.45 83.12
N THR C 256 9.56 15.94 83.18
CA THR C 256 8.40 15.07 83.37
C THR C 256 7.64 15.02 82.05
N ILE C 257 7.97 14.05 81.20
CA ILE C 257 7.34 13.89 79.89
C ILE C 257 6.66 12.54 79.83
N SER C 258 5.40 12.53 79.40
CA SER C 258 4.63 11.30 79.28
C SER C 258 3.47 11.54 78.31
N TRP C 259 2.78 10.45 77.97
CA TRP C 259 1.59 10.50 77.15
C TRP C 259 0.41 9.95 77.94
N THR C 260 -0.75 10.61 77.81
CA THR C 260 -1.97 10.17 78.46
C THR C 260 -3.13 10.32 77.48
N ARG C 261 -4.27 9.75 77.85
CA ARG C 261 -5.50 9.99 77.12
C ARG C 261 -6.07 11.34 77.51
N GLN C 262 -7.16 11.74 76.85
CA GLN C 262 -7.90 12.91 77.31
C GLN C 262 -8.46 12.67 78.70
N ASN C 263 -8.73 11.41 79.04
CA ASN C 263 -9.15 11.02 80.38
C ASN C 263 -7.97 10.70 81.29
N GLY C 264 -6.74 10.73 80.77
CA GLY C 264 -5.56 10.51 81.59
C GLY C 264 -5.01 9.11 81.60
N GLU C 265 -5.29 8.30 80.57
CA GLU C 265 -4.77 6.93 80.51
C GLU C 265 -3.28 6.99 80.17
N ALA C 266 -2.45 6.80 81.19
CA ALA C 266 -1.01 6.93 81.04
C ALA C 266 -0.45 5.79 80.18
N VAL C 267 0.77 5.99 79.71
CA VAL C 267 1.43 5.03 78.83
C VAL C 267 2.74 4.55 79.46
N LYS C 268 3.45 3.68 78.77
CA LYS C 268 4.73 3.20 79.25
C LYS C 268 5.76 4.33 79.25
N THR C 269 6.67 4.27 80.21
CA THR C 269 7.71 5.29 80.35
C THR C 269 8.70 5.15 79.20
N HIS C 270 8.57 6.03 78.21
CA HIS C 270 9.45 5.98 77.04
C HIS C 270 10.90 6.17 77.44
N THR C 271 11.76 5.31 76.89
CA THR C 271 13.19 5.33 77.19
C THR C 271 13.92 6.18 76.14
N ASN C 272 15.25 6.07 76.14
CA ASN C 272 16.14 6.78 75.22
C ASN C 272 15.73 8.23 75.02
N ILE C 273 15.68 8.96 76.14
CA ILE C 273 15.39 10.39 76.10
C ILE C 273 16.57 11.12 75.48
N SER C 274 16.28 11.98 74.50
CA SER C 274 17.34 12.74 73.85
C SER C 274 17.98 13.72 74.82
N GLU C 275 19.30 13.85 74.73
CA GLU C 275 20.04 14.74 75.62
C GLU C 275 19.72 16.20 75.29
N SER C 276 20.31 17.10 76.08
CA SER C 276 20.16 18.53 75.82
C SER C 276 20.69 18.88 74.44
N HIS C 277 19.92 19.69 73.71
CA HIS C 277 20.29 20.02 72.35
C HIS C 277 21.58 20.83 72.32
N PRO C 278 22.39 20.67 71.27
CA PRO C 278 23.62 21.47 71.15
C PRO C 278 23.38 22.96 70.97
N ASN C 279 22.12 23.39 70.81
CA ASN C 279 21.79 24.80 70.66
C ASN C 279 21.41 25.46 71.99
N ALA C 280 22.01 25.02 73.09
CA ALA C 280 21.78 25.58 74.43
C ALA C 280 20.34 25.38 74.88
N THR C 281 19.70 24.31 74.44
CA THR C 281 18.36 23.94 74.89
C THR C 281 18.34 22.46 75.24
N PHE C 282 17.22 22.04 75.81
CA PHE C 282 17.02 20.64 76.20
C PHE C 282 15.91 20.03 75.35
N SER C 283 16.10 18.77 74.98
CA SER C 283 15.17 18.05 74.14
C SER C 283 14.36 17.05 74.97
N ALA C 284 13.06 16.99 74.70
CA ALA C 284 12.15 16.07 75.39
C ALA C 284 11.39 15.27 74.34
N VAL C 285 11.64 13.97 74.29
CA VAL C 285 10.99 13.09 73.33
C VAL C 285 10.14 12.09 74.10
N GLY C 286 8.86 11.98 73.74
CA GLY C 286 7.98 11.02 74.35
C GLY C 286 7.25 10.17 73.33
N GLU C 287 7.53 8.87 73.31
CA GLU C 287 6.93 7.96 72.35
C GLU C 287 6.03 6.96 73.06
N ALA C 288 4.82 6.76 72.54
CA ALA C 288 3.84 5.90 73.18
C ALA C 288 3.19 4.98 72.15
N SER C 289 2.93 3.74 72.58
CA SER C 289 2.30 2.73 71.76
C SER C 289 0.83 2.59 72.13
N ILE C 290 -0.04 2.71 71.13
CA ILE C 290 -1.48 2.56 71.30
C ILE C 290 -1.99 1.55 70.28
N CYS C 291 -3.11 0.91 70.62
CA CYS C 291 -3.78 0.04 69.67
C CYS C 291 -4.32 0.87 68.50
N GLU C 292 -4.27 0.29 67.30
CA GLU C 292 -4.71 1.02 66.11
C GLU C 292 -6.20 1.35 66.20
N ASP C 293 -7.01 0.41 66.68
CA ASP C 293 -8.43 0.68 66.86
C ASP C 293 -8.67 1.77 67.89
N ASP C 294 -7.88 1.81 68.96
CA ASP C 294 -8.02 2.86 69.96
C ASP C 294 -7.74 4.23 69.35
N TRP C 295 -6.68 4.33 68.54
CA TRP C 295 -6.39 5.59 67.88
C TRP C 295 -7.46 5.95 66.86
N ASN C 296 -8.04 4.96 66.19
CA ASN C 296 -9.11 5.20 65.23
C ASN C 296 -10.46 5.47 65.89
N SER C 297 -10.56 5.28 67.21
CA SER C 297 -11.82 5.56 67.90
C SER C 297 -12.20 7.02 67.77
N GLY C 298 -11.24 7.93 67.98
CA GLY C 298 -11.51 9.34 67.83
C GLY C 298 -11.34 10.15 69.09
N GLU C 299 -10.52 9.68 70.03
CA GLU C 299 -10.29 10.39 71.27
C GLU C 299 -9.19 11.42 71.09
N ARG C 300 -8.83 12.08 72.19
CA ARG C 300 -7.76 13.07 72.20
C ARG C 300 -6.62 12.59 73.09
N PHE C 301 -5.40 12.73 72.60
CA PHE C 301 -4.20 12.33 73.32
C PHE C 301 -3.50 13.57 73.87
N THR C 302 -3.16 13.53 75.15
CA THR C 302 -2.54 14.65 75.84
C THR C 302 -1.09 14.30 76.18
N CYS C 303 -0.16 14.99 75.56
CA CYS C 303 1.23 14.92 75.97
C CYS C 303 1.42 15.76 77.22
N THR C 304 1.76 15.11 78.33
CA THR C 304 2.00 15.77 79.60
C THR C 304 3.47 16.12 79.67
N VAL C 305 3.79 17.41 79.62
CA VAL C 305 5.17 17.88 79.70
C VAL C 305 5.29 18.86 80.86
N THR C 306 6.30 18.65 81.69
CA THR C 306 6.58 19.51 82.84
C THR C 306 8.08 19.76 82.89
N HIS C 307 8.44 21.05 82.86
CA HIS C 307 9.81 21.52 82.83
C HIS C 307 9.97 22.62 83.88
N THR C 308 11.22 22.99 84.14
CA THR C 308 11.48 24.06 85.09
C THR C 308 10.91 25.40 84.61
N ASP C 309 11.09 25.71 83.33
CA ASP C 309 10.60 26.98 82.79
C ASP C 309 9.08 27.02 82.67
N LEU C 310 8.39 25.88 82.78
CA LEU C 310 6.94 25.83 82.68
C LEU C 310 6.35 26.10 84.06
N PRO C 311 5.59 27.19 84.24
CA PRO C 311 4.95 27.41 85.55
C PRO C 311 3.95 26.32 85.92
N SER C 312 3.26 25.74 84.94
CA SER C 312 2.30 24.67 85.16
C SER C 312 2.52 23.59 84.13
N PRO C 313 2.14 22.34 84.44
CA PRO C 313 2.25 21.27 83.45
C PRO C 313 1.41 21.58 82.21
N LEU C 314 1.95 21.19 81.05
CA LEU C 314 1.31 21.45 79.76
C LEU C 314 0.76 20.16 79.21
N LYS C 315 -0.49 20.21 78.77
CA LYS C 315 -1.21 19.07 78.20
C LYS C 315 -1.43 19.34 76.72
N GLN C 316 -0.46 18.96 75.89
CA GLN C 316 -0.58 19.13 74.44
C GLN C 316 -1.64 18.17 73.91
N THR C 317 -2.78 18.71 73.50
CA THR C 317 -3.89 17.90 73.03
C THR C 317 -3.82 17.72 71.52
N ILE C 318 -3.93 16.47 71.07
CA ILE C 318 -3.86 16.14 69.65
C ILE C 318 -4.94 15.13 69.32
N SER C 319 -5.56 15.30 68.16
CA SER C 319 -6.57 14.36 67.67
C SER C 319 -6.63 14.47 66.15
N ARG C 320 -6.98 13.36 65.51
CA ARG C 320 -7.08 13.38 64.06
C ARG C 320 -8.37 14.07 63.61
N PRO C 321 -8.37 14.73 62.45
CA PRO C 321 -9.58 15.45 61.99
C PRO C 321 -10.56 14.55 61.24
N LYS C 322 -11.36 13.82 61.99
CA LYS C 322 -12.37 12.95 61.41
C LYS C 322 -13.46 13.77 60.74
N GLY C 323 -13.99 13.25 59.63
CA GLY C 323 -15.06 13.92 58.92
C GLY C 323 -14.68 14.37 57.53
N VAL C 324 -13.79 13.64 56.88
CA VAL C 324 -13.33 13.98 55.54
C VAL C 324 -14.05 13.11 54.52
N ALA C 325 -13.97 13.51 53.25
CA ALA C 325 -14.61 12.76 52.18
C ALA C 325 -13.72 11.61 51.74
N LEU C 326 -14.35 10.57 51.20
CA LEU C 326 -13.66 9.36 50.75
C LEU C 326 -13.91 9.15 49.26
N HIS C 327 -12.84 8.84 48.54
CA HIS C 327 -12.94 8.56 47.11
C HIS C 327 -11.83 7.58 46.73
N ARG C 328 -12.22 6.48 46.08
CA ARG C 328 -11.23 5.49 45.68
C ARG C 328 -10.32 6.05 44.59
N PRO C 329 -9.06 5.67 44.58
CA PRO C 329 -8.13 6.15 43.56
C PRO C 329 -8.18 5.27 42.31
N ASP C 330 -7.47 5.72 41.29
CA ASP C 330 -7.27 4.97 40.06
C ASP C 330 -5.77 4.88 39.79
N VAL C 331 -5.32 3.70 39.39
CA VAL C 331 -3.90 3.38 39.25
C VAL C 331 -3.61 3.00 37.81
N TYR C 332 -2.55 3.57 37.25
CA TYR C 332 -2.12 3.27 35.91
C TYR C 332 -0.60 3.08 35.90
N LEU C 333 -0.13 2.31 34.93
CA LEU C 333 1.30 2.10 34.73
C LEU C 333 1.66 2.46 33.30
N LEU C 334 2.69 3.28 33.14
CA LEU C 334 3.10 3.71 31.80
C LEU C 334 4.41 3.06 31.42
N PRO C 335 4.44 2.27 30.35
CA PRO C 335 5.69 1.66 29.91
C PRO C 335 6.64 2.72 29.38
N PRO C 336 7.95 2.44 29.38
CA PRO C 336 8.91 3.45 28.92
C PRO C 336 8.71 3.79 27.45
N ALA C 337 9.05 5.02 27.09
CA ALA C 337 8.91 5.48 25.72
C ALA C 337 9.74 4.61 24.78
N ARG C 338 9.19 4.31 23.60
CA ARG C 338 9.86 3.41 22.67
C ARG C 338 11.17 4.00 22.18
N GLU C 339 11.20 5.31 21.93
CA GLU C 339 12.44 5.94 21.50
C GLU C 339 13.36 6.26 22.66
N GLN C 340 12.87 6.23 23.90
CA GLN C 340 13.76 6.19 25.05
C GLN C 340 14.57 4.91 25.04
N LEU C 341 13.95 3.80 24.64
CA LEU C 341 14.63 2.52 24.56
C LEU C 341 15.43 2.41 23.27
N ASN C 342 16.24 3.43 22.97
CA ASN C 342 17.07 3.40 21.77
C ASN C 342 18.49 3.88 21.99
N LEU C 343 18.78 4.68 23.02
CA LEU C 343 20.14 5.18 23.23
C LEU C 343 20.94 4.26 24.14
N ARG C 344 20.33 3.21 24.70
CA ARG C 344 21.03 2.16 25.43
C ARG C 344 21.68 2.67 26.71
N GLU C 345 20.91 3.36 27.55
CA GLU C 345 21.36 3.66 28.91
C GLU C 345 20.45 3.03 29.95
N SER C 346 19.16 3.34 29.93
CA SER C 346 18.22 2.87 30.94
C SER C 346 16.81 3.19 30.42
N ALA C 347 15.82 3.04 31.31
CA ALA C 347 14.44 3.37 30.99
C ALA C 347 13.73 3.73 32.29
N THR C 348 12.60 4.41 32.15
CA THR C 348 11.81 4.84 33.29
C THR C 348 10.40 4.28 33.22
N ILE C 349 9.88 3.90 34.38
CA ILE C 349 8.52 3.38 34.51
C ILE C 349 7.78 4.24 35.52
N THR C 350 6.58 4.69 35.16
CA THR C 350 5.81 5.59 35.98
C THR C 350 4.53 4.91 36.46
N CYS C 351 4.34 4.92 37.77
CA CYS C 351 3.11 4.45 38.42
C CYS C 351 2.32 5.69 38.82
N LEU C 352 1.15 5.88 38.23
CA LEU C 352 0.35 7.07 38.41
C LEU C 352 -0.92 6.75 39.19
N VAL C 353 -1.15 7.48 40.27
CA VAL C 353 -2.35 7.34 41.08
C VAL C 353 -3.10 8.66 41.03
N THR C 354 -4.42 8.59 40.84
CA THR C 354 -5.18 9.82 40.67
C THR C 354 -6.57 9.68 41.28
N GLY C 355 -7.14 10.82 41.64
CA GLY C 355 -8.54 10.88 42.02
C GLY C 355 -8.86 10.45 43.43
N PHE C 356 -7.86 10.17 44.26
CA PHE C 356 -8.13 9.70 45.61
C PHE C 356 -8.53 10.85 46.52
N SER C 357 -9.17 10.50 47.62
CA SER C 357 -9.57 11.44 48.66
C SER C 357 -9.80 10.68 49.96
N PRO C 358 -9.17 11.09 51.07
CA PRO C 358 -8.25 12.22 51.14
C PRO C 358 -6.83 11.87 50.71
N ALA C 359 -5.87 12.71 51.10
CA ALA C 359 -4.48 12.56 50.71
C ALA C 359 -3.80 11.49 51.56
N ASP C 360 -2.47 11.52 51.57
CA ASP C 360 -1.63 10.60 52.34
C ASP C 360 -1.86 9.15 51.91
N VAL C 361 -1.51 8.89 50.64
CA VAL C 361 -1.44 7.55 50.11
C VAL C 361 -0.01 7.06 50.26
N PHE C 362 0.18 5.74 50.20
CA PHE C 362 1.51 5.17 50.33
C PHE C 362 1.75 4.21 49.17
N VAL C 363 2.85 4.42 48.45
CA VAL C 363 3.16 3.60 47.28
C VAL C 363 4.55 3.01 47.44
N GLN C 364 4.77 1.88 46.77
CA GLN C 364 6.11 1.29 46.69
C GLN C 364 6.13 0.29 45.54
N TRP C 365 7.29 -0.28 45.31
CA TRP C 365 7.54 -1.18 44.18
C TRP C 365 7.95 -2.55 44.69
N MET C 366 7.42 -3.59 44.05
CA MET C 366 7.69 -4.97 44.41
C MET C 366 8.25 -5.68 43.19
N GLN C 367 9.24 -6.55 43.41
CA GLN C 367 9.91 -7.27 42.34
C GLN C 367 9.96 -8.75 42.70
N ARG C 368 9.14 -9.55 42.02
CA ARG C 368 9.13 -11.00 42.18
C ARG C 368 8.89 -11.42 43.63
N GLY C 369 8.19 -10.58 44.39
CA GLY C 369 7.88 -10.86 45.77
C GLY C 369 8.81 -10.23 46.79
N GLN C 370 9.96 -9.72 46.35
CA GLN C 370 10.87 -9.05 47.27
C GLN C 370 10.95 -7.57 46.94
N PRO C 371 10.74 -6.69 47.91
CA PRO C 371 10.74 -5.26 47.63
C PRO C 371 12.12 -4.76 47.24
N LEU C 372 12.13 -3.69 46.47
CA LEU C 372 13.36 -3.07 45.99
C LEU C 372 13.79 -1.95 46.93
N SER C 373 15.03 -1.51 46.76
CA SER C 373 15.58 -0.47 47.61
C SER C 373 14.82 0.85 47.40
N PRO C 374 14.54 1.60 48.46
CA PRO C 374 13.88 2.90 48.29
C PRO C 374 14.69 3.88 47.47
N GLU C 375 16.01 3.72 47.40
CA GLU C 375 16.84 4.61 46.61
C GLU C 375 16.59 4.48 45.11
N LYS C 376 16.03 3.35 44.67
CA LYS C 376 15.87 3.09 43.24
C LYS C 376 14.66 3.76 42.63
N TYR C 377 13.77 4.33 43.42
CA TYR C 377 12.57 4.99 42.89
C TYR C 377 12.35 6.30 43.62
N VAL C 378 11.66 7.21 42.95
CA VAL C 378 11.37 8.54 43.49
C VAL C 378 9.85 8.73 43.49
N THR C 379 9.32 9.17 44.62
CA THR C 379 7.89 9.38 44.80
C THR C 379 7.62 10.86 45.04
N SER C 380 6.63 11.39 44.32
CA SER C 380 6.24 12.79 44.48
C SER C 380 5.32 12.93 45.70
N ALA C 381 4.69 14.08 45.83
CA ALA C 381 3.77 14.37 46.93
C ALA C 381 2.42 14.80 46.36
N PRO C 382 1.34 14.51 47.07
CA PRO C 382 0.01 14.86 46.55
C PRO C 382 -0.16 16.37 46.41
N MET C 383 -0.86 16.77 45.36
CA MET C 383 -1.23 18.16 45.12
C MET C 383 -2.68 18.20 44.65
N PRO C 384 -3.39 19.29 44.92
CA PRO C 384 -4.81 19.37 44.52
C PRO C 384 -4.94 19.68 43.03
N GLU C 385 -5.55 18.75 42.30
CA GLU C 385 -5.82 18.96 40.88
C GLU C 385 -6.95 19.97 40.71
N PRO C 386 -6.87 20.86 39.73
CA PRO C 386 -7.89 21.92 39.59
C PRO C 386 -9.02 21.55 38.63
N GLN C 387 -8.87 20.46 37.88
CA GLN C 387 -9.86 20.09 36.88
C GLN C 387 -11.18 19.65 37.49
N ALA C 388 -11.21 19.41 38.80
CA ALA C 388 -12.40 18.93 39.49
C ALA C 388 -12.33 19.42 40.92
N PRO C 389 -13.38 19.19 41.73
CA PRO C 389 -13.29 19.56 43.15
C PRO C 389 -12.22 18.77 43.89
N GLY C 390 -12.09 19.01 45.19
CA GLY C 390 -10.92 18.57 45.94
C GLY C 390 -10.55 17.11 45.80
N ARG C 391 -9.46 16.87 45.08
CA ARG C 391 -8.91 15.54 44.83
C ARG C 391 -7.42 15.70 44.58
N TYR C 392 -6.70 14.58 44.61
CA TYR C 392 -5.26 14.63 44.52
C TYR C 392 -4.75 13.50 43.62
N PHE C 393 -3.49 13.64 43.20
CA PHE C 393 -2.84 12.65 42.37
C PHE C 393 -1.34 12.70 42.64
N ALA C 394 -0.67 11.62 42.27
CA ALA C 394 0.77 11.50 42.49
C ALA C 394 1.33 10.50 41.47
N HIS C 395 2.65 10.53 41.33
CA HIS C 395 3.33 9.66 40.39
C HIS C 395 4.68 9.23 40.97
N SER C 396 5.00 7.95 40.80
CA SER C 396 6.27 7.39 41.22
C SER C 396 7.05 6.95 40.00
N ILE C 397 8.36 7.21 40.00
CA ILE C 397 9.23 6.96 38.86
C ILE C 397 10.32 5.99 39.28
N LEU C 398 10.50 4.93 38.50
CA LEU C 398 11.53 3.93 38.77
C LEU C 398 12.41 3.77 37.54
N THR C 399 13.72 3.79 37.75
CA THR C 399 14.69 3.68 36.66
C THR C 399 15.27 2.27 36.63
N VAL C 400 15.27 1.66 35.44
CA VAL C 400 15.69 0.27 35.26
C VAL C 400 16.52 0.16 33.99
N SER C 401 17.62 -0.58 34.07
CA SER C 401 18.42 -0.86 32.88
C SER C 401 17.60 -1.67 31.88
N GLU C 402 17.67 -1.27 30.61
CA GLU C 402 16.80 -1.88 29.61
C GLU C 402 17.27 -3.28 29.23
N GLU C 403 18.57 -3.54 29.33
CA GLU C 403 19.14 -4.78 28.83
C GLU C 403 18.56 -6.00 29.53
N GLU C 404 18.13 -5.85 30.78
CA GLU C 404 17.37 -6.89 31.45
C GLU C 404 15.89 -6.55 31.57
N TRP C 405 15.49 -5.31 31.27
CA TRP C 405 14.07 -4.99 31.20
C TRP C 405 13.40 -5.74 30.06
N ASN C 406 14.07 -5.84 28.91
CA ASN C 406 13.51 -6.59 27.79
C ASN C 406 13.78 -8.07 27.96
N THR C 407 13.49 -8.60 29.14
CA THR C 407 13.64 -10.01 29.45
C THR C 407 12.49 -10.59 30.27
N GLY C 408 11.64 -9.76 30.86
CA GLY C 408 10.66 -10.20 31.84
C GLY C 408 10.53 -9.16 32.94
N GLU C 409 10.80 -9.55 34.18
CA GLU C 409 10.94 -8.63 35.29
C GLU C 409 9.66 -7.79 35.47
N THR C 410 8.61 -8.48 35.90
CA THR C 410 7.26 -7.93 36.04
C THR C 410 7.23 -6.52 36.65
N TYR C 411 8.07 -6.25 37.66
CA TYR C 411 8.21 -4.91 38.24
C TYR C 411 6.86 -4.34 38.66
N THR C 412 6.22 -5.00 39.62
CA THR C 412 4.88 -4.59 40.00
C THR C 412 4.91 -3.38 40.93
N CYS C 413 3.83 -2.61 40.90
CA CYS C 413 3.67 -1.40 41.69
C CYS C 413 2.48 -1.55 42.62
N VAL C 414 2.67 -1.26 43.90
CA VAL C 414 1.65 -1.48 44.91
C VAL C 414 1.35 -0.16 45.63
N VAL C 415 0.06 0.08 45.86
CA VAL C 415 -0.46 1.29 46.47
C VAL C 415 -1.37 0.92 47.63
N ALA C 416 -1.45 1.82 48.61
CA ALA C 416 -2.26 1.62 49.80
C ALA C 416 -2.88 2.95 50.20
N HIS C 417 -4.19 2.93 50.41
CA HIS C 417 -4.95 4.11 50.83
C HIS C 417 -6.20 3.64 51.56
N GLU C 418 -6.74 4.53 52.39
CA GLU C 418 -7.88 4.17 53.24
C GLU C 418 -9.11 3.85 52.42
N ALA C 419 -9.35 4.59 51.33
CA ALA C 419 -10.59 4.43 50.57
C ALA C 419 -10.71 3.08 49.89
N LEU C 420 -9.62 2.31 49.79
CA LEU C 420 -9.69 1.02 49.13
C LEU C 420 -10.54 0.04 49.93
N PRO C 421 -11.21 -0.90 49.27
CA PRO C 421 -11.96 -1.92 50.01
C PRO C 421 -11.08 -2.75 50.94
N ASN C 422 -9.84 -3.01 50.56
CA ASN C 422 -8.92 -3.79 51.37
C ASN C 422 -7.62 -3.03 51.64
N ARG C 423 -7.59 -1.73 51.37
CA ARG C 423 -6.46 -0.86 51.69
C ARG C 423 -5.19 -1.22 50.92
N VAL C 424 -5.27 -2.19 50.01
CA VAL C 424 -4.12 -2.63 49.24
C VAL C 424 -4.55 -2.86 47.79
N THR C 425 -3.72 -2.39 46.86
CA THR C 425 -3.95 -2.67 45.44
C THR C 425 -2.60 -2.72 44.76
N GLU C 426 -2.50 -3.47 43.66
CA GLU C 426 -1.26 -3.50 42.92
C GLU C 426 -1.53 -3.84 41.46
N ARG C 427 -0.63 -3.36 40.60
CA ARG C 427 -0.66 -3.66 39.18
C ARG C 427 0.74 -4.04 38.74
N THR C 428 0.86 -4.46 37.48
CA THR C 428 2.16 -4.86 36.97
C THR C 428 2.18 -4.71 35.45
N VAL C 429 3.39 -4.70 34.91
CA VAL C 429 3.64 -4.60 33.47
C VAL C 429 4.71 -5.61 33.10
N ASP C 430 5.10 -5.60 31.83
CA ASP C 430 6.13 -6.48 31.32
C ASP C 430 6.58 -5.96 29.96
N LYS C 431 7.65 -6.54 29.43
CA LYS C 431 8.08 -6.19 28.08
C LYS C 431 7.01 -6.52 27.06
N SER C 432 6.35 -7.68 27.21
CA SER C 432 5.27 -8.10 26.33
C SER C 432 3.96 -7.86 27.07
N THR C 433 3.47 -6.62 27.01
CA THR C 433 2.19 -6.22 27.60
C THR C 433 1.39 -5.45 26.56
N GLY C 434 1.27 -6.03 25.38
CA GLY C 434 0.69 -5.36 24.23
C GLY C 434 0.91 -6.16 22.97
N LYS C 435 1.44 -5.51 21.93
CA LYS C 435 1.81 -6.11 20.64
C LYS C 435 0.75 -7.09 20.16
N PRO C 436 -0.40 -6.59 19.67
CA PRO C 436 -1.49 -7.48 19.28
C PRO C 436 -1.13 -8.40 18.12
N THR C 437 -2.06 -9.25 17.71
CA THR C 437 -1.78 -10.27 16.70
C THR C 437 -1.31 -9.64 15.40
N LEU C 438 -0.30 -10.26 14.81
CA LEU C 438 0.24 -9.85 13.52
C LEU C 438 -0.34 -10.71 12.40
N TYR C 439 0.02 -10.37 11.17
CA TYR C 439 -0.37 -11.16 10.01
C TYR C 439 0.77 -11.15 9.01
N ASN C 440 1.05 -12.32 8.44
CA ASN C 440 2.15 -12.50 7.50
C ASN C 440 1.64 -13.13 6.21
N VAL C 441 0.58 -12.54 5.66
CA VAL C 441 -0.02 -13.07 4.44
C VAL C 441 0.99 -13.04 3.31
N SER C 442 1.12 -14.16 2.60
CA SER C 442 2.13 -14.35 1.57
C SER C 442 1.51 -14.94 0.32
N LEU C 443 0.44 -14.30 -0.17
CA LEU C 443 -0.26 -14.77 -1.36
C LEU C 443 0.70 -14.86 -2.55
N VAL C 444 0.69 -16.02 -3.22
CA VAL C 444 1.67 -16.30 -4.28
C VAL C 444 0.88 -16.75 -5.52
N MET C 445 -0.32 -16.21 -5.71
CA MET C 445 -1.13 -16.68 -6.83
C MET C 445 -0.51 -16.20 -8.15
N SER C 446 -0.25 -17.14 -9.04
CA SER C 446 0.35 -16.85 -10.34
C SER C 446 -0.03 -17.91 -11.36
N ILE D 222 10.96 42.45 61.40
CA ILE D 222 11.56 43.37 60.44
C ILE D 222 12.18 42.56 59.31
N ARG D 223 11.34 41.93 58.49
CA ARG D 223 11.84 41.05 57.44
C ARG D 223 12.06 41.83 56.15
N VAL D 224 13.17 41.54 55.48
CA VAL D 224 13.52 42.16 54.20
C VAL D 224 13.86 41.04 53.22
N PHE D 225 12.93 40.75 52.31
CA PHE D 225 13.17 39.81 51.23
C PHE D 225 13.67 40.54 50.00
N ALA D 226 14.46 39.84 49.18
CA ALA D 226 14.96 40.37 47.91
C ALA D 226 14.67 39.31 46.84
N ILE D 227 13.56 39.47 46.15
CA ILE D 227 13.12 38.44 45.19
C ILE D 227 13.96 38.56 43.93
N PRO D 228 14.68 37.51 43.55
CA PRO D 228 15.48 37.57 42.32
C PRO D 228 14.62 37.23 41.12
N PRO D 229 14.98 37.73 39.94
CA PRO D 229 14.23 37.37 38.72
C PRO D 229 14.34 35.88 38.43
N SER D 230 13.27 35.33 37.88
CA SER D 230 13.20 33.92 37.55
C SER D 230 13.23 33.73 36.05
N PHE D 231 13.67 32.53 35.63
CA PHE D 231 13.75 32.23 34.20
C PHE D 231 12.37 32.26 33.55
N ALA D 232 11.37 31.70 34.23
CA ALA D 232 10.01 31.71 33.69
C ALA D 232 9.48 33.14 33.56
N SER D 233 9.70 33.97 34.58
CA SER D 233 9.25 35.34 34.51
C SER D 233 9.97 36.10 33.40
N ILE D 234 11.27 35.86 33.24
CA ILE D 234 12.03 36.50 32.18
C ILE D 234 11.47 36.11 30.82
N PHE D 235 11.20 34.81 30.64
CA PHE D 235 10.68 34.34 29.35
C PHE D 235 9.30 34.92 29.07
N LEU D 236 8.43 34.96 30.07
CA LEU D 236 7.09 35.47 29.84
C LEU D 236 7.09 36.98 29.59
N THR D 237 7.98 37.71 30.26
CA THR D 237 7.95 39.17 30.19
C THR D 237 8.97 39.77 29.23
N LYS D 238 9.99 39.01 28.83
CA LYS D 238 11.11 39.54 28.05
C LYS D 238 11.75 40.74 28.75
N SER D 239 11.79 40.69 30.09
CA SER D 239 12.35 41.74 30.90
C SER D 239 13.08 41.11 32.08
N THR D 240 13.60 41.96 32.96
CA THR D 240 14.33 41.52 34.15
C THR D 240 13.85 42.28 35.37
N LYS D 241 12.53 42.31 35.55
CA LYS D 241 11.93 42.92 36.74
C LYS D 241 12.49 42.27 37.99
N LEU D 242 12.84 43.09 38.98
CA LEU D 242 13.19 42.53 40.28
C LEU D 242 12.63 43.43 41.38
N THR D 243 12.41 42.85 42.55
CA THR D 243 11.73 43.54 43.63
C THR D 243 12.37 43.23 44.97
N CYS D 244 12.21 44.17 45.90
CA CYS D 244 12.66 44.03 47.28
C CYS D 244 11.47 44.33 48.18
N LEU D 245 11.13 43.38 49.05
CA LEU D 245 9.96 43.48 49.91
C LEU D 245 10.40 43.72 51.34
N VAL D 246 9.71 44.63 52.03
CA VAL D 246 9.96 44.95 53.42
C VAL D 246 8.64 44.73 54.16
N THR D 247 8.62 43.77 55.08
CA THR D 247 7.40 43.40 55.78
C THR D 247 7.69 43.25 57.27
N ASP D 248 6.60 43.23 58.05
CA ASP D 248 6.66 43.09 59.51
C ASP D 248 7.29 44.33 60.15
N LEU D 249 6.83 45.51 59.73
CA LEU D 249 7.22 46.79 60.30
C LEU D 249 5.97 47.55 60.74
N THR D 250 6.19 48.65 61.47
CA THR D 250 5.09 49.47 61.91
C THR D 250 4.44 50.19 60.74
N THR D 251 3.14 50.48 60.89
CA THR D 251 2.35 51.11 59.82
C THR D 251 2.73 52.60 59.72
N TYR D 252 3.97 52.83 59.30
CA TYR D 252 4.51 54.17 59.15
C TYR D 252 5.14 54.30 57.77
N ASP D 253 4.81 55.37 57.06
CA ASP D 253 5.27 55.58 55.70
C ASP D 253 6.71 56.10 55.71
N SER D 254 7.18 56.58 54.55
CA SER D 254 8.51 57.14 54.39
C SER D 254 9.59 56.12 54.77
N VAL D 255 9.62 55.03 54.01
CA VAL D 255 10.59 53.96 54.18
C VAL D 255 11.64 54.11 53.09
N THR D 256 12.91 54.21 53.49
CA THR D 256 14.00 54.42 52.55
C THR D 256 14.33 53.09 51.89
N ILE D 257 13.67 52.81 50.77
CA ILE D 257 13.89 51.58 50.01
C ILE D 257 14.35 51.95 48.61
N SER D 258 15.44 51.34 48.18
CA SER D 258 15.97 51.61 46.85
C SER D 258 16.81 50.42 46.39
N TRP D 259 17.16 50.43 45.11
CA TRP D 259 18.01 49.42 44.52
C TRP D 259 19.25 50.08 43.94
N THR D 260 20.41 49.45 44.15
CA THR D 260 21.68 49.97 43.66
C THR D 260 22.52 48.83 43.12
N ARG D 261 23.45 49.17 42.24
CA ARG D 261 24.42 48.22 41.72
C ARG D 261 25.63 48.20 42.65
N GLN D 262 26.69 47.49 42.26
CA GLN D 262 27.93 47.54 43.01
C GLN D 262 28.53 48.94 43.00
N ASN D 263 28.24 49.72 41.95
CA ASN D 263 28.65 51.11 41.87
C ASN D 263 27.65 52.06 42.52
N GLY D 264 26.57 51.54 43.08
CA GLY D 264 25.57 52.37 43.72
C GLY D 264 24.78 53.26 42.79
N GLU D 265 24.42 52.76 41.61
CA GLU D 265 23.62 53.54 40.67
C GLU D 265 22.18 53.64 41.18
N ALA D 266 21.51 54.71 40.75
CA ALA D 266 20.14 54.98 41.18
C ALA D 266 19.14 54.36 40.21
N VAL D 267 18.12 53.71 40.76
CA VAL D 267 17.07 53.10 39.96
C VAL D 267 15.86 54.02 39.96
N LYS D 268 14.91 53.72 39.08
CA LYS D 268 13.70 54.53 38.97
C LYS D 268 12.82 54.32 40.20
N THR D 269 11.76 55.12 40.29
CA THR D 269 10.92 55.15 41.48
C THR D 269 10.20 53.83 41.70
N HIS D 270 10.05 53.47 42.97
CA HIS D 270 9.34 52.25 43.37
C HIS D 270 7.86 52.62 43.54
N THR D 271 7.11 52.53 42.44
CA THR D 271 5.71 52.91 42.46
C THR D 271 4.86 51.86 43.18
N ASN D 272 3.63 52.25 43.50
CA ASN D 272 2.63 51.36 44.10
C ASN D 272 3.12 50.79 45.43
N ILE D 273 3.35 51.69 46.38
CA ILE D 273 3.73 51.27 47.73
C ILE D 273 2.52 50.61 48.39
N SER D 274 2.74 49.42 48.94
CA SER D 274 1.64 48.64 49.50
C SER D 274 1.07 49.32 50.74
N GLU D 275 -0.26 49.34 50.83
CA GLU D 275 -0.94 49.91 51.97
C GLU D 275 -0.72 49.04 53.21
N SER D 276 -0.70 49.69 54.38
CA SER D 276 -0.53 48.97 55.63
C SER D 276 -1.58 47.88 55.78
N HIS D 277 -1.11 46.64 55.99
CA HIS D 277 -2.01 45.51 56.08
C HIS D 277 -2.80 45.56 57.39
N PRO D 278 -3.98 44.93 57.43
CA PRO D 278 -4.77 44.91 58.68
C PRO D 278 -4.10 44.21 59.83
N ASN D 279 -3.09 43.36 59.57
CA ASN D 279 -2.39 42.63 60.62
C ASN D 279 -1.27 43.45 61.26
N ALA D 280 -1.34 44.78 61.12
CA ALA D 280 -0.40 45.72 61.74
C ALA D 280 1.03 45.50 61.26
N THR D 281 1.21 44.95 60.06
CA THR D 281 2.52 44.77 59.47
C THR D 281 2.62 45.63 58.21
N PHE D 282 3.61 46.51 58.17
CA PHE D 282 3.81 47.35 57.00
C PHE D 282 4.34 46.53 55.83
N SER D 283 4.15 47.05 54.63
CA SER D 283 4.64 46.39 53.42
C SER D 283 5.13 47.45 52.45
N ALA D 284 6.43 47.41 52.15
CA ALA D 284 7.05 48.34 51.22
C ALA D 284 7.70 47.56 50.10
N VAL D 285 7.48 48.00 48.86
CA VAL D 285 8.00 47.32 47.68
C VAL D 285 8.92 48.26 46.93
N GLY D 286 10.12 47.76 46.62
CA GLY D 286 11.05 48.50 45.78
C GLY D 286 11.31 47.76 44.49
N GLU D 287 10.84 48.32 43.38
CA GLU D 287 10.94 47.67 42.08
C GLU D 287 12.10 48.26 41.29
N ALA D 288 12.78 47.40 40.53
CA ALA D 288 13.91 47.80 39.73
C ALA D 288 13.88 47.08 38.40
N SER D 289 14.39 47.78 37.38
CA SER D 289 14.39 47.32 35.99
C SER D 289 15.78 47.51 35.43
N ILE D 290 16.50 46.40 35.23
CA ILE D 290 17.86 46.42 34.71
C ILE D 290 17.92 45.45 33.54
N CYS D 291 18.80 45.74 32.58
CA CYS D 291 18.94 44.89 31.41
C CYS D 291 19.34 43.47 31.81
N GLU D 292 19.02 42.52 30.95
CA GLU D 292 19.20 41.11 31.28
C GLU D 292 20.67 40.75 31.45
N ASP D 293 21.55 41.38 30.67
CA ASP D 293 22.96 41.02 30.71
C ASP D 293 23.57 41.30 32.07
N ASP D 294 23.21 42.43 32.69
CA ASP D 294 23.78 42.79 33.98
C ASP D 294 23.40 41.76 35.05
N TRP D 295 22.13 41.33 35.06
CA TRP D 295 21.74 40.26 35.98
C TRP D 295 22.47 38.97 35.64
N ASN D 296 22.62 38.67 34.35
CA ASN D 296 23.37 37.48 33.94
C ASN D 296 24.87 37.65 34.14
N SER D 297 25.34 38.88 34.34
CA SER D 297 26.76 39.12 34.58
C SER D 297 27.21 38.62 35.94
N GLY D 298 26.29 38.31 36.84
CA GLY D 298 26.64 37.84 38.17
C GLY D 298 27.00 38.92 39.17
N GLU D 299 26.89 40.18 38.80
CA GLU D 299 27.20 41.26 39.73
C GLU D 299 26.09 41.39 40.78
N ARG D 300 26.51 41.52 42.03
CA ARG D 300 25.55 41.62 43.13
C ARG D 300 24.86 42.98 43.11
N PHE D 301 23.56 42.98 43.38
CA PHE D 301 22.76 44.20 43.45
C PHE D 301 22.23 44.35 44.86
N THR D 302 22.39 45.54 45.44
CA THR D 302 22.08 45.80 46.84
C THR D 302 20.73 46.49 46.96
N CYS D 303 19.85 45.93 47.78
CA CYS D 303 18.60 46.58 48.13
C CYS D 303 18.84 47.40 49.39
N THR D 304 18.95 48.72 49.21
CA THR D 304 19.17 49.62 50.35
C THR D 304 17.87 49.81 51.09
N VAL D 305 17.84 49.39 52.36
CA VAL D 305 16.67 49.51 53.23
C VAL D 305 17.08 50.26 54.49
N THR D 306 16.39 51.36 54.77
CA THR D 306 16.62 52.15 55.96
C THR D 306 15.27 52.62 56.49
N HIS D 307 15.07 52.47 57.80
CA HIS D 307 13.80 52.78 58.44
C HIS D 307 14.07 53.38 59.81
N THR D 308 13.03 53.96 60.40
CA THR D 308 13.14 54.41 61.80
C THR D 308 13.35 53.24 62.74
N ASP D 309 12.64 52.13 62.52
CA ASP D 309 12.84 50.94 63.32
C ASP D 309 14.16 50.25 63.00
N LEU D 310 14.73 50.51 61.84
CA LEU D 310 15.99 49.89 61.39
C LEU D 310 16.93 51.00 60.96
N PRO D 311 17.53 51.72 61.91
CA PRO D 311 18.45 52.81 61.53
C PRO D 311 19.64 52.35 60.71
N SER D 312 20.15 51.15 60.98
CA SER D 312 21.27 50.64 60.19
C SER D 312 20.78 50.29 58.79
N PRO D 313 21.47 50.74 57.74
CA PRO D 313 21.03 50.42 56.37
C PRO D 313 21.24 48.97 56.02
N LEU D 314 20.14 48.21 55.96
CA LEU D 314 20.23 46.79 55.65
C LEU D 314 20.60 46.60 54.17
N LYS D 315 21.48 45.65 53.92
CA LYS D 315 21.97 45.36 52.58
C LYS D 315 21.45 44.00 52.12
N GLN D 316 21.10 43.92 50.84
CA GLN D 316 20.54 42.72 50.24
C GLN D 316 21.26 42.38 48.94
N THR D 317 22.59 42.35 49.00
CA THR D 317 23.41 42.00 47.84
C THR D 317 22.97 40.67 47.27
N ILE D 318 22.43 40.69 46.05
CA ILE D 318 21.85 39.50 45.42
C ILE D 318 22.35 39.42 43.99
N SER D 319 22.67 38.21 43.54
CA SER D 319 23.14 37.99 42.18
C SER D 319 22.84 36.56 41.78
N ARG D 320 22.94 36.29 40.49
CA ARG D 320 22.70 34.94 39.99
C ARG D 320 23.80 34.00 40.49
N PRO D 321 23.47 32.72 40.69
CA PRO D 321 24.48 31.77 41.17
C PRO D 321 25.51 31.43 40.10
N LYS D 322 26.49 32.31 39.92
CA LYS D 322 27.52 32.10 38.91
C LYS D 322 28.34 30.85 39.24
N GLY D 323 28.71 30.11 38.20
CA GLY D 323 29.54 28.93 38.36
C GLY D 323 28.75 27.65 38.54
N VAL D 324 27.84 27.36 37.61
CA VAL D 324 27.03 26.15 37.65
C VAL D 324 27.15 25.44 36.31
N ALA D 325 27.25 24.11 36.36
CA ALA D 325 27.37 23.33 35.14
C ALA D 325 26.05 23.29 34.39
N LEU D 326 26.14 23.03 33.09
CA LEU D 326 24.98 23.00 32.20
C LEU D 326 24.89 21.65 31.51
N HIS D 327 23.67 21.11 31.44
CA HIS D 327 23.41 19.87 30.74
C HIS D 327 22.13 20.00 29.93
N ARG D 328 22.08 19.29 28.81
CA ARG D 328 20.95 19.38 27.91
C ARG D 328 19.78 18.56 28.44
N PRO D 329 18.62 19.16 28.70
CA PRO D 329 17.45 18.38 29.10
C PRO D 329 16.97 17.50 27.96
N ASP D 330 16.34 16.39 28.33
CA ASP D 330 15.77 15.47 27.36
C ASP D 330 14.29 15.29 27.67
N VAL D 331 13.48 15.24 26.61
CA VAL D 331 12.03 15.35 26.71
C VAL D 331 11.37 14.10 26.14
N TYR D 332 10.30 13.65 26.79
CA TYR D 332 9.48 12.57 26.29
C TYR D 332 8.01 12.93 26.44
N LEU D 333 7.18 12.36 25.58
CA LEU D 333 5.72 12.42 25.69
C LEU D 333 5.18 11.01 25.77
N LEU D 334 4.29 10.77 26.72
CA LEU D 334 3.74 9.42 26.89
C LEU D 334 2.26 9.42 26.57
N PRO D 335 1.80 8.54 25.68
CA PRO D 335 0.38 8.44 25.38
C PRO D 335 -0.39 7.94 26.58
N PRO D 336 -1.70 8.22 26.66
CA PRO D 336 -2.47 7.77 27.82
C PRO D 336 -2.56 6.26 27.89
N ALA D 337 -2.84 5.77 29.09
CA ALA D 337 -2.90 4.33 29.33
C ALA D 337 -3.99 3.69 28.48
N ARG D 338 -3.71 2.46 28.02
CA ARG D 338 -4.61 1.78 27.12
C ARG D 338 -5.97 1.53 27.76
N GLU D 339 -5.98 0.93 28.96
CA GLU D 339 -7.24 0.57 29.58
C GLU D 339 -8.00 1.81 30.05
N GLN D 340 -7.29 2.88 30.37
CA GLN D 340 -7.97 4.13 30.66
C GLN D 340 -8.76 4.63 29.45
N LEU D 341 -8.16 4.54 28.26
CA LEU D 341 -8.88 4.87 27.04
C LEU D 341 -10.04 3.91 26.82
N ASN D 342 -9.82 2.61 27.09
CA ASN D 342 -10.90 1.64 26.94
C ASN D 342 -12.07 1.95 27.88
N LEU D 343 -11.80 2.59 29.02
CA LEU D 343 -12.86 2.94 29.95
C LEU D 343 -13.69 4.13 29.46
N ARG D 344 -13.12 4.96 28.60
CA ARG D 344 -13.84 5.96 27.80
C ARG D 344 -14.50 7.04 28.66
N GLU D 345 -13.68 7.73 29.44
CA GLU D 345 -14.07 9.01 30.04
C GLU D 345 -13.18 10.15 29.62
N SER D 346 -11.87 10.01 29.79
CA SER D 346 -10.93 11.08 29.52
C SER D 346 -9.55 10.49 29.33
N ALA D 347 -8.66 11.29 28.74
CA ALA D 347 -7.29 10.89 28.48
C ALA D 347 -6.34 11.87 29.15
N THR D 348 -5.21 11.34 29.63
CA THR D 348 -4.18 12.14 30.27
C THR D 348 -2.88 11.99 29.50
N ILE D 349 -2.27 13.13 29.17
CA ILE D 349 -1.00 13.18 28.46
C ILE D 349 0.06 13.67 29.44
N THR D 350 1.21 12.99 29.44
CA THR D 350 2.31 13.30 30.34
C THR D 350 3.52 13.73 29.53
N CYS D 351 3.99 14.93 29.80
CA CYS D 351 5.23 15.46 29.24
C CYS D 351 6.31 15.38 30.31
N LEU D 352 7.34 14.57 30.07
CA LEU D 352 8.41 14.33 31.02
C LEU D 352 9.67 15.02 30.54
N VAL D 353 10.38 15.68 31.46
CA VAL D 353 11.68 16.27 31.16
C VAL D 353 12.67 15.76 32.19
N THR D 354 13.89 15.45 31.75
CA THR D 354 14.85 14.85 32.66
C THR D 354 16.28 15.21 32.24
N GLY D 355 17.20 15.01 33.17
CA GLY D 355 18.62 15.15 32.88
C GLY D 355 19.07 16.55 32.51
N PHE D 356 18.65 17.54 33.29
CA PHE D 356 19.02 18.92 33.03
C PHE D 356 19.66 19.53 34.26
N SER D 357 20.52 20.52 34.03
CA SER D 357 21.16 21.29 35.08
C SER D 357 21.47 22.67 34.50
N PRO D 358 21.17 23.75 35.24
CA PRO D 358 20.56 23.71 36.57
C PRO D 358 19.05 23.62 36.52
N ALA D 359 18.40 23.98 37.62
CA ALA D 359 16.95 23.96 37.75
C ALA D 359 16.32 25.19 37.09
N ASP D 360 15.05 25.45 37.40
CA ASP D 360 14.30 26.59 36.88
C ASP D 360 14.16 26.52 35.36
N VAL D 361 13.45 25.48 34.94
CA VAL D 361 13.05 25.33 33.55
C VAL D 361 11.58 25.70 33.43
N PHE D 362 11.11 25.88 32.20
CA PHE D 362 9.72 26.30 31.96
C PHE D 362 9.07 25.33 30.99
N VAL D 363 7.77 25.12 31.17
CA VAL D 363 7.00 24.19 30.34
C VAL D 363 5.69 24.86 29.93
N GLN D 364 5.15 24.39 28.80
CA GLN D 364 3.89 24.92 28.30
C GLN D 364 3.31 23.89 27.32
N TRP D 365 2.02 24.06 27.02
CA TRP D 365 1.31 23.17 26.12
C TRP D 365 0.74 23.97 24.95
N MET D 366 0.81 23.37 23.77
CA MET D 366 0.38 24.01 22.52
C MET D 366 -0.58 23.06 21.83
N GLN D 367 -1.70 23.60 21.36
CA GLN D 367 -2.74 22.81 20.70
C GLN D 367 -3.12 23.48 19.39
N ARG D 368 -2.84 22.80 18.28
CA ARG D 368 -3.16 23.23 16.91
C ARG D 368 -2.98 24.73 16.73
N GLY D 369 -1.87 25.25 17.23
CA GLY D 369 -1.56 26.65 17.08
C GLY D 369 -2.18 27.58 18.10
N GLN D 370 -2.98 27.07 19.03
CA GLN D 370 -3.55 27.95 20.04
C GLN D 370 -3.05 27.57 21.42
N PRO D 371 -2.65 28.54 22.24
CA PRO D 371 -2.27 28.25 23.62
C PRO D 371 -3.47 27.86 24.45
N LEU D 372 -3.20 27.11 25.52
CA LEU D 372 -4.22 26.65 26.43
C LEU D 372 -4.16 27.44 27.73
N SER D 373 -5.28 27.46 28.43
CA SER D 373 -5.33 28.15 29.71
C SER D 373 -4.41 27.44 30.71
N PRO D 374 -3.66 28.17 31.54
CA PRO D 374 -2.67 27.52 32.42
C PRO D 374 -3.28 26.52 33.38
N GLU D 375 -4.51 26.75 33.85
CA GLU D 375 -5.09 25.86 34.86
C GLU D 375 -5.47 24.50 34.30
N LYS D 376 -5.59 24.36 32.97
CA LYS D 376 -5.97 23.07 32.41
C LYS D 376 -4.86 22.03 32.46
N TYR D 377 -3.64 22.43 32.78
CA TYR D 377 -2.52 21.51 32.92
C TYR D 377 -1.79 21.81 34.22
N VAL D 378 -1.13 20.79 34.76
CA VAL D 378 -0.44 20.90 36.04
C VAL D 378 1.03 20.53 35.83
N THR D 379 1.93 21.39 36.27
CA THR D 379 3.36 21.14 36.19
C THR D 379 3.92 20.81 37.57
N SER D 380 4.96 19.98 37.58
CA SER D 380 5.60 19.58 38.82
C SER D 380 6.71 20.56 39.18
N ALA D 381 7.53 20.19 40.15
CA ALA D 381 8.67 21.00 40.58
C ALA D 381 9.97 20.24 40.36
N PRO D 382 11.08 20.95 40.19
CA PRO D 382 12.36 20.24 39.99
C PRO D 382 12.70 19.37 41.18
N MET D 383 13.30 18.21 40.89
CA MET D 383 13.62 17.24 41.92
C MET D 383 14.91 16.52 41.52
N PRO D 384 15.90 16.45 42.42
CA PRO D 384 17.16 15.79 42.10
C PRO D 384 17.02 14.27 42.23
N GLU D 385 17.27 13.57 41.13
CA GLU D 385 17.27 12.11 41.19
C GLU D 385 18.53 11.60 41.88
N PRO D 386 18.43 10.46 42.58
CA PRO D 386 19.60 9.96 43.32
C PRO D 386 20.73 9.46 42.43
N GLN D 387 20.44 9.09 41.18
CA GLN D 387 21.48 8.54 40.32
C GLN D 387 22.39 9.65 39.80
N ALA D 388 21.84 10.60 39.06
CA ALA D 388 22.64 11.72 38.59
C ALA D 388 22.95 12.67 39.74
N PRO D 389 24.19 13.15 39.85
CA PRO D 389 24.56 14.02 40.98
C PRO D 389 23.84 15.35 40.98
N GLY D 390 23.89 16.09 39.88
CA GLY D 390 23.36 17.43 39.85
C GLY D 390 22.18 17.64 38.92
N ARG D 391 21.78 16.60 38.20
CA ARG D 391 20.67 16.73 37.27
C ARG D 391 19.34 16.78 38.02
N TYR D 392 18.25 16.89 37.26
CA TYR D 392 16.92 16.97 37.83
C TYR D 392 15.93 16.33 36.87
N PHE D 393 14.64 16.44 37.19
CA PHE D 393 13.57 16.00 36.32
C PHE D 393 12.28 16.67 36.75
N ALA D 394 11.32 16.70 35.84
CA ALA D 394 10.04 17.35 36.10
C ALA D 394 8.97 16.75 35.19
N HIS D 395 7.72 16.95 35.59
CA HIS D 395 6.57 16.35 34.95
C HIS D 395 5.56 17.41 34.57
N SER D 396 4.70 17.06 33.61
CA SER D 396 3.58 17.90 33.22
C SER D 396 2.41 16.99 32.85
N ILE D 397 1.24 17.27 33.41
CA ILE D 397 0.06 16.44 33.24
C ILE D 397 -1.04 17.29 32.61
N LEU D 398 -1.66 16.77 31.55
CA LEU D 398 -2.79 17.45 30.92
C LEU D 398 -3.91 16.45 30.70
N THR D 399 -5.15 16.91 30.79
CA THR D 399 -6.32 16.05 30.65
C THR D 399 -7.26 16.60 29.59
N VAL D 400 -7.79 15.70 28.75
CA VAL D 400 -8.77 16.05 27.72
C VAL D 400 -9.85 14.99 27.69
N SER D 401 -10.93 15.28 26.96
CA SER D 401 -12.00 14.32 26.80
C SER D 401 -11.56 13.18 25.90
N GLU D 402 -12.22 12.03 26.07
CA GLU D 402 -11.82 10.83 25.35
C GLU D 402 -12.04 10.97 23.84
N GLU D 403 -13.21 11.47 23.45
CA GLU D 403 -13.55 11.53 22.02
C GLU D 403 -12.71 12.58 21.31
N GLU D 404 -12.41 13.69 21.97
CA GLU D 404 -11.61 14.72 21.32
C GLU D 404 -10.19 14.22 21.07
N TRP D 405 -9.65 13.43 22.00
CA TRP D 405 -8.38 12.78 21.73
C TRP D 405 -8.52 11.65 20.72
N ASN D 406 -9.72 11.08 20.59
CA ASN D 406 -9.95 10.13 19.50
C ASN D 406 -9.78 10.83 18.16
N THR D 407 -10.23 12.09 18.07
CA THR D 407 -9.85 12.91 16.93
C THR D 407 -8.34 13.13 16.89
N GLY D 408 -7.76 13.55 18.01
CA GLY D 408 -6.32 13.52 18.20
C GLY D 408 -5.49 14.30 17.20
N GLU D 409 -5.53 15.63 17.27
CA GLU D 409 -4.95 16.45 16.19
C GLU D 409 -3.49 16.83 16.44
N THR D 410 -3.23 17.66 17.45
CA THR D 410 -1.84 18.09 17.63
C THR D 410 -1.25 17.74 18.99
N TYR D 411 -1.79 18.32 20.07
CA TYR D 411 -1.34 18.07 21.44
C TYR D 411 0.19 18.03 21.55
N THR D 412 0.82 19.16 21.29
CA THR D 412 2.26 19.26 21.41
C THR D 412 2.65 19.95 22.71
N CYS D 413 3.84 19.60 23.20
CA CYS D 413 4.36 20.07 24.47
C CYS D 413 5.68 20.79 24.22
N VAL D 414 5.84 21.98 24.80
CA VAL D 414 7.00 22.83 24.57
C VAL D 414 7.69 23.09 25.90
N VAL D 415 9.02 23.11 25.87
CA VAL D 415 9.85 23.29 27.04
C VAL D 415 10.92 24.33 26.72
N ALA D 416 11.25 25.15 27.70
CA ALA D 416 12.26 26.19 27.59
C ALA D 416 13.28 26.04 28.70
N HIS D 417 14.56 26.05 28.33
CA HIS D 417 15.65 25.94 29.29
C HIS D 417 16.87 26.63 28.72
N GLU D 418 17.77 27.07 29.59
CA GLU D 418 18.91 27.88 29.16
C GLU D 418 19.92 27.08 28.37
N ALA D 419 20.05 25.77 28.62
CA ALA D 419 21.07 24.98 27.96
C ALA D 419 20.76 24.71 26.49
N LEU D 420 19.56 25.03 26.02
CA LEU D 420 19.22 24.74 24.63
C LEU D 420 19.88 25.76 23.70
N PRO D 421 20.21 25.35 22.47
CA PRO D 421 20.78 26.32 21.51
C PRO D 421 19.85 27.49 21.23
N ASN D 422 18.55 27.25 21.17
CA ASN D 422 17.57 28.31 20.95
C ASN D 422 16.61 28.49 22.12
N ARG D 423 16.90 27.85 23.25
CA ARG D 423 16.13 27.96 24.49
C ARG D 423 14.69 27.46 24.35
N VAL D 424 14.36 26.76 23.26
CA VAL D 424 13.01 26.27 23.03
C VAL D 424 13.09 24.92 22.34
N THR D 425 12.28 23.97 22.81
CA THR D 425 12.14 22.68 22.14
C THR D 425 10.68 22.25 22.30
N GLU D 426 10.21 21.42 21.38
CA GLU D 426 8.85 20.91 21.50
C GLU D 426 8.75 19.54 20.86
N ARG D 427 7.74 18.78 21.29
CA ARG D 427 7.45 17.46 20.75
C ARG D 427 5.95 17.35 20.52
N THR D 428 5.57 16.46 19.61
CA THR D 428 4.17 16.30 19.23
C THR D 428 3.76 14.84 19.41
N VAL D 429 2.46 14.62 19.57
CA VAL D 429 1.90 13.28 19.68
C VAL D 429 0.42 13.35 19.34
N ASP D 430 -0.06 12.35 18.60
CA ASP D 430 -1.46 12.32 18.19
C ASP D 430 -2.14 10.99 18.54
N LYS D 431 -3.35 10.78 18.02
CA LYS D 431 -4.13 9.61 18.39
C LYS D 431 -3.44 8.33 17.97
N SER D 432 -2.90 8.29 16.76
CA SER D 432 -2.27 7.10 16.20
C SER D 432 -0.80 7.41 15.97
N THR D 433 0.01 7.23 17.02
CA THR D 433 1.45 7.47 16.93
C THR D 433 2.25 6.20 17.18
N GLY D 434 1.98 5.50 18.27
CA GLY D 434 2.66 4.27 18.59
C GLY D 434 2.03 3.02 18.02
N LYS D 435 0.99 3.16 17.21
CA LYS D 435 0.31 2.00 16.63
C LYS D 435 1.23 1.33 15.61
N PRO D 436 1.55 0.04 15.78
CA PRO D 436 2.40 -0.65 14.82
C PRO D 436 1.60 -1.27 13.67
N THR D 437 2.33 -1.60 12.61
CA THR D 437 1.71 -2.25 11.47
C THR D 437 1.23 -3.65 11.85
N LEU D 438 0.16 -4.09 11.20
CA LEU D 438 -0.46 -5.37 11.51
C LEU D 438 -0.44 -6.38 10.39
N TYR D 439 -0.20 -5.96 9.15
CA TYR D 439 -0.27 -6.84 7.99
C TYR D 439 1.02 -6.72 7.19
N ASN D 440 1.91 -7.70 7.34
CA ASN D 440 3.12 -7.79 6.53
C ASN D 440 2.83 -8.56 5.24
N VAL D 441 1.83 -8.06 4.51
CA VAL D 441 1.37 -8.75 3.31
C VAL D 441 2.41 -8.63 2.20
N SER D 442 2.71 -9.75 1.56
CA SER D 442 3.64 -9.79 0.45
C SER D 442 3.05 -10.63 -0.67
N LEU D 443 3.31 -10.22 -1.91
CA LEU D 443 2.79 -10.90 -3.08
C LEU D 443 3.91 -11.12 -4.09
N VAL D 444 3.81 -12.23 -4.82
CA VAL D 444 4.82 -12.60 -5.81
C VAL D 444 4.13 -13.40 -6.90
N MET D 445 4.60 -13.23 -8.13
CA MET D 445 4.04 -13.94 -9.27
C MET D 445 5.05 -14.93 -9.85
N ILE E 222 29.12 64.19 2.25
CA ILE E 222 28.46 64.21 3.54
C ILE E 222 27.18 63.36 3.49
N ARG E 223 27.24 62.17 4.09
CA ARG E 223 26.10 61.27 4.09
C ARG E 223 26.20 60.35 5.29
N VAL E 224 25.17 60.35 6.13
CA VAL E 224 25.13 59.48 7.31
C VAL E 224 24.01 58.47 7.13
N PHE E 225 24.35 57.20 7.37
CA PHE E 225 23.39 56.10 7.33
C PHE E 225 23.10 55.63 8.75
N ALA E 226 21.83 55.64 9.12
CA ALA E 226 21.39 55.21 10.45
C ALA E 226 20.59 53.92 10.28
N ILE E 227 21.29 52.79 10.40
CA ILE E 227 20.68 51.49 10.14
C ILE E 227 19.99 50.99 11.40
N PRO E 228 18.68 50.74 11.36
CA PRO E 228 18.00 50.17 12.52
C PRO E 228 18.43 48.74 12.73
N PRO E 229 18.36 48.24 13.97
CA PRO E 229 18.74 46.85 14.22
C PRO E 229 17.79 45.87 13.53
N SER E 230 18.34 44.73 13.14
CA SER E 230 17.56 43.70 12.47
C SER E 230 16.98 42.72 13.48
N PHE E 231 15.87 42.09 13.10
CA PHE E 231 15.21 41.15 14.00
C PHE E 231 16.10 39.95 14.30
N ALA E 232 16.77 39.41 13.27
CA ALA E 232 17.61 38.23 13.48
C ALA E 232 18.80 38.55 14.38
N SER E 233 19.43 39.72 14.17
CA SER E 233 20.60 40.07 14.97
C SER E 233 20.25 40.23 16.44
N ILE E 234 19.16 40.96 16.73
CA ILE E 234 18.76 41.15 18.11
C ILE E 234 18.25 39.84 18.71
N PHE E 235 17.68 38.96 17.89
CA PHE E 235 17.24 37.67 18.39
C PHE E 235 18.42 36.81 18.82
N LEU E 236 19.46 36.72 17.97
CA LEU E 236 20.58 35.86 18.28
C LEU E 236 21.51 36.45 19.33
N THR E 237 21.66 37.77 19.36
CA THR E 237 22.52 38.41 20.34
C THR E 237 21.82 38.68 21.66
N LYS E 238 20.50 38.49 21.73
CA LYS E 238 19.69 38.80 22.91
C LYS E 238 19.83 40.26 23.35
N SER E 239 20.25 41.12 22.43
CA SER E 239 20.42 42.53 22.73
C SER E 239 20.30 43.32 21.43
N THR E 240 20.00 44.61 21.56
CA THR E 240 19.82 45.48 20.41
C THR E 240 20.97 46.47 20.30
N LYS E 241 21.37 46.78 19.07
CA LYS E 241 22.42 47.74 18.79
C LYS E 241 21.98 48.62 17.64
N LEU E 242 22.16 49.93 17.79
CA LEU E 242 21.76 50.90 16.78
C LEU E 242 22.98 51.69 16.33
N THR E 243 23.21 51.73 15.02
CA THR E 243 24.44 52.27 14.45
C THR E 243 24.11 53.27 13.36
N CYS E 244 24.67 54.48 13.46
CA CYS E 244 24.68 55.44 12.37
C CYS E 244 26.12 55.85 12.10
N LEU E 245 26.51 55.81 10.83
CA LEU E 245 27.89 56.08 10.42
C LEU E 245 27.91 57.15 9.34
N VAL E 246 28.95 57.99 9.39
CA VAL E 246 29.13 59.10 8.46
C VAL E 246 30.20 58.74 7.44
N THR E 247 29.91 59.00 6.18
CA THR E 247 30.84 58.76 5.08
C THR E 247 30.67 59.88 4.06
N ASP E 248 31.61 59.94 3.11
CA ASP E 248 31.66 60.95 2.06
C ASP E 248 31.88 62.36 2.61
N LEU E 249 32.40 62.47 3.82
CA LEU E 249 32.79 63.75 4.37
C LEU E 249 34.25 64.03 4.03
N THR E 250 34.80 65.09 4.62
CA THR E 250 36.22 65.38 4.47
C THR E 250 37.05 64.40 5.29
N THR E 251 38.23 64.07 4.77
CA THR E 251 39.11 63.11 5.43
C THR E 251 39.71 63.76 6.66
N TYR E 252 39.13 63.46 7.82
CA TYR E 252 39.62 63.99 9.09
C TYR E 252 39.00 63.18 10.23
N ASP E 253 39.82 62.86 11.22
CA ASP E 253 39.38 62.10 12.37
C ASP E 253 38.81 63.04 13.43
N SER E 254 38.59 62.52 14.64
CA SER E 254 38.06 63.29 15.76
C SER E 254 36.70 63.88 15.44
N VAL E 255 35.78 63.01 15.02
CA VAL E 255 34.40 63.39 14.73
C VAL E 255 33.55 63.01 15.94
N THR E 256 32.83 63.98 16.49
CA THR E 256 32.07 63.79 17.72
C THR E 256 30.69 63.22 17.39
N ILE E 257 30.49 61.95 17.68
CA ILE E 257 29.21 61.27 17.43
C ILE E 257 28.60 60.93 18.77
N SER E 258 27.39 61.43 19.02
CA SER E 258 26.68 61.22 20.28
C SER E 258 25.34 60.56 19.98
N TRP E 259 25.08 59.43 20.64
CA TRP E 259 23.82 58.71 20.48
C TRP E 259 22.91 59.10 21.64
N THR E 260 21.95 59.98 21.37
CA THR E 260 21.00 60.43 22.38
C THR E 260 19.62 59.85 22.08
N ARG E 261 18.72 60.00 23.05
CA ARG E 261 17.35 59.54 22.87
C ARG E 261 16.50 60.67 22.30
N GLN E 262 15.25 60.36 21.98
CA GLN E 262 14.35 61.37 21.42
C GLN E 262 14.10 62.49 22.42
N ASN E 263 14.13 62.19 23.72
CA ASN E 263 13.99 63.21 24.75
C ASN E 263 15.32 63.85 25.13
N GLY E 264 16.41 63.50 24.47
CA GLY E 264 17.70 64.12 24.71
C GLY E 264 18.47 63.53 25.88
N GLU E 265 18.77 62.22 25.81
CA GLU E 265 19.58 61.55 26.81
C GLU E 265 20.64 60.72 26.10
N ALA E 266 21.89 61.17 26.15
CA ALA E 266 22.97 60.53 25.42
C ALA E 266 23.43 59.26 26.12
N VAL E 267 24.08 58.39 25.36
CA VAL E 267 24.63 57.13 25.85
C VAL E 267 26.09 57.04 25.42
N LYS E 268 26.71 55.90 25.72
CA LYS E 268 28.10 55.67 25.35
C LYS E 268 28.26 55.71 23.84
N THR E 269 29.34 56.36 23.40
CA THR E 269 29.60 56.54 21.98
C THR E 269 30.20 55.27 21.37
N HIS E 270 30.70 55.38 20.15
CA HIS E 270 31.23 54.23 19.43
C HIS E 270 32.68 53.98 19.83
N THR E 271 33.34 53.09 19.10
CA THR E 271 34.75 52.78 19.30
C THR E 271 35.31 52.16 18.03
N ASN E 272 36.64 52.13 17.94
CA ASN E 272 37.35 51.51 16.83
C ASN E 272 36.95 52.14 15.49
N ILE E 273 37.28 53.43 15.37
CA ILE E 273 37.01 54.16 14.14
C ILE E 273 37.91 53.64 13.03
N SER E 274 37.32 53.34 11.88
CA SER E 274 38.07 52.77 10.77
C SER E 274 38.92 53.84 10.08
N GLU E 275 39.72 53.39 9.11
CA GLU E 275 40.63 54.27 8.38
C GLU E 275 39.88 54.91 7.20
N SER E 276 40.62 55.58 6.34
CA SER E 276 40.01 56.29 5.21
C SER E 276 39.52 55.32 4.15
N HIS E 277 38.49 55.74 3.43
CA HIS E 277 37.96 54.96 2.32
C HIS E 277 38.92 55.00 1.15
N PRO E 278 38.78 54.07 0.19
CA PRO E 278 39.62 54.11 -1.02
C PRO E 278 39.46 55.40 -1.81
N ASN E 279 38.33 56.10 -1.68
CA ASN E 279 38.11 57.36 -2.37
C ASN E 279 38.61 58.56 -1.57
N ALA E 280 39.60 58.36 -0.70
CA ALA E 280 40.22 59.43 0.09
C ALA E 280 39.20 60.13 0.99
N THR E 281 38.36 59.33 1.65
CA THR E 281 37.40 59.83 2.62
C THR E 281 37.57 59.05 3.91
N PHE E 282 37.77 59.76 5.01
CA PHE E 282 37.94 59.10 6.30
C PHE E 282 36.61 58.53 6.76
N SER E 283 36.61 57.23 7.09
CA SER E 283 35.41 56.51 7.49
C SER E 283 35.33 56.52 9.01
N ALA E 284 34.30 57.18 9.54
CA ALA E 284 34.06 57.21 10.98
C ALA E 284 32.88 56.33 11.34
N VAL E 285 33.09 55.45 12.31
CA VAL E 285 32.06 54.52 12.74
C VAL E 285 31.21 55.20 13.81
N GLY E 286 30.00 54.69 13.98
CA GLY E 286 29.11 55.16 15.02
C GLY E 286 28.13 54.08 15.45
N GLU E 287 28.06 53.81 16.74
CA GLU E 287 27.21 52.72 17.22
C GLU E 287 26.89 52.95 18.70
N ALA E 288 25.83 52.28 19.15
CA ALA E 288 25.45 52.31 20.54
C ALA E 288 24.61 51.07 20.85
N SER E 289 24.56 50.72 22.13
CA SER E 289 23.78 49.58 22.59
C SER E 289 22.88 50.02 23.73
N ILE E 290 21.59 49.76 23.60
CA ILE E 290 20.59 50.14 24.58
C ILE E 290 19.75 48.90 24.92
N CYS E 291 18.74 49.11 25.76
CA CYS E 291 17.80 48.06 26.09
C CYS E 291 16.69 48.01 25.05
N GLU E 292 16.29 46.80 24.68
CA GLU E 292 15.29 46.61 23.63
C GLU E 292 13.91 47.12 24.04
N ASP E 293 13.66 47.29 25.33
CA ASP E 293 12.35 47.78 25.78
C ASP E 293 12.08 49.18 25.26
N ASP E 294 13.09 50.05 25.28
CA ASP E 294 12.91 51.40 24.73
C ASP E 294 12.71 51.35 23.22
N TRP E 295 13.39 50.43 22.54
CA TRP E 295 13.16 50.26 21.10
C TRP E 295 11.74 49.81 20.81
N ASN E 296 11.17 48.98 21.68
CA ASN E 296 9.77 48.59 21.51
C ASN E 296 8.83 49.78 21.69
N SER E 297 9.24 50.78 22.47
CA SER E 297 8.42 51.97 22.69
C SER E 297 8.34 52.87 21.47
N GLY E 298 9.16 52.63 20.44
CA GLY E 298 9.14 53.48 19.28
C GLY E 298 9.81 54.83 19.46
N GLU E 299 10.72 54.95 20.43
CA GLU E 299 11.41 56.20 20.65
C GLU E 299 12.33 56.52 19.47
N ARG E 300 12.22 57.74 18.96
CA ARG E 300 13.00 58.18 17.81
C ARG E 300 14.39 58.60 18.30
N PHE E 301 15.22 57.59 18.57
CA PHE E 301 16.58 57.85 19.05
C PHE E 301 17.37 58.60 18.00
N THR E 302 18.09 59.64 18.44
CA THR E 302 18.79 60.56 17.57
C THR E 302 20.28 60.30 17.67
N CYS E 303 21.00 60.49 16.56
CA CYS E 303 22.46 60.51 16.62
C CYS E 303 22.96 61.82 16.03
N THR E 304 23.73 62.56 16.83
CA THR E 304 24.24 63.86 16.46
C THR E 304 25.73 63.76 16.12
N VAL E 305 26.10 64.27 14.95
CA VAL E 305 27.47 64.20 14.45
C VAL E 305 27.99 65.61 14.28
N THR E 306 29.14 65.89 14.90
CA THR E 306 29.81 67.17 14.81
C THR E 306 31.19 66.97 14.21
N HIS E 307 31.49 67.75 13.17
CA HIS E 307 32.75 67.62 12.44
C HIS E 307 33.17 69.00 11.94
N THR E 308 34.45 69.12 11.61
CA THR E 308 34.98 70.42 11.18
C THR E 308 34.35 70.89 9.88
N ASP E 309 34.19 69.98 8.91
CA ASP E 309 33.65 70.38 7.61
C ASP E 309 32.20 70.82 7.72
N LEU E 310 31.38 70.06 8.45
CA LEU E 310 29.99 70.43 8.61
C LEU E 310 29.86 71.70 9.45
N PRO E 311 28.99 72.64 9.03
CA PRO E 311 28.81 73.87 9.82
C PRO E 311 27.93 73.65 11.03
N SER E 312 26.93 72.78 10.90
CA SER E 312 26.01 72.45 11.97
C SER E 312 25.90 70.94 12.09
N PRO E 313 25.75 70.43 13.32
CA PRO E 313 25.75 68.98 13.51
C PRO E 313 24.62 68.30 12.75
N LEU E 314 24.92 67.13 12.20
CA LEU E 314 23.92 66.34 11.49
C LEU E 314 23.17 65.45 12.48
N LYS E 315 21.84 65.49 12.40
CA LYS E 315 20.98 64.75 13.31
C LYS E 315 19.99 63.91 12.53
N GLN E 316 19.93 62.61 12.82
CA GLN E 316 18.89 61.74 12.31
C GLN E 316 18.28 60.95 13.45
N THR E 317 16.98 60.69 13.33
CA THR E 317 16.20 59.95 14.31
C THR E 317 15.74 58.64 13.69
N ILE E 318 15.80 57.56 14.47
CA ILE E 318 15.36 56.25 14.03
C ILE E 318 14.48 55.63 15.11
N SER E 319 13.47 54.88 14.69
CA SER E 319 12.55 54.21 15.61
C SER E 319 11.87 53.08 14.86
N ARG E 320 11.27 52.18 15.63
CA ARG E 320 10.55 51.06 15.03
C ARG E 320 9.29 51.56 14.32
N PRO E 321 8.90 50.94 13.22
CA PRO E 321 7.68 51.36 12.48
C PRO E 321 6.40 50.81 13.11
N LYS E 322 5.93 51.50 14.14
CA LYS E 322 4.71 51.09 14.82
C LYS E 322 3.49 51.30 13.91
N GLY E 323 2.48 50.46 14.12
CA GLY E 323 1.25 50.55 13.35
C GLY E 323 1.17 49.53 12.24
N VAL E 324 1.57 48.29 12.53
CA VAL E 324 1.56 47.21 11.55
C VAL E 324 0.79 46.02 12.12
N ALA E 325 -0.04 45.41 11.28
CA ALA E 325 -0.81 44.26 11.71
C ALA E 325 0.09 43.04 11.90
N LEU E 326 -0.30 42.17 12.82
CA LEU E 326 0.46 40.96 13.13
C LEU E 326 -0.36 39.73 12.80
N HIS E 327 0.26 38.77 12.13
CA HIS E 327 -0.38 37.51 11.79
C HIS E 327 0.61 36.38 11.99
N ARG E 328 0.10 35.24 12.40
CA ARG E 328 0.96 34.10 12.69
C ARG E 328 1.38 33.41 11.39
N PRO E 329 2.67 33.32 11.09
CA PRO E 329 3.10 32.53 9.93
C PRO E 329 2.84 31.05 10.14
N ASP E 330 2.63 30.34 9.05
CA ASP E 330 2.60 28.89 9.07
C ASP E 330 3.70 28.33 8.18
N VAL E 331 4.22 27.19 8.60
CA VAL E 331 5.44 26.61 8.04
C VAL E 331 5.14 25.21 7.53
N TYR E 332 5.60 24.91 6.32
CA TYR E 332 5.46 23.60 5.72
C TYR E 332 6.81 23.16 5.18
N LEU E 333 6.98 21.86 5.00
CA LEU E 333 8.27 21.29 4.66
C LEU E 333 8.07 20.26 3.56
N LEU E 334 8.67 20.52 2.39
CA LEU E 334 8.50 19.68 1.22
C LEU E 334 9.77 18.91 0.94
N PRO E 335 9.68 17.59 0.80
CA PRO E 335 10.86 16.77 0.51
C PRO E 335 11.27 16.92 -0.94
N PRO E 336 12.43 16.40 -1.34
CA PRO E 336 12.84 16.49 -2.74
C PRO E 336 11.90 15.70 -3.64
N ALA E 337 11.79 16.17 -4.88
CA ALA E 337 10.93 15.50 -5.85
C ALA E 337 11.40 14.07 -6.07
N ARG E 338 10.44 13.15 -6.15
CA ARG E 338 10.77 11.74 -6.32
C ARG E 338 11.53 11.50 -7.62
N GLU E 339 11.22 12.25 -8.67
CA GLU E 339 11.96 12.14 -9.92
C GLU E 339 13.41 12.56 -9.77
N GLN E 340 13.70 13.57 -8.94
CA GLN E 340 15.08 14.00 -8.75
C GLN E 340 15.92 12.90 -8.11
N LEU E 341 15.30 12.02 -7.33
CA LEU E 341 16.04 10.91 -6.74
C LEU E 341 16.17 9.78 -7.74
N ASN E 342 16.62 10.10 -8.95
CA ASN E 342 16.91 9.11 -9.98
C ASN E 342 18.30 9.28 -10.56
N LEU E 343 18.97 10.40 -10.31
CA LEU E 343 20.35 10.58 -10.74
C LEU E 343 21.36 10.18 -9.68
N ARG E 344 20.93 10.04 -8.43
CA ARG E 344 21.81 9.76 -7.30
C ARG E 344 22.95 10.78 -7.24
N GLU E 345 22.61 12.05 -7.44
CA GLU E 345 23.58 13.14 -7.40
C GLU E 345 23.36 14.07 -6.22
N SER E 346 22.17 14.63 -6.10
CA SER E 346 21.87 15.56 -5.01
C SER E 346 20.36 15.69 -4.87
N ALA E 347 19.94 16.34 -3.79
CA ALA E 347 18.53 16.55 -3.49
C ALA E 347 18.38 17.86 -2.74
N THR E 348 17.16 18.40 -2.77
CA THR E 348 16.85 19.68 -2.15
C THR E 348 15.58 19.55 -1.33
N ILE E 349 15.63 20.06 -0.10
CA ILE E 349 14.48 20.09 0.80
C ILE E 349 14.07 21.54 0.98
N THR E 350 12.77 21.81 0.86
CA THR E 350 12.28 23.19 0.88
C THR E 350 11.46 23.43 2.14
N CYS E 351 11.88 24.42 2.93
CA CYS E 351 11.15 24.86 4.11
C CYS E 351 10.47 26.16 3.74
N LEU E 352 9.13 26.14 3.67
CA LEU E 352 8.32 27.24 3.17
C LEU E 352 7.56 27.88 4.32
N VAL E 353 7.60 29.21 4.38
CA VAL E 353 6.88 30.00 5.37
C VAL E 353 5.91 30.91 4.63
N THR E 354 4.68 31.01 5.12
CA THR E 354 3.74 31.90 4.46
C THR E 354 2.69 32.39 5.44
N GLY E 355 1.97 33.43 5.01
CA GLY E 355 0.87 33.96 5.78
C GLY E 355 1.30 34.68 7.04
N PHE E 356 2.03 35.79 6.90
CA PHE E 356 2.52 36.51 8.06
C PHE E 356 2.71 37.98 7.72
N SER E 357 2.77 38.79 8.78
CA SER E 357 3.03 40.21 8.69
C SER E 357 3.53 40.67 10.05
N PRO E 358 4.57 41.51 10.11
CA PRO E 358 5.28 42.07 8.95
C PRO E 358 6.39 41.16 8.44
N ALA E 359 7.33 41.75 7.71
CA ALA E 359 8.45 41.03 7.11
C ALA E 359 9.55 40.76 8.13
N ASP E 360 10.74 40.44 7.63
CA ASP E 360 11.92 40.16 8.45
C ASP E 360 11.75 38.92 9.31
N VAL E 361 11.57 37.77 8.68
CA VAL E 361 11.56 36.49 9.37
C VAL E 361 12.96 35.89 9.30
N PHE E 362 13.26 34.98 10.22
CA PHE E 362 14.57 34.33 10.29
C PHE E 362 14.38 32.83 10.17
N VAL E 363 15.25 32.17 9.42
CA VAL E 363 15.16 30.74 9.17
C VAL E 363 16.53 30.11 9.43
N GLN E 364 16.51 28.95 10.09
CA GLN E 364 17.74 28.21 10.34
C GLN E 364 17.45 26.72 10.18
N TRP E 365 18.52 25.97 9.93
CA TRP E 365 18.43 24.53 9.68
C TRP E 365 19.14 23.76 10.78
N MET E 366 18.51 22.67 11.22
CA MET E 366 18.98 21.86 12.33
C MET E 366 18.95 20.41 11.89
N GLN E 367 19.99 19.65 12.23
CA GLN E 367 20.06 18.23 11.91
C GLN E 367 20.39 17.45 13.16
N ARG E 368 19.45 16.63 13.61
CA ARG E 368 19.61 15.77 14.78
C ARG E 368 20.01 16.56 16.02
N GLY E 369 19.76 17.86 16.03
CA GLY E 369 20.17 18.71 17.12
C GLY E 369 21.52 19.36 16.96
N GLN E 370 22.13 19.30 15.78
CA GLN E 370 23.42 19.91 15.54
C GLN E 370 23.28 21.00 14.49
N PRO E 371 23.80 22.20 14.73
CA PRO E 371 23.70 23.28 13.74
C PRO E 371 24.49 22.96 12.48
N LEU E 372 24.00 23.49 11.36
CA LEU E 372 24.63 23.32 10.06
C LEU E 372 25.45 24.56 9.70
N SER E 373 26.28 24.40 8.69
CA SER E 373 27.06 25.53 8.19
C SER E 373 26.12 26.55 7.55
N PRO E 374 26.40 27.85 7.71
CA PRO E 374 25.49 28.88 7.22
C PRO E 374 25.47 29.07 5.70
N GLU E 375 26.17 28.23 4.94
CA GLU E 375 26.14 28.34 3.49
C GLU E 375 25.56 27.13 2.77
N LYS E 376 25.29 26.03 3.50
CA LYS E 376 24.67 24.87 2.88
C LYS E 376 23.20 25.11 2.53
N TYR E 377 22.60 26.20 2.99
CA TYR E 377 21.21 26.51 2.72
C TYR E 377 21.08 27.97 2.32
N VAL E 378 20.04 28.26 1.55
CA VAL E 378 19.79 29.61 1.06
C VAL E 378 18.31 29.93 1.24
N THR E 379 18.03 31.11 1.81
CA THR E 379 16.67 31.58 2.01
C THR E 379 16.38 32.75 1.10
N SER E 380 15.16 32.79 0.56
CA SER E 380 14.76 33.84 -0.36
C SER E 380 14.41 35.10 0.41
N ALA E 381 13.88 36.10 -0.30
CA ALA E 381 13.48 37.35 0.32
C ALA E 381 11.96 37.45 0.35
N PRO E 382 11.39 38.09 1.37
CA PRO E 382 9.94 38.22 1.45
C PRO E 382 9.38 39.09 0.32
N MET E 383 8.17 38.74 -0.10
CA MET E 383 7.47 39.47 -1.16
C MET E 383 5.98 39.32 -0.93
N PRO E 384 5.17 40.28 -1.37
CA PRO E 384 3.75 40.28 -0.99
C PRO E 384 2.99 39.09 -1.54
N GLU E 385 1.99 38.66 -0.79
CA GLU E 385 1.10 37.59 -1.23
C GLU E 385 0.20 38.10 -2.36
N PRO E 386 -0.15 37.21 -3.30
CA PRO E 386 -1.05 37.65 -4.38
C PRO E 386 -2.43 38.05 -3.90
N GLN E 387 -3.08 37.21 -3.10
CA GLN E 387 -4.45 37.50 -2.66
C GLN E 387 -4.46 38.47 -1.48
N ALA E 388 -3.82 38.09 -0.38
CA ALA E 388 -3.83 38.93 0.81
C ALA E 388 -2.88 40.11 0.60
N PRO E 389 -3.37 41.34 0.65
CA PRO E 389 -2.47 42.49 0.46
C PRO E 389 -1.42 42.63 1.56
N GLY E 390 -1.76 42.27 2.80
CA GLY E 390 -0.87 42.53 3.91
C GLY E 390 0.05 41.39 4.29
N ARG E 391 -0.23 40.19 3.79
CA ARG E 391 0.55 39.02 4.17
C ARG E 391 1.65 38.74 3.15
N TYR E 392 2.60 37.90 3.55
CA TYR E 392 3.80 37.65 2.77
C TYR E 392 4.10 36.16 2.75
N PHE E 393 5.24 35.80 2.16
CA PHE E 393 5.73 34.44 2.15
C PHE E 393 7.22 34.47 1.83
N ALA E 394 7.89 33.36 2.14
CA ALA E 394 9.32 33.23 1.91
C ALA E 394 9.67 31.76 1.80
N HIS E 395 10.74 31.48 1.05
CA HIS E 395 11.22 30.14 0.78
C HIS E 395 12.62 29.97 1.34
N SER E 396 12.93 28.74 1.76
CA SER E 396 14.30 28.37 2.10
C SER E 396 14.56 26.99 1.51
N ILE E 397 15.76 26.80 0.97
CA ILE E 397 16.14 25.54 0.36
C ILE E 397 17.45 25.06 0.96
N LEU E 398 17.51 23.78 1.28
CA LEU E 398 18.73 23.14 1.77
C LEU E 398 19.10 22.01 0.82
N THR E 399 20.33 22.03 0.32
CA THR E 399 20.83 20.99 -0.54
C THR E 399 21.54 19.92 0.28
N VAL E 400 21.50 18.69 -0.21
CA VAL E 400 22.10 17.56 0.50
C VAL E 400 22.38 16.46 -0.53
N SER E 401 23.30 15.56 -0.20
CA SER E 401 23.54 14.43 -1.08
C SER E 401 22.37 13.46 -1.01
N GLU E 402 22.39 12.48 -1.92
CA GLU E 402 21.21 11.64 -2.11
C GLU E 402 21.23 10.41 -1.20
N GLU E 403 22.39 9.78 -1.03
CA GLU E 403 22.43 8.46 -0.39
C GLU E 403 22.01 8.54 1.07
N GLU E 404 22.39 9.59 1.79
CA GLU E 404 22.00 9.69 3.19
C GLU E 404 20.53 10.02 3.37
N TRP E 405 19.88 10.56 2.33
CA TRP E 405 18.43 10.75 2.41
C TRP E 405 17.70 9.42 2.54
N ASN E 406 18.32 8.33 2.10
CA ASN E 406 17.75 7.00 2.30
C ASN E 406 17.78 6.56 3.77
N THR E 407 18.47 7.30 4.63
CA THR E 407 18.37 7.14 6.08
C THR E 407 17.49 8.22 6.70
N GLY E 408 17.80 9.49 6.44
CA GLY E 408 16.86 10.56 6.64
C GLY E 408 17.30 11.70 7.55
N GLU E 409 17.91 11.38 8.69
CA GLU E 409 18.57 12.36 9.55
C GLU E 409 17.62 13.45 10.07
N THR E 410 16.37 13.40 9.64
CA THR E 410 15.24 14.21 10.09
C THR E 410 15.34 15.70 9.76
N TYR E 411 16.53 16.17 9.34
CA TYR E 411 16.75 17.44 8.66
C TYR E 411 15.78 18.56 9.07
N THR E 412 15.73 18.90 10.35
CA THR E 412 14.71 19.80 10.87
C THR E 412 14.94 21.25 10.43
N CYS E 413 13.86 22.03 10.43
CA CYS E 413 13.85 23.44 10.07
C CYS E 413 13.24 24.24 11.21
N VAL E 414 13.90 25.34 11.59
CA VAL E 414 13.43 26.20 12.66
C VAL E 414 13.20 27.61 12.11
N VAL E 415 12.10 28.22 12.55
CA VAL E 415 11.68 29.53 12.07
C VAL E 415 11.47 30.45 13.26
N ALA E 416 12.00 31.66 13.17
CA ALA E 416 11.86 32.67 14.22
C ALA E 416 11.20 33.90 13.62
N HIS E 417 10.05 34.28 14.17
CA HIS E 417 9.32 35.45 13.71
C HIS E 417 8.77 36.19 14.91
N GLU E 418 8.58 37.50 14.74
CA GLU E 418 8.11 38.33 15.85
C GLU E 418 6.70 37.94 16.29
N ALA E 419 5.81 37.67 15.34
CA ALA E 419 4.40 37.45 15.67
C ALA E 419 4.15 36.10 16.31
N LEU E 420 5.11 35.19 16.31
CA LEU E 420 4.89 33.88 16.91
C LEU E 420 4.73 34.02 18.42
N PRO E 421 3.86 33.21 19.03
CA PRO E 421 3.67 33.30 20.49
C PRO E 421 4.94 33.02 21.27
N ASN E 422 5.77 32.09 20.81
CA ASN E 422 7.02 31.76 21.48
C ASN E 422 8.24 32.15 20.65
N ARG E 423 8.03 32.77 19.49
CA ARG E 423 9.06 33.28 18.58
C ARG E 423 9.89 32.16 17.95
N VAL E 424 9.59 30.90 18.21
CA VAL E 424 10.33 29.78 17.62
C VAL E 424 9.34 28.70 17.20
N THR E 425 9.53 28.17 16.00
CA THR E 425 8.69 27.10 15.47
C THR E 425 9.60 26.06 14.83
N GLU E 426 9.18 24.80 14.91
CA GLU E 426 10.02 23.65 14.56
C GLU E 426 9.25 22.70 13.66
N ARG E 427 9.90 22.24 12.59
CA ARG E 427 9.31 21.24 11.70
C ARG E 427 10.38 20.23 11.31
N THR E 428 9.95 19.04 10.92
CA THR E 428 10.87 17.96 10.60
C THR E 428 10.27 17.07 9.53
N VAL E 429 11.14 16.33 8.84
CA VAL E 429 10.70 15.35 7.85
C VAL E 429 11.85 14.37 7.62
N ASP E 430 11.51 13.16 7.18
CA ASP E 430 12.48 12.17 6.75
C ASP E 430 11.91 11.47 5.53
N LYS E 431 12.61 10.42 5.06
CA LYS E 431 12.12 9.70 3.90
C LYS E 431 10.87 8.90 4.24
N SER E 432 10.79 8.37 5.46
CA SER E 432 9.64 7.57 5.88
C SER E 432 8.67 8.44 6.68
N THR E 433 8.11 9.43 6.00
CA THR E 433 7.16 10.37 6.59
C THR E 433 5.74 10.21 6.07
N GLY E 434 5.59 9.98 4.77
CA GLY E 434 4.28 9.79 4.16
C GLY E 434 3.82 8.34 4.07
N LYS E 435 4.48 7.42 4.74
CA LYS E 435 4.10 6.02 4.66
C LYS E 435 2.76 5.80 5.36
N PRO E 436 2.00 4.79 4.93
CA PRO E 436 0.72 4.51 5.61
C PRO E 436 0.88 4.14 7.08
N THR E 437 2.00 3.51 7.44
CA THR E 437 2.34 3.16 8.82
C THR E 437 1.32 2.23 9.46
N LEU E 438 0.51 1.54 8.65
CA LEU E 438 -0.44 0.57 9.16
C LEU E 438 -0.32 -0.80 8.50
N TYR E 439 0.01 -0.85 7.21
CA TYR E 439 0.24 -2.12 6.52
C TYR E 439 1.53 -2.00 5.72
N ASN E 440 2.24 -3.12 5.60
CA ASN E 440 3.50 -3.18 4.88
C ASN E 440 3.31 -4.10 3.69
N VAL E 441 2.83 -3.53 2.59
CA VAL E 441 2.65 -4.27 1.35
C VAL E 441 3.94 -4.20 0.53
N SER E 442 4.36 -5.34 0.00
CA SER E 442 5.60 -5.42 -0.77
C SER E 442 5.38 -6.26 -2.02
N LEU E 443 6.17 -5.97 -3.04
CA LEU E 443 6.12 -6.70 -4.30
C LEU E 443 7.50 -7.24 -4.62
N VAL E 444 7.54 -8.47 -5.12
CA VAL E 444 8.79 -9.14 -5.47
C VAL E 444 8.52 -10.04 -6.66
N MET E 445 9.53 -10.23 -7.51
CA MET E 445 9.40 -11.07 -8.70
C MET E 445 9.66 -12.53 -8.36
N ILE F 222 18.94 65.62 -15.17
CA ILE F 222 19.10 64.80 -16.36
C ILE F 222 19.16 63.32 -15.99
N ARG F 223 18.47 62.49 -16.77
CA ARG F 223 18.53 61.04 -16.64
C ARG F 223 18.21 60.42 -17.98
N VAL F 224 19.25 59.99 -18.70
CA VAL F 224 19.12 59.30 -19.98
C VAL F 224 19.58 57.88 -19.78
N PHE F 225 18.68 56.92 -19.99
CA PHE F 225 18.97 55.52 -19.74
C PHE F 225 18.23 54.65 -20.74
N ALA F 226 18.93 53.66 -21.31
CA ALA F 226 18.35 52.72 -22.25
C ALA F 226 18.13 51.38 -21.59
N ILE F 227 16.93 50.83 -21.77
CA ILE F 227 16.55 49.56 -21.19
C ILE F 227 16.67 48.49 -22.27
N PRO F 228 17.63 47.56 -22.17
CA PRO F 228 17.69 46.48 -23.14
C PRO F 228 16.44 45.63 -23.07
N PRO F 229 16.02 45.06 -24.21
CA PRO F 229 14.80 44.25 -24.19
C PRO F 229 15.04 42.92 -23.47
N SER F 230 14.08 42.57 -22.62
CA SER F 230 14.19 41.34 -21.84
C SER F 230 13.92 40.12 -22.71
N PHE F 231 14.47 38.98 -22.28
CA PHE F 231 14.21 37.73 -22.98
C PHE F 231 12.73 37.37 -22.93
N ALA F 232 12.08 37.66 -21.81
CA ALA F 232 10.65 37.41 -21.71
C ALA F 232 9.86 38.23 -22.72
N SER F 233 10.24 39.51 -22.89
CA SER F 233 9.51 40.38 -23.80
C SER F 233 9.62 39.89 -25.24
N ILE F 234 10.85 39.58 -25.69
CA ILE F 234 11.04 39.11 -27.06
C ILE F 234 10.36 37.76 -27.26
N PHE F 235 10.45 36.87 -26.26
CA PHE F 235 9.79 35.57 -26.39
C PHE F 235 8.28 35.75 -26.51
N LEU F 236 7.70 36.66 -25.74
CA LEU F 236 6.25 36.85 -25.76
C LEU F 236 5.80 37.51 -27.06
N THR F 237 6.57 38.47 -27.57
CA THR F 237 6.11 39.29 -28.69
C THR F 237 6.79 39.01 -30.02
N LYS F 238 7.99 38.42 -30.02
CA LYS F 238 8.79 38.25 -31.24
C LYS F 238 9.07 39.58 -31.93
N SER F 239 9.02 40.68 -31.17
CA SER F 239 9.07 42.03 -31.70
C SER F 239 10.03 42.89 -30.87
N THR F 240 11.25 42.39 -30.67
CA THR F 240 12.23 43.08 -29.83
C THR F 240 12.40 44.54 -30.24
N LYS F 241 12.50 45.40 -29.25
CA LYS F 241 12.54 46.85 -29.46
C LYS F 241 13.55 47.47 -28.50
N LEU F 242 14.10 48.60 -28.90
CA LEU F 242 15.02 49.37 -28.09
C LEU F 242 14.30 50.59 -27.56
N THR F 243 14.44 50.85 -26.26
CA THR F 243 13.73 51.95 -25.61
C THR F 243 14.66 52.66 -24.65
N CYS F 244 14.96 53.93 -24.94
CA CYS F 244 15.76 54.75 -24.05
C CYS F 244 14.95 55.98 -23.65
N LEU F 245 14.99 56.31 -22.36
CA LEU F 245 14.18 57.36 -21.77
C LEU F 245 15.08 58.48 -21.25
N VAL F 246 14.65 59.72 -21.50
CA VAL F 246 15.24 60.91 -20.91
C VAL F 246 14.21 61.54 -20.00
N THR F 247 14.28 61.22 -18.71
CA THR F 247 13.24 61.61 -17.77
C THR F 247 13.85 62.29 -16.55
N ASP F 248 12.96 62.76 -15.66
CA ASP F 248 13.34 63.52 -14.48
C ASP F 248 14.05 64.82 -14.85
N LEU F 249 13.49 65.54 -15.83
CA LEU F 249 13.97 66.85 -16.22
C LEU F 249 12.87 67.87 -16.03
N THR F 250 13.23 69.14 -16.13
CA THR F 250 12.25 70.20 -16.24
C THR F 250 11.58 70.11 -17.61
N THR F 251 10.38 70.66 -17.72
CA THR F 251 9.66 70.64 -19.00
C THR F 251 10.34 71.56 -20.00
N TYR F 252 10.44 71.09 -21.24
CA TYR F 252 10.97 71.88 -22.36
C TYR F 252 10.24 71.45 -23.63
N ASP F 253 10.80 71.80 -24.78
CA ASP F 253 10.26 71.40 -26.07
C ASP F 253 11.41 71.28 -27.06
N SER F 254 11.12 70.60 -28.18
CA SER F 254 12.09 70.35 -29.24
C SER F 254 13.31 69.59 -28.70
N VAL F 255 13.04 68.38 -28.20
CA VAL F 255 14.05 67.48 -27.69
C VAL F 255 14.04 66.23 -28.55
N THR F 256 15.19 65.86 -29.11
CA THR F 256 15.25 64.84 -30.13
C THR F 256 15.98 63.60 -29.63
N ILE F 257 15.44 62.43 -29.94
CA ILE F 257 16.05 61.13 -29.66
C ILE F 257 16.29 60.43 -30.98
N SER F 258 17.51 59.94 -31.18
CA SER F 258 17.85 59.25 -32.43
C SER F 258 18.64 57.99 -32.11
N TRP F 259 18.06 56.83 -32.44
CA TRP F 259 18.73 55.56 -32.24
C TRP F 259 19.67 55.29 -33.41
N THR F 260 20.87 54.78 -33.10
CA THR F 260 21.88 54.49 -34.11
C THR F 260 22.58 53.19 -33.76
N ARG F 261 23.16 52.58 -34.78
CA ARG F 261 23.85 51.30 -34.64
C ARG F 261 25.28 51.54 -34.15
N GLN F 262 26.11 50.49 -34.21
CA GLN F 262 27.51 50.62 -33.79
C GLN F 262 28.26 51.60 -34.68
N ASN F 263 28.02 51.53 -35.99
CA ASN F 263 28.69 52.44 -36.92
C ASN F 263 27.93 53.74 -37.11
N GLY F 264 26.83 53.95 -36.40
CA GLY F 264 26.06 55.17 -36.51
C GLY F 264 24.87 55.10 -37.43
N GLU F 265 24.48 53.91 -37.88
CA GLU F 265 23.33 53.77 -38.78
C GLU F 265 22.05 54.13 -38.03
N ALA F 266 21.51 55.31 -38.34
CA ALA F 266 20.26 55.74 -37.72
C ALA F 266 19.10 54.86 -38.19
N VAL F 267 18.10 54.72 -37.31
CA VAL F 267 16.93 53.90 -37.60
C VAL F 267 15.68 54.74 -37.38
N LYS F 268 14.52 54.11 -37.48
CA LYS F 268 13.25 54.81 -37.35
C LYS F 268 13.15 55.50 -35.99
N THR F 269 12.58 56.70 -36.00
CA THR F 269 12.55 57.55 -34.81
C THR F 269 11.43 57.09 -33.87
N HIS F 270 11.13 57.91 -32.87
CA HIS F 270 10.14 57.60 -31.85
C HIS F 270 8.89 58.44 -32.04
N THR F 271 7.74 57.81 -31.89
CA THR F 271 6.45 58.48 -31.95
C THR F 271 5.73 58.31 -30.62
N ASN F 272 4.52 58.88 -30.54
CA ASN F 272 3.72 58.85 -29.31
C ASN F 272 4.52 59.42 -28.14
N ILE F 273 5.23 60.52 -28.40
CA ILE F 273 6.09 61.12 -27.38
C ILE F 273 5.23 61.71 -26.27
N SER F 274 5.61 61.42 -25.02
CA SER F 274 4.88 61.93 -23.88
C SER F 274 5.04 63.44 -23.77
N GLU F 275 3.96 64.11 -23.40
CA GLU F 275 3.97 65.56 -23.24
C GLU F 275 4.57 65.93 -21.89
N SER F 276 4.44 67.21 -21.53
CA SER F 276 4.87 67.68 -20.22
C SER F 276 4.04 66.99 -19.16
N HIS F 277 4.68 66.13 -18.38
CA HIS F 277 3.96 65.33 -17.40
C HIS F 277 3.45 66.21 -16.26
N PRO F 278 2.36 65.81 -15.61
CA PRO F 278 1.84 66.61 -14.48
C PRO F 278 2.81 66.74 -13.32
N ASN F 279 3.78 65.83 -13.20
CA ASN F 279 4.77 65.87 -12.13
C ASN F 279 5.99 66.71 -12.52
N ALA F 280 5.83 67.67 -13.42
CA ALA F 280 6.90 68.58 -13.83
C ALA F 280 8.11 67.83 -14.39
N THR F 281 7.85 66.79 -15.19
CA THR F 281 8.88 66.04 -15.85
C THR F 281 8.60 65.98 -17.35
N PHE F 282 9.67 66.07 -18.14
CA PHE F 282 9.59 65.96 -19.59
C PHE F 282 10.34 64.71 -20.02
N SER F 283 9.58 63.69 -20.44
CA SER F 283 10.14 62.39 -20.81
C SER F 283 10.05 62.23 -22.32
N ALA F 284 11.14 62.57 -23.02
CA ALA F 284 11.22 62.34 -24.45
C ALA F 284 11.51 60.86 -24.71
N VAL F 285 10.46 60.04 -24.74
CA VAL F 285 10.63 58.59 -24.86
C VAL F 285 11.15 58.26 -26.25
N GLY F 286 12.20 57.44 -26.31
CA GLY F 286 12.80 57.05 -27.57
C GLY F 286 12.67 55.57 -27.87
N GLU F 287 11.96 55.24 -28.93
CA GLU F 287 11.69 53.85 -29.30
C GLU F 287 12.25 53.54 -30.68
N ALA F 288 12.70 52.31 -30.84
CA ALA F 288 13.17 51.80 -32.13
C ALA F 288 12.77 50.34 -32.24
N SER F 289 12.49 49.90 -33.47
CA SER F 289 11.98 48.55 -33.72
C SER F 289 12.90 47.89 -34.74
N ILE F 290 13.91 47.17 -34.25
CA ILE F 290 14.79 46.37 -35.08
C ILE F 290 14.82 44.96 -34.50
N CYS F 291 14.79 43.96 -35.38
CA CYS F 291 14.60 42.58 -34.94
C CYS F 291 15.88 41.99 -34.38
N GLU F 292 15.86 40.67 -34.18
CA GLU F 292 16.76 39.99 -33.24
C GLU F 292 18.17 39.81 -33.77
N ASP F 293 18.36 39.73 -35.09
CA ASP F 293 19.63 39.28 -35.64
C ASP F 293 20.80 40.12 -35.15
N ASP F 294 20.70 41.44 -35.27
CA ASP F 294 21.78 42.31 -34.84
C ASP F 294 21.98 42.26 -33.33
N TRP F 295 20.89 42.19 -32.57
CA TRP F 295 21.01 42.05 -31.12
C TRP F 295 21.69 40.75 -30.74
N ASN F 296 21.34 39.65 -31.41
CA ASN F 296 22.02 38.39 -31.16
C ASN F 296 23.49 38.45 -31.59
N SER F 297 23.81 39.32 -32.56
CA SER F 297 25.19 39.50 -32.98
C SER F 297 26.03 40.24 -31.95
N GLY F 298 25.42 40.78 -30.90
CA GLY F 298 26.16 41.53 -29.90
C GLY F 298 26.61 42.90 -30.33
N GLU F 299 25.93 43.50 -31.31
CA GLU F 299 26.31 44.82 -31.80
C GLU F 299 26.00 45.89 -30.76
N ARG F 300 26.73 47.01 -30.86
CA ARG F 300 26.54 48.13 -29.95
C ARG F 300 25.46 49.06 -30.50
N PHE F 301 24.57 49.51 -29.62
CA PHE F 301 23.46 50.38 -30.03
C PHE F 301 23.44 51.61 -29.13
N THR F 302 23.37 52.78 -29.74
CA THR F 302 23.46 54.03 -29.00
C THR F 302 22.36 54.97 -29.44
N CYS F 303 21.58 55.49 -28.48
CA CYS F 303 20.60 56.52 -28.78
C CYS F 303 21.16 57.86 -28.32
N THR F 304 21.20 58.81 -29.24
CA THR F 304 21.66 60.16 -28.94
C THR F 304 20.48 61.05 -28.59
N VAL F 305 20.67 61.85 -27.55
CA VAL F 305 19.68 62.83 -27.12
C VAL F 305 20.23 64.23 -27.35
N THR F 306 19.44 65.06 -28.02
CA THR F 306 19.74 66.47 -28.21
C THR F 306 18.68 67.27 -27.46
N HIS F 307 19.14 68.15 -26.57
CA HIS F 307 18.28 68.91 -25.67
C HIS F 307 18.71 70.36 -25.67
N THR F 308 17.78 71.24 -25.30
CA THR F 308 18.06 72.68 -25.31
C THR F 308 19.15 73.03 -24.30
N ASP F 309 19.11 72.42 -23.11
CA ASP F 309 20.09 72.75 -22.08
C ASP F 309 21.49 72.30 -22.48
N LEU F 310 21.62 71.06 -22.94
CA LEU F 310 22.93 70.54 -23.31
C LEU F 310 23.43 71.19 -24.59
N PRO F 311 24.72 71.53 -24.67
CA PRO F 311 25.29 72.01 -25.94
C PRO F 311 25.79 70.86 -26.80
N SER F 312 26.09 69.72 -26.17
CA SER F 312 26.61 68.55 -26.85
C SER F 312 25.67 67.37 -26.63
N PRO F 313 25.19 66.72 -27.69
CA PRO F 313 24.25 65.61 -27.52
C PRO F 313 24.85 64.49 -26.68
N LEU F 314 24.02 63.87 -25.85
CA LEU F 314 24.47 62.82 -24.95
C LEU F 314 24.21 61.45 -25.58
N LYS F 315 25.21 60.58 -25.49
CA LYS F 315 25.17 59.26 -26.12
C LYS F 315 25.54 58.20 -25.09
N GLN F 316 24.73 57.14 -25.02
CA GLN F 316 25.03 55.98 -24.18
C GLN F 316 24.81 54.73 -25.00
N THR F 317 25.63 53.71 -24.75
CA THR F 317 25.63 52.49 -25.55
C THR F 317 25.14 51.30 -24.73
N ILE F 318 24.44 50.39 -25.41
CA ILE F 318 23.99 49.14 -24.81
C ILE F 318 24.28 48.01 -25.79
N SER F 319 24.45 46.81 -25.25
CA SER F 319 24.78 45.64 -26.07
C SER F 319 24.40 44.38 -25.31
N ARG F 320 24.29 43.29 -26.06
CA ARG F 320 24.08 41.98 -25.46
C ARG F 320 25.43 41.41 -25.03
N PRO F 321 25.62 41.08 -23.75
CA PRO F 321 26.89 40.54 -23.23
C PRO F 321 27.28 39.22 -23.89
N ALA F 325 29.07 29.84 -20.87
CA ALA F 325 28.25 30.62 -19.94
C ALA F 325 26.78 30.23 -20.07
N LEU F 326 26.52 29.11 -20.74
CA LEU F 326 25.17 28.62 -20.95
C LEU F 326 25.03 27.23 -20.36
N HIS F 327 24.00 27.05 -19.53
CA HIS F 327 23.72 25.77 -18.91
C HIS F 327 22.22 25.52 -18.93
N ARG F 328 21.84 24.29 -19.24
CA ARG F 328 20.43 23.96 -19.39
C ARG F 328 19.74 24.00 -18.03
N PRO F 329 18.63 24.73 -17.90
CA PRO F 329 17.86 24.69 -16.65
C PRO F 329 17.19 23.34 -16.48
N ASP F 330 16.90 23.02 -15.22
CA ASP F 330 16.17 21.81 -14.88
C ASP F 330 14.98 22.17 -14.02
N VAL F 331 13.88 21.46 -14.22
CA VAL F 331 12.58 21.84 -13.69
C VAL F 331 12.00 20.69 -12.87
N TYR F 332 11.47 21.02 -11.70
CA TYR F 332 10.78 20.06 -10.85
C TYR F 332 9.46 20.64 -10.38
N LEU F 333 8.55 19.74 -9.98
CA LEU F 333 7.22 20.13 -9.52
C LEU F 333 6.98 19.57 -8.14
N LEU F 334 6.52 20.41 -7.22
CA LEU F 334 6.23 20.04 -5.85
C LEU F 334 4.75 20.18 -5.58
N PRO F 335 4.05 19.09 -5.28
CA PRO F 335 2.62 19.16 -4.96
C PRO F 335 2.41 19.76 -3.59
N PRO F 336 1.18 20.18 -3.26
CA PRO F 336 0.94 20.74 -1.94
C PRO F 336 1.19 19.73 -0.83
N ALA F 337 1.63 20.23 0.32
CA ALA F 337 1.92 19.37 1.46
C ALA F 337 0.64 18.72 1.97
N ARG F 338 0.81 17.57 2.63
CA ARG F 338 -0.35 16.87 3.18
C ARG F 338 -1.02 17.68 4.27
N GLU F 339 -0.23 18.39 5.08
CA GLU F 339 -0.80 19.25 6.12
C GLU F 339 -1.60 20.40 5.51
N GLN F 340 -1.25 20.81 4.30
CA GLN F 340 -2.05 21.82 3.61
C GLN F 340 -3.47 21.31 3.37
N LEU F 341 -3.60 20.06 2.95
CA LEU F 341 -4.92 19.47 2.71
C LEU F 341 -5.45 18.83 3.98
N ASN F 342 -5.42 19.57 5.09
CA ASN F 342 -6.05 19.12 6.33
C ASN F 342 -6.88 20.25 6.91
N LEU F 343 -6.47 21.49 6.64
CA LEU F 343 -7.30 22.63 7.00
C LEU F 343 -8.46 22.82 6.03
N ARG F 344 -8.37 22.23 4.83
CA ARG F 344 -9.42 22.32 3.82
C ARG F 344 -9.76 23.78 3.51
N GLU F 345 -8.73 24.56 3.26
CA GLU F 345 -8.93 25.98 2.96
C GLU F 345 -8.27 26.42 1.66
N SER F 346 -7.08 25.91 1.36
CA SER F 346 -6.37 26.28 0.14
C SER F 346 -5.23 25.30 -0.08
N ALA F 347 -4.47 25.53 -1.15
CA ALA F 347 -3.31 24.69 -1.47
C ALA F 347 -2.39 25.47 -2.39
N THR F 348 -1.11 25.10 -2.35
CA THR F 348 -0.07 25.75 -3.14
C THR F 348 0.77 24.71 -3.86
N ILE F 349 1.06 24.97 -5.13
CA ILE F 349 1.86 24.07 -5.97
C ILE F 349 3.08 24.84 -6.44
N THR F 350 4.23 24.16 -6.46
CA THR F 350 5.51 24.80 -6.75
C THR F 350 6.09 24.28 -8.05
N CYS F 351 6.45 25.19 -8.94
CA CYS F 351 7.25 24.89 -10.13
C CYS F 351 8.62 25.51 -9.92
N LEU F 352 9.65 24.67 -9.81
CA LEU F 352 10.98 25.09 -9.39
C LEU F 352 11.96 24.90 -10.53
N VAL F 353 12.79 25.92 -10.78
CA VAL F 353 13.81 25.89 -11.83
C VAL F 353 15.17 26.06 -11.17
N THR F 354 16.15 25.27 -11.60
CA THR F 354 17.46 25.32 -10.98
C THR F 354 18.54 24.98 -12.01
N GLY F 355 19.77 25.35 -11.69
CA GLY F 355 20.92 24.97 -12.49
C GLY F 355 20.96 25.56 -13.87
N PHE F 356 20.72 26.86 -13.99
CA PHE F 356 20.72 27.52 -15.29
C PHE F 356 21.65 28.72 -15.26
N SER F 357 22.09 29.13 -16.45
CA SER F 357 22.95 30.29 -16.63
C SER F 357 22.83 30.75 -18.07
N PRO F 358 22.65 32.06 -18.32
CA PRO F 358 22.55 33.11 -17.31
C PRO F 358 21.16 33.25 -16.70
N ALA F 359 20.90 34.39 -16.09
CA ALA F 359 19.63 34.66 -15.42
C ALA F 359 18.55 35.08 -16.41
N ASP F 360 17.47 35.68 -15.90
CA ASP F 360 16.36 36.18 -16.71
C ASP F 360 15.66 35.04 -17.45
N VAL F 361 15.11 34.12 -16.67
CA VAL F 361 14.28 33.05 -17.18
C VAL F 361 12.82 33.48 -17.13
N PHE F 362 11.99 32.89 -17.99
CA PHE F 362 10.58 33.20 -18.01
C PHE F 362 9.77 31.96 -17.69
N VAL F 363 8.60 32.15 -17.08
CA VAL F 363 7.77 31.03 -16.63
C VAL F 363 6.32 31.47 -16.57
N GLN F 364 5.41 30.53 -16.82
CA GLN F 364 3.99 30.77 -16.65
C GLN F 364 3.29 29.42 -16.48
N TRP F 365 1.97 29.46 -16.42
CA TRP F 365 1.17 28.29 -16.07
C TRP F 365 0.08 28.07 -17.12
N MET F 366 -0.29 26.81 -17.28
CA MET F 366 -1.31 26.38 -18.23
C MET F 366 -2.21 25.38 -17.52
N GLN F 367 -3.51 25.53 -17.67
CA GLN F 367 -4.46 24.62 -17.03
C GLN F 367 -5.27 23.91 -18.10
N ARG F 368 -5.09 22.59 -18.21
CA ARG F 368 -5.78 21.77 -19.20
C ARG F 368 -5.66 22.35 -20.61
N GLY F 369 -4.56 23.03 -20.87
CA GLY F 369 -4.37 23.73 -22.12
C GLY F 369 -4.93 25.13 -22.17
N GLN F 370 -5.56 25.61 -21.09
CA GLN F 370 -6.11 26.95 -21.08
C GLN F 370 -5.29 27.86 -20.17
N PRO F 371 -4.95 29.06 -20.63
CA PRO F 371 -4.11 29.95 -19.82
C PRO F 371 -4.84 30.48 -18.61
N LEU F 372 -4.05 30.84 -17.59
CA LEU F 372 -4.57 31.42 -16.36
C LEU F 372 -4.10 32.87 -16.24
N SER F 373 -4.88 33.66 -15.50
CA SER F 373 -4.54 35.07 -15.34
C SER F 373 -3.23 35.21 -14.57
N PRO F 374 -2.40 36.20 -14.90
CA PRO F 374 -1.06 36.28 -14.30
C PRO F 374 -1.06 36.44 -12.79
N GLU F 375 -2.06 37.13 -12.22
CA GLU F 375 -2.04 37.44 -10.80
C GLU F 375 -2.27 36.22 -9.91
N LYS F 376 -2.65 35.08 -10.47
CA LYS F 376 -2.90 33.89 -9.67
C LYS F 376 -1.63 33.14 -9.30
N TYR F 377 -0.48 33.50 -9.87
CA TYR F 377 0.78 32.84 -9.56
C TYR F 377 1.85 33.89 -9.34
N VAL F 378 2.86 33.53 -8.56
CA VAL F 378 3.95 34.45 -8.22
C VAL F 378 5.28 33.78 -8.52
N THR F 379 6.17 34.52 -9.17
CA THR F 379 7.49 34.04 -9.56
C THR F 379 8.55 34.83 -8.82
N SER F 380 9.52 34.13 -8.24
CA SER F 380 10.59 34.76 -7.47
C SER F 380 11.63 35.35 -8.41
N ALA F 381 12.74 35.82 -7.86
CA ALA F 381 13.84 36.39 -8.61
C ALA F 381 15.04 35.44 -8.61
N PRO F 382 15.85 35.46 -9.67
CA PRO F 382 17.02 34.57 -9.71
C PRO F 382 17.99 34.86 -8.57
N MET F 383 18.59 33.80 -8.02
CA MET F 383 19.55 33.91 -6.94
C MET F 383 20.75 33.02 -7.21
N PRO F 384 21.94 33.42 -6.76
CA PRO F 384 23.13 32.58 -7.00
C PRO F 384 23.08 31.31 -6.17
N GLU F 385 23.33 30.17 -6.82
CA GLU F 385 23.36 28.91 -6.11
C GLU F 385 24.58 28.84 -5.19
N PRO F 386 24.43 28.26 -4.00
CA PRO F 386 25.56 28.19 -3.06
C PRO F 386 26.79 27.48 -3.60
N GLN F 387 26.60 26.25 -4.11
CA GLN F 387 27.76 25.45 -4.54
C GLN F 387 28.28 25.92 -5.89
N ALA F 388 27.45 25.85 -6.92
CA ALA F 388 27.89 26.26 -8.25
C ALA F 388 27.85 27.78 -8.35
N PRO F 389 28.96 28.43 -8.72
CA PRO F 389 28.94 29.91 -8.81
C PRO F 389 28.03 30.41 -9.92
N GLY F 390 28.22 29.92 -11.15
CA GLY F 390 27.42 30.41 -12.26
C GLY F 390 25.95 30.02 -12.19
N ARG F 391 25.65 28.81 -11.73
CA ARG F 391 24.29 28.31 -11.74
C ARG F 391 23.40 29.12 -10.80
N TYR F 392 22.15 29.31 -11.20
CA TYR F 392 21.17 30.05 -10.42
C TYR F 392 19.97 29.14 -10.11
N PHE F 393 18.93 29.74 -9.52
CA PHE F 393 17.69 29.02 -9.25
C PHE F 393 16.58 30.03 -9.04
N ALA F 394 15.35 29.55 -9.19
CA ALA F 394 14.17 30.39 -9.00
C ALA F 394 12.97 29.51 -8.72
N HIS F 395 11.97 30.10 -8.06
CA HIS F 395 10.75 29.42 -7.66
C HIS F 395 9.54 30.09 -8.28
N SER F 396 8.48 29.31 -8.44
CA SER F 396 7.17 29.84 -8.82
C SER F 396 6.10 29.08 -8.05
N ILE F 397 5.12 29.81 -7.53
CA ILE F 397 4.05 29.21 -6.74
C ILE F 397 2.71 29.58 -7.34
N LEU F 398 1.77 28.65 -7.29
CA LEU F 398 0.40 28.86 -7.73
C LEU F 398 -0.55 28.40 -6.64
N THR F 399 -1.51 29.24 -6.30
CA THR F 399 -2.51 28.93 -5.28
C THR F 399 -3.79 28.43 -5.94
N VAL F 400 -4.40 27.42 -5.33
CA VAL F 400 -5.60 26.81 -5.87
C VAL F 400 -6.36 26.15 -4.74
N SER F 401 -7.68 26.01 -4.90
CA SER F 401 -8.48 25.37 -3.89
C SER F 401 -8.23 23.86 -3.88
N GLU F 402 -8.44 23.26 -2.70
CA GLU F 402 -8.08 21.85 -2.51
C GLU F 402 -9.09 20.91 -3.17
N GLU F 403 -10.38 21.28 -3.17
CA GLU F 403 -11.41 20.37 -3.68
C GLU F 403 -11.20 20.08 -5.17
N GLU F 404 -10.86 21.09 -5.95
CA GLU F 404 -10.59 20.85 -7.36
C GLU F 404 -9.28 20.10 -7.55
N TRP F 405 -8.32 20.29 -6.65
CA TRP F 405 -7.10 19.49 -6.70
C TRP F 405 -7.37 18.03 -6.40
N ASN F 406 -8.44 17.72 -5.66
CA ASN F 406 -8.78 16.35 -5.35
C ASN F 406 -9.44 15.61 -6.51
N THR F 407 -9.67 16.27 -7.65
CA THR F 407 -10.42 15.67 -8.74
C THR F 407 -9.68 15.85 -10.07
N GLY F 408 -8.35 15.80 -10.04
CA GLY F 408 -7.57 15.92 -11.27
C GLY F 408 -6.89 17.26 -11.41
N GLU F 409 -7.27 18.05 -12.42
CA GLU F 409 -6.84 19.43 -12.58
C GLU F 409 -5.31 19.53 -12.70
N THR F 410 -4.83 19.10 -13.87
CA THR F 410 -3.40 18.96 -14.19
C THR F 410 -2.51 20.10 -13.69
N TYR F 411 -2.79 21.33 -14.15
CA TYR F 411 -1.94 22.51 -13.87
C TYR F 411 -0.50 22.29 -14.32
N THR F 412 -0.33 22.24 -15.64
CA THR F 412 1.01 22.24 -16.22
C THR F 412 1.70 23.58 -15.96
N CYS F 413 3.02 23.53 -15.75
CA CYS F 413 3.84 24.74 -15.67
C CYS F 413 4.86 24.71 -16.79
N VAL F 414 5.04 25.85 -17.46
CA VAL F 414 5.86 25.96 -18.65
C VAL F 414 6.92 27.04 -18.42
N VAL F 415 8.14 26.74 -18.84
CA VAL F 415 9.31 27.59 -18.62
C VAL F 415 10.02 27.80 -19.95
N ALA F 416 10.56 29.00 -20.14
CA ALA F 416 11.30 29.37 -21.35
C ALA F 416 12.61 30.01 -20.95
N HIS F 417 13.70 29.53 -21.55
CA HIS F 417 15.04 30.04 -21.28
C HIS F 417 15.89 29.85 -22.54
N GLU F 418 16.93 30.67 -22.67
CA GLU F 418 17.76 30.64 -23.87
C GLU F 418 18.50 29.32 -24.01
N ALA F 419 19.03 28.79 -22.90
CA ALA F 419 19.87 27.60 -22.97
C ALA F 419 19.10 26.35 -23.38
N LEU F 420 17.78 26.38 -23.33
CA LEU F 420 17.00 25.24 -23.75
C LEU F 420 17.15 25.02 -25.26
N PRO F 421 17.13 23.77 -25.73
CA PRO F 421 17.27 23.54 -27.17
C PRO F 421 16.12 24.14 -27.98
N ASN F 422 14.88 23.84 -27.61
CA ASN F 422 13.72 24.39 -28.28
C ASN F 422 13.19 25.65 -27.60
N ARG F 423 13.88 26.13 -26.57
CA ARG F 423 13.57 27.34 -25.81
C ARG F 423 12.31 27.23 -24.96
N VAL F 424 11.60 26.11 -25.01
CA VAL F 424 10.38 25.93 -24.24
C VAL F 424 10.37 24.52 -23.65
N THR F 425 10.00 24.42 -22.37
CA THR F 425 9.82 23.14 -21.71
C THR F 425 8.60 23.25 -20.80
N GLU F 426 7.97 22.12 -20.49
CA GLU F 426 6.82 22.15 -19.61
C GLU F 426 6.69 20.82 -18.89
N ARG F 427 6.03 20.86 -17.73
CA ARG F 427 5.81 19.68 -16.91
C ARG F 427 4.43 19.76 -16.29
N THR F 428 4.00 18.65 -15.68
CA THR F 428 2.66 18.56 -15.10
C THR F 428 2.67 17.59 -13.93
N VAL F 429 1.67 17.72 -13.07
CA VAL F 429 1.46 16.81 -11.96
C VAL F 429 0.04 17.00 -11.45
N ASP F 430 -0.62 15.88 -11.12
CA ASP F 430 -1.95 15.95 -10.54
C ASP F 430 -2.01 15.14 -9.26
N LYS F 431 -3.23 14.88 -8.76
CA LYS F 431 -3.37 14.18 -7.49
C LYS F 431 -2.76 12.77 -7.55
N SER F 432 -2.96 12.06 -8.64
CA SER F 432 -2.52 10.68 -8.78
C SER F 432 -1.28 10.63 -9.67
N THR F 433 -0.11 10.78 -9.05
CA THR F 433 1.16 10.59 -9.74
C THR F 433 2.11 9.66 -9.00
N GLY F 434 2.13 9.71 -7.67
CA GLY F 434 2.98 8.86 -6.88
C GLY F 434 2.40 7.53 -6.51
N LYS F 435 1.20 7.21 -7.00
CA LYS F 435 0.60 5.92 -6.71
C LYS F 435 1.37 4.81 -7.41
N PRO F 436 1.40 3.61 -6.82
CA PRO F 436 2.15 2.50 -7.45
C PRO F 436 1.67 2.15 -8.84
N THR F 437 0.38 2.30 -9.11
CA THR F 437 -0.28 2.05 -10.40
C THR F 437 -0.24 0.58 -10.82
N LEU F 438 0.36 -0.30 -10.02
CA LEU F 438 0.36 -1.72 -10.31
C LEU F 438 -0.67 -2.50 -9.50
N TYR F 439 -0.94 -2.06 -8.28
CA TYR F 439 -1.92 -2.70 -7.42
C TYR F 439 -2.71 -1.62 -6.68
N ASN F 440 -3.95 -1.96 -6.32
CA ASN F 440 -4.82 -1.05 -5.58
C ASN F 440 -5.14 -1.69 -4.24
N VAL F 441 -4.84 -0.99 -3.16
CA VAL F 441 -5.08 -1.47 -1.81
C VAL F 441 -6.07 -0.53 -1.14
N SER F 442 -7.13 -1.08 -0.57
CA SER F 442 -8.17 -0.31 0.08
C SER F 442 -8.43 -0.87 1.47
N LEU F 443 -8.78 0.03 2.39
CA LEU F 443 -9.07 -0.33 3.77
C LEU F 443 -10.40 0.26 4.19
N VAL F 444 -11.23 -0.56 4.81
CA VAL F 444 -12.54 -0.11 5.30
C VAL F 444 -12.82 -0.81 6.63
N MET F 445 -13.39 -0.07 7.56
CA MET F 445 -13.67 -0.60 8.90
C MET F 445 -15.12 -1.03 9.03
N ILE G 222 17.35 29.36 -67.65
CA ILE G 222 15.97 29.13 -68.03
C ILE G 222 15.10 28.93 -66.79
N ARG G 223 15.51 28.00 -65.93
CA ARG G 223 14.77 27.71 -64.71
C ARG G 223 15.07 28.76 -63.66
N VAL G 224 14.03 29.45 -63.18
CA VAL G 224 14.15 30.45 -62.13
C VAL G 224 13.10 30.17 -61.07
N PHE G 225 13.50 30.25 -59.80
CA PHE G 225 12.58 30.01 -58.70
C PHE G 225 12.94 30.94 -57.54
N ALA G 226 11.92 31.26 -56.73
CA ALA G 226 12.08 32.07 -55.53
C ALA G 226 11.38 31.31 -54.40
N ILE G 227 12.14 30.47 -53.70
CA ILE G 227 11.57 29.56 -52.71
C ILE G 227 11.19 30.32 -51.46
N PRO G 228 9.91 30.28 -51.03
CA PRO G 228 9.55 30.91 -49.77
C PRO G 228 10.14 30.15 -48.60
N PRO G 229 10.39 30.82 -47.48
CA PRO G 229 10.97 30.13 -46.32
C PRO G 229 10.01 29.09 -45.74
N SER G 230 10.61 28.05 -45.15
CA SER G 230 9.85 26.96 -44.56
C SER G 230 9.84 27.10 -43.04
N PHE G 231 8.69 26.77 -42.43
CA PHE G 231 8.52 26.97 -41.00
C PHE G 231 9.54 26.17 -40.19
N ALA G 232 9.90 24.98 -40.66
CA ALA G 232 10.93 24.20 -39.97
C ALA G 232 12.26 24.94 -39.95
N SER G 233 12.64 25.52 -41.10
CA SER G 233 13.88 26.29 -41.15
C SER G 233 13.81 27.51 -40.26
N ILE G 234 12.65 28.19 -40.23
CA ILE G 234 12.50 29.37 -39.40
C ILE G 234 12.67 29.01 -37.93
N PHE G 235 12.01 27.93 -37.50
CA PHE G 235 12.11 27.50 -36.11
C PHE G 235 13.54 27.07 -35.77
N LEU G 236 14.20 26.35 -36.67
CA LEU G 236 15.52 25.82 -36.34
C LEU G 236 16.60 26.89 -36.37
N THR G 237 16.44 27.92 -37.21
CA THR G 237 17.49 28.90 -37.41
C THR G 237 17.15 30.30 -36.93
N LYS G 238 15.88 30.69 -36.98
CA LYS G 238 15.47 32.07 -36.72
C LYS G 238 16.21 33.04 -37.64
N SER G 239 16.43 32.59 -38.88
CA SER G 239 17.23 33.31 -39.88
C SER G 239 16.51 33.30 -41.22
N THR G 240 15.25 33.74 -41.20
CA THR G 240 14.37 33.71 -42.37
C THR G 240 15.07 34.22 -43.61
N LYS G 241 15.18 33.35 -44.62
CA LYS G 241 15.95 33.62 -45.82
C LYS G 241 15.07 33.45 -47.06
N LEU G 242 15.22 34.36 -48.02
CA LEU G 242 14.58 34.24 -49.31
C LEU G 242 15.64 33.77 -50.32
N THR G 243 15.42 32.61 -50.91
CA THR G 243 16.40 31.98 -51.79
C THR G 243 15.91 32.04 -53.23
N CYS G 244 16.66 32.73 -54.08
CA CYS G 244 16.39 32.80 -55.51
C CYS G 244 17.41 31.93 -56.23
N LEU G 245 16.93 30.96 -57.00
CA LEU G 245 17.78 30.00 -57.69
C LEU G 245 17.54 30.09 -59.19
N VAL G 246 18.61 30.23 -59.95
CA VAL G 246 18.55 30.33 -61.42
C VAL G 246 19.48 29.26 -61.98
N THR G 247 18.90 28.18 -62.50
CA THR G 247 19.68 27.12 -63.12
C THR G 247 19.08 26.71 -64.45
N ASP G 248 19.57 25.60 -65.02
CA ASP G 248 19.14 25.11 -66.33
C ASP G 248 19.42 26.15 -67.42
N LEU G 249 20.52 26.88 -67.27
CA LEU G 249 20.93 27.88 -68.25
C LEU G 249 22.40 27.69 -68.56
N THR G 250 22.79 28.02 -69.79
CA THR G 250 24.17 27.85 -70.22
C THR G 250 25.11 28.72 -69.37
N THR G 251 26.30 28.21 -69.11
CA THR G 251 27.26 28.88 -68.24
C THR G 251 27.70 30.22 -68.83
N TYR G 252 27.43 31.30 -68.11
CA TYR G 252 27.87 32.64 -68.48
C TYR G 252 28.67 33.25 -67.35
N ASP G 253 29.10 34.50 -67.55
CA ASP G 253 29.81 35.27 -66.54
C ASP G 253 29.14 36.61 -66.36
N SER G 254 29.26 37.16 -65.15
CA SER G 254 28.72 38.47 -64.79
C SER G 254 27.20 38.51 -65.01
N VAL G 255 26.50 37.68 -64.23
CA VAL G 255 25.05 37.64 -64.23
C VAL G 255 24.57 38.33 -62.97
N THR G 256 23.68 39.31 -63.13
CA THR G 256 23.24 40.15 -62.02
C THR G 256 22.04 39.50 -61.33
N ILE G 257 22.15 39.28 -60.03
CA ILE G 257 21.09 38.74 -59.20
C ILE G 257 20.82 39.72 -58.07
N SER G 258 19.54 40.05 -57.85
CA SER G 258 19.19 40.98 -56.80
C SER G 258 17.81 40.62 -56.24
N TRP G 259 17.48 41.22 -55.11
CA TRP G 259 16.18 41.03 -54.48
C TRP G 259 15.57 42.39 -54.17
N THR G 260 14.24 42.44 -54.20
CA THR G 260 13.50 43.65 -53.90
C THR G 260 12.23 43.29 -53.14
N ARG G 261 11.66 44.29 -52.47
CA ARG G 261 10.39 44.09 -51.78
C ARG G 261 9.25 44.43 -52.76
N GLN G 262 8.03 44.55 -52.23
CA GLN G 262 6.87 44.81 -53.08
C GLN G 262 7.04 46.11 -53.87
N ASN G 263 7.58 47.15 -53.23
CA ASN G 263 7.84 48.41 -53.90
C ASN G 263 9.30 48.60 -54.29
N GLY G 264 10.10 47.53 -54.22
CA GLY G 264 11.49 47.59 -54.67
C GLY G 264 12.47 48.22 -53.71
N GLU G 265 12.68 47.59 -52.55
CA GLU G 265 13.67 48.06 -51.60
C GLU G 265 15.02 47.39 -51.86
N ALA G 266 16.06 47.96 -51.26
CA ALA G 266 17.39 47.37 -51.32
C ALA G 266 17.49 46.20 -50.35
N VAL G 267 18.38 45.26 -50.68
CA VAL G 267 18.58 44.05 -49.89
C VAL G 267 20.07 43.89 -49.63
N LYS G 268 20.42 42.83 -48.89
CA LYS G 268 21.81 42.53 -48.62
C LYS G 268 22.52 42.10 -49.91
N THR G 269 23.80 42.46 -50.00
CA THR G 269 24.63 42.09 -51.16
C THR G 269 24.98 40.60 -51.02
N HIS G 270 24.08 39.76 -51.52
CA HIS G 270 24.29 38.32 -51.46
C HIS G 270 25.50 37.92 -52.29
N THR G 271 26.21 36.90 -51.83
CA THR G 271 27.46 36.47 -52.43
C THR G 271 27.56 34.96 -52.28
N ASN G 272 28.77 34.42 -52.46
CA ASN G 272 29.02 32.98 -52.42
C ASN G 272 28.18 32.26 -53.47
N ILE G 273 28.03 32.90 -54.64
CA ILE G 273 27.25 32.31 -55.72
C ILE G 273 27.94 31.06 -56.23
N SER G 274 27.15 30.00 -56.40
CA SER G 274 27.70 28.73 -56.87
C SER G 274 28.21 28.86 -58.30
N GLU G 275 29.29 28.15 -58.60
CA GLU G 275 29.90 28.23 -59.92
C GLU G 275 29.13 27.38 -60.91
N SER G 276 29.73 27.19 -62.10
CA SER G 276 29.08 26.45 -63.16
C SER G 276 28.87 25.00 -62.78
N HIS G 277 27.76 24.43 -63.23
CA HIS G 277 27.49 23.02 -63.00
C HIS G 277 28.47 22.17 -63.80
N PRO G 278 28.69 20.91 -63.37
CA PRO G 278 29.60 20.03 -64.13
C PRO G 278 29.15 19.77 -65.55
N ASN G 279 27.86 19.91 -65.86
CA ASN G 279 27.34 19.74 -67.21
C ASN G 279 27.24 21.05 -67.97
N ALA G 280 28.14 22.01 -67.71
CA ALA G 280 28.18 23.29 -68.40
C ALA G 280 26.86 24.05 -68.27
N THR G 281 26.31 24.06 -67.06
CA THR G 281 25.08 24.77 -66.76
C THR G 281 25.37 25.84 -65.72
N PHE G 282 24.90 27.06 -65.98
CA PHE G 282 25.08 28.17 -65.06
C PHE G 282 24.19 28.01 -63.84
N SER G 283 24.72 28.36 -62.67
CA SER G 283 23.98 28.34 -61.43
C SER G 283 24.10 29.70 -60.75
N ALA G 284 22.96 30.26 -60.35
CA ALA G 284 22.91 31.54 -59.68
C ALA G 284 22.11 31.42 -58.39
N VAL G 285 22.72 31.80 -57.28
CA VAL G 285 22.10 31.72 -55.96
C VAL G 285 22.07 33.11 -55.34
N GLY G 286 20.89 33.55 -54.92
CA GLY G 286 20.75 34.82 -54.25
C GLY G 286 19.99 34.71 -52.96
N GLU G 287 20.59 35.17 -51.85
CA GLU G 287 19.97 35.07 -50.55
C GLU G 287 19.59 36.46 -50.04
N ALA G 288 18.34 36.61 -49.63
CA ALA G 288 17.85 37.82 -49.00
C ALA G 288 17.64 37.51 -47.52
N SER G 289 18.39 38.20 -46.66
CA SER G 289 18.37 37.96 -45.22
C SER G 289 17.40 38.94 -44.57
N ILE G 290 16.18 38.48 -44.31
CA ILE G 290 15.20 39.28 -43.60
C ILE G 290 14.90 38.59 -42.27
N CYS G 291 14.03 39.19 -41.47
CA CYS G 291 13.55 38.57 -40.24
C CYS G 291 12.03 38.41 -40.31
N GLU G 292 11.47 37.78 -39.27
CA GLU G 292 10.13 37.21 -39.36
C GLU G 292 9.07 38.28 -39.63
N ASP G 293 9.21 39.45 -39.01
CA ASP G 293 8.20 40.49 -39.20
C ASP G 293 8.13 40.95 -40.66
N ASP G 294 9.28 41.00 -41.33
CA ASP G 294 9.29 41.36 -42.75
C ASP G 294 8.48 40.37 -43.58
N TRP G 295 8.65 39.07 -43.31
CA TRP G 295 7.91 38.05 -44.06
C TRP G 295 6.43 38.12 -43.75
N ASN G 296 6.08 38.11 -42.46
CA ASN G 296 4.66 38.05 -42.08
C ASN G 296 3.93 39.36 -42.35
N SER G 297 4.65 40.44 -42.63
CA SER G 297 3.99 41.70 -42.94
C SER G 297 3.20 41.63 -44.23
N GLY G 298 3.50 40.67 -45.11
CA GLY G 298 2.81 40.54 -46.38
C GLY G 298 3.49 41.17 -47.56
N GLU G 299 4.70 41.70 -47.38
CA GLU G 299 5.42 42.32 -48.49
C GLU G 299 5.84 41.26 -49.49
N ARG G 300 5.26 41.31 -50.69
CA ARG G 300 5.54 40.32 -51.73
C ARG G 300 6.89 40.62 -52.34
N PHE G 301 7.90 39.85 -51.97
CA PHE G 301 9.24 40.08 -52.46
C PHE G 301 9.37 39.63 -53.92
N THR G 302 10.49 39.98 -54.53
CA THR G 302 10.70 39.69 -55.95
C THR G 302 12.19 39.56 -56.23
N CYS G 303 12.58 38.44 -56.82
CA CYS G 303 13.94 38.26 -57.30
C CYS G 303 14.09 38.79 -58.72
N THR G 304 15.15 39.56 -58.94
CA THR G 304 15.43 40.18 -60.22
C THR G 304 16.70 39.58 -60.79
N VAL G 305 16.65 39.13 -62.05
CA VAL G 305 17.79 38.53 -62.72
C VAL G 305 18.03 39.28 -64.02
N THR G 306 19.30 39.62 -64.28
CA THR G 306 19.69 40.37 -65.46
C THR G 306 20.93 39.74 -66.09
N HIS G 307 20.95 39.68 -67.41
CA HIS G 307 22.14 39.24 -68.15
C HIS G 307 22.02 39.71 -69.59
N THR G 308 23.14 39.60 -70.31
CA THR G 308 23.18 40.09 -71.69
C THR G 308 22.22 39.33 -72.59
N ASP G 309 22.17 38.00 -72.47
CA ASP G 309 21.28 37.21 -73.32
C ASP G 309 19.82 37.43 -72.99
N LEU G 310 19.52 38.04 -71.86
CA LEU G 310 18.14 38.32 -71.49
C LEU G 310 17.59 39.46 -72.36
N PRO G 311 16.48 39.27 -73.05
CA PRO G 311 15.81 40.42 -73.68
C PRO G 311 15.39 41.47 -72.68
N SER G 312 15.02 41.07 -71.48
CA SER G 312 14.69 41.98 -70.39
C SER G 312 15.01 41.28 -69.08
N PRO G 313 15.40 42.03 -68.04
CA PRO G 313 15.68 41.41 -66.74
C PRO G 313 14.39 40.86 -66.13
N LEU G 314 14.37 39.57 -65.87
CA LEU G 314 13.13 38.94 -65.42
C LEU G 314 12.99 39.07 -63.91
N LYS G 315 11.76 39.37 -63.48
CA LYS G 315 11.42 39.55 -62.08
C LYS G 315 10.38 38.51 -61.68
N GLN G 316 10.68 37.73 -60.65
CA GLN G 316 9.79 36.68 -60.17
C GLN G 316 9.35 37.02 -58.75
N THR G 317 8.04 37.11 -58.54
CA THR G 317 7.49 37.51 -57.25
C THR G 317 7.17 36.29 -56.39
N ILE G 318 7.10 36.53 -55.08
CA ILE G 318 6.83 35.47 -54.12
C ILE G 318 6.32 36.13 -52.83
N SER G 319 5.33 35.49 -52.21
CA SER G 319 4.77 35.97 -50.95
C SER G 319 4.08 34.81 -50.26
N ARG G 320 3.85 34.98 -48.97
CA ARG G 320 3.14 33.96 -48.19
C ARG G 320 1.65 34.03 -48.49
N PRO G 321 1.01 32.91 -48.84
CA PRO G 321 -0.44 32.91 -49.12
C PRO G 321 -1.28 32.96 -47.85
N LYS G 322 -1.44 34.16 -47.31
CA LYS G 322 -2.23 34.34 -46.10
C LYS G 322 -3.71 34.15 -46.39
N GLY G 323 -4.46 33.83 -45.33
CA GLY G 323 -5.88 33.60 -45.45
C GLY G 323 -6.27 32.13 -45.44
N VAL G 324 -5.66 31.36 -44.54
CA VAL G 324 -5.93 29.94 -44.43
C VAL G 324 -6.43 29.64 -43.03
N ALA G 325 -7.23 28.59 -42.91
CA ALA G 325 -7.81 28.20 -41.62
C ALA G 325 -6.73 27.72 -40.67
N LEU G 326 -6.95 27.97 -39.38
CA LEU G 326 -6.03 27.57 -38.32
C LEU G 326 -6.73 26.61 -37.37
N HIS G 327 -6.11 25.46 -37.13
CA HIS G 327 -6.64 24.47 -36.20
C HIS G 327 -5.48 23.86 -35.42
N ARG G 328 -5.64 23.77 -34.11
CA ARG G 328 -4.59 23.22 -33.27
C ARG G 328 -4.44 21.73 -33.51
N PRO G 329 -3.21 21.24 -33.66
CA PRO G 329 -3.01 19.80 -33.87
C PRO G 329 -3.30 18.98 -32.63
N ASP G 330 -3.45 17.67 -32.81
CA ASP G 330 -3.56 16.72 -31.71
C ASP G 330 -2.51 15.63 -31.89
N VAL G 331 -1.84 15.26 -30.80
CA VAL G 331 -0.70 14.36 -30.87
C VAL G 331 -0.93 13.18 -29.93
N TYR G 332 -0.37 12.04 -30.31
CA TYR G 332 -0.41 10.84 -29.49
C TYR G 332 0.87 10.05 -29.69
N LEU G 333 1.20 9.24 -28.68
CA LEU G 333 2.33 8.32 -28.73
C LEU G 333 1.81 6.91 -28.59
N LEU G 334 2.27 6.01 -29.47
CA LEU G 334 1.81 4.63 -29.41
C LEU G 334 2.95 3.70 -29.02
N PRO G 335 2.81 2.94 -27.95
CA PRO G 335 3.86 2.01 -27.55
C PRO G 335 3.99 0.87 -28.55
N PRO G 336 5.14 0.21 -28.62
CA PRO G 336 5.30 -0.89 -29.57
C PRO G 336 4.39 -2.06 -29.24
N ALA G 337 4.10 -2.84 -30.28
CA ALA G 337 3.17 -3.96 -30.15
C ALA G 337 3.72 -5.01 -29.18
N ARG G 338 2.81 -5.71 -28.52
CA ARG G 338 3.21 -6.74 -27.57
C ARG G 338 3.98 -7.85 -28.25
N GLU G 339 3.49 -8.31 -29.40
CA GLU G 339 4.22 -9.34 -30.15
C GLU G 339 5.55 -8.83 -30.68
N GLN G 340 5.65 -7.52 -30.91
CA GLN G 340 6.94 -6.93 -31.24
C GLN G 340 7.93 -7.10 -30.09
N LEU G 341 7.46 -6.90 -28.86
CA LEU G 341 8.27 -7.15 -27.67
C LEU G 341 8.10 -8.57 -27.16
N ASN G 342 8.23 -9.52 -28.07
CA ASN G 342 8.34 -10.94 -27.77
C ASN G 342 9.52 -11.56 -28.47
N LEU G 343 9.82 -11.14 -29.70
CA LEU G 343 11.07 -11.51 -30.33
C LEU G 343 12.23 -10.74 -29.72
N ARG G 344 11.93 -9.63 -29.06
CA ARG G 344 12.85 -8.81 -28.27
C ARG G 344 14.21 -8.63 -28.97
N GLU G 345 14.15 -8.01 -30.14
CA GLU G 345 15.35 -7.49 -30.79
C GLU G 345 15.32 -5.97 -30.91
N SER G 346 14.23 -5.41 -31.44
CA SER G 346 14.11 -3.97 -31.60
C SER G 346 12.65 -3.58 -31.41
N ALA G 347 12.44 -2.31 -31.08
CA ALA G 347 11.12 -1.76 -30.86
C ALA G 347 10.94 -0.48 -31.67
N THR G 348 9.68 -0.19 -31.99
CA THR G 348 9.32 0.98 -32.77
C THR G 348 8.35 1.85 -31.99
N ILE G 349 8.58 3.16 -32.02
CA ILE G 349 7.73 4.15 -31.36
C ILE G 349 7.15 5.04 -32.44
N THR G 350 5.83 5.24 -32.39
CA THR G 350 5.13 6.03 -33.38
C THR G 350 4.54 7.27 -32.71
N CYS G 351 4.90 8.44 -33.22
CA CYS G 351 4.35 9.72 -32.81
C CYS G 351 3.38 10.18 -33.89
N LEU G 352 2.09 10.18 -33.56
CA LEU G 352 1.03 10.52 -34.50
C LEU G 352 0.56 11.94 -34.25
N VAL G 353 0.43 12.72 -35.32
CA VAL G 353 -0.14 14.05 -35.26
C VAL G 353 -1.27 14.14 -36.27
N THR G 354 -2.36 14.80 -35.91
CA THR G 354 -3.52 14.85 -36.78
C THR G 354 -4.35 16.08 -36.49
N GLY G 355 -5.25 16.40 -37.41
CA GLY G 355 -6.23 17.45 -37.21
C GLY G 355 -5.65 18.85 -37.11
N PHE G 356 -4.73 19.18 -38.02
CA PHE G 356 -4.09 20.48 -38.02
C PHE G 356 -4.23 21.15 -39.37
N SER G 357 -4.30 22.47 -39.35
CA SER G 357 -4.38 23.30 -40.55
C SER G 357 -3.70 24.62 -40.24
N PRO G 358 -2.81 25.11 -41.11
CA PRO G 358 -2.41 24.45 -42.36
C PRO G 358 -1.36 23.37 -42.16
N ALA G 359 -0.68 22.99 -43.25
CA ALA G 359 0.30 21.94 -43.23
C ALA G 359 1.67 22.49 -42.83
N ASP G 360 2.73 21.72 -43.11
CA ASP G 360 4.11 22.11 -42.85
C ASP G 360 4.35 22.35 -41.35
N VAL G 361 4.20 21.26 -40.60
CA VAL G 361 4.54 21.24 -39.20
C VAL G 361 5.92 20.63 -39.04
N PHE G 362 6.53 20.80 -37.87
CA PHE G 362 7.87 20.28 -37.62
C PHE G 362 7.81 19.33 -36.43
N VAL G 363 8.58 18.25 -36.49
CA VAL G 363 8.65 17.29 -35.39
C VAL G 363 10.09 16.89 -35.16
N GLN G 364 10.37 16.42 -33.94
CA GLN G 364 11.65 15.81 -33.60
C GLN G 364 11.50 15.10 -32.27
N TRP G 365 12.60 14.52 -31.79
CA TRP G 365 12.58 13.69 -30.60
C TRP G 365 13.63 14.19 -29.61
N MET G 366 13.31 14.04 -28.33
CA MET G 366 14.16 14.48 -27.23
C MET G 366 14.48 13.26 -26.39
N GLN G 367 15.77 13.00 -26.18
CA GLN G 367 16.26 11.80 -25.51
C GLN G 367 16.77 12.17 -24.13
N ARG G 368 15.92 12.00 -23.10
CA ARG G 368 16.32 12.20 -21.71
C ARG G 368 16.94 13.58 -21.49
N GLY G 369 16.45 14.59 -22.21
CA GLY G 369 16.96 15.93 -22.09
C GLY G 369 17.98 16.33 -23.14
N GLN G 370 18.48 15.38 -23.94
CA GLN G 370 19.42 15.72 -24.99
C GLN G 370 18.91 15.21 -26.33
N PRO G 371 19.17 15.94 -27.42
CA PRO G 371 18.56 15.57 -28.72
C PRO G 371 19.20 14.37 -29.37
N LEU G 372 18.64 13.97 -30.52
CA LEU G 372 19.16 12.86 -31.30
C LEU G 372 19.37 13.33 -32.74
N SER G 373 20.33 12.70 -33.41
CA SER G 373 20.56 13.02 -34.81
C SER G 373 19.34 12.60 -35.64
N PRO G 374 19.01 13.35 -36.70
CA PRO G 374 17.81 13.02 -37.49
C PRO G 374 17.90 11.68 -38.20
N GLU G 375 19.05 11.03 -38.20
CA GLU G 375 19.18 9.75 -38.89
C GLU G 375 18.30 8.68 -38.26
N LYS G 376 18.24 8.62 -36.93
CA LYS G 376 17.55 7.54 -36.25
C LYS G 376 16.05 7.51 -36.53
N TYR G 377 15.39 8.66 -36.58
CA TYR G 377 13.95 8.72 -36.75
C TYR G 377 13.61 9.20 -38.15
N VAL G 378 12.43 8.82 -38.62
CA VAL G 378 11.94 9.18 -39.95
C VAL G 378 10.56 9.79 -39.83
N THR G 379 10.35 10.96 -40.42
CA THR G 379 9.07 11.62 -40.42
C THR G 379 8.36 11.44 -41.77
N SER G 380 7.04 11.51 -41.73
CA SER G 380 6.22 11.35 -42.91
C SER G 380 5.96 12.71 -43.56
N ALA G 381 5.03 12.73 -44.53
CA ALA G 381 4.65 13.95 -45.22
C ALA G 381 3.20 14.29 -44.89
N PRO G 382 2.83 15.57 -44.90
CA PRO G 382 1.45 15.95 -44.53
C PRO G 382 0.43 15.75 -45.65
N MET G 383 -0.03 14.51 -45.81
CA MET G 383 -1.07 14.23 -46.78
C MET G 383 -2.42 14.73 -46.24
N PRO G 384 -3.33 15.11 -47.14
CA PRO G 384 -4.65 15.59 -46.68
C PRO G 384 -5.46 14.48 -46.04
N GLU G 385 -6.31 14.88 -45.09
CA GLU G 385 -7.20 13.95 -44.42
C GLU G 385 -8.51 13.86 -45.19
N PRO G 386 -8.96 12.68 -45.59
CA PRO G 386 -10.17 12.57 -46.43
C PRO G 386 -11.44 13.03 -45.72
N GLN G 387 -11.71 12.50 -44.54
CA GLN G 387 -12.95 12.84 -43.85
C GLN G 387 -13.00 14.31 -43.48
N ALA G 388 -11.89 14.85 -42.99
CA ALA G 388 -11.84 16.26 -42.64
C ALA G 388 -11.86 17.12 -43.90
N PRO G 389 -12.43 18.32 -43.83
CA PRO G 389 -12.45 19.19 -45.03
C PRO G 389 -11.07 19.62 -45.48
N GLY G 390 -10.27 20.19 -44.58
CA GLY G 390 -8.95 20.67 -44.97
C GLY G 390 -7.87 20.40 -43.94
N ARG G 391 -8.07 19.38 -43.12
CA ARG G 391 -7.07 19.01 -42.11
C ARG G 391 -6.09 18.00 -42.69
N TYR G 392 -5.08 17.66 -41.89
CA TYR G 392 -4.03 16.75 -42.34
C TYR G 392 -3.65 15.83 -41.18
N PHE G 393 -2.65 15.00 -41.42
CA PHE G 393 -2.06 14.17 -40.38
C PHE G 393 -0.68 13.71 -40.85
N ALA G 394 0.14 13.29 -39.90
CA ALA G 394 1.50 12.87 -40.20
C ALA G 394 2.00 11.92 -39.11
N HIS G 395 3.01 11.15 -39.47
CA HIS G 395 3.60 10.13 -38.61
C HIS G 395 5.07 10.44 -38.36
N SER G 396 5.57 9.93 -37.25
CA SER G 396 7.00 9.91 -36.95
C SER G 396 7.35 8.55 -36.39
N ILE G 397 8.37 7.91 -36.96
CA ILE G 397 8.75 6.55 -36.61
C ILE G 397 10.15 6.56 -36.04
N LEU G 398 10.33 5.94 -34.87
CA LEU G 398 11.64 5.83 -34.24
C LEU G 398 11.90 4.36 -33.91
N THR G 399 13.13 3.92 -34.12
CA THR G 399 13.53 2.54 -33.85
C THR G 399 14.61 2.53 -32.78
N VAL G 400 14.43 1.68 -31.77
CA VAL G 400 15.38 1.55 -30.67
C VAL G 400 15.63 0.07 -30.40
N SER G 401 16.70 -0.21 -29.67
CA SER G 401 16.96 -1.58 -29.25
C SER G 401 16.00 -1.95 -28.12
N GLU G 402 15.71 -3.25 -28.02
CA GLU G 402 14.72 -3.72 -27.06
C GLU G 402 15.19 -3.51 -25.62
N GLU G 403 16.48 -3.70 -25.36
CA GLU G 403 16.97 -3.64 -23.99
C GLU G 403 16.78 -2.26 -23.37
N GLU G 404 17.11 -1.20 -24.10
CA GLU G 404 16.98 0.13 -23.53
C GLU G 404 15.52 0.52 -23.32
N TRP G 405 14.59 -0.22 -23.93
CA TRP G 405 13.18 0.01 -23.65
C TRP G 405 12.80 -0.43 -22.24
N ASN G 406 13.63 -1.24 -21.59
CA ASN G 406 13.29 -1.82 -20.30
C ASN G 406 13.84 -1.02 -19.12
N THR G 407 14.44 0.14 -19.35
CA THR G 407 15.14 0.88 -18.30
C THR G 407 14.70 2.32 -18.24
N GLY G 408 13.42 2.58 -18.42
CA GLY G 408 12.90 3.95 -18.38
C GLY G 408 12.97 4.61 -19.76
N GLU G 409 13.89 5.56 -19.93
CA GLU G 409 14.13 6.21 -21.21
C GLU G 409 12.85 6.86 -21.75
N THR G 410 12.48 7.95 -21.07
CA THR G 410 11.27 8.73 -21.33
C THR G 410 10.93 8.84 -22.82
N TYR G 411 11.92 9.09 -23.68
CA TYR G 411 11.73 9.08 -25.13
C TYR G 411 10.65 10.09 -25.54
N THR G 412 10.90 11.36 -25.28
CA THR G 412 9.87 12.37 -25.49
C THR G 412 9.80 12.75 -26.97
N CYS G 413 8.59 13.00 -27.44
CA CYS G 413 8.36 13.43 -28.82
C CYS G 413 7.84 14.86 -28.81
N VAL G 414 8.50 15.76 -29.55
CA VAL G 414 8.18 17.17 -29.53
C VAL G 414 7.77 17.61 -30.94
N VAL G 415 6.72 18.42 -31.00
CA VAL G 415 6.17 18.93 -32.24
C VAL G 415 6.04 20.45 -32.13
N ALA G 416 6.13 21.11 -33.28
CA ALA G 416 6.03 22.56 -33.38
C ALA G 416 5.15 22.91 -34.56
N HIS G 417 4.10 23.69 -34.28
CA HIS G 417 3.19 24.20 -35.31
C HIS G 417 2.73 25.58 -34.89
N GLU G 418 2.35 26.39 -35.87
CA GLU G 418 2.04 27.79 -35.63
C GLU G 418 0.69 28.02 -34.98
N ALA G 419 -0.15 26.99 -34.85
CA ALA G 419 -1.45 27.14 -34.23
C ALA G 419 -1.41 26.97 -32.72
N LEU G 420 -0.28 26.53 -32.15
CA LEU G 420 -0.22 26.31 -30.72
C LEU G 420 -0.12 27.63 -29.98
N PRO G 421 -0.57 27.69 -28.72
CA PRO G 421 -0.40 28.92 -27.94
C PRO G 421 1.06 29.31 -27.77
N ASN G 422 1.95 28.34 -27.64
CA ASN G 422 3.38 28.60 -27.49
C ASN G 422 4.20 27.99 -28.62
N ARG G 423 3.55 27.49 -29.67
CA ARG G 423 4.16 26.93 -30.87
C ARG G 423 4.96 25.65 -30.62
N VAL G 424 5.00 25.16 -29.39
CA VAL G 424 5.75 23.95 -29.06
C VAL G 424 4.90 23.08 -28.14
N THR G 425 4.95 21.77 -28.36
CA THR G 425 4.27 20.82 -27.48
C THR G 425 5.09 19.52 -27.49
N GLU G 426 4.95 18.73 -26.43
CA GLU G 426 5.67 17.46 -26.37
C GLU G 426 4.90 16.46 -25.52
N ARG G 427 5.21 15.19 -25.74
CA ARG G 427 4.58 14.10 -25.02
C ARG G 427 5.64 13.08 -24.63
N THR G 428 5.28 12.21 -23.68
CA THR G 428 6.21 11.24 -23.10
C THR G 428 5.52 9.89 -22.98
N VAL G 429 6.32 8.83 -23.06
CA VAL G 429 5.83 7.47 -22.86
C VAL G 429 7.02 6.57 -22.51
N ASP G 430 6.81 5.69 -21.54
CA ASP G 430 7.87 4.78 -21.11
C ASP G 430 7.41 3.33 -21.11
N LYS G 431 8.24 2.44 -20.56
CA LYS G 431 7.90 1.01 -20.54
C LYS G 431 6.64 0.77 -19.72
N SER G 432 6.56 1.38 -18.53
CA SER G 432 5.41 1.20 -17.65
C SER G 432 4.48 2.40 -17.79
N THR G 433 3.78 2.43 -18.93
CA THR G 433 2.82 3.50 -19.21
C THR G 433 1.39 2.98 -19.32
N GLY G 434 1.16 1.98 -20.17
CA GLY G 434 -0.16 1.44 -20.37
C GLY G 434 -0.48 0.18 -19.61
N LYS G 435 0.43 -0.32 -18.79
CA LYS G 435 0.17 -1.53 -18.03
C LYS G 435 -0.87 -1.23 -16.95
N PRO G 436 -2.00 -1.94 -16.93
CA PRO G 436 -3.03 -1.67 -15.93
C PRO G 436 -2.78 -2.44 -14.64
N THR G 437 -3.52 -2.04 -13.61
CA THR G 437 -3.40 -2.70 -12.32
C THR G 437 -3.93 -4.13 -12.41
N LEU G 438 -3.30 -5.02 -11.64
CA LEU G 438 -3.68 -6.43 -11.62
C LEU G 438 -4.27 -6.89 -10.30
N TYR G 439 -4.17 -6.06 -9.25
CA TYR G 439 -4.65 -6.44 -7.92
C TYR G 439 -5.54 -5.34 -7.38
N ASN G 440 -6.72 -5.73 -6.93
CA ASN G 440 -7.65 -4.84 -6.24
C ASN G 440 -7.88 -5.30 -4.80
N VAL G 441 -6.78 -5.68 -4.14
CA VAL G 441 -6.88 -6.26 -2.80
C VAL G 441 -7.47 -5.25 -1.83
N SER G 442 -8.38 -5.73 -1.00
CA SER G 442 -9.03 -4.91 0.02
C SER G 442 -8.97 -5.62 1.37
N LEU G 443 -8.78 -4.83 2.42
CA LEU G 443 -8.68 -5.34 3.77
C LEU G 443 -9.81 -4.78 4.61
N VAL G 444 -10.55 -5.66 5.28
CA VAL G 444 -11.62 -5.29 6.20
C VAL G 444 -11.36 -5.96 7.53
N MET G 445 -11.38 -5.19 8.60
CA MET G 445 -11.16 -5.73 9.94
C MET G 445 -12.36 -6.58 10.33
N ILE H 222 6.28 14.05 -79.47
CA ILE H 222 6.43 12.73 -80.08
C ILE H 222 7.28 11.85 -79.18
N ARG H 223 6.66 11.21 -78.19
CA ARG H 223 7.40 10.29 -77.35
C ARG H 223 6.39 9.31 -76.74
N VAL H 224 6.86 8.11 -76.43
CA VAL H 224 5.99 7.02 -76.02
C VAL H 224 6.25 6.70 -74.55
N PHE H 225 5.21 6.83 -73.74
CA PHE H 225 5.24 6.29 -72.38
C PHE H 225 4.91 4.81 -72.42
N ALA H 226 5.63 4.02 -71.63
CA ALA H 226 5.39 2.58 -71.54
C ALA H 226 5.22 2.22 -70.06
N ILE H 227 4.07 1.64 -69.72
CA ILE H 227 3.77 1.30 -68.32
C ILE H 227 3.97 -0.21 -68.16
N PRO H 228 4.88 -0.66 -67.31
CA PRO H 228 4.99 -2.09 -67.03
C PRO H 228 3.80 -2.56 -66.22
N PRO H 229 3.47 -3.85 -66.28
CA PRO H 229 2.35 -4.37 -65.48
C PRO H 229 2.66 -4.28 -64.00
N SER H 230 1.84 -3.52 -63.28
CA SER H 230 2.06 -3.32 -61.85
C SER H 230 1.63 -4.56 -61.07
N PHE H 231 2.46 -4.96 -60.10
CA PHE H 231 2.17 -6.15 -59.31
C PHE H 231 0.88 -5.98 -58.51
N ALA H 232 0.61 -4.77 -58.03
CA ALA H 232 -0.62 -4.53 -57.28
C ALA H 232 -1.85 -4.85 -58.11
N SER H 233 -1.93 -4.27 -59.31
CA SER H 233 -3.05 -4.57 -60.19
C SER H 233 -3.02 -6.02 -60.68
N ILE H 234 -1.83 -6.59 -60.84
CA ILE H 234 -1.70 -7.98 -61.25
C ILE H 234 -2.39 -8.89 -60.23
N PHE H 235 -2.13 -8.65 -58.94
CA PHE H 235 -2.80 -9.43 -57.91
C PHE H 235 -4.27 -9.07 -57.81
N LEU H 236 -4.60 -7.79 -57.98
CA LEU H 236 -5.97 -7.35 -57.78
C LEU H 236 -6.92 -7.96 -58.81
N THR H 237 -6.50 -8.03 -60.07
CA THR H 237 -7.39 -8.47 -61.14
C THR H 237 -6.99 -9.79 -61.80
N LYS H 238 -5.73 -10.23 -61.62
CA LYS H 238 -5.21 -11.42 -62.31
C LYS H 238 -5.37 -11.27 -63.82
N SER H 239 -5.26 -10.04 -64.32
CA SER H 239 -5.49 -9.70 -65.72
C SER H 239 -4.37 -8.81 -66.23
N THR H 240 -3.13 -9.25 -66.03
CA THR H 240 -1.96 -8.43 -66.34
C THR H 240 -1.99 -7.96 -67.79
N LYS H 241 -1.65 -6.68 -67.98
CA LYS H 241 -1.68 -6.04 -69.28
C LYS H 241 -0.34 -5.35 -69.55
N LEU H 242 -0.02 -5.21 -70.83
CA LEU H 242 1.14 -4.43 -71.27
C LEU H 242 0.65 -3.29 -72.15
N THR H 243 1.05 -2.07 -71.82
CA THR H 243 0.49 -0.88 -72.44
C THR H 243 1.56 0.18 -72.66
N CYS H 244 1.48 0.85 -73.80
CA CYS H 244 2.27 2.04 -74.08
C CYS H 244 1.41 3.03 -74.85
N LEU H 245 1.48 4.30 -74.46
CA LEU H 245 0.72 5.36 -75.10
C LEU H 245 1.65 6.37 -75.73
N VAL H 246 1.35 6.73 -76.97
CA VAL H 246 2.09 7.76 -77.69
C VAL H 246 1.51 9.12 -77.34
N THR H 247 2.37 10.04 -76.88
CA THR H 247 1.97 11.37 -76.44
C THR H 247 2.85 12.41 -77.12
N ASP H 248 2.42 13.66 -77.01
CA ASP H 248 3.12 14.82 -77.57
C ASP H 248 3.23 14.73 -79.09
N LEU H 249 2.26 14.07 -79.72
CA LEU H 249 2.21 13.98 -81.17
C LEU H 249 1.45 15.16 -81.76
N THR H 250 1.40 15.23 -83.08
CA THR H 250 0.51 16.16 -83.74
C THR H 250 -0.93 15.73 -83.54
N THR H 251 -1.84 16.70 -83.49
CA THR H 251 -3.26 16.44 -83.25
C THR H 251 -3.86 15.81 -84.50
N TYR H 252 -3.49 14.55 -84.73
CA TYR H 252 -3.93 13.79 -85.91
C TYR H 252 -4.61 12.53 -85.43
N ASP H 253 -5.86 12.33 -85.85
CA ASP H 253 -6.63 11.17 -85.43
C ASP H 253 -6.20 9.93 -86.21
N SER H 254 -6.69 8.77 -85.76
CA SER H 254 -6.41 7.48 -86.38
C SER H 254 -4.91 7.19 -86.42
N VAL H 255 -4.33 7.07 -85.23
CA VAL H 255 -2.91 6.76 -85.06
C VAL H 255 -2.79 5.27 -84.79
N THR H 256 -2.07 4.57 -85.66
CA THR H 256 -1.90 3.13 -85.52
C THR H 256 -0.92 2.82 -84.39
N ILE H 257 -1.08 1.63 -83.81
CA ILE H 257 -0.24 1.19 -82.71
C ILE H 257 -0.40 -0.32 -82.56
N SER H 258 0.64 -0.99 -82.10
CA SER H 258 0.62 -2.43 -81.90
C SER H 258 1.66 -2.79 -80.83
N TRP H 259 1.85 -4.08 -80.62
CA TRP H 259 2.84 -4.57 -79.67
C TRP H 259 3.61 -5.72 -80.30
N THR H 260 4.82 -5.94 -79.81
CA THR H 260 5.67 -7.03 -80.26
C THR H 260 6.38 -7.64 -79.07
N ARG H 261 6.76 -8.91 -79.22
CA ARG H 261 7.53 -9.60 -78.20
C ARG H 261 9.01 -9.23 -78.33
N GLN H 262 9.87 -9.93 -77.58
CA GLN H 262 11.30 -9.77 -77.79
C GLN H 262 11.70 -10.19 -79.19
N ASN H 263 11.14 -11.30 -79.67
CA ASN H 263 11.30 -11.75 -81.05
C ASN H 263 10.18 -11.26 -81.95
N GLY H 264 9.25 -10.46 -81.43
CA GLY H 264 8.17 -9.90 -82.23
C GLY H 264 7.11 -10.91 -82.64
N GLU H 265 6.37 -11.42 -81.67
CA GLU H 265 5.28 -12.35 -81.93
C GLU H 265 3.95 -11.60 -82.01
N ALA H 266 2.90 -12.34 -82.37
CA ALA H 266 1.58 -11.73 -82.52
C ALA H 266 1.01 -11.32 -81.17
N VAL H 267 0.33 -10.17 -81.16
CA VAL H 267 -0.31 -9.63 -79.97
C VAL H 267 -1.77 -9.31 -80.32
N LYS H 268 -2.48 -8.78 -79.32
CA LYS H 268 -3.85 -8.32 -79.50
C LYS H 268 -3.85 -6.80 -79.59
N THR H 269 -4.43 -6.27 -80.66
CA THR H 269 -4.50 -4.83 -80.84
C THR H 269 -5.44 -4.21 -79.82
N HIS H 270 -5.13 -2.99 -79.40
CA HIS H 270 -5.94 -2.30 -78.41
C HIS H 270 -7.28 -1.90 -79.02
N THR H 271 -8.24 -1.64 -78.14
CA THR H 271 -9.58 -1.23 -78.53
C THR H 271 -9.92 0.09 -77.86
N ASN H 272 -10.94 0.76 -78.39
CA ASN H 272 -11.40 2.06 -77.90
C ASN H 272 -10.26 3.08 -77.94
N ILE H 273 -9.82 3.38 -79.17
CA ILE H 273 -8.72 4.32 -79.36
C ILE H 273 -9.10 5.69 -78.85
N SER H 274 -8.11 6.44 -78.36
CA SER H 274 -8.34 7.77 -77.84
C SER H 274 -8.71 8.74 -78.97
N GLU H 275 -9.60 9.68 -78.65
CA GLU H 275 -10.04 10.67 -79.61
C GLU H 275 -9.07 11.85 -79.63
N SER H 276 -9.44 12.90 -80.37
CA SER H 276 -8.62 14.10 -80.45
C SER H 276 -8.65 14.85 -79.13
N HIS H 277 -7.58 14.72 -78.35
CA HIS H 277 -7.54 15.32 -77.03
C HIS H 277 -7.47 16.85 -77.13
N PRO H 278 -8.14 17.56 -76.23
CA PRO H 278 -8.11 19.03 -76.25
C PRO H 278 -6.82 19.64 -75.71
N ASN H 279 -5.78 18.84 -75.46
CA ASN H 279 -4.52 19.33 -74.93
C ASN H 279 -3.53 19.69 -76.03
N ALA H 280 -4.02 20.06 -77.22
CA ALA H 280 -3.20 20.50 -78.34
C ALA H 280 -2.27 19.39 -78.85
N THR H 281 -2.59 18.14 -78.56
CA THR H 281 -1.80 17.01 -79.06
C THR H 281 -2.68 15.76 -79.06
N PHE H 282 -2.24 14.77 -79.83
CA PHE H 282 -2.92 13.49 -79.92
C PHE H 282 -2.09 12.44 -79.21
N SER H 283 -2.66 11.83 -78.17
CA SER H 283 -1.98 10.82 -77.37
C SER H 283 -2.79 9.54 -77.45
N ALA H 284 -2.42 8.66 -78.37
CA ALA H 284 -3.11 7.40 -78.56
C ALA H 284 -2.55 6.35 -77.60
N VAL H 285 -3.26 5.23 -77.49
CA VAL H 285 -2.86 4.17 -76.57
C VAL H 285 -2.79 2.85 -77.33
N GLY H 286 -1.89 1.98 -76.90
CA GLY H 286 -1.84 0.61 -77.37
C GLY H 286 -1.63 -0.33 -76.22
N GLU H 287 -2.60 -1.22 -75.99
CA GLU H 287 -2.58 -2.12 -74.86
C GLU H 287 -2.92 -3.52 -75.32
N ALA H 288 -2.42 -4.50 -74.57
CA ALA H 288 -2.71 -5.90 -74.85
C ALA H 288 -2.71 -6.68 -73.54
N SER H 289 -3.36 -7.84 -73.56
CA SER H 289 -3.46 -8.70 -72.40
C SER H 289 -2.58 -9.92 -72.62
N ILE H 290 -1.61 -10.13 -71.73
CA ILE H 290 -0.75 -11.30 -71.78
C ILE H 290 -0.96 -12.11 -70.52
N CYS H 291 -0.30 -13.26 -70.42
CA CYS H 291 -0.46 -14.13 -69.28
C CYS H 291 0.66 -13.85 -68.28
N GLU H 292 0.40 -14.16 -67.01
CA GLU H 292 1.32 -13.77 -65.94
C GLU H 292 2.68 -14.43 -66.09
N ASP H 293 2.70 -15.72 -66.47
CA ASP H 293 3.96 -16.42 -66.62
C ASP H 293 4.80 -15.81 -67.73
N ASP H 294 4.14 -15.26 -68.76
CA ASP H 294 4.89 -14.60 -69.84
C ASP H 294 5.65 -13.39 -69.31
N TRP H 295 5.02 -12.60 -68.44
CA TRP H 295 5.70 -11.43 -67.88
C TRP H 295 6.79 -11.85 -66.89
N ASN H 296 6.50 -12.81 -66.02
CA ASN H 296 7.48 -13.16 -65.00
C ASN H 296 8.59 -14.05 -65.52
N SER H 297 8.46 -14.59 -66.74
CA SER H 297 9.52 -15.42 -67.31
C SER H 297 10.73 -14.62 -67.73
N GLY H 298 10.64 -13.29 -67.78
CA GLY H 298 11.76 -12.47 -68.17
C GLY H 298 11.74 -11.98 -69.61
N GLU H 299 10.71 -12.32 -70.37
CA GLU H 299 10.59 -11.82 -71.73
C GLU H 299 10.34 -10.32 -71.74
N ARG H 300 10.98 -9.64 -72.69
CA ARG H 300 10.83 -8.20 -72.85
C ARG H 300 9.91 -7.92 -74.03
N PHE H 301 9.10 -6.87 -73.91
CA PHE H 301 8.09 -6.54 -74.90
C PHE H 301 8.30 -5.13 -75.42
N THR H 302 8.21 -4.98 -76.74
CA THR H 302 8.37 -3.69 -77.40
C THR H 302 7.14 -3.42 -78.27
N CYS H 303 6.61 -2.20 -78.17
CA CYS H 303 5.44 -1.81 -78.95
C CYS H 303 5.91 -0.94 -80.11
N THR H 304 6.05 -1.55 -81.29
CA THR H 304 6.47 -0.82 -82.48
C THR H 304 5.31 0.03 -82.98
N VAL H 305 5.52 1.35 -83.06
CA VAL H 305 4.51 2.30 -83.49
C VAL H 305 5.01 2.95 -84.77
N THR H 306 4.33 2.67 -85.88
CA THR H 306 4.68 3.26 -87.18
C THR H 306 3.76 4.45 -87.42
N HIS H 307 4.12 5.58 -86.82
CA HIS H 307 3.30 6.78 -86.93
C HIS H 307 3.29 7.31 -88.35
N THR H 308 2.18 7.95 -88.73
CA THR H 308 2.09 8.52 -90.07
C THR H 308 3.01 9.72 -90.23
N ASP H 309 3.03 10.62 -89.25
CA ASP H 309 3.92 11.78 -89.33
C ASP H 309 5.38 11.37 -89.30
N LEU H 310 5.73 10.41 -88.45
CA LEU H 310 7.09 9.86 -88.38
C LEU H 310 7.06 8.38 -88.74
N PRO H 311 7.38 8.03 -89.99
CA PRO H 311 7.32 6.61 -90.38
C PRO H 311 8.28 5.71 -89.62
N SER H 312 9.32 6.27 -89.00
CA SER H 312 10.25 5.47 -88.23
C SER H 312 9.54 4.82 -87.05
N PRO H 313 9.66 3.51 -86.86
CA PRO H 313 8.95 2.86 -85.75
C PRO H 313 9.43 3.38 -84.41
N LEU H 314 8.48 3.48 -83.47
CA LEU H 314 8.79 3.86 -82.09
C LEU H 314 8.91 2.61 -81.24
N LYS H 315 10.00 2.50 -80.49
CA LYS H 315 10.31 1.29 -79.73
C LYS H 315 10.35 1.62 -78.25
N GLN H 316 9.66 0.79 -77.46
CA GLN H 316 9.63 0.89 -76.00
C GLN H 316 9.71 -0.52 -75.43
N THR H 317 10.92 -0.95 -75.07
CA THR H 317 11.14 -2.29 -74.53
C THR H 317 11.00 -2.24 -73.01
N ILE H 318 10.10 -3.05 -72.47
CA ILE H 318 9.87 -3.15 -71.04
C ILE H 318 10.35 -4.51 -70.57
N SER H 319 11.09 -4.53 -69.47
CA SER H 319 11.67 -5.76 -68.96
C SER H 319 11.54 -5.76 -67.44
N ARG H 320 12.25 -6.68 -66.80
CA ARG H 320 12.19 -6.88 -65.36
C ARG H 320 13.58 -6.64 -64.78
N PRO H 321 13.67 -6.26 -63.50
CA PRO H 321 14.96 -6.10 -62.82
C PRO H 321 15.83 -7.35 -62.90
N VAL H 324 17.08 -9.00 -57.43
CA VAL H 324 17.05 -7.96 -56.42
C VAL H 324 16.90 -8.57 -55.03
N ALA H 325 16.82 -7.71 -54.01
CA ALA H 325 16.70 -8.17 -52.63
C ALA H 325 15.26 -8.62 -52.35
N LEU H 326 15.12 -9.81 -51.77
CA LEU H 326 13.83 -10.36 -51.39
C LEU H 326 13.82 -10.58 -49.89
N HIS H 327 12.81 -10.01 -49.22
CA HIS H 327 12.69 -10.14 -47.78
C HIS H 327 11.21 -10.17 -47.40
N ARG H 328 10.86 -11.07 -46.49
CA ARG H 328 9.48 -11.18 -46.06
C ARG H 328 9.08 -9.96 -45.23
N PRO H 329 7.94 -9.35 -45.52
CA PRO H 329 7.49 -8.22 -44.73
C PRO H 329 7.03 -8.64 -43.35
N ASP H 330 7.08 -7.70 -42.41
CA ASP H 330 6.58 -7.88 -41.06
C ASP H 330 5.41 -6.93 -40.84
N VAL H 331 4.31 -7.45 -40.30
CA VAL H 331 3.07 -6.71 -40.16
C VAL H 331 2.66 -6.67 -38.70
N TYR H 332 2.28 -5.49 -38.23
CA TYR H 332 1.79 -5.32 -36.87
C TYR H 332 0.56 -4.41 -36.90
N LEU H 333 -0.27 -4.54 -35.87
CA LEU H 333 -1.46 -3.72 -35.73
C LEU H 333 -1.43 -3.00 -34.39
N LEU H 334 -1.74 -1.70 -34.42
CA LEU H 334 -1.69 -0.86 -33.23
C LEU H 334 -3.11 -0.52 -32.79
N PRO H 335 -3.52 -0.89 -31.59
CA PRO H 335 -4.85 -0.51 -31.10
C PRO H 335 -4.95 0.99 -30.92
N PRO H 336 -6.16 1.55 -30.95
CA PRO H 336 -6.29 3.00 -30.83
C PRO H 336 -5.79 3.50 -29.49
N ALA H 337 -5.29 4.73 -29.49
CA ALA H 337 -4.76 5.33 -28.28
C ALA H 337 -5.82 5.40 -27.19
N ARG H 338 -5.48 4.94 -25.99
CA ARG H 338 -6.44 4.92 -24.90
C ARG H 338 -6.88 6.33 -24.53
N GLU H 339 -5.96 7.29 -24.55
CA GLU H 339 -6.33 8.67 -24.26
C GLU H 339 -7.28 9.21 -25.32
N GLN H 340 -7.11 8.78 -26.57
CA GLN H 340 -8.01 9.22 -27.63
C GLN H 340 -9.41 8.69 -27.42
N LEU H 341 -9.56 7.58 -26.69
CA LEU H 341 -10.88 7.05 -26.37
C LEU H 341 -11.42 7.68 -25.09
N ASN H 342 -11.42 9.00 -25.04
CA ASN H 342 -11.96 9.72 -23.90
C ASN H 342 -12.92 10.83 -24.30
N LEU H 343 -12.65 11.52 -25.41
CA LEU H 343 -13.50 12.63 -25.84
C LEU H 343 -14.66 12.17 -26.71
N ARG H 344 -14.78 10.88 -27.00
CA ARG H 344 -15.97 10.30 -27.62
C ARG H 344 -16.26 10.92 -28.99
N GLU H 345 -15.25 10.90 -29.87
CA GLU H 345 -15.46 11.40 -31.23
C GLU H 345 -15.17 10.34 -32.29
N SER H 346 -14.04 9.66 -32.22
CA SER H 346 -13.65 8.65 -33.20
C SER H 346 -12.40 7.95 -32.69
N ALA H 347 -11.84 7.07 -33.52
CA ALA H 347 -10.62 6.35 -33.19
C ALA H 347 -9.92 5.98 -34.49
N THR H 348 -8.63 5.68 -34.36
CA THR H 348 -7.80 5.34 -35.52
C THR H 348 -7.11 4.01 -35.28
N ILE H 349 -6.96 3.25 -36.37
CA ILE H 349 -6.31 1.95 -36.35
C ILE H 349 -5.14 2.00 -37.32
N THR H 350 -3.97 1.54 -36.86
CA THR H 350 -2.75 1.55 -37.65
C THR H 350 -2.37 0.12 -38.00
N CYS H 351 -2.19 -0.14 -39.29
CA CYS H 351 -1.79 -1.46 -39.80
C CYS H 351 -0.42 -1.26 -40.44
N LEU H 352 0.62 -1.37 -39.62
CA LEU H 352 1.97 -1.04 -40.06
C LEU H 352 2.66 -2.24 -40.69
N VAL H 353 3.37 -1.99 -41.79
CA VAL H 353 4.18 -3.01 -42.45
C VAL H 353 5.59 -2.47 -42.61
N THR H 354 6.58 -3.33 -42.42
CA THR H 354 7.97 -2.88 -42.46
C THR H 354 8.89 -4.03 -42.82
N GLY H 355 10.12 -3.68 -43.20
CA GLY H 355 11.16 -4.66 -43.42
C GLY H 355 10.94 -5.59 -44.60
N PHE H 356 10.53 -5.04 -45.75
CA PHE H 356 10.30 -5.83 -46.94
C PHE H 356 11.13 -5.29 -48.10
N SER H 357 11.45 -6.19 -49.03
CA SER H 357 12.20 -5.84 -50.22
C SER H 357 11.76 -6.75 -51.35
N PRO H 358 11.46 -6.22 -52.54
CA PRO H 358 11.47 -4.79 -52.83
C PRO H 358 10.16 -4.10 -52.47
N ALA H 359 9.95 -2.92 -53.06
CA ALA H 359 8.76 -2.11 -52.78
C ALA H 359 7.56 -2.61 -53.56
N ASP H 360 6.54 -1.76 -53.71
CA ASP H 360 5.31 -2.05 -54.45
C ASP H 360 4.58 -3.25 -53.83
N VAL H 361 4.14 -3.04 -52.60
CA VAL H 361 3.27 -3.98 -51.91
C VAL H 361 1.85 -3.43 -51.93
N PHE H 362 0.88 -4.28 -51.59
CA PHE H 362 -0.52 -3.88 -51.59
C PHE H 362 -1.14 -4.22 -50.24
N VAL H 363 -2.14 -3.43 -49.83
CA VAL H 363 -2.76 -3.63 -48.54
C VAL H 363 -4.18 -3.08 -48.60
N GLN H 364 -5.09 -3.72 -47.86
CA GLN H 364 -6.45 -3.21 -47.74
C GLN H 364 -7.06 -3.72 -46.43
N TRP H 365 -8.25 -3.21 -46.15
CA TRP H 365 -8.97 -3.54 -44.92
C TRP H 365 -10.14 -4.45 -45.25
N MET H 366 -10.29 -5.52 -44.46
CA MET H 366 -11.25 -6.57 -44.73
C MET H 366 -12.11 -6.74 -43.49
N GLN H 367 -13.43 -6.69 -43.65
CA GLN H 367 -14.35 -6.66 -42.51
C GLN H 367 -15.35 -7.81 -42.61
N ARG H 368 -15.17 -8.81 -41.74
CA ARG H 368 -16.12 -9.91 -41.52
C ARG H 368 -16.74 -10.42 -42.81
N GLY H 369 -15.91 -10.56 -43.84
CA GLY H 369 -16.34 -11.11 -45.12
C GLY H 369 -16.65 -10.10 -46.19
N GLN H 370 -16.53 -8.80 -45.91
CA GLN H 370 -16.68 -7.78 -46.93
C GLN H 370 -15.56 -6.76 -46.80
N PRO H 371 -14.91 -6.38 -47.89
CA PRO H 371 -13.85 -5.36 -47.80
C PRO H 371 -14.42 -3.97 -47.61
N LEU H 372 -13.56 -3.07 -47.17
CA LEU H 372 -13.95 -1.69 -46.91
C LEU H 372 -13.86 -0.85 -48.17
N SER H 373 -14.57 0.27 -48.16
CA SER H 373 -14.45 1.22 -49.26
C SER H 373 -13.06 1.85 -49.22
N PRO H 374 -12.40 2.02 -50.37
CA PRO H 374 -11.05 2.62 -50.36
C PRO H 374 -11.00 4.01 -49.78
N GLU H 375 -12.10 4.78 -49.86
CA GLU H 375 -12.12 6.13 -49.33
C GLU H 375 -12.07 6.18 -47.81
N LYS H 376 -12.36 5.07 -47.13
CA LYS H 376 -12.44 5.05 -45.67
C LYS H 376 -11.08 4.89 -45.00
N TYR H 377 -10.03 4.61 -45.76
CA TYR H 377 -8.71 4.41 -45.16
C TYR H 377 -7.66 5.06 -46.05
N VAL H 378 -6.49 5.31 -45.47
CA VAL H 378 -5.40 6.00 -46.15
C VAL H 378 -4.14 5.15 -46.06
N THR H 379 -3.40 5.08 -47.15
CA THR H 379 -2.13 4.37 -47.22
C THR H 379 -1.01 5.37 -47.52
N SER H 380 0.20 4.84 -47.72
CA SER H 380 1.38 5.66 -47.97
C SER H 380 2.25 4.96 -48.99
N ALA H 381 3.48 5.46 -49.14
CA ALA H 381 4.44 4.94 -50.09
C ALA H 381 5.62 4.30 -49.36
N PRO H 382 6.26 3.29 -49.96
CA PRO H 382 7.39 2.62 -49.29
C PRO H 382 8.60 3.53 -49.20
N MET H 383 9.00 3.85 -47.96
CA MET H 383 10.17 4.67 -47.70
C MET H 383 11.33 3.81 -47.20
N PRO H 384 12.56 4.17 -47.52
CA PRO H 384 13.70 3.37 -47.05
C PRO H 384 13.92 3.50 -45.56
N GLU H 385 14.45 2.43 -44.96
CA GLU H 385 14.77 2.44 -43.54
C GLU H 385 16.08 3.19 -43.30
N PRO H 386 16.24 3.81 -42.13
CA PRO H 386 17.49 4.49 -41.82
C PRO H 386 18.65 3.53 -41.65
N GLN H 387 18.46 2.49 -40.81
CA GLN H 387 19.52 1.54 -40.56
C GLN H 387 19.61 0.51 -41.68
N ALA H 388 18.53 -0.19 -41.94
CA ALA H 388 18.51 -1.18 -43.01
C ALA H 388 18.53 -0.47 -44.37
N PRO H 389 19.51 -0.75 -45.22
CA PRO H 389 19.59 -0.02 -46.50
C PRO H 389 18.63 -0.55 -47.56
N GLY H 390 18.38 -1.86 -47.55
CA GLY H 390 17.60 -2.47 -48.60
C GLY H 390 16.23 -2.96 -48.18
N ARG H 391 15.53 -2.16 -47.37
CA ARG H 391 14.18 -2.49 -46.93
C ARG H 391 13.28 -1.28 -47.14
N TYR H 392 11.98 -1.48 -46.87
CA TYR H 392 11.00 -0.42 -46.99
C TYR H 392 9.92 -0.64 -45.93
N PHE H 393 9.13 0.39 -45.71
CA PHE H 393 8.03 0.32 -44.76
C PHE H 393 6.89 1.21 -45.23
N ALA H 394 5.69 0.92 -44.73
CA ALA H 394 4.50 1.66 -45.11
C ALA H 394 3.47 1.55 -43.99
N HIS H 395 2.61 2.56 -43.95
CA HIS H 395 1.56 2.68 -42.94
C HIS H 395 0.19 2.40 -43.56
N SER H 396 -0.82 2.35 -42.70
CA SER H 396 -2.20 2.22 -43.14
C SER H 396 -3.09 2.68 -42.00
N ILE H 397 -3.85 3.76 -42.23
CA ILE H 397 -4.65 4.39 -41.19
C ILE H 397 -6.12 4.22 -41.54
N LEU H 398 -6.88 3.65 -40.61
CA LEU H 398 -8.32 3.48 -40.77
C LEU H 398 -9.04 4.25 -39.66
N THR H 399 -9.99 5.09 -40.04
CA THR H 399 -10.77 5.85 -39.08
C THR H 399 -12.10 5.14 -38.82
N VAL H 400 -12.37 4.88 -37.55
CA VAL H 400 -13.56 4.13 -37.14
C VAL H 400 -14.23 4.87 -35.99
N SER H 401 -15.55 4.98 -36.04
CA SER H 401 -16.30 5.62 -34.97
C SER H 401 -16.07 4.87 -33.66
N GLU H 402 -15.73 5.63 -32.61
CA GLU H 402 -15.31 5.02 -31.35
C GLU H 402 -16.47 4.36 -30.61
N GLU H 403 -17.68 4.92 -30.75
CA GLU H 403 -18.80 4.49 -29.91
C GLU H 403 -19.15 3.03 -30.15
N GLU H 404 -19.12 2.59 -31.42
CA GLU H 404 -19.45 1.21 -31.71
C GLU H 404 -18.26 0.27 -31.57
N TRP H 405 -17.05 0.81 -31.42
CA TRP H 405 -15.85 -0.02 -31.31
C TRP H 405 -15.85 -0.86 -30.05
N ASN H 406 -16.72 -0.55 -29.08
CA ASN H 406 -16.79 -1.27 -27.83
C ASN H 406 -17.62 -2.55 -27.93
N THR H 407 -17.84 -3.07 -29.13
CA THR H 407 -18.74 -4.20 -29.34
C THR H 407 -18.05 -5.43 -29.92
N GLY H 408 -17.24 -5.27 -30.96
CA GLY H 408 -16.76 -6.40 -31.72
C GLY H 408 -16.05 -5.98 -32.99
N GLU H 409 -16.50 -6.51 -34.14
CA GLU H 409 -16.07 -6.08 -35.48
C GLU H 409 -14.54 -6.04 -35.59
N THR H 410 -13.97 -7.25 -35.54
CA THR H 410 -12.55 -7.50 -35.45
C THR H 410 -11.67 -6.63 -36.34
N TYR H 411 -12.20 -6.18 -37.49
CA TYR H 411 -11.50 -5.25 -38.38
C TYR H 411 -10.17 -5.81 -38.85
N THR H 412 -10.27 -6.89 -39.63
CA THR H 412 -9.08 -7.50 -40.20
C THR H 412 -8.42 -6.57 -41.21
N CYS H 413 -7.09 -6.68 -41.31
CA CYS H 413 -6.29 -5.89 -42.25
C CYS H 413 -5.42 -6.85 -43.05
N VAL H 414 -5.68 -6.98 -44.35
CA VAL H 414 -4.99 -7.96 -45.18
C VAL H 414 -3.94 -7.25 -46.02
N VAL H 415 -2.81 -7.93 -46.21
CA VAL H 415 -1.69 -7.38 -46.97
C VAL H 415 -1.15 -8.44 -47.93
N ALA H 416 -0.77 -7.98 -49.12
CA ALA H 416 -0.29 -8.85 -50.17
C ALA H 416 1.05 -8.33 -50.68
N HIS H 417 2.03 -9.22 -50.75
CA HIS H 417 3.36 -8.91 -51.27
C HIS H 417 3.95 -10.18 -51.86
N GLU H 418 4.67 -10.03 -52.97
CA GLU H 418 5.15 -11.20 -53.71
C GLU H 418 6.20 -12.00 -52.93
N ALA H 419 6.92 -11.38 -52.00
CA ALA H 419 7.93 -12.10 -51.24
C ALA H 419 7.32 -13.09 -50.25
N LEU H 420 6.04 -12.97 -49.95
CA LEU H 420 5.41 -13.87 -49.01
C LEU H 420 5.31 -15.28 -49.60
N PRO H 421 5.38 -16.31 -48.75
CA PRO H 421 5.24 -17.69 -49.28
C PRO H 421 3.93 -17.94 -49.99
N ASN H 422 2.84 -17.33 -49.53
CA ASN H 422 1.54 -17.48 -50.17
C ASN H 422 0.99 -16.14 -50.66
N ARG H 423 1.81 -15.10 -50.65
CA ARG H 423 1.50 -13.77 -51.18
C ARG H 423 0.43 -13.02 -50.40
N VAL H 424 -0.16 -13.62 -49.37
CA VAL H 424 -1.21 -12.98 -48.58
C VAL H 424 -0.99 -13.28 -47.12
N THR H 425 -1.03 -12.24 -46.28
CA THR H 425 -1.05 -12.42 -44.83
C THR H 425 -2.08 -11.47 -44.22
N GLU H 426 -2.42 -11.74 -42.97
CA GLU H 426 -3.48 -11.00 -42.30
C GLU H 426 -3.34 -11.17 -40.79
N ARG H 427 -3.38 -10.04 -40.07
CA ARG H 427 -3.39 -10.03 -38.60
C ARG H 427 -4.54 -9.17 -38.13
N THR H 428 -5.17 -9.58 -37.02
CA THR H 428 -6.39 -8.95 -36.55
C THR H 428 -6.30 -8.63 -35.06
N VAL H 429 -6.96 -7.55 -34.66
CA VAL H 429 -7.03 -7.14 -33.26
C VAL H 429 -8.40 -6.54 -33.00
N ASP H 430 -8.97 -6.84 -31.84
CA ASP H 430 -10.26 -6.33 -31.43
C ASP H 430 -10.13 -5.59 -30.09
N LYS H 431 -11.26 -5.13 -29.56
CA LYS H 431 -11.25 -4.40 -28.29
C LYS H 431 -10.80 -5.29 -27.14
N SER H 432 -10.98 -6.61 -27.27
CA SER H 432 -10.59 -7.56 -26.23
C SER H 432 -9.40 -8.35 -26.77
N THR H 433 -8.21 -7.78 -26.58
CA THR H 433 -6.97 -8.45 -26.99
C THR H 433 -5.97 -8.40 -25.84
N GLY H 434 -6.10 -7.39 -24.98
CA GLY H 434 -5.27 -7.28 -23.80
C GLY H 434 -5.94 -7.88 -22.59
N LYS H 435 -6.22 -7.06 -21.57
CA LYS H 435 -6.86 -7.49 -20.33
C LYS H 435 -6.11 -8.69 -19.76
N PRO H 436 -4.91 -8.48 -19.23
CA PRO H 436 -4.04 -9.62 -18.84
C PRO H 436 -4.42 -10.23 -17.49
N THR H 437 -5.65 -10.75 -17.43
CA THR H 437 -6.15 -11.53 -16.30
C THR H 437 -6.02 -10.75 -14.98
N LEU H 438 -6.72 -9.63 -14.89
CA LEU H 438 -6.80 -8.91 -13.62
C LEU H 438 -7.74 -9.63 -12.67
N TYR H 439 -7.61 -9.32 -11.38
CA TYR H 439 -8.39 -10.00 -10.36
C TYR H 439 -8.33 -9.20 -9.06
N ASN H 440 -9.28 -9.49 -8.18
CA ASN H 440 -9.37 -8.87 -6.87
C ASN H 440 -9.51 -9.94 -5.79
N VAL H 441 -8.99 -9.64 -4.61
CA VAL H 441 -9.06 -10.54 -3.47
C VAL H 441 -9.40 -9.73 -2.23
N SER H 442 -10.26 -10.27 -1.38
CA SER H 442 -10.69 -9.59 -0.16
C SER H 442 -10.34 -10.45 1.04
N LEU H 443 -9.76 -9.82 2.06
CA LEU H 443 -9.37 -10.49 3.28
C LEU H 443 -10.12 -9.87 4.47
N VAL H 444 -10.79 -10.72 5.25
CA VAL H 444 -11.48 -10.31 6.46
C VAL H 444 -11.01 -11.20 7.59
N MET H 445 -10.67 -10.59 8.72
CA MET H 445 -10.13 -11.32 9.85
C MET H 445 -10.50 -10.63 11.15
N SER H 446 -10.56 -11.40 12.23
CA SER H 446 -10.81 -10.90 13.58
C SER H 446 -12.10 -10.09 13.66
N ASP H 447 -13.14 -10.54 12.96
CA ASP H 447 -14.41 -9.84 12.97
C ASP H 447 -15.55 -10.84 12.78
N THR H 448 -16.73 -10.47 13.25
CA THR H 448 -17.93 -11.28 13.10
C THR H 448 -18.74 -10.77 11.91
N ALA H 449 -18.71 -11.53 10.82
CA ALA H 449 -19.46 -11.16 9.62
C ALA H 449 -20.96 -11.19 9.84
N GLY H 450 -21.48 -12.16 10.58
CA GLY H 450 -22.90 -12.25 10.84
C GLY H 450 -23.72 -12.87 9.74
N THR H 451 -23.10 -13.29 8.64
CA THR H 451 -23.82 -13.89 7.53
C THR H 451 -22.87 -14.74 6.71
N CYS H 452 -23.44 -15.66 5.94
CA CYS H 452 -22.69 -16.54 5.07
C CYS H 452 -23.43 -16.70 3.74
N TYR H 453 -22.66 -16.81 2.67
CA TYR H 453 -23.23 -16.98 1.34
C TYR H 453 -23.28 -18.46 0.95
N THR I 970 97.53 -9.48 -6.44
CA THR I 970 97.27 -8.19 -5.81
C THR I 970 96.15 -8.30 -4.79
N ASN I 971 94.91 -8.15 -5.27
CA ASN I 971 93.75 -8.23 -4.38
C ASN I 971 93.35 -9.66 -4.06
N GLU I 972 93.96 -10.66 -4.70
CA GLU I 972 93.60 -12.04 -4.41
C GLU I 972 93.92 -12.41 -2.97
N GLU I 973 95.13 -12.06 -2.50
CA GLU I 973 95.52 -12.35 -1.13
C GLU I 973 94.72 -11.53 -0.14
N THR I 974 94.49 -10.24 -0.45
CA THR I 974 93.74 -9.36 0.44
C THR I 974 92.25 -9.62 0.40
N CYS I 975 91.78 -10.48 -0.50
CA CYS I 975 90.35 -10.78 -0.63
C CYS I 975 90.01 -12.20 -0.22
N ASP I 976 90.96 -13.14 -0.29
CA ASP I 976 90.72 -14.50 0.16
C ASP I 976 90.51 -14.54 1.67
N ASP I 977 91.27 -13.74 2.42
CA ASP I 977 91.13 -13.71 3.88
C ASP I 977 89.78 -13.17 4.31
N ARG I 978 89.03 -12.53 3.41
CA ARG I 978 87.70 -12.04 3.73
C ARG I 978 86.69 -13.16 3.93
N LYS I 979 87.06 -14.41 3.58
CA LYS I 979 86.26 -15.61 3.77
C LYS I 979 84.79 -15.40 3.40
N GLU I 980 84.54 -14.68 2.32
CA GLU I 980 83.19 -14.36 1.88
C GLU I 980 82.73 -15.19 0.68
N TYR I 981 83.64 -15.52 -0.24
CA TYR I 981 83.28 -16.24 -1.45
C TYR I 981 83.47 -17.75 -1.30
N MET I 982 84.70 -18.19 -1.04
CA MET I 982 85.03 -19.60 -0.81
C MET I 982 84.51 -20.49 -1.94
N ASN I 983 85.02 -20.23 -3.14
CA ASN I 983 84.70 -21.05 -4.31
C ASN I 983 85.48 -22.35 -4.21
N GLN I 984 84.88 -23.33 -3.52
CA GLN I 984 85.58 -24.58 -3.26
C GLN I 984 85.87 -25.35 -4.55
N TRP I 985 84.89 -25.42 -5.45
CA TRP I 985 85.03 -26.25 -6.65
C TRP I 985 86.08 -25.68 -7.59
N SER I 986 86.86 -26.59 -8.19
CA SER I 986 87.88 -26.23 -9.17
C SER I 986 87.94 -27.33 -10.21
N CYS I 987 87.78 -26.97 -11.48
CA CYS I 987 87.76 -27.93 -12.57
C CYS I 987 89.13 -28.09 -13.23
N GLY I 988 90.15 -27.42 -12.72
CA GLY I 988 91.50 -27.53 -13.28
C GLY I 988 91.62 -26.98 -14.68
N ASP I 1000 92.80 -33.50 -18.06
CA ASP I 1000 92.75 -33.15 -19.47
C ASP I 1000 91.93 -34.16 -20.26
N ASN I 1001 91.95 -35.42 -19.80
CA ASN I 1001 91.16 -36.45 -20.46
C ASN I 1001 89.66 -36.15 -20.38
N TYR I 1002 89.20 -35.69 -19.21
CA TYR I 1002 87.81 -35.32 -19.03
C TYR I 1002 87.65 -33.97 -18.35
N GLU I 1003 88.74 -33.28 -18.01
CA GLU I 1003 88.70 -32.03 -17.24
C GLU I 1003 88.01 -32.26 -15.90
N LEU I 1004 88.65 -33.09 -15.07
CA LEU I 1004 88.10 -33.45 -13.77
C LEU I 1004 87.93 -32.21 -12.89
N CYS I 1005 86.80 -32.15 -12.21
CA CYS I 1005 86.49 -31.05 -11.29
C CYS I 1005 86.60 -31.55 -9.86
N LYS I 1006 87.34 -30.81 -9.04
CA LYS I 1006 87.63 -31.21 -7.67
C LYS I 1006 86.89 -30.28 -6.71
N TYR I 1007 86.04 -30.88 -5.86
CA TYR I 1007 85.24 -30.08 -4.94
C TYR I 1007 86.11 -29.44 -3.86
N ASN I 1008 86.97 -30.24 -3.23
CA ASN I 1008 87.88 -29.75 -2.19
C ASN I 1008 89.12 -30.63 -2.22
N GLY I 1009 89.91 -30.59 -1.14
CA GLY I 1009 91.12 -31.37 -1.09
C GLY I 1009 90.87 -32.86 -0.94
N VAL I 1010 90.11 -33.42 -1.87
CA VAL I 1010 89.79 -34.85 -1.90
C VAL I 1010 90.12 -35.37 -3.29
N ASP I 1011 90.93 -36.43 -3.34
CA ASP I 1011 91.29 -37.02 -4.62
C ASP I 1011 90.08 -37.71 -5.26
N VAL I 1012 90.11 -37.81 -6.58
CA VAL I 1012 89.03 -38.41 -7.35
C VAL I 1012 89.48 -39.80 -7.80
N LYS I 1013 88.79 -40.83 -7.32
CA LYS I 1013 89.06 -42.21 -7.72
C LYS I 1013 87.84 -42.77 -8.45
N PRO I 1014 87.96 -43.06 -9.74
CA PRO I 1014 86.81 -43.56 -10.51
C PRO I 1014 86.65 -45.07 -10.33
N THR I 1015 85.54 -45.46 -9.70
CA THR I 1015 85.24 -46.87 -9.47
C THR I 1015 84.46 -47.42 -10.66
N THR I 1016 85.19 -47.94 -11.65
CA THR I 1016 84.56 -48.48 -12.83
C THR I 1016 83.89 -49.82 -12.51
N VAL I 1017 82.67 -50.00 -13.00
CA VAL I 1017 81.95 -51.25 -12.82
C VAL I 1017 81.76 -51.92 -14.18
N ARG I 1018 81.67 -51.11 -15.23
CA ARG I 1018 81.56 -51.64 -16.59
C ARG I 1018 82.90 -52.19 -17.06
N SER I 1022 79.37 -47.00 -27.91
CA SER I 1022 79.88 -45.68 -27.56
C SER I 1022 78.84 -44.89 -26.76
N LYS I 1023 78.06 -45.60 -25.96
CA LYS I 1023 77.05 -44.99 -25.11
C LYS I 1023 77.61 -44.78 -23.71
N LEU I 1024 76.73 -44.44 -22.77
CA LEU I 1024 77.12 -44.26 -21.38
C LEU I 1024 77.68 -45.57 -20.82
N ASP I 1025 78.84 -45.50 -20.17
CA ASP I 1025 79.49 -46.69 -19.65
C ASP I 1025 80.61 -46.29 -18.70
N GLY I 1026 80.92 -47.18 -17.76
CA GLY I 1026 82.07 -47.10 -16.89
C GLY I 1026 82.09 -45.88 -16.00
N ASN I 1027 83.29 -45.36 -15.77
CA ASN I 1027 83.50 -44.19 -14.92
C ASN I 1027 82.99 -42.90 -15.53
N ASP I 1028 82.75 -42.89 -16.85
CA ASP I 1028 82.33 -41.67 -17.53
C ASP I 1028 81.09 -41.07 -16.87
N VAL I 1029 80.05 -41.88 -16.68
CA VAL I 1029 78.85 -41.39 -16.02
C VAL I 1029 79.15 -40.85 -14.63
N THR I 1030 80.07 -41.51 -13.92
CA THR I 1030 80.45 -41.04 -12.60
C THR I 1030 80.96 -39.61 -12.66
N PHE I 1031 81.79 -39.31 -13.67
CA PHE I 1031 82.22 -37.94 -13.88
C PHE I 1031 81.02 -37.00 -13.98
N PHE I 1032 80.07 -37.36 -14.84
CA PHE I 1032 78.86 -36.55 -14.97
C PHE I 1032 78.18 -36.40 -13.61
N ASN I 1033 78.11 -37.50 -12.85
CA ASN I 1033 77.52 -37.44 -11.51
C ASN I 1033 78.19 -36.37 -10.67
N LEU I 1034 79.52 -36.31 -10.70
CA LEU I 1034 80.24 -35.28 -9.96
C LEU I 1034 79.76 -33.90 -10.37
N PHE I 1035 79.68 -33.66 -11.68
CA PHE I 1035 79.23 -32.36 -12.18
C PHE I 1035 77.88 -32.00 -11.58
N GLU I 1036 77.03 -32.99 -11.37
CA GLU I 1036 75.71 -32.73 -10.79
C GLU I 1036 75.83 -31.92 -9.50
N GLN I 1037 76.66 -32.41 -8.56
CA GLN I 1037 76.81 -31.68 -7.31
C GLN I 1037 77.31 -30.26 -7.56
N TRP I 1038 78.29 -30.12 -8.46
CA TRP I 1038 78.76 -28.79 -8.83
C TRP I 1038 77.60 -27.91 -9.24
N ASN I 1039 76.75 -28.41 -10.16
CA ASN I 1039 75.59 -27.65 -10.58
C ASN I 1039 74.81 -27.16 -9.39
N LYS I 1040 74.52 -28.05 -8.44
CA LYS I 1040 73.74 -27.67 -7.27
C LYS I 1040 74.38 -26.49 -6.57
N GLU I 1041 75.67 -26.61 -6.23
CA GLU I 1041 76.27 -25.54 -5.44
C GLU I 1041 76.33 -24.26 -6.25
N ILE I 1042 76.39 -24.36 -7.58
CA ILE I 1042 76.36 -23.17 -8.41
C ILE I 1042 75.11 -22.37 -8.12
N GLN I 1043 73.94 -23.05 -8.13
CA GLN I 1043 72.72 -22.36 -7.74
C GLN I 1043 72.83 -21.88 -6.30
N TYR I 1044 73.33 -22.74 -5.41
CA TYR I 1044 73.54 -22.33 -4.03
C TYR I 1044 74.47 -21.12 -3.97
N GLN I 1045 75.45 -21.07 -4.87
CA GLN I 1045 76.35 -19.92 -4.94
C GLN I 1045 75.56 -18.63 -5.04
N ILE I 1046 74.61 -18.58 -5.99
CA ILE I 1046 73.83 -17.36 -6.20
C ILE I 1046 73.21 -16.91 -4.89
N GLU I 1047 72.78 -17.87 -4.07
CA GLU I 1047 72.19 -17.54 -2.77
C GLU I 1047 73.07 -16.55 -2.00
N GLN I 1048 74.31 -16.95 -1.68
CA GLN I 1048 75.12 -16.04 -0.88
C GLN I 1048 75.51 -14.81 -1.69
N TYR I 1049 75.53 -14.93 -3.02
CA TYR I 1049 75.82 -13.76 -3.85
C TYR I 1049 74.63 -12.82 -3.87
N MET I 1050 73.41 -13.34 -3.71
CA MET I 1050 72.27 -12.47 -3.46
C MET I 1050 72.40 -11.75 -2.13
N THR I 1051 73.22 -12.29 -1.22
CA THR I 1051 73.57 -11.61 0.02
C THR I 1051 74.86 -10.82 -0.10
N ASN I 1052 75.45 -10.76 -1.30
CA ASN I 1052 76.71 -10.02 -1.48
C ASN I 1052 76.52 -8.54 -1.20
N ALA I 1053 75.41 -7.97 -1.66
CA ALA I 1053 75.13 -6.55 -1.44
C ALA I 1053 74.19 -6.36 -0.25
N CYS I 1093 83.98 -1.00 -1.13
CA CYS I 1093 83.82 -0.17 -2.31
C CYS I 1093 84.68 -0.67 -3.47
N LYS I 1094 85.90 -0.11 -3.58
CA LYS I 1094 86.81 -0.54 -4.63
C LYS I 1094 87.20 -2.00 -4.47
N GLU I 1095 87.52 -2.41 -3.24
CA GLU I 1095 87.85 -3.81 -2.99
C GLU I 1095 86.66 -4.72 -3.26
N LYS I 1096 85.46 -4.27 -2.86
CA LYS I 1096 84.26 -5.05 -3.13
C LYS I 1096 84.04 -5.24 -4.63
N CYS I 1097 84.19 -4.16 -5.40
CA CYS I 1097 84.00 -4.26 -6.84
C CYS I 1097 85.05 -5.16 -7.48
N LYS I 1098 86.32 -5.04 -7.03
CA LYS I 1098 87.37 -5.87 -7.59
C LYS I 1098 87.12 -7.35 -7.29
N CYS I 1099 86.73 -7.66 -6.05
CA CYS I 1099 86.42 -9.05 -5.71
C CYS I 1099 85.20 -9.54 -6.47
N TYR I 1100 84.23 -8.64 -6.72
CA TYR I 1100 83.04 -9.02 -7.46
C TYR I 1100 83.41 -9.41 -8.89
N LYS I 1101 84.21 -8.58 -9.56
CA LYS I 1101 84.66 -8.91 -10.91
C LYS I 1101 85.51 -10.18 -10.90
N LEU I 1102 86.33 -10.36 -9.87
CA LEU I 1102 87.17 -11.54 -9.78
C LEU I 1102 86.34 -12.82 -9.72
N TRP I 1103 85.33 -12.85 -8.85
CA TRP I 1103 84.49 -14.05 -8.79
C TRP I 1103 83.64 -14.18 -10.05
N ILE I 1104 83.25 -13.08 -10.68
CA ILE I 1104 82.51 -13.18 -11.94
C ILE I 1104 83.35 -13.90 -12.98
N GLU I 1105 84.62 -13.50 -13.11
CA GLU I 1105 85.51 -14.17 -14.06
C GLU I 1105 85.72 -15.63 -13.69
N LYS I 1106 85.91 -15.92 -12.40
CA LYS I 1106 86.09 -17.30 -11.96
C LYS I 1106 84.89 -18.15 -12.33
N ILE I 1107 83.69 -17.69 -12.00
CA ILE I 1107 82.48 -18.46 -12.28
C ILE I 1107 82.27 -18.60 -13.78
N ASN I 1108 82.60 -17.56 -14.54
CA ASN I 1108 82.44 -17.63 -15.99
C ASN I 1108 83.34 -18.72 -16.57
N ASP I 1109 84.62 -18.73 -16.19
CA ASP I 1109 85.52 -19.74 -16.75
C ASP I 1109 85.16 -21.14 -16.26
N GLN I 1110 84.75 -21.26 -15.00
CA GLN I 1110 84.35 -22.57 -14.48
C GLN I 1110 83.11 -23.10 -15.20
N TRP I 1111 82.14 -22.23 -15.45
CA TRP I 1111 80.94 -22.64 -16.17
C TRP I 1111 81.27 -23.00 -17.61
N GLY I 1112 82.18 -22.26 -18.25
CA GLY I 1112 82.60 -22.63 -19.59
C GLY I 1112 83.26 -23.99 -19.64
N LYS I 1113 84.16 -24.26 -18.69
CA LYS I 1113 84.81 -25.57 -18.64
C LYS I 1113 83.80 -26.68 -18.38
N GLN I 1114 82.85 -26.43 -17.48
CA GLN I 1114 81.84 -27.45 -17.18
C GLN I 1114 80.96 -27.70 -18.39
N LYS I 1115 80.60 -26.65 -19.12
CA LYS I 1115 79.83 -26.83 -20.35
C LYS I 1115 80.62 -27.64 -21.38
N ASP I 1116 81.91 -27.34 -21.52
CA ASP I 1116 82.72 -28.07 -22.49
C ASP I 1116 82.83 -29.54 -22.13
N ASN I 1117 83.09 -29.87 -20.86
CA ASN I 1117 83.20 -31.27 -20.50
C ASN I 1117 81.84 -31.96 -20.51
N TYR I 1118 80.75 -31.21 -20.31
CA TYR I 1118 79.42 -31.80 -20.48
C TYR I 1118 79.16 -32.13 -21.95
N ASN I 1119 79.59 -31.27 -22.87
CA ASN I 1119 79.48 -31.59 -24.29
C ASN I 1119 80.33 -32.81 -24.64
N LYS I 1120 81.51 -32.92 -24.03
CA LYS I 1120 82.32 -34.11 -24.24
C LYS I 1120 81.61 -35.36 -23.72
N PHE I 1121 80.98 -35.25 -22.54
CA PHE I 1121 80.17 -36.34 -22.03
C PHE I 1121 79.05 -36.72 -22.98
N ARG I 1122 78.37 -35.73 -23.55
CA ARG I 1122 77.29 -36.00 -24.49
C ARG I 1122 77.82 -36.69 -25.73
N SER I 1123 79.02 -36.28 -26.19
CA SER I 1123 79.66 -36.94 -27.31
C SER I 1123 79.95 -38.40 -27.01
N LYS I 1124 80.44 -38.69 -25.80
CA LYS I 1124 80.62 -40.08 -25.39
C LYS I 1124 79.31 -40.74 -24.96
N GLN I 1125 78.20 -39.99 -24.92
CA GLN I 1125 76.90 -40.55 -24.59
C GLN I 1125 75.92 -40.34 -25.74
N ILE I 1126 76.36 -40.62 -26.96
CA ILE I 1126 75.52 -40.38 -28.13
C ILE I 1126 74.26 -41.23 -28.08
N TYR I 1127 74.37 -42.46 -27.59
CA TYR I 1127 73.22 -43.35 -27.48
C TYR I 1127 73.05 -43.87 -26.05
N VAL I 1139 68.35 -33.15 -21.77
CA VAL I 1139 69.54 -33.97 -21.91
C VAL I 1139 70.57 -33.23 -22.76
N SER I 1140 70.12 -32.17 -23.43
CA SER I 1140 70.97 -31.34 -24.27
C SER I 1140 71.41 -30.06 -23.58
N LEU I 1141 71.64 -30.13 -22.26
CA LEU I 1141 72.06 -28.99 -21.43
C LEU I 1141 70.96 -27.96 -21.29
N SER I 1142 69.83 -28.19 -21.96
CA SER I 1142 68.68 -27.31 -21.88
C SER I 1142 67.49 -27.96 -21.20
N ASN I 1143 67.05 -29.11 -21.71
CA ASN I 1143 65.96 -29.84 -21.07
C ASN I 1143 66.39 -30.38 -19.71
N PHE I 1144 67.63 -30.88 -19.62
CA PHE I 1144 68.10 -31.44 -18.36
C PHE I 1144 68.25 -30.37 -17.29
N LEU I 1145 68.78 -29.19 -17.65
CA LEU I 1145 68.91 -28.11 -16.68
C LEU I 1145 67.54 -27.60 -16.26
N PHE I 1146 66.58 -27.56 -17.18
CA PHE I 1146 65.21 -27.21 -16.84
C PHE I 1146 64.63 -28.21 -15.84
N PHE I 1147 64.86 -29.50 -16.09
CA PHE I 1147 64.36 -30.52 -15.16
C PHE I 1147 65.02 -30.36 -13.80
N SER I 1148 66.31 -30.04 -13.76
CA SER I 1148 66.99 -29.88 -12.48
C SER I 1148 66.48 -28.66 -11.72
N CYS I 1149 66.28 -27.54 -12.41
CA CYS I 1149 65.81 -26.34 -11.73
C CYS I 1149 64.35 -26.46 -11.30
N TRP I 1150 63.58 -27.34 -11.93
CA TRP I 1150 62.25 -27.64 -11.41
C TRP I 1150 62.27 -28.75 -10.35
N GLU I 1151 63.28 -29.62 -10.37
CA GLU I 1151 63.49 -30.56 -9.29
C GLU I 1151 63.82 -29.83 -8.00
N GLU I 1152 64.56 -28.72 -8.10
CA GLU I 1152 64.79 -27.87 -6.93
C GLU I 1152 63.46 -27.47 -6.29
N TYR I 1153 62.52 -26.98 -7.10
CA TYR I 1153 61.20 -26.61 -6.59
C TYR I 1153 60.46 -27.80 -6.02
N ILE I 1154 60.46 -28.92 -6.73
CA ILE I 1154 59.69 -30.08 -6.29
C ILE I 1154 60.29 -30.73 -5.05
N GLN I 1155 61.55 -30.45 -4.75
CA GLN I 1155 62.19 -31.02 -3.57
C GLN I 1155 62.23 -30.06 -2.38
N LYS I 1156 62.21 -28.75 -2.62
CA LYS I 1156 62.21 -27.80 -1.51
C LYS I 1156 60.96 -27.92 -0.65
N TYR I 1157 59.81 -28.17 -1.28
CA TYR I 1157 58.55 -28.28 -0.56
C TYR I 1157 57.93 -29.67 -0.66
N PHE I 1158 57.80 -30.20 -1.86
CA PHE I 1158 57.19 -31.50 -2.07
C PHE I 1158 58.27 -32.58 -2.03
N ASN I 1159 57.91 -33.80 -2.42
CA ASN I 1159 58.86 -34.90 -2.50
C ASN I 1159 59.13 -35.28 -3.95
N SER I 1163 54.50 -33.93 -5.56
CA SER I 1163 55.74 -34.65 -5.34
C SER I 1163 56.18 -35.38 -6.60
N LYS I 1164 56.37 -34.62 -7.68
CA LYS I 1164 56.80 -35.13 -8.98
C LYS I 1164 55.80 -36.14 -9.54
N ILE I 1165 54.55 -36.09 -9.10
CA ILE I 1165 53.49 -36.96 -9.60
C ILE I 1165 52.32 -36.14 -10.13
N LYS I 1166 51.90 -35.12 -9.39
CA LYS I 1166 50.72 -34.33 -9.72
C LYS I 1166 51.11 -32.92 -10.13
N ASN I 1167 50.38 -32.37 -11.10
CA ASN I 1167 50.51 -30.96 -11.50
C ASN I 1167 49.12 -30.36 -11.42
N ILE I 1168 48.73 -29.90 -10.23
CA ILE I 1168 47.39 -29.38 -9.99
C ILE I 1168 47.49 -28.01 -9.35
N GLY I 1169 48.60 -27.31 -9.56
CA GLY I 1169 48.77 -25.99 -9.01
C GLY I 1169 47.83 -24.97 -9.63
N SER I 1170 48.02 -24.71 -10.93
CA SER I 1170 47.20 -23.81 -11.75
C SER I 1170 47.34 -22.35 -11.35
N ASP I 1171 48.08 -22.04 -10.28
CA ASP I 1171 48.30 -20.66 -9.88
C ASP I 1171 49.80 -20.42 -9.70
N THR I 1172 50.52 -21.44 -9.26
CA THR I 1172 51.97 -21.37 -9.14
C THR I 1172 52.68 -21.66 -10.47
N PHE I 1173 51.94 -22.12 -11.48
CA PHE I 1173 52.57 -22.42 -12.77
C PHE I 1173 53.16 -21.17 -13.40
N GLU I 1174 52.44 -20.05 -13.32
CA GLU I 1174 52.96 -18.79 -13.83
C GLU I 1174 54.21 -18.36 -13.07
N PHE I 1175 54.22 -18.58 -11.75
CA PHE I 1175 55.42 -18.27 -10.96
C PHE I 1175 56.60 -19.12 -11.40
N LEU I 1176 56.37 -20.41 -11.64
CA LEU I 1176 57.45 -21.28 -12.10
C LEU I 1176 57.94 -20.85 -13.47
N ILE I 1177 57.02 -20.48 -14.37
CA ILE I 1177 57.42 -20.03 -15.70
C ILE I 1177 58.26 -18.76 -15.61
N LYS I 1178 57.85 -17.82 -14.74
CA LYS I 1178 58.63 -16.62 -14.54
C LYS I 1178 60.01 -16.94 -13.98
N LYS I 1179 60.08 -17.89 -13.04
CA LYS I 1179 61.37 -18.27 -12.46
C LYS I 1179 62.30 -18.87 -13.50
N CYS I 1180 61.76 -19.75 -14.36
CA CYS I 1180 62.59 -20.45 -15.33
C CYS I 1180 61.67 -21.13 -16.34
N GLY I 1181 62.28 -21.70 -17.37
CA GLY I 1181 61.54 -22.49 -18.35
C GLY I 1181 60.79 -21.68 -19.38
N ASN I 1182 61.51 -20.93 -20.20
CA ASN I 1182 60.89 -20.18 -21.29
C ASN I 1182 60.69 -21.08 -22.50
N ASN I 1183 59.49 -21.01 -23.08
CA ASN I 1183 59.14 -21.77 -24.28
C ASN I 1183 59.33 -23.27 -24.08
N SER I 1184 58.94 -23.77 -22.91
CA SER I 1184 58.94 -25.19 -22.58
C SER I 1184 60.35 -25.79 -22.74
N ALA I 1185 61.25 -25.29 -21.89
CA ALA I 1185 62.64 -25.75 -21.85
C ALA I 1185 63.33 -25.59 -23.20
N HIS I 1186 63.11 -24.45 -23.85
CA HIS I 1186 63.74 -24.19 -25.13
C HIS I 1186 65.26 -24.08 -24.99
N GLY I 1187 65.74 -23.63 -23.83
CA GLY I 1187 67.17 -23.49 -23.64
C GLY I 1187 67.49 -23.17 -22.19
N GLU I 1188 68.79 -23.24 -21.89
CA GLU I 1188 69.30 -22.92 -20.56
C GLU I 1188 69.92 -21.53 -20.51
N GLU I 1189 69.60 -20.67 -21.49
CA GLU I 1189 70.20 -19.34 -21.58
C GLU I 1189 69.92 -18.49 -20.35
N ILE I 1190 69.07 -18.95 -19.43
CA ILE I 1190 68.80 -18.20 -18.21
C ILE I 1190 70.07 -18.01 -17.40
N PHE I 1191 70.98 -18.99 -17.46
CA PHE I 1191 72.27 -18.85 -16.78
C PHE I 1191 73.04 -17.65 -17.31
N SER I 1192 72.85 -17.31 -18.59
CA SER I 1192 73.42 -16.07 -19.11
C SER I 1192 72.86 -14.88 -18.36
N GLU I 1193 71.53 -14.84 -18.18
CA GLU I 1193 70.94 -13.79 -17.36
C GLU I 1193 71.40 -13.90 -15.91
N LYS I 1194 71.97 -15.04 -15.52
CA LYS I 1194 72.65 -15.13 -14.24
C LYS I 1194 73.72 -14.05 -14.14
N LEU I 1195 74.56 -13.94 -15.17
CA LEU I 1195 75.57 -12.89 -15.19
C LEU I 1195 74.92 -11.51 -15.07
N LYS I 1196 73.68 -11.39 -15.54
CA LYS I 1196 72.97 -10.11 -15.45
C LYS I 1196 72.77 -9.69 -14.00
N ASN I 1197 72.42 -10.64 -13.12
CA ASN I 1197 72.30 -10.25 -11.72
C ASN I 1197 73.65 -9.97 -11.08
N ALA I 1198 74.75 -10.38 -11.73
CA ALA I 1198 76.07 -9.92 -11.33
C ALA I 1198 76.49 -8.69 -12.13
N GLU I 1199 75.81 -8.41 -13.24
CA GLU I 1199 76.14 -7.24 -14.05
C GLU I 1199 75.85 -5.95 -13.30
N LYS I 1200 74.63 -5.82 -12.75
CA LYS I 1200 74.24 -4.60 -12.06
C LYS I 1200 74.51 -4.68 -10.56
N LYS I 1201 75.71 -5.17 -10.20
CA LYS I 1201 76.16 -5.10 -8.82
C LYS I 1201 77.65 -4.79 -8.74
N CYS I 1202 78.24 -4.26 -9.81
CA CYS I 1202 79.67 -3.98 -9.87
C CYS I 1202 80.05 -2.64 -9.26
N LYS I 1203 79.18 -2.06 -8.43
CA LYS I 1203 79.48 -0.79 -7.78
C LYS I 1203 80.50 -0.98 -6.66
N SER I 1218 53.15 25.44 -12.22
CA SER I 1218 52.46 25.31 -13.51
C SER I 1218 51.00 24.97 -13.31
N CYS I 1219 50.53 25.06 -12.06
CA CYS I 1219 49.16 24.70 -11.73
C CYS I 1219 48.52 25.67 -10.75
N ASP I 1220 49.17 26.80 -10.46
CA ASP I 1220 48.68 27.72 -9.43
C ASP I 1220 47.51 28.56 -9.95
N LEU I 1221 46.43 27.85 -10.30
CA LEU I 1221 45.20 28.47 -10.76
C LEU I 1221 44.03 27.74 -10.15
N ASN I 1222 42.90 28.44 -10.05
CA ASN I 1222 41.68 27.91 -9.45
C ASN I 1222 40.61 27.67 -10.50
N ALA I 1223 41.02 27.20 -11.68
CA ALA I 1223 40.11 26.91 -12.78
C ALA I 1223 39.79 25.43 -12.90
N THR I 1224 40.09 24.63 -11.88
CA THR I 1224 39.82 23.20 -11.94
C THR I 1224 38.32 22.90 -12.00
N ASN I 1225 37.48 23.86 -11.64
CA ASN I 1225 36.01 23.75 -11.73
C ASN I 1225 35.57 22.59 -10.84
N TYR I 1226 34.50 21.88 -11.22
CA TYR I 1226 33.86 20.90 -10.35
C TYR I 1226 33.08 19.91 -11.20
N ILE I 1227 32.93 18.69 -10.68
CA ILE I 1227 32.42 17.55 -11.42
C ILE I 1227 31.31 16.88 -10.62
N ARG I 1228 30.26 16.46 -11.31
CA ARG I 1228 29.21 15.65 -10.70
C ARG I 1228 29.69 14.24 -10.41
N GLY I 1229 28.83 13.47 -9.75
CA GLY I 1229 29.04 12.06 -9.53
C GLY I 1229 29.58 11.69 -8.16
N CYS I 1230 30.18 12.64 -7.44
CA CYS I 1230 30.76 12.37 -6.14
C CYS I 1230 30.44 13.51 -5.19
N GLN I 1231 29.98 13.18 -3.98
CA GLN I 1231 29.65 14.17 -2.97
C GLN I 1231 30.57 14.06 -1.76
N SER I 1232 30.65 12.88 -1.13
CA SER I 1232 31.50 12.70 0.04
C SER I 1232 31.72 11.21 0.30
N LYS I 1233 32.97 10.82 0.53
CA LYS I 1233 33.27 9.43 0.81
C LYS I 1233 32.60 8.97 2.09
N THR I 1234 31.93 7.82 2.04
CA THR I 1234 31.23 7.30 3.21
C THR I 1234 31.41 5.79 3.37
N TYR I 1235 32.47 5.21 2.82
CA TYR I 1235 32.64 3.76 2.92
C TYR I 1235 32.89 3.33 4.35
N ASP I 1236 33.41 4.22 5.19
CA ASP I 1236 33.65 3.92 6.60
C ASP I 1236 32.65 4.60 7.52
N GLY I 1237 31.48 4.93 7.02
CA GLY I 1237 30.46 5.57 7.81
C GLY I 1237 30.29 7.03 7.45
N LYS I 1238 29.10 7.56 7.72
CA LYS I 1238 28.80 8.94 7.38
C LYS I 1238 29.51 9.90 8.33
N ILE I 1239 29.76 11.10 7.81
CA ILE I 1239 30.39 12.15 8.62
C ILE I 1239 29.41 12.61 9.71
N PHE I 1240 29.97 13.03 10.83
CA PHE I 1240 29.16 13.61 11.89
C PHE I 1240 28.39 14.82 11.34
N PRO I 1241 27.13 15.02 11.76
CA PRO I 1241 26.33 14.26 12.73
C PRO I 1241 25.84 12.90 12.25
N GLY I 1242 26.02 12.58 10.98
CA GLY I 1242 25.51 11.32 10.46
C GLY I 1242 26.19 10.13 11.09
N LYS I 1243 25.42 9.06 11.25
CA LYS I 1243 25.89 7.82 11.87
C LYS I 1243 25.50 6.64 11.00
N GLY I 1244 26.38 5.64 10.93
CA GLY I 1244 26.12 4.44 10.17
C GLY I 1244 26.50 4.57 8.72
N GLY I 1245 26.30 3.48 7.99
CA GLY I 1245 26.60 3.43 6.57
C GLY I 1245 27.91 2.74 6.26
N GLU I 1246 28.18 1.64 6.96
CA GLU I 1246 29.41 0.88 6.73
C GLU I 1246 29.33 0.09 5.44
N LYS I 1247 30.51 -0.21 4.88
CA LYS I 1247 30.63 -1.05 3.70
C LYS I 1247 31.54 -2.23 4.02
N GLN I 1248 31.08 -3.42 3.69
CA GLN I 1248 31.81 -4.66 4.01
C GLN I 1248 32.57 -5.17 2.81
N TRP I 1249 33.58 -5.99 3.07
CA TRP I 1249 34.35 -6.61 2.01
C TRP I 1249 33.52 -7.66 1.28
N ILE I 1250 33.86 -7.89 0.02
CA ILE I 1250 33.13 -8.82 -0.84
C ILE I 1250 33.86 -10.15 -0.84
N CYS I 1251 33.13 -11.24 -0.59
CA CYS I 1251 33.73 -12.56 -0.51
C CYS I 1251 34.40 -12.93 -1.83
N LYS I 1252 35.58 -13.54 -1.72
CA LYS I 1252 36.35 -13.90 -2.91
C LYS I 1252 35.63 -14.95 -3.75
N ASP I 1253 35.08 -15.97 -3.11
CA ASP I 1253 34.43 -17.09 -3.80
C ASP I 1253 32.98 -16.72 -4.11
N THR I 1254 32.79 -15.94 -5.17
CA THR I 1254 31.46 -15.60 -5.65
C THR I 1254 31.42 -15.73 -7.17
N ILE I 1255 30.22 -15.78 -7.76
CA ILE I 1255 30.06 -15.99 -9.19
C ILE I 1255 29.65 -14.70 -9.90
N ILE I 1256 28.68 -13.97 -9.34
CA ILE I 1256 28.26 -12.70 -9.96
C ILE I 1256 29.40 -11.69 -9.90
N HIS I 1257 30.04 -11.57 -8.75
CA HIS I 1257 31.29 -10.82 -8.62
C HIS I 1257 32.38 -11.76 -8.13
N GLY I 1258 33.55 -11.23 -7.81
CA GLY I 1258 34.61 -12.07 -7.29
C GLY I 1258 35.27 -12.97 -8.31
N ASP I 1259 34.99 -12.77 -9.62
CA ASP I 1259 35.72 -13.51 -10.64
C ASP I 1259 37.22 -13.25 -10.54
N THR I 1260 37.59 -12.06 -10.04
CA THR I 1260 38.97 -11.82 -9.64
C THR I 1260 39.34 -12.79 -8.52
N ASN I 1261 40.26 -13.70 -8.79
CA ASN I 1261 40.60 -14.73 -7.81
C ASN I 1261 41.40 -14.19 -6.63
N GLY I 1262 41.56 -12.88 -6.52
CA GLY I 1262 42.34 -12.29 -5.45
C GLY I 1262 41.56 -12.21 -4.15
N ALA I 1263 42.04 -11.36 -3.26
CA ALA I 1263 41.46 -11.20 -1.93
C ALA I 1263 40.13 -10.45 -2.03
N CYS I 1264 39.55 -10.16 -0.87
CA CYS I 1264 38.25 -9.49 -0.82
C CYS I 1264 38.38 -8.04 -1.29
N ILE I 1265 37.24 -7.47 -1.69
CA ILE I 1265 37.20 -6.12 -2.22
C ILE I 1265 37.19 -5.11 -1.06
N PRO I 1266 38.14 -4.18 -1.02
CA PRO I 1266 38.14 -3.17 0.04
C PRO I 1266 36.94 -2.26 -0.08
N PRO I 1267 36.36 -1.84 1.06
CA PRO I 1267 35.22 -0.91 0.99
C PRO I 1267 35.55 0.41 0.34
N ARG I 1268 36.77 0.92 0.53
CA ARG I 1268 37.15 2.18 -0.07
C ARG I 1268 37.14 2.10 -1.59
N THR I 1269 37.61 0.97 -2.13
CA THR I 1269 37.58 0.77 -3.57
C THR I 1269 36.15 0.73 -4.10
N GLN I 1270 35.20 0.25 -3.30
CA GLN I 1270 33.81 0.22 -3.72
C GLN I 1270 33.28 1.63 -3.93
N ASN I 1271 33.51 2.51 -2.96
CA ASN I 1271 33.19 3.93 -3.11
C ASN I 1271 34.38 4.60 -3.79
N LEU I 1272 34.45 4.42 -5.10
CA LEU I 1272 35.65 4.75 -5.85
C LEU I 1272 35.60 6.14 -6.47
N CYS I 1273 34.41 6.66 -6.75
CA CYS I 1273 34.23 7.96 -7.39
C CYS I 1273 34.92 7.98 -8.76
N VAL I 1274 34.37 7.17 -9.66
CA VAL I 1274 34.88 7.04 -11.01
C VAL I 1274 34.72 8.32 -11.82
N GLY I 1275 33.98 9.29 -11.31
CA GLY I 1275 33.77 10.54 -12.03
C GLY I 1275 32.69 10.41 -13.08
N GLU I 1276 32.61 11.44 -13.92
CA GLU I 1276 31.60 11.50 -14.96
C GLU I 1276 31.94 10.66 -16.18
N LEU I 1277 33.06 9.92 -16.15
CA LEU I 1277 33.33 8.97 -17.23
C LEU I 1277 32.22 7.93 -17.33
N TRP I 1278 31.60 7.59 -16.21
CA TRP I 1278 30.44 6.70 -16.19
C TRP I 1278 29.29 7.42 -15.49
N ASP I 1279 28.08 7.12 -15.92
CA ASP I 1279 26.88 7.79 -15.43
C ASP I 1279 25.99 6.80 -14.70
N LYS I 1280 25.52 7.20 -13.52
CA LYS I 1280 24.54 6.40 -12.77
C LYS I 1280 23.14 6.78 -13.21
N SER I 1281 22.80 6.33 -14.41
CA SER I 1281 21.49 6.60 -15.00
C SER I 1281 20.47 5.64 -14.40
N TYR I 1282 19.29 5.56 -15.04
CA TYR I 1282 18.24 4.66 -14.58
C TYR I 1282 18.76 3.24 -14.38
N GLY I 1283 19.50 2.74 -15.37
CA GLY I 1283 20.18 1.47 -15.22
C GLY I 1283 21.68 1.63 -15.21
N GLY I 1284 22.14 2.83 -15.52
CA GLY I 1284 23.56 3.12 -15.56
C GLY I 1284 24.18 2.77 -16.90
N ARG I 1285 24.90 3.71 -17.49
CA ARG I 1285 25.54 3.47 -18.77
C ARG I 1285 26.65 4.50 -18.98
N SER I 1286 27.69 4.08 -19.69
CA SER I 1286 28.82 4.97 -19.95
C SER I 1286 28.43 6.05 -20.95
N ASN I 1287 28.90 7.26 -20.71
CA ASN I 1287 28.70 8.40 -21.59
C ASN I 1287 30.00 8.77 -22.31
N ILE I 1288 30.79 7.76 -22.66
CA ILE I 1288 32.10 7.95 -23.30
C ILE I 1288 32.10 7.09 -24.57
N LYS I 1289 31.67 7.68 -25.68
CA LYS I 1289 31.62 6.96 -26.94
C LYS I 1289 32.31 7.68 -28.09
N ASN I 1290 32.21 9.01 -28.15
CA ASN I 1290 32.70 9.77 -29.30
C ASN I 1290 33.74 10.80 -28.90
N ASP I 1291 34.70 10.40 -28.07
CA ASP I 1291 35.73 11.32 -27.59
C ASP I 1291 37.11 10.85 -28.03
N THR I 1292 38.01 11.82 -28.20
CA THR I 1292 39.39 11.54 -28.55
C THR I 1292 40.22 11.32 -27.29
N LYS I 1293 41.54 11.28 -27.43
CA LYS I 1293 42.40 10.99 -26.30
C LYS I 1293 42.56 12.19 -25.37
N GLU I 1294 42.60 13.40 -25.94
CA GLU I 1294 42.92 14.58 -25.15
C GLU I 1294 41.84 14.88 -24.12
N LEU I 1295 40.58 14.92 -24.55
CA LEU I 1295 39.49 15.18 -23.60
C LEU I 1295 39.35 14.04 -22.61
N LEU I 1296 39.62 12.81 -23.04
CA LEU I 1296 39.59 11.67 -22.12
C LEU I 1296 40.62 11.86 -21.01
N LYS I 1297 41.83 12.26 -21.37
CA LYS I 1297 42.86 12.50 -20.37
C LYS I 1297 42.51 13.69 -19.48
N GLU I 1298 41.84 14.70 -20.04
CA GLU I 1298 41.38 15.82 -19.22
C GLU I 1298 40.36 15.37 -18.19
N LYS I 1299 39.42 14.52 -18.60
CA LYS I 1299 38.43 13.98 -17.67
C LYS I 1299 39.10 13.13 -16.59
N ILE I 1300 40.11 12.35 -16.99
CA ILE I 1300 40.84 11.54 -16.02
C ILE I 1300 41.54 12.44 -14.99
N LYS I 1301 42.15 13.52 -15.47
CA LYS I 1301 42.82 14.45 -14.56
C LYS I 1301 41.81 15.10 -13.61
N ASN I 1302 40.64 15.47 -14.11
CA ASN I 1302 39.61 16.03 -13.24
C ASN I 1302 39.17 15.01 -12.19
N ALA I 1303 39.06 13.74 -12.59
CA ALA I 1303 38.72 12.70 -11.62
C ALA I 1303 39.80 12.58 -10.55
N ILE I 1304 41.07 12.64 -10.95
CA ILE I 1304 42.17 12.65 -9.98
C ILE I 1304 42.01 13.79 -8.99
N HIS I 1305 41.74 14.98 -9.52
CA HIS I 1305 41.60 16.17 -8.68
C HIS I 1305 40.48 16.00 -7.65
N LYS I 1306 39.31 15.57 -8.13
CA LYS I 1306 38.17 15.39 -7.22
C LYS I 1306 38.46 14.31 -6.19
N GLU I 1307 39.08 13.21 -6.62
CA GLU I 1307 39.38 12.12 -5.70
C GLU I 1307 40.31 12.58 -4.59
N THR I 1308 41.38 13.29 -4.94
CA THR I 1308 42.33 13.70 -3.90
C THR I 1308 41.71 14.73 -2.97
N GLU I 1309 40.91 15.66 -3.50
CA GLU I 1309 40.24 16.63 -2.62
C GLU I 1309 39.30 15.92 -1.65
N LEU I 1310 38.49 14.99 -2.16
CA LEU I 1310 37.56 14.28 -1.30
C LEU I 1310 38.29 13.46 -0.24
N LEU I 1311 39.36 12.76 -0.62
CA LEU I 1311 40.11 11.97 0.36
C LEU I 1311 40.73 12.88 1.42
N TYR I 1312 41.26 14.04 1.00
CA TYR I 1312 41.83 14.98 1.95
C TYR I 1312 40.80 15.43 2.97
N GLU I 1313 39.65 15.90 2.49
CA GLU I 1313 38.64 16.39 3.42
C GLU I 1313 38.06 15.27 4.27
N TYR I 1314 38.02 14.05 3.73
CA TYR I 1314 37.53 12.91 4.50
C TYR I 1314 38.47 12.58 5.65
N HIS I 1315 39.78 12.61 5.39
CA HIS I 1315 40.75 12.30 6.44
C HIS I 1315 41.00 13.46 7.39
N ASP I 1316 40.65 14.69 6.98
CA ASP I 1316 40.83 15.84 7.87
C ASP I 1316 39.96 15.72 9.11
N THR I 1317 38.71 15.29 8.95
CA THR I 1317 37.79 15.20 10.08
C THR I 1317 38.04 13.96 10.93
N GLY I 1318 38.92 13.07 10.51
CA GLY I 1318 39.25 11.89 11.31
C GLY I 1318 38.12 10.91 11.49
N THR I 1319 37.35 10.65 10.44
CA THR I 1319 36.30 9.65 10.49
C THR I 1319 36.77 8.30 9.97
N ALA I 1320 37.78 8.29 9.10
CA ALA I 1320 38.34 7.03 8.62
C ALA I 1320 39.00 6.27 9.77
N ILE I 1321 38.92 4.94 9.68
CA ILE I 1321 39.42 4.09 10.77
C ILE I 1321 40.92 4.31 10.97
N ILE I 1322 41.68 4.31 9.88
CA ILE I 1322 43.13 4.50 10.00
C ILE I 1322 43.44 5.91 10.47
N SER I 1323 42.60 6.89 10.12
CA SER I 1323 42.82 8.27 10.56
C SER I 1323 42.21 8.55 11.92
N LYS I 1324 41.42 7.63 12.47
CA LYS I 1324 40.75 7.85 13.74
C LYS I 1324 41.71 7.49 14.88
N ASN I 1325 42.21 8.50 15.56
CA ASN I 1325 43.00 8.31 16.76
C ASN I 1325 42.06 8.11 17.95
N ASP I 1326 42.61 7.95 19.15
CA ASP I 1326 41.78 7.84 20.34
C ASP I 1326 41.12 9.18 20.63
N LYS I 1327 40.17 9.15 21.57
CA LYS I 1327 39.31 10.32 21.82
C LYS I 1327 40.08 11.42 22.56
N LYS I 1328 41.05 12.00 21.83
CA LYS I 1328 41.74 13.21 22.30
C LYS I 1328 42.24 13.96 21.06
N GLY I 1329 41.49 15.00 20.68
CA GLY I 1329 41.85 15.85 19.56
C GLY I 1329 41.76 15.21 18.20
N GLN I 1330 41.71 13.88 18.10
CA GLN I 1330 41.67 13.15 16.83
C GLN I 1330 42.85 13.51 15.92
N LYS I 1331 43.92 14.07 16.50
CA LYS I 1331 45.09 14.44 15.71
C LYS I 1331 46.40 14.14 16.44
N GLY I 1332 46.37 13.29 17.48
CA GLY I 1332 47.58 13.02 18.23
C GLY I 1332 48.66 12.36 17.39
N LYS I 1333 48.27 11.40 16.54
CA LYS I 1333 49.22 10.70 15.68
C LYS I 1333 49.36 11.40 14.33
N ASN I 1334 49.68 12.68 14.37
CA ASN I 1334 49.88 13.46 13.15
C ASN I 1334 51.32 13.34 12.66
N ASP I 1335 51.45 13.21 11.34
CA ASP I 1335 52.78 13.12 10.75
C ASP I 1335 53.51 14.44 10.86
N PRO I 1336 54.85 14.44 10.77
CA PRO I 1336 55.59 15.70 10.80
C PRO I 1336 55.53 16.44 9.48
N ASN I 1337 54.32 16.53 8.91
CA ASN I 1337 54.10 17.25 7.67
C ASN I 1337 52.82 18.06 7.66
N GLY I 1338 52.10 18.13 8.77
CA GLY I 1338 50.83 18.83 8.81
C GLY I 1338 49.74 18.18 7.97
N LEU I 1339 49.67 16.85 7.99
CA LEU I 1339 48.69 16.10 7.23
C LEU I 1339 47.99 15.09 8.12
N PRO I 1340 46.75 14.73 7.78
CA PRO I 1340 46.06 13.68 8.55
C PRO I 1340 46.78 12.35 8.42
N LYS I 1341 46.66 11.54 9.47
CA LYS I 1341 47.33 10.24 9.49
C LYS I 1341 46.78 9.32 8.41
N GLY I 1342 47.68 8.66 7.69
CA GLY I 1342 47.28 7.72 6.65
C GLY I 1342 46.61 8.36 5.47
N PHE I 1343 47.04 9.55 5.06
CA PHE I 1343 46.45 10.25 3.93
C PHE I 1343 47.15 9.92 2.62
N CYS I 1344 48.47 10.11 2.56
CA CYS I 1344 49.21 9.79 1.35
C CYS I 1344 49.14 8.31 1.04
N HIS I 1345 48.95 7.47 2.06
CA HIS I 1345 48.70 6.06 1.81
C HIS I 1345 47.42 5.88 1.00
N ALA I 1346 46.35 6.58 1.39
CA ALA I 1346 45.10 6.48 0.65
C ALA I 1346 45.26 7.03 -0.75
N VAL I 1347 46.05 8.09 -0.91
CA VAL I 1347 46.32 8.62 -2.24
C VAL I 1347 47.01 7.58 -3.10
N GLN I 1348 48.00 6.87 -2.53
CA GLN I 1348 48.68 5.83 -3.28
C GLN I 1348 47.73 4.69 -3.65
N ARG I 1349 46.88 4.27 -2.72
CA ARG I 1349 45.89 3.23 -3.02
C ARG I 1349 44.99 3.64 -4.17
N SER I 1350 44.48 4.88 -4.13
CA SER I 1350 43.58 5.34 -5.19
C SER I 1350 44.30 5.42 -6.53
N PHE I 1351 45.54 5.92 -6.53
CA PHE I 1351 46.29 6.02 -7.78
C PHE I 1351 46.56 4.64 -8.37
N ILE I 1352 46.92 3.67 -7.52
CA ILE I 1352 47.15 2.31 -8.00
C ILE I 1352 45.87 1.73 -8.55
N ASP I 1353 44.74 1.98 -7.88
CA ASP I 1353 43.46 1.46 -8.36
C ASP I 1353 43.12 2.03 -9.74
N TYR I 1354 43.29 3.34 -9.93
CA TYR I 1354 43.07 3.93 -11.24
C TYR I 1354 44.02 3.36 -12.28
N LYS I 1355 45.29 3.21 -11.94
CA LYS I 1355 46.26 2.71 -12.91
C LYS I 1355 45.92 1.30 -13.36
N ASN I 1356 45.53 0.44 -12.43
CA ASN I 1356 45.22 -0.94 -12.78
C ASN I 1356 43.80 -1.10 -13.33
N MET I 1357 42.95 -0.10 -13.17
CA MET I 1357 41.61 -0.15 -13.74
C MET I 1357 41.58 0.39 -15.17
N ILE I 1358 42.44 1.37 -15.49
CA ILE I 1358 42.43 1.96 -16.82
C ILE I 1358 42.83 0.94 -17.89
N LEU I 1359 43.50 -0.14 -17.50
CA LEU I 1359 43.88 -1.20 -18.42
C LEU I 1359 43.38 -2.54 -17.89
N GLY I 1360 42.96 -3.40 -18.81
CA GLY I 1360 42.27 -4.63 -18.45
C GLY I 1360 43.07 -5.64 -17.66
N THR I 1361 42.72 -5.81 -16.40
CA THR I 1361 43.29 -6.85 -15.53
C THR I 1361 42.16 -7.45 -14.70
N SER I 1362 42.54 -8.16 -13.63
CA SER I 1362 41.56 -8.80 -12.76
C SER I 1362 40.89 -7.78 -11.85
N VAL I 1363 40.05 -6.93 -12.42
CA VAL I 1363 39.29 -5.94 -11.64
C VAL I 1363 37.82 -6.03 -12.05
N ASN I 1364 36.96 -6.37 -11.09
CA ASN I 1364 35.52 -6.41 -11.32
C ASN I 1364 34.75 -5.86 -10.12
N ILE I 1365 35.38 -4.99 -9.32
CA ILE I 1365 34.80 -4.59 -8.04
C ILE I 1365 33.54 -3.78 -8.24
N TYR I 1366 33.49 -2.93 -9.26
CA TYR I 1366 32.34 -2.08 -9.49
C TYR I 1366 31.15 -2.89 -9.98
N GLU I 1367 30.03 -2.21 -10.21
CA GLU I 1367 28.90 -2.85 -10.87
C GLU I 1367 29.30 -3.41 -12.22
N HIS I 1368 30.20 -2.73 -12.93
CA HIS I 1368 30.94 -3.33 -14.03
C HIS I 1368 32.22 -2.53 -14.24
N ILE I 1369 33.29 -3.22 -14.59
CA ILE I 1369 34.56 -2.59 -14.92
C ILE I 1369 34.90 -3.02 -16.35
N GLY I 1370 34.42 -4.19 -16.74
CA GLY I 1370 34.70 -4.68 -18.08
C GLY I 1370 34.16 -3.77 -19.17
N LYS I 1371 33.01 -3.13 -18.92
CA LYS I 1371 32.45 -2.21 -19.91
C LYS I 1371 33.36 -1.00 -20.11
N LEU I 1372 33.80 -0.39 -19.01
CA LEU I 1372 34.66 0.79 -19.10
C LEU I 1372 35.99 0.43 -19.75
N GLN I 1373 36.59 -0.69 -19.33
CA GLN I 1373 37.88 -1.10 -19.90
C GLN I 1373 37.74 -1.44 -21.38
N GLU I 1374 36.65 -2.11 -21.76
CA GLU I 1374 36.42 -2.42 -23.17
C GLU I 1374 36.26 -1.15 -23.99
N ASP I 1375 35.51 -0.17 -23.48
CA ASP I 1375 35.36 1.08 -24.19
C ASP I 1375 36.69 1.81 -24.32
N ILE I 1376 37.50 1.79 -23.26
CA ILE I 1376 38.81 2.44 -23.30
C ILE I 1376 39.70 1.78 -24.35
N LYS I 1377 39.71 0.44 -24.37
CA LYS I 1377 40.51 -0.28 -25.35
C LYS I 1377 40.03 0.01 -26.77
N LYS I 1378 38.72 0.03 -26.98
CA LYS I 1378 38.19 0.32 -28.31
C LYS I 1378 38.56 1.71 -28.76
N ILE I 1379 38.48 2.69 -27.86
CA ILE I 1379 38.86 4.05 -28.22
C ILE I 1379 40.35 4.13 -28.53
N ILE I 1380 41.18 3.48 -27.71
CA ILE I 1380 42.63 3.59 -27.88
C ILE I 1380 43.08 2.94 -29.17
N GLU I 1381 42.61 1.71 -29.43
CA GLU I 1381 43.11 0.97 -30.58
C GLU I 1381 42.38 1.35 -31.87
N LYS I 1382 42.30 2.65 -32.14
CA LYS I 1382 41.78 3.13 -33.42
C LYS I 1382 42.71 4.16 -34.02
N GLY I 1383 43.37 4.94 -33.18
CA GLY I 1383 44.33 5.93 -33.65
C GLY I 1383 45.77 5.56 -33.34
N THR I 1384 46.00 5.00 -32.15
CA THR I 1384 47.36 4.59 -31.78
C THR I 1384 47.94 3.51 -32.68
N PRO I 1385 47.20 2.43 -33.06
CA PRO I 1385 47.91 1.46 -33.91
C PRO I 1385 48.02 1.91 -35.36
N GLU I 1399 50.30 -3.62 -25.27
CA GLU I 1399 50.18 -2.96 -26.56
C GLU I 1399 50.13 -1.44 -26.41
N ASN I 1400 49.41 -0.77 -27.31
CA ASN I 1400 49.36 0.69 -27.31
C ASN I 1400 48.78 1.24 -26.00
N VAL I 1401 47.92 0.46 -25.33
CA VAL I 1401 47.35 0.93 -24.07
C VAL I 1401 48.44 1.12 -23.02
N ASN I 1402 49.38 0.18 -22.93
CA ASN I 1402 50.47 0.29 -21.97
C ASN I 1402 51.35 1.49 -22.28
N ALA I 1403 51.66 1.70 -23.56
CA ALA I 1403 52.48 2.84 -23.95
C ALA I 1403 51.79 4.16 -23.62
N TRP I 1404 50.48 4.24 -23.90
CA TRP I 1404 49.73 5.46 -23.59
C TRP I 1404 49.70 5.71 -22.08
N TRP I 1405 49.49 4.66 -21.29
CA TRP I 1405 49.47 4.83 -19.84
C TRP I 1405 50.82 5.28 -19.32
N LYS I 1406 51.91 4.68 -19.84
CA LYS I 1406 53.24 5.10 -19.41
C LYS I 1406 53.53 6.53 -19.84
N GLY I 1407 52.99 6.95 -20.98
CA GLY I 1407 53.15 8.34 -21.40
C GLY I 1407 52.42 9.31 -20.49
N ILE I 1408 51.21 8.96 -20.05
CA ILE I 1408 50.37 9.89 -19.30
C ILE I 1408 50.53 9.77 -17.78
N GLU I 1409 51.26 8.77 -17.30
CA GLU I 1409 51.39 8.57 -15.86
C GLU I 1409 52.11 9.74 -15.20
N ARG I 1410 53.15 10.26 -15.84
CA ARG I 1410 53.87 11.41 -15.29
C ARG I 1410 52.96 12.62 -15.18
N GLU I 1411 52.15 12.87 -16.21
CA GLU I 1411 51.21 13.99 -16.17
C GLU I 1411 50.17 13.80 -15.07
N MET I 1412 49.70 12.56 -14.88
CA MET I 1412 48.71 12.32 -13.82
C MET I 1412 49.31 12.55 -12.44
N TRP I 1413 50.54 12.08 -12.23
CA TRP I 1413 51.20 12.32 -10.94
C TRP I 1413 51.44 13.81 -10.72
N ASP I 1414 51.85 14.52 -11.77
CA ASP I 1414 52.01 15.97 -11.65
C ASP I 1414 50.67 16.63 -11.33
N ALA I 1415 49.58 16.12 -11.91
CA ALA I 1415 48.26 16.68 -11.64
C ALA I 1415 47.86 16.50 -10.19
N VAL I 1416 48.10 15.32 -9.62
CA VAL I 1416 47.73 15.11 -8.23
C VAL I 1416 48.61 15.94 -7.30
N ARG I 1417 49.89 16.11 -7.65
CA ARG I 1417 50.75 16.99 -6.87
C ARG I 1417 50.26 18.43 -6.95
N CYS I 1418 49.84 18.88 -8.15
CA CYS I 1418 49.27 20.21 -8.28
C CYS I 1418 48.03 20.35 -7.41
N ALA I 1419 47.18 19.31 -7.40
CA ALA I 1419 45.95 19.36 -6.61
C ALA I 1419 46.26 19.51 -5.13
N ILE I 1420 47.19 18.72 -4.60
CA ILE I 1420 47.47 18.81 -3.17
C ILE I 1420 48.13 20.15 -2.85
N THR I 1421 49.03 20.62 -3.71
CA THR I 1421 49.66 21.92 -3.48
C THR I 1421 48.64 23.04 -3.44
N LYS I 1422 47.70 23.04 -4.39
CA LYS I 1422 46.72 24.13 -4.41
C LYS I 1422 45.70 24.00 -3.28
N ILE I 1423 45.36 22.78 -2.86
CA ILE I 1423 44.40 22.65 -1.78
C ILE I 1423 45.01 23.08 -0.46
N ASN I 1424 46.30 22.83 -0.24
CA ASN I 1424 46.93 23.39 0.94
C ASN I 1424 47.26 24.87 0.79
N LYS I 1425 47.34 25.36 -0.46
CA LYS I 1425 47.47 26.80 -0.68
C LYS I 1425 46.22 27.54 -0.27
N LYS I 1426 45.04 27.03 -0.67
CA LYS I 1426 43.79 27.66 -0.27
C LYS I 1426 43.58 27.56 1.24
N ASN I 1427 44.16 26.54 1.87
CA ASN I 1427 44.11 26.44 3.32
C ASN I 1427 44.91 27.55 3.96
N ASN I 1428 44.43 28.04 5.11
CA ASN I 1428 45.09 29.16 5.77
C ASN I 1428 46.46 28.80 6.31
N ASN I 1429 46.78 27.51 6.44
CA ASN I 1429 48.08 27.10 6.94
C ASN I 1429 49.15 27.32 5.86
N SER I 1430 50.37 26.90 6.18
CA SER I 1430 51.48 27.06 5.25
C SER I 1430 51.25 26.25 3.99
N ILE I 1431 51.57 26.85 2.85
CA ILE I 1431 51.42 26.16 1.56
C ILE I 1431 52.47 25.07 1.47
N PHE I 1432 52.04 23.86 1.13
CA PHE I 1432 52.93 22.72 1.03
C PHE I 1432 53.44 22.59 -0.40
N ASN I 1433 54.10 21.47 -0.68
CA ASN I 1433 54.73 21.21 -1.97
C ASN I 1433 54.69 19.70 -2.21
N GLY I 1434 55.56 19.21 -3.10
CA GLY I 1434 55.64 17.80 -3.40
C GLY I 1434 56.15 16.95 -2.25
N ASP I 1435 56.12 17.50 -1.03
CA ASP I 1435 56.65 16.82 0.15
C ASP I 1435 55.87 15.57 0.53
N GLU I 1436 54.68 15.36 -0.05
CA GLU I 1436 53.91 14.15 0.20
C GLU I 1436 54.74 12.90 -0.05
N CYS I 1437 54.35 11.78 0.54
CA CYS I 1437 55.18 10.58 0.47
C CYS I 1437 55.29 10.10 -0.98
N GLY I 1438 56.45 10.32 -1.58
CA GLY I 1438 56.69 9.91 -2.95
C GLY I 1438 56.53 11.04 -3.95
N VAL I 1439 57.66 11.61 -4.39
CA VAL I 1439 57.63 12.59 -5.47
C VAL I 1439 57.35 11.94 -6.81
N SER I 1440 57.47 10.62 -6.90
CA SER I 1440 57.22 9.82 -8.07
C SER I 1440 56.07 8.86 -7.79
N PRO I 1441 55.34 8.42 -8.82
CA PRO I 1441 54.30 7.43 -8.60
C PRO I 1441 54.88 6.16 -8.02
N PRO I 1442 54.10 5.42 -7.24
CA PRO I 1442 54.64 4.24 -6.55
C PRO I 1442 55.22 3.21 -7.52
N THR I 1443 56.28 2.56 -7.09
CA THR I 1443 57.02 1.63 -7.94
C THR I 1443 56.18 0.38 -8.20
N GLY I 1444 56.63 -0.39 -9.20
CA GLY I 1444 55.93 -1.58 -9.65
C GLY I 1444 56.27 -2.86 -8.92
N ASN I 1445 57.05 -2.80 -7.84
CA ASN I 1445 57.44 -4.01 -7.13
C ASN I 1445 56.25 -4.71 -6.51
N ASP I 1446 55.31 -3.96 -5.94
CA ASP I 1446 54.13 -4.52 -5.29
C ASP I 1446 52.86 -3.85 -5.80
N GLU I 1447 52.74 -3.69 -7.12
CA GLU I 1447 51.56 -3.07 -7.69
C GLU I 1447 50.38 -4.03 -7.82
N ASP I 1448 50.52 -5.28 -7.39
CA ASP I 1448 49.42 -6.22 -7.43
C ASP I 1448 48.29 -5.73 -6.54
N GLN I 1449 47.05 -5.86 -7.03
CA GLN I 1449 45.89 -5.47 -6.25
C GLN I 1449 45.78 -6.31 -4.98
N SER I 1450 46.03 -7.62 -5.11
CA SER I 1450 45.86 -8.51 -3.96
C SER I 1450 46.80 -8.13 -2.82
N VAL I 1451 48.06 -7.81 -3.14
CA VAL I 1451 49.02 -7.46 -2.10
C VAL I 1451 48.58 -6.21 -1.35
N SER I 1452 48.20 -5.17 -2.09
CA SER I 1452 47.78 -3.92 -1.46
C SER I 1452 46.52 -4.12 -0.63
N TRP I 1453 45.54 -4.85 -1.17
CA TRP I 1453 44.30 -5.07 -0.43
C TRP I 1453 44.57 -5.85 0.85
N PHE I 1454 45.42 -6.88 0.79
CA PHE I 1454 45.77 -7.64 1.96
C PHE I 1454 46.46 -6.76 3.00
N LYS I 1455 47.37 -5.90 2.55
CA LYS I 1455 48.08 -5.02 3.47
C LYS I 1455 47.11 -4.08 4.19
N GLU I 1456 46.20 -3.45 3.43
CA GLU I 1456 45.27 -2.52 4.06
C GLU I 1456 44.30 -3.23 4.99
N TRP I 1457 43.85 -4.43 4.61
CA TRP I 1457 42.97 -5.20 5.47
C TRP I 1457 43.67 -5.54 6.78
N GLY I 1458 44.92 -5.98 6.70
CA GLY I 1458 45.68 -6.26 7.91
C GLY I 1458 45.88 -5.04 8.78
N GLU I 1459 46.17 -3.89 8.15
CA GLU I 1459 46.40 -2.66 8.90
C GLU I 1459 45.15 -2.25 9.67
N GLN I 1460 43.99 -2.25 8.99
CA GLN I 1460 42.78 -1.85 9.68
C GLN I 1460 42.39 -2.88 10.75
N PHE I 1461 42.67 -4.17 10.50
CA PHE I 1461 42.41 -5.17 11.50
C PHE I 1461 43.25 -4.94 12.75
N CYS I 1462 44.52 -4.59 12.58
CA CYS I 1462 45.37 -4.28 13.72
C CYS I 1462 44.86 -3.06 14.47
N ILE I 1463 44.46 -2.01 13.75
CA ILE I 1463 43.99 -0.80 14.41
C ILE I 1463 42.73 -1.07 15.22
N GLU I 1464 41.77 -1.77 14.62
CA GLU I 1464 40.54 -2.09 15.35
C GLU I 1464 40.80 -3.04 16.50
N ARG I 1465 41.77 -3.96 16.37
CA ARG I 1465 42.07 -4.86 17.48
C ARG I 1465 42.66 -4.08 18.65
N LEU I 1466 43.52 -3.10 18.36
CA LEU I 1466 44.00 -2.23 19.42
C LEU I 1466 42.86 -1.44 20.06
N ARG I 1467 41.91 -0.99 19.24
CA ARG I 1467 40.76 -0.26 19.78
C ARG I 1467 39.94 -1.16 20.72
N TYR I 1468 39.68 -2.40 20.30
CA TYR I 1468 38.94 -3.33 21.16
C TYR I 1468 39.71 -3.65 22.44
N GLU I 1469 41.03 -3.80 22.34
CA GLU I 1469 41.83 -4.04 23.53
C GLU I 1469 41.73 -2.86 24.50
N GLN I 1470 41.80 -1.64 23.98
CA GLN I 1470 41.66 -0.46 24.84
C GLN I 1470 40.28 -0.41 25.47
N ASN I 1471 39.24 -0.71 24.69
CA ASN I 1471 37.88 -0.70 25.24
C ASN I 1471 37.71 -1.72 26.35
N ILE I 1472 38.25 -2.93 26.14
CA ILE I 1472 38.18 -3.97 27.17
C ILE I 1472 38.94 -3.53 28.41
N ARG I 1473 40.13 -2.96 28.23
CA ARG I 1473 40.93 -2.52 29.38
C ARG I 1473 40.19 -1.45 30.17
N GLU I 1474 39.54 -0.51 29.48
CA GLU I 1474 38.80 0.54 30.18
C GLU I 1474 37.57 -0.01 30.88
N ALA I 1475 36.83 -0.90 30.23
CA ALA I 1475 35.55 -1.37 30.75
C ALA I 1475 35.66 -2.57 31.68
N CYS I 1476 36.85 -3.17 31.79
CA CYS I 1476 37.02 -4.35 32.64
C CYS I 1476 38.10 -4.13 33.70
N THR I 1477 38.52 -2.88 33.92
CA THR I 1477 39.50 -2.59 34.95
C THR I 1477 38.92 -2.56 36.34
N ILE I 1478 37.60 -2.58 36.48
CA ILE I 1478 36.96 -2.55 37.79
C ILE I 1478 35.94 -3.67 37.90
N CYS I 1486 38.62 -12.15 39.56
CA CYS I 1486 39.96 -11.60 39.41
C CYS I 1486 40.17 -10.39 40.30
N ILE I 1487 40.09 -9.20 39.70
CA ILE I 1487 40.26 -7.94 40.42
C ILE I 1487 38.99 -7.13 40.29
N ASN I 1488 38.45 -6.67 41.42
CA ASN I 1488 37.26 -5.84 41.47
C ASN I 1488 36.09 -6.47 40.73
N SER I 1489 35.98 -7.79 40.83
CA SER I 1489 34.96 -8.54 40.11
C SER I 1489 33.65 -8.54 40.88
N LYS I 1490 32.55 -8.40 40.15
CA LYS I 1490 31.21 -8.45 40.71
C LYS I 1490 30.48 -9.66 40.17
N SER I 1491 29.95 -10.49 41.06
CA SER I 1491 29.24 -11.69 40.67
C SER I 1491 27.74 -11.51 40.82
N GLY I 1494 31.89 -17.89 39.74
CA GLY I 1494 30.88 -17.56 38.75
C GLY I 1494 30.78 -16.07 38.48
N ASP I 1495 31.93 -15.39 38.49
CA ASP I 1495 31.99 -13.95 38.25
C ASP I 1495 32.06 -13.66 36.74
N LYS I 1496 31.02 -14.12 36.04
CA LYS I 1496 30.93 -13.94 34.60
C LYS I 1496 30.01 -12.80 34.18
N ILE I 1497 29.14 -12.32 35.06
CA ILE I 1497 28.21 -11.25 34.73
C ILE I 1497 28.89 -9.91 35.01
N GLN I 1498 29.02 -9.09 33.96
CA GLN I 1498 29.58 -7.75 34.09
C GLN I 1498 28.81 -6.68 33.34
N GLY I 1499 27.91 -7.04 32.43
CA GLY I 1499 27.15 -6.07 31.67
C GLY I 1499 27.87 -5.53 30.46
N ALA I 1500 28.86 -4.66 30.67
CA ALA I 1500 29.56 -4.04 29.55
C ALA I 1500 30.77 -4.86 29.12
N CYS I 1501 31.53 -5.38 30.09
CA CYS I 1501 32.73 -6.14 29.76
C CYS I 1501 32.40 -7.39 28.94
N LYS I 1502 31.39 -8.13 29.39
CA LYS I 1502 31.00 -9.37 28.70
C LYS I 1502 30.51 -9.07 27.30
N ARG I 1503 29.67 -8.03 27.14
CA ARG I 1503 29.16 -7.71 25.82
C ARG I 1503 30.27 -7.24 24.89
N LYS I 1504 31.23 -6.48 25.41
CA LYS I 1504 32.34 -6.01 24.57
C LYS I 1504 33.19 -7.18 24.10
N CYS I 1505 33.56 -8.09 25.02
CA CYS I 1505 34.37 -9.21 24.59
C CYS I 1505 33.58 -10.19 23.73
N GLU I 1506 32.25 -10.22 23.85
CA GLU I 1506 31.43 -11.01 22.93
C GLU I 1506 31.43 -10.42 21.53
N LYS I 1507 31.32 -9.09 21.43
CA LYS I 1507 31.45 -8.44 20.13
C LYS I 1507 32.80 -8.75 19.51
N TYR I 1508 33.86 -8.69 20.32
CA TYR I 1508 35.18 -9.10 19.85
C TYR I 1508 35.16 -10.54 19.36
N LYS I 1509 34.46 -11.41 20.08
CA LYS I 1509 34.39 -12.82 19.70
C LYS I 1509 33.77 -13.00 18.31
N LYS I 1510 32.63 -12.35 18.08
CA LYS I 1510 32.00 -12.47 16.75
C LYS I 1510 32.86 -11.86 15.67
N TYR I 1511 33.49 -10.71 15.96
CA TYR I 1511 34.37 -10.09 14.97
C TYR I 1511 35.49 -11.03 14.58
N ILE I 1512 36.13 -11.65 15.57
CA ILE I 1512 37.19 -12.62 15.31
C ILE I 1512 36.63 -13.83 14.56
N SER I 1513 35.39 -14.21 14.86
CA SER I 1513 34.79 -15.36 14.18
C SER I 1513 34.71 -15.13 12.68
N GLU I 1514 34.28 -13.94 12.26
CA GLU I 1514 34.21 -13.69 10.82
C GLU I 1514 35.59 -13.43 10.22
N LYS I 1515 36.46 -12.71 10.96
CA LYS I 1515 37.80 -12.46 10.47
C LYS I 1515 38.59 -13.75 10.31
N LYS I 1516 38.22 -14.81 11.03
CA LYS I 1516 38.87 -16.10 10.86
C LYS I 1516 38.80 -16.55 9.40
N GLN I 1517 37.58 -16.72 8.88
CA GLN I 1517 37.44 -17.19 7.51
C GLN I 1517 37.96 -16.15 6.52
N GLU I 1518 37.75 -14.85 6.80
CA GLU I 1518 38.26 -13.85 5.88
C GLU I 1518 39.78 -13.94 5.72
N TRP I 1519 40.49 -13.95 6.84
CA TRP I 1519 41.95 -14.05 6.82
C TRP I 1519 42.42 -15.38 6.25
N ASP I 1520 41.70 -16.47 6.55
CA ASP I 1520 42.07 -17.76 5.98
C ASP I 1520 42.06 -17.71 4.46
N LYS I 1521 40.96 -17.21 3.88
CA LYS I 1521 40.87 -17.15 2.42
C LYS I 1521 41.95 -16.23 1.84
N GLN I 1522 42.10 -15.04 2.40
CA GLN I 1522 43.07 -14.10 1.85
C GLN I 1522 44.49 -14.64 1.95
N LYS I 1523 44.83 -15.24 3.10
CA LYS I 1523 46.17 -15.74 3.31
C LYS I 1523 46.47 -16.94 2.42
N THR I 1524 45.52 -17.86 2.25
CA THR I 1524 45.79 -19.00 1.39
C THR I 1524 45.95 -18.54 -0.06
N LYS I 1525 45.16 -17.56 -0.49
CA LYS I 1525 45.34 -17.02 -1.84
C LYS I 1525 46.73 -16.40 -2.00
N TYR I 1526 47.15 -15.58 -1.01
CA TYR I 1526 48.45 -14.95 -1.11
C TYR I 1526 49.58 -15.97 -1.12
N GLU I 1527 49.50 -16.97 -0.23
CA GLU I 1527 50.55 -17.97 -0.15
C GLU I 1527 50.64 -18.79 -1.43
N ASN I 1528 49.49 -19.15 -2.02
CA ASN I 1528 49.53 -19.84 -3.30
C ASN I 1528 50.14 -18.96 -4.39
N LYS I 1529 49.81 -17.67 -4.39
CA LYS I 1529 50.35 -16.77 -5.41
C LYS I 1529 51.86 -16.57 -5.24
N TYR I 1530 52.32 -16.44 -4.00
CA TYR I 1530 53.73 -16.17 -3.70
C TYR I 1530 54.34 -17.21 -2.78
N VAL I 1531 54.21 -18.48 -3.14
CA VAL I 1531 54.83 -19.56 -2.36
C VAL I 1531 56.30 -19.25 -2.14
N GLY I 1532 56.77 -19.51 -0.92
CA GLY I 1532 58.13 -19.18 -0.52
C GLY I 1532 58.24 -17.99 0.41
N LYS I 1533 57.13 -17.33 0.75
CA LYS I 1533 57.12 -16.20 1.67
C LYS I 1533 56.09 -16.48 2.75
N SER I 1534 55.90 -15.50 3.65
CA SER I 1534 54.94 -15.62 4.74
C SER I 1534 54.18 -14.32 4.88
N ALA I 1535 52.85 -14.42 4.98
CA ALA I 1535 52.01 -13.23 5.09
C ALA I 1535 52.18 -12.56 6.44
N SER I 1536 52.29 -13.36 7.50
CA SER I 1536 52.36 -12.79 8.85
C SER I 1536 53.58 -11.89 9.01
N ASP I 1537 54.74 -12.34 8.54
CA ASP I 1537 55.94 -11.52 8.64
C ASP I 1537 55.82 -10.26 7.80
N LEU I 1538 55.21 -10.38 6.62
CA LEU I 1538 55.02 -9.21 5.76
C LEU I 1538 54.16 -8.15 6.46
N LEU I 1539 53.05 -8.59 7.06
CA LEU I 1539 52.20 -7.64 7.79
C LEU I 1539 52.93 -7.05 8.99
N LYS I 1540 53.71 -7.87 9.70
CA LYS I 1540 54.43 -7.38 10.86
C LYS I 1540 55.45 -6.32 10.47
N GLU I 1541 56.18 -6.54 9.36
CA GLU I 1541 57.21 -5.59 8.98
C GLU I 1541 56.63 -4.34 8.33
N ASN I 1542 55.57 -4.46 7.54
CA ASN I 1542 54.99 -3.28 6.90
C ASN I 1542 54.40 -2.33 7.92
N TYR I 1543 53.69 -2.84 8.90
CA TYR I 1543 53.03 -2.00 9.91
C TYR I 1543 53.48 -2.40 11.31
N PRO I 1544 54.29 -1.59 11.98
CA PRO I 1544 54.66 -1.91 13.36
C PRO I 1544 53.56 -1.69 14.37
N GLU I 1545 52.37 -1.26 13.93
CA GLU I 1545 51.28 -0.96 14.85
C GLU I 1545 50.78 -2.20 15.57
N CYS I 1546 50.98 -3.39 15.00
CA CYS I 1546 50.55 -4.64 15.63
C CYS I 1546 51.72 -5.61 15.66
N ILE I 1547 52.52 -5.53 16.72
CA ILE I 1547 53.55 -6.52 16.98
C ILE I 1547 52.97 -7.50 17.99
N SER I 1548 52.00 -7.03 18.78
CA SER I 1548 51.30 -7.91 19.71
C SER I 1548 50.35 -8.87 19.01
N ALA I 1549 50.09 -8.66 17.72
CA ALA I 1549 49.22 -9.55 16.98
C ALA I 1549 49.87 -10.92 16.85
N ASN I 1550 49.06 -11.96 17.02
CA ASN I 1550 49.52 -13.35 16.95
C ASN I 1550 48.48 -14.13 16.17
N PHE I 1551 48.72 -14.32 14.87
CA PHE I 1551 47.80 -15.05 14.03
C PHE I 1551 47.79 -16.52 14.43
N PHE I 1553 46.36 -18.19 16.22
CA PHE I 1553 46.00 -18.42 17.62
C PHE I 1553 44.74 -17.65 18.00
N ILE I 1554 44.62 -16.40 17.55
CA ILE I 1554 43.33 -15.73 17.59
C ILE I 1554 42.34 -16.44 16.67
N PHE I 1555 42.82 -16.87 15.51
CA PHE I 1555 42.01 -17.64 14.56
C PHE I 1555 42.23 -19.14 14.77
N ASN I 1556 41.99 -19.58 16.01
CA ASN I 1556 42.18 -20.98 16.35
C ASN I 1556 41.15 -21.86 15.65
N ASP I 1557 41.61 -23.03 15.20
CA ASP I 1557 40.75 -23.99 14.51
C ASP I 1557 40.21 -25.08 15.42
N ASN I 1558 40.92 -25.41 16.50
CA ASN I 1558 40.47 -26.46 17.40
C ASN I 1558 39.19 -26.05 18.11
N ILE I 1559 38.28 -27.00 18.25
CA ILE I 1559 37.02 -26.75 18.95
C ILE I 1559 37.27 -26.45 20.41
N GLU I 1560 38.27 -27.10 21.02
CA GLU I 1560 38.57 -26.87 22.42
C GLU I 1560 38.97 -25.42 22.66
N TYR I 1561 39.78 -24.85 21.76
CA TYR I 1561 40.16 -23.44 21.89
C TYR I 1561 38.97 -22.50 21.70
N LYS I 1562 37.83 -23.00 21.23
CA LYS I 1562 36.62 -22.20 21.12
C LYS I 1562 35.67 -22.40 22.28
N THR I 1563 35.63 -23.60 22.87
CA THR I 1563 34.73 -23.87 23.99
C THR I 1563 35.44 -23.78 25.34
N TYR I 1564 36.65 -24.33 25.47
CA TYR I 1564 37.40 -24.16 26.72
C TYR I 1564 37.84 -22.72 26.89
N TYR I 1565 38.27 -22.08 25.81
CA TYR I 1565 38.57 -20.67 25.81
C TYR I 1565 37.33 -19.93 25.30
N PRO I 1566 36.57 -19.26 26.15
CA PRO I 1566 35.32 -18.63 25.69
C PRO I 1566 35.54 -17.54 24.66
N TYR I 1567 36.72 -16.94 24.60
CA TYR I 1567 36.96 -15.86 23.64
C TYR I 1567 38.31 -16.00 22.94
N GLY I 1568 38.87 -17.21 22.89
CA GLY I 1568 40.14 -17.45 22.22
C GLY I 1568 41.29 -16.68 22.86
N ASP I 1569 41.82 -15.70 22.11
CA ASP I 1569 42.90 -14.88 22.65
C ASP I 1569 42.46 -14.02 23.82
N TYR I 1570 41.15 -13.81 23.99
CA TYR I 1570 40.67 -12.94 25.05
C TYR I 1570 39.87 -13.70 26.10
N SER I 1571 40.40 -14.86 26.53
CA SER I 1571 39.96 -15.51 27.76
C SER I 1571 40.53 -14.83 29.00
N SER I 1572 41.03 -13.63 28.69
CA SER I 1572 41.62 -12.67 29.61
C SER I 1572 40.53 -11.95 30.38
N ILE I 1573 40.87 -10.77 30.92
CA ILE I 1573 40.15 -10.06 31.96
C ILE I 1573 38.63 -10.12 31.80
N CYS I 1574 38.13 -10.20 30.57
CA CYS I 1574 36.68 -10.39 30.42
C CYS I 1574 36.22 -11.70 31.07
N SER I 1575 37.11 -12.68 31.20
CA SER I 1575 36.85 -13.90 31.95
C SER I 1575 37.86 -14.00 33.08
N CYS I 1576 37.36 -14.18 34.30
CA CYS I 1576 38.20 -14.23 35.50
C CYS I 1576 37.93 -15.53 36.25
N GLU I 1577 38.92 -16.41 36.30
CA GLU I 1577 38.81 -17.65 37.06
C GLU I 1577 39.98 -17.87 38.02
N GLN I 1578 41.19 -17.46 37.64
CA GLN I 1578 42.39 -17.62 38.46
C GLN I 1578 42.61 -19.09 38.84
N VAL I 1579 42.72 -19.92 37.81
CA VAL I 1579 42.93 -21.35 38.02
C VAL I 1579 44.40 -21.60 38.28
N LYS I 1580 44.70 -22.34 39.34
CA LYS I 1580 46.06 -22.64 39.74
C LYS I 1580 46.47 -24.02 39.24
N TYR I 1581 47.76 -24.15 38.92
CA TYR I 1581 48.28 -25.42 38.42
C TYR I 1581 48.23 -26.50 39.50
N TYR I 1582 47.93 -27.72 39.08
CA TYR I 1582 47.80 -28.86 39.97
C TYR I 1582 49.00 -29.78 39.80
N LYS I 1583 49.76 -29.96 40.88
CA LYS I 1583 50.99 -30.75 40.85
C LYS I 1583 50.66 -32.24 40.73
N TYR I 1584 51.72 -33.05 40.60
CA TYR I 1584 51.55 -34.50 40.49
C TYR I 1584 50.84 -35.08 41.71
N ASN I 1585 51.04 -34.47 42.88
CA ASN I 1585 50.35 -34.92 44.07
C ASN I 1585 48.84 -34.77 43.94
N ASN I 1586 48.38 -33.75 43.22
CA ASN I 1586 46.96 -33.58 42.95
C ASN I 1586 46.51 -34.60 41.92
N ALA I 1587 45.53 -35.42 42.28
CA ALA I 1587 45.01 -36.42 41.34
C ALA I 1587 44.36 -35.74 40.14
N GLU I 1588 43.62 -34.67 40.37
CA GLU I 1588 43.02 -33.92 39.28
C GLU I 1588 44.09 -33.13 38.53
N LYS I 1589 43.79 -32.80 37.28
CA LYS I 1589 44.74 -32.11 36.42
C LYS I 1589 44.11 -30.84 35.84
N LYS I 1590 44.80 -30.22 34.88
CA LYS I 1590 44.27 -29.04 34.21
C LYS I 1590 43.14 -29.37 33.24
N ASN I 1591 42.66 -30.61 33.23
CA ASN I 1591 41.61 -31.10 32.32
C ASN I 1591 41.78 -30.56 30.91
N ASN I 1592 42.99 -30.76 30.38
CA ASN I 1592 43.34 -30.36 29.01
C ASN I 1592 43.11 -28.87 28.79
N LYS I 1593 43.66 -28.06 29.71
CA LYS I 1593 43.53 -26.60 29.57
C LYS I 1593 44.23 -26.11 28.32
N SER I 1594 45.42 -26.63 28.04
CA SER I 1594 46.23 -26.21 26.89
C SER I 1594 46.62 -27.42 26.04
N LEU I 1595 45.63 -28.25 25.72
CA LEU I 1595 45.86 -29.47 24.95
C LEU I 1595 46.15 -29.10 23.50
N CYS I 1596 47.41 -28.74 23.24
CA CYS I 1596 47.85 -28.38 21.92
C CYS I 1596 48.08 -29.62 21.05
N TYR I 1597 48.34 -29.39 19.78
CA TYR I 1597 48.53 -30.47 18.84
C TYR I 1597 49.88 -31.16 19.07
N GLU I 1598 49.93 -32.45 18.73
CA GLU I 1598 51.16 -33.22 18.89
C GLU I 1598 52.19 -32.80 17.85
N LYS I 1599 53.46 -33.00 18.19
CA LYS I 1599 54.55 -32.64 17.32
C LYS I 1599 54.72 -33.66 16.20
N ASP I 1600 55.54 -33.30 15.21
CA ASP I 1600 55.80 -34.17 14.08
C ASP I 1600 57.08 -34.97 14.31
N ASN I 1601 57.36 -35.89 13.38
CA ASN I 1601 58.54 -36.73 13.45
C ASN I 1601 59.28 -36.90 12.13
N ASP I 1602 58.78 -36.34 11.04
CA ASP I 1602 59.37 -36.52 9.71
C ASP I 1602 59.46 -35.18 8.99
N MET I 1603 59.94 -34.15 9.68
CA MET I 1603 60.12 -32.83 9.10
C MET I 1603 61.56 -32.38 9.27
N THR I 1604 62.04 -31.58 8.32
CA THR I 1604 63.44 -31.27 8.19
C THR I 1604 63.79 -30.00 8.99
N TRP I 1605 65.02 -29.51 8.80
CA TRP I 1605 65.52 -28.36 9.53
C TRP I 1605 65.15 -27.06 8.80
N SER I 1606 65.56 -25.93 9.37
CA SER I 1606 65.28 -24.62 8.82
C SER I 1606 66.55 -23.79 8.82
N LYS I 1607 66.82 -23.10 7.70
CA LYS I 1607 67.98 -22.24 7.57
C LYS I 1607 67.67 -20.77 7.88
N LYS I 1608 66.40 -20.41 8.03
CA LYS I 1608 65.99 -19.03 8.19
C LYS I 1608 65.83 -18.71 9.68
N TYR I 1609 65.26 -17.52 9.96
CA TYR I 1609 64.98 -17.08 11.32
C TYR I 1609 66.24 -16.98 12.16
N ILE I 1610 67.31 -16.50 11.54
CA ILE I 1610 68.60 -16.26 12.21
C ILE I 1610 68.87 -14.77 12.17
N LYS I 1611 69.28 -14.23 13.32
CA LYS I 1611 69.55 -12.80 13.40
C LYS I 1611 70.67 -12.41 12.45
N LYS I 1612 70.53 -11.24 11.82
CA LYS I 1612 71.51 -10.74 10.86
C LYS I 1612 72.29 -9.60 11.54
N LEU I 1613 73.51 -9.92 11.98
CA LEU I 1613 74.36 -8.91 12.61
C LEU I 1613 74.72 -7.81 11.62
N GLU I 1614 75.10 -8.18 10.40
CA GLU I 1614 75.24 -7.23 9.30
C GLU I 1614 75.28 -8.01 7.99
N ASN I 1615 75.09 -7.27 6.89
CA ASN I 1615 75.10 -7.89 5.57
C ASN I 1615 76.47 -8.42 5.19
N GLY I 1616 77.55 -7.79 5.66
CA GLY I 1616 78.88 -8.26 5.30
C GLY I 1616 79.18 -9.65 5.84
N ARG I 1617 78.84 -9.89 7.11
CA ARG I 1617 79.09 -11.20 7.70
C ARG I 1617 78.09 -12.23 7.20
N SER I 1618 76.81 -12.03 7.49
CA SER I 1618 75.74 -12.94 7.09
C SER I 1618 76.06 -14.38 7.45
N LEU I 1619 76.20 -14.64 8.75
CA LEU I 1619 76.58 -15.97 9.22
C LEU I 1619 75.51 -16.99 8.84
N GLU I 1620 75.97 -18.14 8.36
CA GLU I 1620 75.10 -19.23 7.95
C GLU I 1620 75.62 -20.54 8.53
N GLY I 1621 75.01 -21.64 8.10
CA GLY I 1621 75.39 -22.95 8.60
C GLY I 1621 74.72 -23.37 9.88
N VAL I 1622 73.89 -22.51 10.47
CA VAL I 1622 73.13 -22.84 11.67
C VAL I 1622 71.72 -23.22 11.27
N TYR I 1623 71.23 -24.33 11.80
CA TYR I 1623 69.92 -24.86 11.42
C TYR I 1623 69.17 -25.28 12.68
N VAL I 1624 67.86 -25.02 12.68
CA VAL I 1624 67.03 -25.37 13.83
C VAL I 1624 66.76 -26.87 13.81
N PRO I 1625 67.05 -27.59 14.91
CA PRO I 1625 66.77 -29.02 14.92
C PRO I 1625 65.28 -29.28 14.80
N PRO I 1626 64.89 -30.42 14.21
CA PRO I 1626 63.46 -30.69 14.03
C PRO I 1626 62.67 -30.69 15.33
N ARG I 1627 63.25 -31.21 16.41
CA ARG I 1627 62.53 -31.27 17.69
C ARG I 1627 62.28 -29.87 18.26
N ARG I 1628 63.25 -28.96 18.14
CA ARG I 1628 63.09 -27.64 18.74
C ARG I 1628 62.00 -26.84 18.05
N GLN I 1629 61.93 -26.90 16.72
CA GLN I 1629 60.95 -26.11 15.99
C GLN I 1629 59.54 -26.66 16.12
N GLN I 1630 59.35 -27.85 16.70
CA GLN I 1630 58.03 -28.35 17.05
C GLN I 1630 57.93 -28.30 18.58
N LEU I 1631 57.54 -27.14 19.10
CA LEU I 1631 57.43 -26.92 20.53
C LEU I 1631 56.08 -26.30 20.85
N CYS I 1632 55.47 -26.74 21.94
CA CYS I 1632 54.17 -26.24 22.37
C CYS I 1632 54.40 -25.10 23.35
N LEU I 1633 54.04 -23.88 22.93
CA LEU I 1633 54.16 -22.68 23.76
C LEU I 1633 52.96 -21.79 23.56
N TYR I 1634 51.81 -22.39 23.26
CA TYR I 1634 50.60 -21.62 22.96
C TYR I 1634 50.06 -20.90 24.19
N GLU I 1635 50.04 -21.58 25.33
CA GLU I 1635 49.31 -21.09 26.50
C GLU I 1635 49.96 -19.89 27.18
N LEU I 1636 51.23 -19.59 26.90
CA LEU I 1636 51.88 -18.47 27.58
C LEU I 1636 51.32 -17.13 27.11
N PHE I 1637 50.97 -17.01 25.83
CA PHE I 1637 50.48 -15.74 25.31
C PHE I 1637 49.19 -15.28 25.96
N PRO I 1638 48.13 -16.09 26.05
CA PRO I 1638 46.89 -15.59 26.69
C PRO I 1638 47.06 -15.27 28.16
N ILE I 1639 47.82 -16.08 28.89
CA ILE I 1639 48.01 -15.82 30.31
C ILE I 1639 48.84 -14.56 30.52
N ILE I 1640 49.84 -14.32 29.65
CA ILE I 1640 50.60 -13.08 29.73
C ILE I 1640 49.70 -11.88 29.44
N ILE I 1641 48.84 -12.00 28.43
CA ILE I 1641 47.91 -10.91 28.12
C ILE I 1641 46.99 -10.65 29.31
N LYS I 1642 46.53 -11.72 29.97
CA LYS I 1642 45.69 -11.54 31.14
C LYS I 1642 46.45 -10.85 32.27
N ASN I 1643 47.70 -11.25 32.50
CA ASN I 1643 48.50 -10.70 33.59
C ASN I 1643 49.36 -9.51 33.15
N GLU I 1644 48.96 -8.81 32.08
CA GLU I 1644 49.61 -7.56 31.74
C GLU I 1644 49.67 -6.60 32.93
N GLU I 1645 48.60 -6.55 33.70
CA GLU I 1645 48.57 -5.77 34.93
C GLU I 1645 49.15 -6.57 36.09
N GLY I 1646 49.81 -5.88 37.01
CA GLY I 1646 50.38 -6.53 38.17
C GLY I 1646 51.83 -6.93 37.98
N MET I 1647 52.67 -5.97 37.59
CA MET I 1647 54.08 -6.27 37.35
C MET I 1647 54.80 -6.64 38.64
N GLU I 1648 55.76 -7.55 38.52
CA GLU I 1648 56.64 -7.99 39.60
C GLU I 1648 55.90 -8.66 40.76
N LYS I 1649 54.60 -8.95 40.60
CA LYS I 1649 53.85 -9.66 41.63
C LYS I 1649 53.12 -10.88 41.09
N ALA I 1650 53.14 -11.10 39.78
CA ALA I 1650 52.51 -12.26 39.16
C ALA I 1650 53.53 -13.30 38.73
N LYS I 1651 54.77 -13.22 39.23
CA LYS I 1651 55.80 -14.16 38.82
C LYS I 1651 55.48 -15.58 39.25
N GLU I 1652 54.71 -15.74 40.33
CA GLU I 1652 54.27 -17.07 40.72
C GLU I 1652 53.31 -17.66 39.69
N GLU I 1653 52.46 -16.82 39.10
CA GLU I 1653 51.60 -17.29 38.01
C GLU I 1653 52.43 -17.68 36.80
N LEU I 1654 53.49 -16.92 36.50
CA LEU I 1654 54.39 -17.29 35.42
C LEU I 1654 55.06 -18.64 35.70
N LEU I 1655 55.47 -18.86 36.96
CA LEU I 1655 56.06 -20.13 37.33
C LEU I 1655 55.07 -21.28 37.14
N GLU I 1656 53.82 -21.07 37.56
CA GLU I 1656 52.81 -22.10 37.38
C GLU I 1656 52.58 -22.39 35.90
N THR I 1657 52.53 -21.35 35.07
CA THR I 1657 52.30 -21.55 33.64
C THR I 1657 53.47 -22.29 32.99
N LEU I 1658 54.70 -21.94 33.35
CA LEU I 1658 55.84 -22.64 32.77
C LEU I 1658 55.92 -24.08 33.25
N GLN I 1659 55.55 -24.34 34.51
CA GLN I 1659 55.44 -25.72 34.96
C GLN I 1659 54.39 -26.49 34.15
N ILE I 1660 53.24 -25.85 33.90
CA ILE I 1660 52.20 -26.47 33.09
C ILE I 1660 52.75 -26.83 31.72
N VAL I 1661 53.40 -25.87 31.05
CA VAL I 1661 53.84 -26.08 29.68
C VAL I 1661 54.95 -27.13 29.63
N ALA I 1662 55.85 -27.13 30.62
CA ALA I 1662 56.90 -28.14 30.65
C ALA I 1662 56.33 -29.53 30.85
N GLU I 1663 55.38 -29.68 31.78
CA GLU I 1663 54.77 -30.98 31.99
C GLU I 1663 54.02 -31.45 30.75
N ARG I 1664 53.27 -30.54 30.11
CA ARG I 1664 52.53 -30.93 28.92
C ARG I 1664 53.46 -31.35 27.79
N GLU I 1665 54.53 -30.59 27.55
CA GLU I 1665 55.43 -30.93 26.45
C GLU I 1665 56.19 -32.23 26.74
N ALA I 1666 56.59 -32.44 27.99
CA ALA I 1666 57.26 -33.69 28.33
C ALA I 1666 56.32 -34.88 28.13
N TYR I 1667 55.06 -34.75 28.57
CA TYR I 1667 54.10 -35.83 28.39
C TYR I 1667 53.85 -36.09 26.90
N TYR I 1668 53.72 -35.03 26.11
CA TYR I 1668 53.51 -35.21 24.68
C TYR I 1668 54.70 -35.90 24.02
N LEU I 1669 55.91 -35.48 24.37
CA LEU I 1669 57.10 -36.08 23.79
C LEU I 1669 57.22 -37.55 24.15
N TRP I 1670 56.95 -37.89 25.41
CA TRP I 1670 57.04 -39.29 25.82
C TRP I 1670 55.92 -40.12 25.19
N LYS I 1671 54.73 -39.55 25.04
CA LYS I 1671 53.62 -40.29 24.45
C LYS I 1671 53.84 -40.53 22.97
N GLN I 1672 54.46 -39.58 22.28
CA GLN I 1672 54.60 -39.69 20.83
C GLN I 1672 55.87 -40.46 20.44
N TYR I 1673 56.95 -40.28 21.18
CA TYR I 1673 58.25 -40.82 20.77
C TYR I 1673 58.47 -42.25 21.25
N ASN I 1674 57.97 -42.60 22.44
CA ASN I 1674 58.21 -43.94 22.98
C ASN I 1674 57.66 -45.06 22.08
N PRO I 1675 56.43 -44.99 21.58
CA PRO I 1675 55.97 -46.05 20.66
C PRO I 1675 56.79 -46.15 19.39
N THR I 1676 57.42 -45.06 18.96
CA THR I 1676 58.24 -45.07 17.74
C THR I 1676 59.55 -45.78 18.06
N GLY I 1677 59.49 -47.11 18.01
CA GLY I 1677 60.64 -47.93 18.32
C GLY I 1677 60.38 -48.93 19.44
N LYS I 1678 60.55 -50.21 19.15
CA LYS I 1678 60.33 -51.26 20.13
C LYS I 1678 61.55 -51.54 21.00
N GLY I 1679 62.65 -50.83 20.76
CA GLY I 1679 63.84 -50.94 21.59
C GLY I 1679 63.71 -50.11 22.84
N ILE I 1680 62.97 -50.63 23.84
CA ILE I 1680 62.62 -49.86 25.03
C ILE I 1680 63.85 -49.19 25.63
N ASP I 1681 64.98 -49.91 25.69
CA ASP I 1681 66.18 -49.37 26.34
C ASP I 1681 66.68 -48.11 25.63
N ASP I 1682 67.12 -48.26 24.38
CA ASP I 1682 67.74 -47.13 23.70
C ASP I 1682 66.71 -46.06 23.33
N ALA I 1683 65.47 -46.46 23.05
CA ALA I 1683 64.42 -45.46 22.82
C ALA I 1683 64.19 -44.62 24.07
N ASN I 1684 64.15 -45.26 25.23
CA ASN I 1684 63.99 -44.51 26.48
C ASN I 1684 65.18 -43.60 26.73
N LYS I 1685 66.40 -44.09 26.46
CA LYS I 1685 67.58 -43.24 26.63
C LYS I 1685 67.53 -42.03 25.70
N LYS I 1686 67.14 -42.25 24.44
CA LYS I 1686 67.04 -41.14 23.49
C LYS I 1686 65.95 -40.16 23.90
N ALA I 1687 64.82 -40.66 24.41
CA ALA I 1687 63.78 -39.76 24.89
C ALA I 1687 64.25 -38.95 26.08
N CYS I 1688 65.03 -39.56 26.98
CA CYS I 1688 65.59 -38.82 28.09
C CYS I 1688 66.55 -37.74 27.62
N CYS I 1689 67.39 -38.06 26.63
CA CYS I 1689 68.29 -37.05 26.08
C CYS I 1689 67.49 -35.93 25.41
N ALA I 1690 66.42 -36.27 24.71
CA ALA I 1690 65.60 -35.26 24.05
C ALA I 1690 64.93 -34.33 25.05
N ILE I 1691 64.37 -34.88 26.13
CA ILE I 1691 63.74 -34.02 27.13
C ILE I 1691 64.80 -33.21 27.88
N ARG I 1692 66.01 -33.77 28.05
CA ARG I 1692 67.10 -33.00 28.62
C ARG I 1692 67.43 -31.80 27.74
N GLY I 1693 67.52 -32.01 26.43
CA GLY I 1693 67.79 -30.91 25.52
C GLY I 1693 66.66 -29.89 25.50
N SER I 1694 65.42 -30.37 25.61
CA SER I 1694 64.28 -29.46 25.69
C SER I 1694 64.36 -28.59 26.94
N PHE I 1695 64.72 -29.19 28.07
CA PHE I 1695 64.91 -28.41 29.29
C PHE I 1695 66.03 -27.41 29.14
N TYR I 1696 67.13 -27.81 28.49
CA TYR I 1696 68.25 -26.89 28.27
C TYR I 1696 67.82 -25.71 27.41
N ASP I 1697 67.06 -25.97 26.34
CA ASP I 1697 66.58 -24.90 25.49
C ASP I 1697 65.61 -23.98 26.24
N LEU I 1698 64.75 -24.57 27.09
CA LEU I 1698 63.84 -23.76 27.89
C LEU I 1698 64.62 -22.87 28.86
N GLU I 1699 65.67 -23.41 29.48
CA GLU I 1699 66.50 -22.59 30.35
C GLU I 1699 67.19 -21.48 29.57
N ASP I 1700 67.67 -21.78 28.36
CA ASP I 1700 68.32 -20.76 27.54
C ASP I 1700 67.35 -19.64 27.18
N ILE I 1701 66.12 -19.99 26.80
CA ILE I 1701 65.15 -18.96 26.44
C ILE I 1701 64.64 -18.23 27.67
N ILE I 1702 64.73 -18.84 28.85
CA ILE I 1702 64.46 -18.10 30.09
C ILE I 1702 65.48 -16.98 30.26
N LYS I 1703 66.75 -17.28 30.00
CA LYS I 1703 67.82 -16.30 30.07
C LYS I 1703 68.04 -15.60 28.74
N GLY I 1704 67.27 -15.94 27.71
CA GLY I 1704 67.39 -15.29 26.42
C GLY I 1704 68.73 -15.50 25.72
N ASN I 1705 69.21 -16.75 25.68
CA ASN I 1705 70.49 -17.08 25.06
C ASN I 1705 70.30 -17.99 23.85
N ASP I 1706 69.30 -17.72 23.03
CA ASP I 1706 69.03 -18.48 21.82
C ASP I 1706 69.18 -17.58 20.61
N LEU I 1707 69.08 -18.20 19.41
CA LEU I 1707 69.24 -17.49 18.16
C LEU I 1707 67.95 -17.33 17.38
N VAL I 1708 66.91 -18.12 17.66
CA VAL I 1708 65.65 -17.99 16.96
C VAL I 1708 64.99 -16.66 17.33
N HIS I 1709 64.38 -16.02 16.34
CA HIS I 1709 63.78 -14.69 16.51
C HIS I 1709 62.42 -14.63 15.84
N ASP I 1710 61.60 -15.66 16.06
CA ASP I 1710 60.26 -15.68 15.50
C ASP I 1710 59.33 -14.76 16.31
N GLU I 1711 58.06 -14.73 15.91
CA GLU I 1711 57.10 -13.87 16.59
C GLU I 1711 56.89 -14.28 18.04
N TYR I 1712 57.10 -15.56 18.36
CA TYR I 1712 56.94 -16.02 19.73
C TYR I 1712 58.10 -15.58 20.60
N THR I 1713 59.32 -15.92 20.19
CA THR I 1713 60.51 -15.61 21.00
C THR I 1713 60.72 -14.11 21.12
N LYS I 1714 60.47 -13.36 20.06
CA LYS I 1714 60.64 -11.91 20.11
C LYS I 1714 59.71 -11.29 21.17
N TYR I 1715 58.43 -11.65 21.12
CA TYR I 1715 57.48 -11.12 22.09
C TYR I 1715 57.84 -11.58 23.50
N ILE I 1716 58.24 -12.85 23.65
CA ILE I 1716 58.58 -13.37 24.97
C ILE I 1716 59.75 -12.61 25.57
N ASP I 1717 60.80 -12.39 24.77
CA ASP I 1717 61.96 -11.69 25.30
C ASP I 1717 61.65 -10.23 25.58
N SER I 1718 60.80 -9.62 24.75
CA SER I 1718 60.39 -8.24 25.03
C SER I 1718 59.66 -8.15 26.37
N LYS I 1719 58.72 -9.08 26.61
CA LYS I 1719 57.98 -9.07 27.86
C LYS I 1719 58.89 -9.33 29.05
N LEU I 1720 59.81 -10.28 28.91
CA LEU I 1720 60.74 -10.55 30.01
C LEU I 1720 61.65 -9.36 30.28
N ASN I 1721 62.10 -8.67 29.23
CA ASN I 1721 62.94 -7.50 29.41
C ASN I 1721 62.18 -6.38 30.11
N GLU I 1722 60.93 -6.14 29.71
CA GLU I 1722 60.17 -5.08 30.37
C GLU I 1722 59.72 -5.47 31.77
N ILE I 1723 59.66 -6.76 32.08
CA ILE I 1723 59.33 -7.18 33.44
C ILE I 1723 60.53 -7.07 34.36
N PHE I 1724 61.65 -7.69 33.98
CA PHE I 1724 62.82 -7.68 34.85
C PHE I 1724 63.50 -6.31 34.87
N GLY I 1725 63.67 -5.69 33.71
CA GLY I 1725 64.30 -4.39 33.64
C GLY I 1725 63.42 -3.29 34.20
N SER I 1726 63.78 -2.79 35.38
CA SER I 1726 62.94 -1.79 36.05
C SER I 1726 62.87 -0.49 35.26
N SER I 1727 63.97 0.25 35.19
CA SER I 1727 63.95 1.48 34.41
C SER I 1727 65.14 1.62 33.46
N ASN I 1728 66.35 1.23 33.88
CA ASN I 1728 67.53 1.49 33.07
C ASN I 1728 68.57 0.37 33.14
N THR I 1729 68.20 -0.81 33.58
CA THR I 1729 69.17 -1.90 33.69
C THR I 1729 69.68 -2.30 32.30
N ASN I 1730 70.98 -2.55 32.21
CA ASN I 1730 71.60 -2.90 30.95
C ASN I 1730 71.12 -4.28 30.48
N ASP I 1731 71.33 -4.55 29.19
CA ASP I 1731 70.94 -5.84 28.64
C ASP I 1731 71.67 -6.98 29.34
N ILE I 1732 72.99 -6.83 29.54
CA ILE I 1732 73.74 -7.83 30.27
C ILE I 1732 73.29 -7.89 31.72
N ASP I 1733 72.92 -6.75 32.30
CA ASP I 1733 72.38 -6.74 33.66
C ASP I 1733 71.07 -7.52 33.73
N THR I 1734 70.20 -7.34 32.74
CA THR I 1734 68.96 -8.11 32.71
C THR I 1734 69.23 -9.60 32.53
N LYS I 1735 70.20 -9.94 31.68
CA LYS I 1735 70.58 -11.34 31.51
C LYS I 1735 71.04 -11.94 32.84
N ARG I 1736 71.89 -11.21 33.56
CA ARG I 1736 72.36 -11.69 34.85
C ARG I 1736 71.22 -11.84 35.85
N ALA I 1737 70.32 -10.85 35.88
CA ALA I 1737 69.21 -10.88 36.82
C ALA I 1737 68.30 -12.08 36.55
N ARG I 1738 67.93 -12.29 35.29
CA ARG I 1738 67.08 -13.43 34.96
C ARG I 1738 67.80 -14.76 35.17
N THR I 1739 69.11 -14.82 34.91
CA THR I 1739 69.86 -16.05 35.16
C THR I 1739 69.87 -16.40 36.64
N ASP I 1740 70.17 -15.42 37.50
CA ASP I 1740 70.21 -15.71 38.93
C ASP I 1740 68.82 -16.00 39.47
N TRP I 1741 67.79 -15.33 38.94
CA TRP I 1741 66.42 -15.64 39.35
C TRP I 1741 66.03 -17.07 38.97
N TRP I 1742 66.43 -17.51 37.77
CA TRP I 1742 66.17 -18.88 37.36
C TRP I 1742 66.94 -19.86 38.23
N GLU I 1743 68.18 -19.52 38.60
CA GLU I 1743 68.96 -20.39 39.46
C GLU I 1743 68.57 -20.27 40.93
N ASN I 1744 67.87 -19.21 41.32
CA ASN I 1744 67.51 -19.01 42.71
C ASN I 1744 66.43 -20.00 43.15
N GLU I 1745 66.38 -20.23 44.46
CA GLU I 1745 65.39 -21.12 45.07
C GLU I 1745 64.44 -20.31 45.94
N THR I 1746 63.18 -20.72 45.99
CA THR I 1746 62.18 -20.07 46.82
C THR I 1746 61.67 -21.01 47.92
N THR I 1755 65.29 -24.76 43.61
CA THR I 1755 65.54 -23.80 42.55
C THR I 1755 64.46 -23.89 41.48
N ILE I 1756 64.33 -22.82 40.69
CA ILE I 1756 63.38 -22.83 39.59
C ILE I 1756 63.71 -23.97 38.62
N ARG I 1757 64.99 -24.15 38.32
CA ARG I 1757 65.40 -25.36 37.62
C ARG I 1757 65.59 -26.54 38.57
N GLN I 1758 64.65 -26.69 39.51
CA GLN I 1758 64.40 -27.94 40.20
C GLN I 1758 62.88 -28.13 40.20
N LEU I 1759 62.15 -27.01 40.25
CA LEU I 1759 60.70 -27.05 40.08
C LEU I 1759 60.34 -27.50 38.67
N VAL I 1760 61.03 -26.98 37.66
CA VAL I 1760 60.77 -27.42 36.29
C VAL I 1760 61.19 -28.87 36.11
N TRP I 1761 62.27 -29.29 36.78
CA TRP I 1761 62.69 -30.68 36.70
C TRP I 1761 61.65 -31.60 37.31
N ASP I 1762 61.08 -31.21 38.45
CA ASP I 1762 60.01 -31.99 39.07
C ASP I 1762 58.75 -32.00 38.21
N ALA I 1763 58.44 -30.88 37.55
CA ALA I 1763 57.30 -30.86 36.64
C ALA I 1763 57.51 -31.81 35.46
N MET I 1764 58.74 -31.82 34.91
CA MET I 1764 59.04 -32.75 33.82
C MET I 1764 58.96 -34.19 34.30
N GLN I 1765 59.44 -34.47 35.51
CA GLN I 1765 59.32 -35.80 36.08
C GLN I 1765 57.86 -36.19 36.28
N SER I 1766 57.03 -35.23 36.71
CA SER I 1766 55.61 -35.50 36.86
C SER I 1766 54.97 -35.83 35.52
N GLY I 1767 55.32 -35.08 34.47
CA GLY I 1767 54.78 -35.36 33.16
C GLY I 1767 55.22 -36.71 32.61
N VAL I 1768 56.50 -37.04 32.78
CA VAL I 1768 56.98 -38.34 32.30
C VAL I 1768 56.36 -39.47 33.10
N ARG I 1769 56.12 -39.27 34.41
CA ARG I 1769 55.47 -40.31 35.19
C ARG I 1769 54.00 -40.46 34.80
N TYR I 1770 53.34 -39.35 34.44
CA TYR I 1770 51.99 -39.45 33.89
C TYR I 1770 51.99 -40.25 32.60
N ALA I 1771 52.98 -40.01 31.74
CA ALA I 1771 53.10 -40.79 30.51
C ALA I 1771 53.35 -42.27 30.82
N VAL I 1772 54.16 -42.55 31.84
CA VAL I 1772 54.44 -43.92 32.24
C VAL I 1772 53.16 -44.62 32.71
N GLU I 1773 52.41 -43.97 33.59
CA GLU I 1773 51.19 -44.61 34.11
C GLU I 1773 50.12 -44.72 33.03
N GLU I 1774 50.13 -43.82 32.05
CA GLU I 1774 49.21 -43.96 30.93
C GLU I 1774 49.61 -45.11 30.03
N LYS I 1775 50.91 -45.29 29.80
CA LYS I 1775 51.41 -46.38 28.97
C LYS I 1775 51.61 -47.67 29.75
N ASN I 1776 51.50 -47.64 31.08
CA ASN I 1776 51.64 -48.81 31.94
C ASN I 1776 53.01 -49.47 31.76
N GLU I 1777 54.05 -48.69 32.03
CA GLU I 1777 55.42 -49.17 31.92
C GLU I 1777 56.18 -48.85 33.20
N ASN I 1778 57.51 -49.01 33.18
CA ASN I 1778 58.34 -48.73 34.33
C ASN I 1778 58.93 -47.33 34.23
N PHE I 1779 59.62 -46.93 35.30
CA PHE I 1779 60.30 -45.64 35.34
C PHE I 1779 61.73 -45.80 34.83
N PRO I 1780 62.12 -45.16 33.73
CA PRO I 1780 63.47 -45.34 33.20
C PRO I 1780 64.52 -44.81 34.15
N LEU I 1781 65.69 -45.45 34.12
CA LEU I 1781 66.81 -45.00 34.93
C LEU I 1781 67.28 -43.61 34.50
N CYS I 1782 67.30 -43.37 33.19
CA CYS I 1782 67.67 -42.04 32.68
C CYS I 1782 66.69 -41.00 33.17
N MET I 1783 67.22 -39.81 33.50
CA MET I 1783 66.45 -38.64 33.91
C MET I 1783 65.91 -38.85 35.32
N GLY I 1784 66.08 -40.06 35.87
CA GLY I 1784 65.63 -40.34 37.22
C GLY I 1784 66.40 -39.59 38.29
N VAL I 1785 67.59 -39.10 37.97
CA VAL I 1785 68.36 -38.31 38.93
C VAL I 1785 67.63 -37.00 39.20
N GLU I 1786 67.67 -36.56 40.46
CA GLU I 1786 66.99 -35.33 40.85
C GLU I 1786 67.78 -34.08 40.51
N HIS I 1787 69.06 -34.20 40.19
CA HIS I 1787 69.91 -33.07 39.85
C HIS I 1787 70.73 -33.40 38.61
N ILE I 1788 70.91 -32.40 37.74
CA ILE I 1788 71.73 -32.53 36.55
C ILE I 1788 72.64 -31.32 36.44
N GLY I 1789 73.74 -31.51 35.71
CA GLY I 1789 74.76 -30.48 35.61
C GLY I 1789 74.45 -29.43 34.56
N ILE I 1790 75.39 -28.49 34.41
CA ILE I 1790 75.26 -27.42 33.43
C ILE I 1790 75.49 -27.98 32.05
N ALA I 1791 74.59 -27.65 31.13
CA ALA I 1791 74.63 -28.23 29.78
C ALA I 1791 75.61 -27.48 28.89
N LYS I 1792 75.93 -28.11 27.76
CA LYS I 1792 76.78 -27.51 26.76
C LYS I 1792 76.02 -26.42 26.00
N PRO I 1793 76.73 -25.55 25.29
CA PRO I 1793 76.04 -24.56 24.44
C PRO I 1793 75.14 -25.26 23.42
N GLN I 1794 74.02 -24.61 23.11
CA GLN I 1794 72.98 -25.24 22.30
C GLN I 1794 73.49 -25.64 20.92
N PHE I 1795 74.51 -24.96 20.41
CA PHE I 1795 75.07 -25.33 19.11
C PHE I 1795 75.66 -26.73 19.15
N ILE I 1796 76.39 -27.05 20.21
CA ILE I 1796 76.99 -28.38 20.34
C ILE I 1796 75.91 -29.45 20.45
N ARG I 1797 74.85 -29.15 21.22
CA ARG I 1797 73.75 -30.10 21.36
C ARG I 1797 73.06 -30.34 20.02
N TRP I 1798 72.82 -29.26 19.26
CA TRP I 1798 72.22 -29.40 17.94
C TRP I 1798 73.11 -30.22 17.03
N LEU I 1799 74.42 -29.98 17.07
CA LEU I 1799 75.34 -30.74 16.23
C LEU I 1799 75.33 -32.22 16.58
N GLU I 1800 75.37 -32.54 17.87
CA GLU I 1800 75.43 -33.95 18.26
C GLU I 1800 74.12 -34.67 17.94
N GLU I 1801 72.98 -34.00 18.15
CA GLU I 1801 71.71 -34.65 17.79
C GLU I 1801 71.56 -34.77 16.28
N TRP I 1802 72.11 -33.81 15.52
CA TRP I 1802 72.12 -33.94 14.07
C TRP I 1802 72.94 -35.15 13.63
N THR I 1803 74.11 -35.34 14.26
CA THR I 1803 74.92 -36.52 13.95
C THR I 1803 74.17 -37.80 14.31
N ASN I 1804 73.47 -37.80 15.45
CA ASN I 1804 72.72 -38.98 15.87
C ASN I 1804 71.63 -39.32 14.88
N GLU I 1805 70.82 -38.33 14.48
CA GLU I 1805 69.74 -38.60 13.55
C GLU I 1805 70.26 -38.98 12.17
N PHE I 1806 71.37 -38.36 11.74
CA PHE I 1806 71.98 -38.75 10.47
C PHE I 1806 72.46 -40.19 10.52
N CYS I 1807 73.08 -40.60 11.62
CA CYS I 1807 73.52 -41.98 11.75
C CYS I 1807 72.35 -42.95 11.73
N GLU I 1808 71.26 -42.62 12.44
CA GLU I 1808 70.09 -43.49 12.46
C GLU I 1808 69.48 -43.61 11.07
N LYS I 1809 69.34 -42.49 10.36
CA LYS I 1809 68.77 -42.51 9.03
C LYS I 1809 69.64 -43.29 8.06
N TYR I 1810 70.97 -43.11 8.15
CA TYR I 1810 71.88 -43.85 7.29
C TYR I 1810 71.78 -45.35 7.55
N THR I 1811 71.76 -45.74 8.83
CA THR I 1811 71.64 -47.15 9.15
C THR I 1811 70.32 -47.74 8.67
N LYS I 1812 69.23 -46.99 8.75
CA LYS I 1812 67.96 -47.50 8.23
C LYS I 1812 67.98 -47.62 6.72
N TYR I 1813 68.42 -46.56 6.02
CA TYR I 1813 68.31 -46.53 4.56
C TYR I 1813 69.27 -47.50 3.90
N PHE I 1814 70.52 -47.56 4.37
CA PHE I 1814 71.49 -48.49 3.80
C PHE I 1814 71.04 -49.93 4.03
N GLU I 1815 70.53 -50.24 5.22
CA GLU I 1815 70.03 -51.58 5.50
C GLU I 1815 68.85 -51.93 4.60
N ASP I 1816 67.93 -50.98 4.41
CA ASP I 1816 66.78 -51.23 3.54
C ASP I 1816 67.24 -51.48 2.10
N MET I 1817 68.16 -50.66 1.60
CA MET I 1817 68.64 -50.84 0.23
C MET I 1817 69.37 -52.17 0.07
N LYS I 1818 70.19 -52.56 1.05
CA LYS I 1818 70.87 -53.85 0.97
C LYS I 1818 69.87 -55.01 1.03
N SER I 1819 68.84 -54.89 1.86
CA SER I 1819 67.84 -55.94 1.95
C SER I 1819 67.06 -56.09 0.65
N LYS I 1820 66.71 -54.97 0.02
CA LYS I 1820 65.96 -55.04 -1.24
C LYS I 1820 66.79 -55.65 -2.35
N CYS I 1821 68.10 -55.45 -2.31
CA CYS I 1821 68.99 -56.03 -3.31
C CYS I 1821 70.36 -56.36 -2.73
N ILE I 1836 67.97 -55.42 -7.56
CA ILE I 1836 66.95 -55.93 -8.47
C ILE I 1836 65.70 -55.06 -8.39
N GLU I 1837 65.38 -54.57 -7.19
CA GLU I 1837 64.24 -53.70 -7.00
C GLU I 1837 64.56 -52.48 -6.13
N CYS I 1838 65.76 -52.43 -5.55
CA CYS I 1838 66.20 -51.35 -4.65
C CYS I 1838 66.37 -50.02 -5.35
N LYS I 1839 66.02 -49.89 -6.63
CA LYS I 1839 66.19 -48.61 -7.32
C LYS I 1839 65.40 -47.50 -6.65
N LYS I 1840 64.16 -47.81 -6.22
CA LYS I 1840 63.40 -46.83 -5.44
C LYS I 1840 64.03 -46.60 -4.07
N ALA I 1841 64.50 -47.66 -3.43
CA ALA I 1841 65.18 -47.51 -2.14
C ALA I 1841 66.47 -46.71 -2.31
N CYS I 1842 67.22 -46.97 -3.38
CA CYS I 1842 68.43 -46.19 -3.65
C CYS I 1842 68.09 -44.74 -3.93
N ALA I 1843 66.99 -44.48 -4.64
CA ALA I 1843 66.57 -43.10 -4.87
C ALA I 1843 66.24 -42.40 -3.56
N ASN I 1844 65.54 -43.08 -2.66
CA ASN I 1844 65.25 -42.51 -1.36
C ASN I 1844 66.54 -42.22 -0.59
N TYR I 1845 67.48 -43.17 -0.61
CA TYR I 1845 68.74 -42.99 0.09
C TYR I 1845 69.52 -41.79 -0.45
N THR I 1846 69.58 -41.66 -1.78
CA THR I 1846 70.39 -40.59 -2.36
C THR I 1846 69.71 -39.23 -2.18
N ASN I 1847 68.37 -39.17 -2.26
CA ASN I 1847 67.72 -37.89 -2.04
C ASN I 1847 67.68 -37.51 -0.57
N TRP I 1848 67.83 -38.47 0.34
CA TRP I 1848 68.06 -38.12 1.74
C TRP I 1848 69.50 -37.66 1.97
N LEU I 1849 70.45 -38.26 1.27
CA LEU I 1849 71.86 -37.93 1.48
C LEU I 1849 72.22 -36.58 0.87
N ASN I 1850 71.55 -36.21 -0.22
CA ASN I 1850 71.90 -34.97 -0.93
C ASN I 1850 71.83 -33.72 -0.05
N PRO I 1851 70.77 -33.47 0.73
CA PRO I 1851 70.75 -32.24 1.55
C PRO I 1851 71.78 -32.22 2.66
N LYS I 1852 72.35 -33.38 3.03
CA LYS I 1852 73.25 -33.42 4.17
C LYS I 1852 74.62 -32.82 3.90
N ARG I 1853 75.04 -32.78 2.63
CA ARG I 1853 76.38 -32.24 2.31
C ARG I 1853 76.45 -30.77 2.64
N ILE I 1854 75.44 -29.99 2.24
CA ILE I 1854 75.45 -28.56 2.51
C ILE I 1854 75.33 -28.30 4.01
N GLU I 1855 74.57 -29.14 4.72
CA GLU I 1855 74.49 -29.02 6.17
C GLU I 1855 75.86 -29.22 6.81
N TRP I 1856 76.55 -30.30 6.40
CA TRP I 1856 77.87 -30.60 6.94
C TRP I 1856 78.82 -29.44 6.68
N ASN I 1857 78.85 -28.96 5.44
CA ASN I 1857 79.71 -27.82 5.11
C ASN I 1857 79.35 -26.61 5.97
N GLY I 1858 78.06 -26.38 6.19
CA GLY I 1858 77.64 -25.22 6.96
C GLY I 1858 78.15 -25.24 8.38
N MET I 1859 77.87 -26.32 9.12
CA MET I 1859 78.32 -26.24 10.51
C MET I 1859 79.83 -26.45 10.63
N SER I 1860 80.47 -27.13 9.68
CA SER I 1860 81.92 -27.22 9.71
C SER I 1860 82.55 -25.84 9.54
N ASN I 1861 82.05 -25.07 8.57
CA ASN I 1861 82.56 -23.73 8.36
C ASN I 1861 82.28 -22.82 9.55
N TYR I 1862 81.09 -22.95 10.15
CA TYR I 1862 80.79 -22.14 11.32
C TYR I 1862 81.70 -22.50 12.49
N TYR I 1863 81.94 -23.79 12.70
CA TYR I 1863 82.81 -24.25 13.79
C TYR I 1863 84.24 -23.78 13.59
N ASN I 1864 84.73 -23.82 12.34
CA ASN I 1864 86.12 -23.44 12.08
C ASN I 1864 86.39 -21.96 12.34
N LYS I 1865 85.35 -21.15 12.49
CA LYS I 1865 85.51 -19.71 12.66
C LYS I 1865 85.26 -19.23 14.08
N ILE I 1866 84.87 -20.13 15.00
CA ILE I 1866 84.50 -19.72 16.34
C ILE I 1866 85.19 -20.58 17.38
N TYR I 1867 85.79 -21.70 16.95
CA TYR I 1867 86.38 -22.64 17.90
C TYR I 1867 87.58 -22.03 18.60
N ARG I 1868 87.74 -22.40 19.87
CA ARG I 1868 88.89 -22.02 20.70
C ARG I 1868 89.02 -20.50 20.80
N LYS I 1869 87.99 -19.88 21.39
CA LYS I 1869 87.99 -18.44 21.66
C LYS I 1869 87.57 -18.25 23.12
N SER I 1870 88.49 -17.75 23.95
CA SER I 1870 88.27 -17.65 25.39
C SER I 1870 87.46 -16.41 25.76
N ASN I 1871 86.31 -16.24 25.12
CA ASN I 1871 85.31 -15.20 25.39
C ASN I 1871 85.85 -13.79 25.19
N LYS I 1872 87.10 -13.62 24.75
CA LYS I 1872 87.66 -12.30 24.51
C LYS I 1872 87.40 -11.86 23.06
N GLU I 1873 87.83 -12.68 22.10
CA GLU I 1873 87.57 -12.44 20.69
C GLU I 1873 86.43 -13.29 20.16
N SER I 1874 85.63 -13.88 21.05
CA SER I 1874 84.53 -14.74 20.63
C SER I 1874 83.47 -13.94 19.88
N GLU I 1875 82.80 -14.61 18.95
CA GLU I 1875 81.80 -13.95 18.12
C GLU I 1875 80.58 -13.53 18.92
N ASP I 1876 80.31 -14.18 20.05
CA ASP I 1876 79.14 -13.87 20.86
C ASP I 1876 79.57 -13.85 22.33
N GLY I 1877 78.59 -13.68 23.22
CA GLY I 1877 78.86 -13.67 24.65
C GLY I 1877 79.03 -15.03 25.27
N LYS I 1878 78.78 -16.10 24.51
CA LYS I 1878 78.96 -17.45 25.03
C LYS I 1878 80.44 -17.73 25.28
N ASP I 1879 80.72 -18.38 26.41
CA ASP I 1879 82.10 -18.70 26.79
C ASP I 1879 82.56 -19.88 25.96
N TYR I 1880 83.19 -19.59 24.82
CA TYR I 1880 83.73 -20.64 23.95
C TYR I 1880 85.08 -21.10 24.49
N SER I 1881 85.82 -21.84 23.67
CA SER I 1881 87.12 -22.43 23.98
C SER I 1881 87.05 -23.46 25.10
N MET I 1882 85.85 -23.97 25.42
CA MET I 1882 85.72 -25.04 26.40
C MET I 1882 85.71 -26.42 25.76
N ILE I 1883 85.89 -26.52 24.45
CA ILE I 1883 86.05 -27.78 23.75
C ILE I 1883 87.47 -27.82 23.18
N MET I 1884 88.23 -28.84 23.58
CA MET I 1884 89.59 -29.06 23.09
C MET I 1884 89.50 -29.87 21.79
N ALA I 1885 89.17 -29.18 20.69
CA ALA I 1885 89.09 -29.84 19.40
C ALA I 1885 89.35 -28.84 18.27
N PRO I 1886 90.54 -28.83 17.70
CA PRO I 1886 90.80 -27.94 16.55
C PRO I 1886 89.92 -28.22 15.35
N THR I 1887 89.42 -29.45 15.21
CA THR I 1887 88.58 -29.82 14.09
C THR I 1887 87.35 -30.57 14.59
N VAL I 1888 86.26 -30.46 13.84
CA VAL I 1888 84.99 -31.06 14.24
C VAL I 1888 85.05 -32.57 14.18
N ILE I 1889 85.84 -33.13 13.25
CA ILE I 1889 85.90 -34.58 13.10
C ILE I 1889 86.47 -35.23 14.36
N ASP I 1890 87.50 -34.60 14.94
CA ASP I 1890 88.09 -35.14 16.15
C ASP I 1890 87.07 -35.20 17.30
N TYR I 1891 86.32 -34.10 17.48
CA TYR I 1891 85.37 -34.07 18.57
C TYR I 1891 84.20 -35.02 18.34
N LEU I 1892 83.74 -35.15 17.10
CA LEU I 1892 82.64 -36.09 16.85
C LEU I 1892 83.11 -37.54 16.98
N ASN I 1893 84.39 -37.81 16.68
CA ASN I 1893 84.93 -39.14 16.91
C ASN I 1893 85.06 -39.45 18.40
N LYS I 1894 85.53 -38.48 19.18
CA LYS I 1894 85.82 -38.70 20.59
C LYS I 1894 84.65 -38.36 21.51
N ARG I 1895 83.51 -37.93 20.97
CA ARG I 1895 82.46 -37.36 21.80
C ARG I 1895 81.49 -38.42 22.34
N CYS I 1896 80.81 -39.13 21.44
CA CYS I 1896 79.78 -40.07 21.85
C CYS I 1896 79.89 -41.38 21.07
N HIS I 1897 81.10 -41.92 20.99
CA HIS I 1897 81.31 -43.23 20.39
C HIS I 1897 81.16 -44.34 21.43
N GLY I 1898 80.02 -44.35 22.12
CA GLY I 1898 79.80 -45.29 23.19
C GLY I 1898 78.33 -45.54 23.50
N GLU I 1899 77.99 -45.59 24.79
CA GLU I 1899 76.63 -45.87 25.21
C GLU I 1899 75.70 -44.72 24.85
N ILE I 1900 74.44 -45.06 24.58
CA ILE I 1900 73.44 -44.10 24.17
C ILE I 1900 72.59 -43.62 25.34
N ASN I 1901 73.06 -43.85 26.57
CA ASN I 1901 72.27 -43.55 27.77
C ASN I 1901 72.01 -42.06 27.89
N GLY I 1902 71.22 -41.70 28.91
CA GLY I 1902 70.80 -40.32 29.09
C GLY I 1902 71.83 -39.42 29.75
N ASN I 1903 72.94 -39.98 30.22
CA ASN I 1903 73.96 -39.21 30.93
C ASN I 1903 75.03 -38.76 29.94
N TYR I 1904 75.00 -37.48 29.60
CA TYR I 1904 76.04 -36.83 28.78
C TYR I 1904 76.12 -37.44 27.39
N ILE I 1905 76.60 -38.66 27.29
CA ILE I 1905 76.83 -39.32 26.01
C ILE I 1905 75.52 -39.95 25.53
N CYS I 1906 75.03 -39.50 24.38
CA CYS I 1906 73.72 -39.92 23.89
C CYS I 1906 73.77 -40.46 22.46
N CYS I 1907 74.90 -41.02 22.03
CA CYS I 1907 75.01 -41.63 20.72
C CYS I 1907 75.37 -43.11 20.86
N SER I 1908 75.02 -43.88 19.83
CA SER I 1908 75.43 -45.28 19.73
C SER I 1908 75.60 -45.61 18.24
N CYS I 1909 76.83 -45.46 17.75
CA CYS I 1909 77.11 -45.70 16.34
C CYS I 1909 78.52 -46.27 16.21
N LYS I 1910 78.63 -47.46 15.64
CA LYS I 1910 79.90 -48.09 15.35
C LYS I 1910 79.84 -48.69 13.95
N ASN I 1911 80.93 -49.37 13.57
CA ASN I 1911 81.09 -50.04 12.28
C ASN I 1911 80.59 -49.19 11.10
N ILE I 1912 80.73 -47.88 11.20
CA ILE I 1912 80.35 -46.99 10.11
C ILE I 1912 81.53 -46.67 9.21
N GLY I 1913 82.65 -46.24 9.79
CA GLY I 1913 83.85 -46.01 9.00
C GLY I 1913 84.44 -47.30 8.46
N ALA I 1914 84.42 -48.35 9.27
CA ALA I 1914 84.97 -49.64 8.86
C ALA I 1914 83.88 -50.52 8.23
N LEU I 1940 83.44 -43.52 11.20
CA LEU I 1940 83.50 -42.31 12.01
C LEU I 1940 84.01 -41.12 11.19
N ASP I 1941 84.79 -41.42 10.16
CA ASP I 1941 85.35 -40.39 9.28
C ASP I 1941 85.19 -40.68 7.80
N LEU I 1942 84.72 -41.87 7.42
CA LEU I 1942 84.53 -42.19 6.00
C LEU I 1942 83.26 -41.60 5.43
N MET I 1943 82.36 -41.08 6.27
CA MET I 1943 81.09 -40.54 5.78
C MET I 1943 81.30 -39.40 4.80
N ASN I 1944 82.40 -38.66 4.93
CA ASN I 1944 82.72 -37.61 3.95
C ASN I 1944 82.86 -38.22 2.56
N GLU I 1945 83.59 -39.32 2.45
CA GLU I 1945 83.69 -40.03 1.18
C GLU I 1945 82.35 -40.64 0.77
N VAL I 1946 81.43 -40.81 1.72
CA VAL I 1946 80.09 -41.25 1.36
C VAL I 1946 79.22 -40.06 0.98
N LEU I 1947 79.61 -38.85 1.41
CA LEU I 1947 78.85 -37.66 1.04
C LEU I 1947 78.81 -37.48 -0.48
N ASN I 1948 79.97 -37.56 -1.12
CA ASN I 1948 80.03 -37.64 -2.57
C ASN I 1948 79.97 -39.08 -3.04
N LYS I 1949 79.45 -39.29 -4.25
CA LYS I 1949 79.19 -40.64 -4.76
C LYS I 1949 80.45 -41.23 -5.39
N MET I 1950 81.40 -41.56 -4.52
CA MET I 1950 82.59 -42.30 -4.94
C MET I 1950 83.01 -43.38 -3.95
N ASP I 1951 82.29 -43.55 -2.84
CA ASP I 1951 82.67 -44.51 -1.82
C ASP I 1951 82.51 -45.94 -2.35
N LYS I 1952 83.30 -46.84 -1.78
CA LYS I 1952 83.29 -48.24 -2.22
C LYS I 1952 81.94 -48.90 -1.94
N LYS I 1953 81.33 -48.58 -0.79
CA LYS I 1953 80.08 -49.22 -0.42
C LYS I 1953 78.97 -48.87 -1.42
N TYR I 1954 78.88 -47.61 -1.84
CA TYR I 1954 77.87 -47.22 -2.81
C TYR I 1954 78.22 -47.66 -4.22
N SER I 1955 79.51 -47.83 -4.51
CA SER I 1955 79.95 -48.17 -5.87
C SER I 1955 79.38 -49.51 -6.33
N ALA I 1956 78.93 -50.37 -5.41
CA ALA I 1956 78.33 -51.64 -5.81
C ALA I 1956 77.04 -51.41 -6.59
N HIS I 1957 76.23 -50.44 -6.16
CA HIS I 1957 74.95 -50.15 -6.80
C HIS I 1957 74.94 -48.85 -7.57
N LYS I 1958 76.08 -48.15 -7.66
CA LYS I 1958 76.11 -46.82 -8.27
C LYS I 1958 75.60 -46.84 -9.72
N MET I 1959 76.04 -47.82 -10.51
CA MET I 1959 75.65 -47.84 -11.92
C MET I 1959 74.15 -48.02 -12.07
N LYS I 1960 73.57 -48.98 -11.34
CA LYS I 1960 72.13 -49.19 -11.43
C LYS I 1960 71.37 -47.96 -10.93
N CYS I 1961 71.84 -47.35 -9.83
CA CYS I 1961 71.15 -46.19 -9.29
C CYS I 1961 71.18 -45.02 -10.26
N THR I 1962 72.33 -44.74 -10.87
CA THR I 1962 72.41 -43.64 -11.80
C THR I 1962 71.64 -43.92 -13.09
N GLU I 1963 71.59 -45.19 -13.53
CA GLU I 1963 70.83 -45.52 -14.72
C GLU I 1963 69.33 -45.32 -14.48
N VAL I 1964 68.81 -45.83 -13.37
CA VAL I 1964 67.40 -45.63 -13.08
C VAL I 1964 67.11 -44.16 -12.83
N TYR I 1965 68.06 -43.43 -12.24
CA TYR I 1965 67.88 -41.99 -12.03
C TYR I 1965 67.76 -41.26 -13.36
N LEU I 1966 68.61 -41.60 -14.33
CA LEU I 1966 68.53 -40.97 -15.64
C LEU I 1966 67.22 -41.33 -16.35
N GLU I 1967 66.78 -42.58 -16.22
CA GLU I 1967 65.51 -42.98 -16.82
C GLU I 1967 64.36 -42.17 -16.22
N HIS I 1968 64.35 -42.03 -14.89
CA HIS I 1968 63.33 -41.23 -14.23
C HIS I 1968 63.40 -39.77 -14.66
N VAL I 1969 64.62 -39.25 -14.82
CA VAL I 1969 64.79 -37.87 -15.30
C VAL I 1969 64.15 -37.71 -16.66
N GLU I 1970 64.40 -38.66 -17.57
CA GLU I 1970 63.85 -38.57 -18.92
C GLU I 1970 62.32 -38.62 -18.90
N GLU I 1971 61.76 -39.59 -18.19
CA GLU I 1971 60.30 -39.73 -18.20
C GLU I 1971 59.62 -38.54 -17.53
N GLN I 1972 60.20 -38.03 -16.44
CA GLN I 1972 59.62 -36.86 -15.79
C GLN I 1972 59.79 -35.61 -16.63
N LEU I 1973 60.88 -35.52 -17.41
CA LEU I 1973 61.03 -34.43 -18.35
C LEU I 1973 59.92 -34.46 -19.40
N ASN I 1974 59.63 -35.64 -19.93
CA ASN I 1974 58.52 -35.77 -20.87
C ASN I 1974 57.20 -35.36 -20.22
N GLU I 1975 56.98 -35.82 -18.98
CA GLU I 1975 55.75 -35.49 -18.27
C GLU I 1975 55.60 -33.97 -18.10
N ILE I 1976 56.66 -33.31 -17.63
CA ILE I 1976 56.54 -31.88 -17.35
C ILE I 1976 56.40 -31.07 -18.63
N ASP I 1977 57.09 -31.47 -19.70
CA ASP I 1977 56.97 -30.69 -20.94
C ASP I 1977 55.58 -30.87 -21.55
N ASN I 1978 55.02 -32.09 -21.53
CA ASN I 1978 53.67 -32.24 -22.07
C ASN I 1978 52.65 -31.52 -21.19
N ALA I 1979 52.87 -31.51 -19.87
CA ALA I 1979 51.96 -30.79 -18.98
C ALA I 1979 52.00 -29.29 -19.24
N ILE I 1980 53.19 -28.71 -19.40
CA ILE I 1980 53.28 -27.28 -19.65
C ILE I 1980 52.74 -26.94 -21.03
N LYS I 1981 52.85 -27.85 -22.00
CA LYS I 1981 52.21 -27.63 -23.29
C LYS I 1981 50.69 -27.68 -23.15
N ASP I 1982 50.17 -28.60 -22.34
CA ASP I 1982 48.73 -28.71 -22.16
C ASP I 1982 48.16 -27.52 -21.39
N TYR I 1983 48.99 -26.87 -20.58
CA TYR I 1983 48.52 -25.74 -19.78
C TYR I 1983 48.35 -24.45 -20.59
N LYS I 1984 48.28 -24.55 -21.92
CA LYS I 1984 48.07 -23.35 -22.73
C LYS I 1984 46.73 -22.69 -22.40
N LEU I 1985 45.68 -23.48 -22.23
CA LEU I 1985 44.38 -22.95 -21.89
C LEU I 1985 44.24 -22.74 -20.38
N GLY I 2009 13.22 -25.44 -17.58
CA GLY I 2009 12.91 -26.24 -18.76
C GLY I 2009 13.14 -27.72 -18.56
N CYS I 2010 12.62 -28.53 -19.49
CA CYS I 2010 12.73 -29.99 -19.49
C CYS I 2010 12.43 -30.56 -18.09
N LYS I 2011 11.18 -30.38 -17.68
CA LYS I 2011 10.75 -30.82 -16.36
C LYS I 2011 11.08 -32.30 -16.14
N ASP I 2012 10.70 -33.15 -17.10
CA ASP I 2012 11.18 -34.52 -17.08
C ASP I 2012 12.65 -34.56 -17.47
N LYS I 2013 13.44 -35.34 -16.73
CA LYS I 2013 14.87 -35.38 -17.00
C LYS I 2013 15.19 -36.35 -18.13
N THR I 2014 14.73 -37.59 -18.02
CA THR I 2014 14.94 -38.57 -19.07
C THR I 2014 13.78 -39.56 -19.06
N LYS I 2015 13.29 -39.89 -20.25
CA LYS I 2015 12.24 -40.88 -20.43
C LYS I 2015 12.85 -42.27 -20.38
N LEU I 2016 12.08 -43.28 -20.78
CA LEU I 2016 12.52 -44.66 -20.68
C LEU I 2016 13.81 -44.88 -21.46
N ASP I 2017 14.67 -45.75 -20.95
CA ASP I 2017 16.03 -45.92 -21.47
C ASP I 2017 16.03 -46.74 -22.74
N GLU I 2018 17.22 -47.21 -23.13
CA GLU I 2018 17.42 -47.98 -24.36
C GLU I 2018 16.35 -49.06 -24.52
N LEU I 2019 15.60 -48.97 -25.62
CA LEU I 2019 14.55 -49.92 -25.93
C LEU I 2019 14.22 -49.82 -27.41
N ASP I 2020 13.47 -50.79 -27.91
CA ASP I 2020 13.21 -50.93 -29.33
C ASP I 2020 12.22 -49.86 -29.79
N GLU I 2021 12.74 -48.63 -29.94
CA GLU I 2021 11.98 -47.57 -30.58
C GLU I 2021 12.84 -46.74 -31.53
N TRP I 2022 14.07 -47.16 -31.83
CA TRP I 2022 14.91 -46.45 -32.79
C TRP I 2022 14.33 -46.65 -34.17
N ASN I 2023 13.66 -45.63 -34.69
CA ASN I 2023 12.98 -45.73 -35.97
C ASN I 2023 13.18 -44.44 -36.75
N ASP I 2024 13.10 -44.55 -38.08
CA ASP I 2024 13.08 -43.37 -38.94
C ASP I 2024 11.73 -42.68 -38.93
N MET I 2025 10.72 -43.27 -38.28
CA MET I 2025 9.39 -42.68 -38.24
C MET I 2025 9.38 -41.31 -37.58
N ASP I 2026 10.38 -40.99 -36.75
CA ASP I 2026 10.45 -39.66 -36.15
C ASP I 2026 10.57 -38.58 -37.22
N LEU I 2027 11.38 -38.83 -38.25
CA LEU I 2027 11.52 -37.93 -39.40
C LEU I 2027 11.44 -38.79 -40.65
N ARG I 2028 10.24 -38.94 -41.20
CA ARG I 2028 10.07 -39.67 -42.45
C ARG I 2028 10.60 -38.85 -43.61
N GLY I 2029 11.00 -39.54 -44.67
CA GLY I 2029 11.62 -38.87 -45.81
C GLY I 2029 12.97 -38.28 -45.47
N THR I 2030 13.80 -39.06 -44.77
CA THR I 2030 15.12 -38.61 -44.33
C THR I 2030 16.20 -39.02 -45.33
N TYR I 2031 15.85 -39.02 -46.61
CA TYR I 2031 16.80 -39.32 -47.68
C TYR I 2031 17.67 -38.09 -47.97
N ASN I 2032 18.30 -37.55 -46.93
CA ASN I 2032 19.13 -36.36 -47.10
C ASN I 2032 20.38 -36.67 -47.93
N LYS I 2033 21.17 -37.64 -47.49
CA LYS I 2033 22.34 -38.06 -48.24
C LYS I 2033 22.03 -39.26 -49.15
N HIS I 2034 21.64 -40.38 -48.56
CA HIS I 2034 21.22 -41.55 -49.31
C HIS I 2034 19.80 -41.99 -48.98
N LYS I 2035 19.50 -42.24 -47.71
CA LYS I 2035 18.21 -42.78 -47.30
C LYS I 2035 18.00 -42.43 -45.82
N GLY I 2036 16.82 -42.80 -45.32
CA GLY I 2036 16.51 -42.56 -43.91
C GLY I 2036 17.24 -43.53 -43.01
N VAL I 2037 17.57 -43.06 -41.80
CA VAL I 2037 18.30 -43.85 -40.81
C VAL I 2037 17.59 -43.72 -39.48
N LEU I 2038 17.54 -44.82 -38.73
CA LEU I 2038 16.93 -44.80 -37.41
C LEU I 2038 17.66 -43.82 -36.49
N ILE I 2039 16.90 -43.14 -35.64
CA ILE I 2039 17.41 -42.09 -34.78
C ILE I 2039 17.40 -42.59 -33.34
N PRO I 2040 18.48 -42.42 -32.58
CA PRO I 2040 18.47 -42.81 -31.16
C PRO I 2040 17.62 -41.86 -30.35
N PRO I 2041 17.18 -42.25 -29.16
CA PRO I 2041 16.39 -41.34 -28.32
C PRO I 2041 17.19 -40.20 -27.73
N ARG I 2042 18.52 -40.25 -27.83
CA ARG I 2042 19.35 -39.16 -27.32
C ARG I 2042 19.03 -37.85 -28.02
N ARG I 2043 18.89 -37.90 -29.34
CA ARG I 2043 18.58 -36.68 -30.09
C ARG I 2043 17.22 -36.11 -29.72
N ARG I 2044 16.24 -36.98 -29.51
CA ARG I 2044 14.90 -36.54 -29.15
C ARG I 2044 14.75 -36.26 -27.67
N GLN I 2045 15.77 -36.54 -26.86
CA GLN I 2045 15.75 -36.27 -25.42
C GLN I 2045 17.00 -35.46 -25.08
N LEU I 2046 16.84 -34.14 -25.05
CA LEU I 2046 17.97 -33.25 -24.77
C LEU I 2046 17.42 -31.93 -24.25
N CYS I 2047 17.89 -31.53 -23.06
CA CYS I 2047 17.36 -30.34 -22.41
C CYS I 2047 17.75 -29.08 -23.17
N PHE I 2048 16.79 -28.16 -23.29
CA PHE I 2048 17.04 -26.82 -23.84
C PHE I 2048 16.04 -25.88 -23.19
N SER I 2049 16.54 -24.95 -22.37
CA SER I 2049 15.65 -24.00 -21.71
C SER I 2049 15.01 -23.06 -22.72
N ARG I 2050 15.82 -22.44 -23.57
CA ARG I 2050 15.33 -21.55 -24.61
C ARG I 2050 15.41 -22.29 -25.95
N ILE I 2051 14.37 -23.10 -26.21
CA ILE I 2051 14.32 -23.84 -27.47
C ILE I 2051 14.12 -22.89 -28.63
N VAL I 2052 12.97 -22.20 -28.66
CA VAL I 2052 12.65 -21.29 -29.75
C VAL I 2052 11.47 -20.41 -29.39
N ARG I 2053 11.50 -19.16 -29.84
CA ARG I 2053 10.30 -18.35 -29.99
C ARG I 2053 10.32 -17.53 -31.27
N GLY I 2054 11.24 -17.81 -32.18
CA GLY I 2054 11.34 -17.08 -33.43
C GLY I 2054 12.79 -16.77 -33.76
N PRO I 2055 13.02 -15.70 -34.51
CA PRO I 2055 14.40 -15.21 -34.71
C PRO I 2055 15.15 -14.95 -33.42
N ALA I 2056 14.47 -14.49 -32.36
CA ALA I 2056 15.03 -14.41 -31.02
C ALA I 2056 16.21 -13.44 -30.92
N ASN I 2057 16.82 -13.36 -29.74
CA ASN I 2057 17.96 -12.49 -29.49
C ASN I 2057 18.99 -13.21 -28.63
N LEU I 2058 20.12 -12.54 -28.41
CA LEU I 2058 21.17 -13.07 -27.56
C LEU I 2058 22.09 -11.93 -27.14
N ARG I 2059 22.79 -12.13 -26.03
CA ARG I 2059 23.75 -11.17 -25.51
C ARG I 2059 25.13 -11.46 -26.10
N SER I 2060 26.18 -10.85 -25.54
CA SER I 2060 27.53 -11.06 -26.04
C SER I 2060 27.97 -12.50 -25.89
N LEU I 2061 27.29 -13.27 -25.04
CA LEU I 2061 27.58 -14.69 -24.88
C LEU I 2061 26.25 -15.43 -24.82
N ASN I 2062 26.30 -16.72 -25.18
CA ASN I 2062 25.12 -17.56 -25.06
C ASN I 2062 24.61 -17.60 -23.63
N GLU I 2063 25.51 -17.87 -22.69
CA GLU I 2063 25.28 -17.75 -21.25
C GLU I 2063 24.28 -18.75 -20.69
N PHE I 2064 23.65 -19.56 -21.54
CA PHE I 2064 22.56 -20.42 -21.08
C PHE I 2064 22.76 -21.91 -21.27
N LYS I 2065 23.44 -22.38 -22.32
CA LYS I 2065 23.53 -23.83 -22.50
C LYS I 2065 24.40 -24.49 -21.45
N GLU I 2066 25.24 -23.71 -20.74
CA GLU I 2066 25.93 -24.29 -19.60
C GLU I 2066 24.95 -24.58 -18.47
N GLU I 2067 23.92 -23.76 -18.33
CA GLU I 2067 22.88 -24.04 -17.33
C GLU I 2067 22.05 -25.26 -17.71
N ILE I 2068 21.63 -25.33 -18.98
CA ILE I 2068 20.82 -26.47 -19.42
C ILE I 2068 21.65 -27.75 -19.41
N LEU I 2069 22.94 -27.66 -19.73
CA LEU I 2069 23.81 -28.83 -19.66
C LEU I 2069 23.91 -29.33 -18.23
N LYS I 2070 23.95 -28.40 -17.26
CA LYS I 2070 23.92 -28.81 -15.86
C LYS I 2070 22.65 -29.59 -15.54
N GLY I 2071 21.49 -29.09 -15.99
CA GLY I 2071 20.27 -29.83 -15.81
C GLY I 2071 20.23 -31.11 -16.62
N ALA I 2072 20.81 -31.07 -17.83
CA ALA I 2072 20.74 -32.23 -18.72
C ALA I 2072 21.53 -33.42 -18.18
N GLN I 2073 22.50 -33.19 -17.31
CA GLN I 2073 23.33 -34.28 -16.84
C GLN I 2073 23.14 -34.56 -15.35
N SER I 2074 23.05 -33.53 -14.52
CA SER I 2074 22.95 -33.72 -13.07
C SER I 2074 21.76 -34.60 -12.73
N GLU I 2075 20.55 -34.13 -13.04
CA GLU I 2075 19.35 -34.94 -12.88
C GLU I 2075 18.99 -35.71 -14.14
N GLY I 2076 19.51 -35.31 -15.29
CA GLY I 2076 19.22 -35.99 -16.53
C GLY I 2076 19.80 -37.38 -16.60
N LYS I 2077 21.13 -37.48 -16.61
CA LYS I 2077 21.77 -38.80 -16.59
C LYS I 2077 21.47 -39.56 -15.31
N PHE I 2078 21.07 -38.85 -14.24
CA PHE I 2078 20.65 -39.48 -13.00
C PHE I 2078 19.43 -40.34 -13.24
N LEU I 2079 18.31 -39.71 -13.59
CA LEU I 2079 17.05 -40.36 -13.94
C LEU I 2079 16.68 -41.48 -12.97
N GLY I 2080 17.17 -41.38 -11.74
CA GLY I 2080 17.09 -42.47 -10.79
C GLY I 2080 18.39 -43.16 -10.47
N ASN I 2081 19.53 -42.54 -10.79
CA ASN I 2081 20.85 -43.11 -10.55
C ASN I 2081 21.00 -44.46 -11.23
N TYR I 2082 20.46 -44.57 -12.44
CA TYR I 2082 20.40 -45.87 -13.13
C TYR I 2082 21.78 -46.50 -13.27
N TYR I 2083 22.83 -45.67 -13.34
CA TYR I 2083 24.18 -46.21 -13.35
C TYR I 2083 24.57 -46.85 -12.03
N LYS I 2084 23.78 -46.67 -10.98
CA LYS I 2084 24.06 -47.30 -9.69
C LYS I 2084 23.34 -48.64 -9.55
N GLU I 2085 22.04 -48.70 -9.84
CA GLU I 2085 21.35 -49.98 -9.81
C GLU I 2085 21.91 -50.92 -10.87
N HIS I 2086 22.19 -50.41 -12.06
CA HIS I 2086 22.88 -51.20 -13.06
C HIS I 2086 24.35 -51.39 -12.75
N LYS I 2087 24.89 -50.60 -11.81
CA LYS I 2087 26.30 -50.69 -11.39
C LYS I 2087 27.23 -50.55 -12.59
N ASP I 2088 26.84 -49.68 -13.53
CA ASP I 2088 27.63 -49.41 -14.74
C ASP I 2088 27.68 -47.90 -14.93
N LYS I 2089 28.68 -47.26 -14.33
CA LYS I 2089 28.85 -45.83 -14.51
C LYS I 2089 29.33 -45.47 -15.91
N GLU I 2090 29.87 -46.45 -16.65
CA GLU I 2090 30.29 -46.19 -18.02
C GLU I 2090 29.10 -45.84 -18.91
N LYS I 2091 27.90 -46.31 -18.57
CA LYS I 2091 26.71 -45.93 -19.31
C LYS I 2091 26.50 -44.42 -19.25
N ALA I 2092 26.65 -43.84 -18.06
CA ALA I 2092 26.60 -42.38 -17.94
C ALA I 2092 27.77 -41.74 -18.67
N LEU I 2093 28.97 -42.32 -18.54
CA LEU I 2093 30.15 -41.75 -19.19
C LEU I 2093 30.00 -41.78 -20.71
N GLU I 2094 29.62 -42.92 -21.26
CA GLU I 2094 29.48 -43.02 -22.72
C GLU I 2094 28.36 -42.12 -23.23
N ALA I 2095 27.24 -42.08 -22.52
CA ALA I 2095 26.13 -41.22 -22.94
C ALA I 2095 26.53 -39.75 -22.92
N MET I 2096 27.18 -39.32 -21.84
CA MET I 2096 27.60 -37.92 -21.76
C MET I 2096 28.70 -37.60 -22.76
N LYS I 2097 29.53 -38.58 -23.10
CA LYS I 2097 30.52 -38.39 -24.16
C LYS I 2097 29.83 -38.10 -25.48
N ASN I 2098 28.76 -38.83 -25.79
CA ASN I 2098 27.99 -38.57 -27.00
C ASN I 2098 27.31 -37.21 -26.93
N SER I 2099 26.79 -36.84 -25.75
CA SER I 2099 26.11 -35.57 -25.61
C SER I 2099 27.04 -34.41 -25.93
N PHE I 2100 28.30 -34.50 -25.49
CA PHE I 2100 29.29 -33.49 -25.88
C PHE I 2100 29.41 -33.41 -27.40
N TYR I 2101 29.45 -34.57 -28.06
CA TYR I 2101 29.42 -34.58 -29.52
C TYR I 2101 28.06 -34.14 -30.05
N ASP I 2102 26.98 -34.50 -29.35
CA ASP I 2102 25.65 -34.09 -29.81
C ASP I 2102 25.48 -32.58 -29.76
N TYR I 2103 26.10 -31.92 -28.79
CA TYR I 2103 26.11 -30.46 -28.79
C TYR I 2103 27.09 -29.93 -29.81
N GLU I 2104 28.14 -30.70 -30.12
CA GLU I 2104 29.17 -30.24 -31.04
C GLU I 2104 28.61 -30.00 -32.44
N ASP I 2105 27.91 -31.00 -33.01
CA ASP I 2105 27.42 -30.88 -34.37
C ASP I 2105 26.17 -30.02 -34.48
N ILE I 2106 25.43 -29.82 -33.37
CA ILE I 2106 24.28 -28.93 -33.40
C ILE I 2106 24.74 -27.49 -33.66
N ILE I 2107 25.81 -27.07 -32.99
CA ILE I 2107 26.34 -25.72 -33.21
C ILE I 2107 26.86 -25.58 -34.64
N LYS I 2108 27.45 -26.65 -35.18
CA LYS I 2108 28.00 -26.62 -36.52
C LYS I 2108 26.98 -26.93 -37.60
N GLY I 2109 25.74 -27.24 -37.23
CA GLY I 2109 24.71 -27.57 -38.20
C GLY I 2109 24.99 -28.83 -38.98
N THR I 2110 25.46 -29.88 -38.31
CA THR I 2110 25.75 -31.15 -38.95
C THR I 2110 24.66 -32.19 -38.74
N ASP I 2111 23.93 -32.11 -37.63
CA ASP I 2111 22.85 -33.04 -37.31
C ASP I 2111 21.80 -33.03 -38.42
N MET I 2112 21.68 -34.14 -39.15
CA MET I 2112 20.78 -34.17 -40.30
C MET I 2112 19.32 -34.07 -39.90
N LEU I 2113 19.00 -34.40 -38.65
CA LEU I 2113 17.63 -34.30 -38.18
C LEU I 2113 17.14 -32.87 -38.26
N THR I 2114 15.91 -32.69 -38.77
CA THR I 2114 15.31 -31.36 -38.90
C THR I 2114 14.76 -30.94 -37.53
N ASN I 2115 15.69 -30.80 -36.58
CA ASN I 2115 15.33 -30.37 -35.25
C ASN I 2115 14.89 -28.91 -35.26
N ILE I 2116 14.10 -28.53 -34.24
CA ILE I 2116 13.67 -27.15 -34.12
C ILE I 2116 14.87 -26.24 -33.95
N GLU I 2117 15.84 -26.66 -33.15
CA GLU I 2117 17.09 -25.91 -33.04
C GLU I 2117 17.87 -25.96 -34.35
N PHE I 2118 17.81 -27.09 -35.06
CA PHE I 2118 18.51 -27.20 -36.35
C PHE I 2118 17.99 -26.21 -37.37
N LYS I 2119 16.80 -25.65 -37.15
CA LYS I 2119 16.31 -24.58 -38.01
C LYS I 2119 17.21 -23.36 -37.89
N ASP I 2120 16.88 -22.32 -38.67
CA ASP I 2120 17.74 -21.15 -38.79
C ASP I 2120 18.04 -20.49 -37.44
N ILE I 2121 17.31 -20.85 -36.38
CA ILE I 2121 17.54 -20.25 -35.08
C ILE I 2121 18.97 -20.46 -34.63
N LYS I 2122 19.52 -21.65 -34.87
CA LYS I 2122 20.92 -21.89 -34.56
C LYS I 2122 21.82 -20.94 -35.34
N ILE I 2123 21.63 -20.89 -36.65
CA ILE I 2123 22.49 -20.06 -37.50
C ILE I 2123 22.20 -18.58 -37.27
N LYS I 2124 20.94 -18.19 -37.18
CA LYS I 2124 20.60 -16.78 -37.07
C LYS I 2124 21.13 -16.19 -35.77
N LEU I 2125 21.05 -16.95 -34.67
CA LEU I 2125 21.63 -16.48 -33.41
C LEU I 2125 23.15 -16.41 -33.50
N ASP I 2126 23.77 -17.32 -34.26
CA ASP I 2126 25.21 -17.28 -34.47
C ASP I 2126 25.64 -15.98 -35.14
N ARG I 2127 25.08 -15.70 -36.32
CA ARG I 2127 25.48 -14.50 -37.05
C ARG I 2127 25.08 -13.23 -36.32
N LEU I 2128 24.09 -13.31 -35.42
CA LEU I 2128 23.73 -12.17 -34.59
C LEU I 2128 24.88 -11.74 -33.70
N LEU I 2129 25.54 -12.71 -33.05
CA LEU I 2129 26.71 -12.38 -32.23
C LEU I 2129 27.88 -11.95 -33.09
N GLU I 2130 27.87 -12.31 -34.38
CA GLU I 2130 28.91 -11.91 -35.33
C GLU I 2130 28.45 -10.73 -36.18
N LYS I 2131 27.72 -9.81 -35.56
CA LYS I 2131 27.23 -8.63 -36.29
C LYS I 2131 28.37 -7.80 -36.85
N GLU I 2132 29.57 -7.90 -36.26
CA GLU I 2132 30.71 -7.13 -36.73
C GLU I 2132 31.39 -7.76 -37.93
N THR I 2133 30.91 -8.91 -38.40
CA THR I 2133 31.47 -9.64 -39.53
C THR I 2133 32.91 -10.10 -39.26
N ASN I 2134 33.33 -10.09 -38.01
CA ASN I 2134 34.66 -10.49 -37.60
C ASN I 2134 34.59 -11.66 -36.62
N ASN I 2135 35.65 -12.47 -36.61
CA ASN I 2135 35.73 -13.66 -35.75
C ASN I 2135 34.53 -14.57 -35.97
N THR I 2136 34.21 -14.81 -37.24
CA THR I 2136 33.11 -15.67 -37.63
C THR I 2136 33.45 -17.16 -37.54
N LYS I 2137 34.54 -17.48 -36.84
CA LYS I 2137 34.97 -18.86 -36.69
C LYS I 2137 34.06 -19.58 -35.69
N LYS I 2138 32.95 -20.13 -36.17
CA LYS I 2138 32.01 -20.81 -35.30
C LYS I 2138 32.62 -22.08 -34.70
N ALA I 2139 33.75 -22.53 -35.25
CA ALA I 2139 34.48 -23.62 -34.62
C ALA I 2139 35.17 -23.15 -33.35
N GLU I 2140 35.71 -21.93 -33.36
CA GLU I 2140 36.55 -21.47 -32.26
C GLU I 2140 35.76 -21.32 -30.96
N ASP I 2141 34.62 -20.63 -31.01
CA ASP I 2141 33.87 -20.41 -29.78
C ASP I 2141 33.40 -21.73 -29.17
N TRP I 2142 33.02 -22.69 -30.02
CA TRP I 2142 32.81 -24.05 -29.53
C TRP I 2142 34.12 -24.65 -29.01
N TRP I 2143 35.21 -24.47 -29.77
CA TRP I 2143 36.51 -24.98 -29.34
C TRP I 2143 36.96 -24.30 -28.05
N LYS I 2144 36.71 -23.00 -27.93
CA LYS I 2144 36.99 -22.30 -26.68
C LYS I 2144 36.14 -22.83 -25.55
N THR I 2145 34.87 -23.13 -25.83
CA THR I 2145 33.96 -23.62 -24.81
C THR I 2145 34.24 -25.07 -24.43
N ASN I 2146 35.03 -25.79 -25.27
CA ASN I 2146 35.26 -27.22 -25.03
C ASN I 2146 35.82 -27.47 -23.63
N LYS I 2147 36.71 -26.59 -23.15
CA LYS I 2147 37.33 -26.81 -21.86
C LYS I 2147 36.32 -26.76 -20.73
N LYS I 2148 35.50 -25.70 -20.69
CA LYS I 2148 34.55 -25.56 -19.59
C LYS I 2148 33.35 -26.46 -19.75
N SER I 2149 32.90 -26.69 -21.00
CA SER I 2149 31.68 -27.45 -21.22
C SER I 2149 31.77 -28.85 -20.64
N ILE I 2150 32.90 -29.52 -20.85
CA ILE I 2150 33.11 -30.81 -20.20
C ILE I 2150 33.26 -30.64 -18.70
N TRP I 2151 33.91 -29.55 -18.27
CA TRP I 2151 34.00 -29.26 -16.84
C TRP I 2151 32.62 -28.98 -16.25
N ASN I 2152 31.78 -28.27 -17.01
CA ASN I 2152 30.40 -28.10 -16.57
C ASN I 2152 29.69 -29.44 -16.47
N ALA I 2153 29.97 -30.34 -17.40
CA ALA I 2153 29.40 -31.69 -17.34
C ALA I 2153 29.89 -32.42 -16.08
N MET I 2154 31.17 -32.27 -15.76
CA MET I 2154 31.70 -32.92 -14.55
C MET I 2154 31.05 -32.36 -13.29
N LEU I 2155 30.85 -31.04 -13.24
CA LEU I 2155 30.30 -30.42 -12.04
C LEU I 2155 28.89 -30.91 -11.75
N CYS I 2156 28.02 -30.87 -12.75
CA CYS I 2156 26.66 -31.35 -12.54
C CYS I 2156 26.62 -32.87 -12.32
N GLY I 2157 27.49 -33.61 -13.00
CA GLY I 2157 27.62 -35.02 -12.69
C GLY I 2157 28.09 -35.26 -11.26
N TYR I 2158 28.94 -34.35 -10.76
CA TYR I 2158 29.40 -34.43 -9.37
C TYR I 2158 28.30 -34.08 -8.39
N LYS I 2159 27.24 -33.40 -8.84
CA LYS I 2159 26.14 -33.05 -7.94
C LYS I 2159 25.43 -34.27 -7.38
N LYS I 2160 25.52 -35.41 -8.07
CA LYS I 2160 25.01 -36.67 -7.57
C LYS I 2160 26.06 -37.31 -6.67
N SER I 2161 25.90 -38.60 -6.39
CA SER I 2161 26.85 -39.33 -5.54
C SER I 2161 28.28 -39.10 -6.01
N GLY I 2162 29.14 -38.74 -5.06
CA GLY I 2162 30.49 -38.32 -5.37
C GLY I 2162 31.42 -39.41 -5.84
N ASN I 2163 31.04 -40.10 -6.92
CA ASN I 2163 31.91 -41.12 -7.53
C ASN I 2163 32.78 -40.51 -8.61
N LYS I 2164 33.51 -39.45 -8.26
CA LYS I 2164 34.35 -38.75 -9.21
C LYS I 2164 35.76 -39.29 -9.17
N ILE I 2165 36.30 -39.63 -10.33
CA ILE I 2165 37.64 -40.19 -10.46
C ILE I 2165 38.50 -39.19 -11.21
N ILE I 2166 39.77 -39.08 -10.78
CA ILE I 2166 40.68 -38.06 -11.30
C ILE I 2166 41.35 -38.60 -12.56
N ASP I 2167 40.88 -39.74 -13.06
CA ASP I 2167 41.46 -40.33 -14.25
C ASP I 2167 41.32 -39.36 -15.43
N PRO I 2168 42.39 -39.12 -16.20
CA PRO I 2168 42.31 -38.10 -17.26
C PRO I 2168 41.26 -38.38 -18.31
N SER I 2169 41.04 -39.66 -18.66
CA SER I 2169 40.06 -39.99 -19.69
C SER I 2169 38.66 -39.57 -19.26
N TRP I 2170 38.29 -39.85 -18.02
CA TRP I 2170 36.99 -39.44 -17.51
C TRP I 2170 36.96 -37.94 -17.22
N CYS I 2171 38.07 -37.40 -16.71
CA CYS I 2171 38.11 -35.97 -16.38
C CYS I 2171 38.19 -35.12 -17.63
N THR I 2172 39.01 -35.51 -18.60
CA THR I 2172 39.27 -34.69 -19.79
C THR I 2172 39.34 -35.59 -21.01
N ILE I 2173 38.24 -35.67 -21.75
CA ILE I 2173 38.22 -36.34 -23.05
C ILE I 2173 39.00 -35.45 -24.02
N PRO I 2174 39.47 -35.96 -25.15
CA PRO I 2174 40.22 -35.10 -26.07
C PRO I 2174 39.34 -34.04 -26.72
N THR I 2175 39.01 -33.01 -25.93
CA THR I 2175 38.12 -31.95 -26.41
C THR I 2175 38.74 -31.15 -27.55
N THR I 2176 40.07 -31.15 -27.67
CA THR I 2176 40.71 -30.42 -28.77
C THR I 2176 40.31 -30.99 -30.12
N GLU I 2177 40.24 -32.31 -30.23
CA GLU I 2177 39.83 -32.99 -31.44
C GLU I 2177 38.42 -33.56 -31.26
N THR I 2178 37.94 -34.23 -32.31
CA THR I 2178 36.64 -34.88 -32.28
C THR I 2178 36.56 -35.90 -33.39
N PRO I 2179 35.80 -36.98 -33.23
CA PRO I 2179 35.57 -37.90 -34.34
C PRO I 2179 34.91 -37.19 -35.50
N PRO I 2180 35.30 -37.50 -36.73
CA PRO I 2180 34.65 -36.88 -37.90
C PRO I 2180 33.20 -37.29 -37.99
N GLN I 2181 32.40 -36.40 -38.61
CA GLN I 2181 30.95 -36.53 -38.56
C GLN I 2181 30.50 -37.90 -39.06
N PHE I 2182 31.10 -38.38 -40.16
CA PHE I 2182 30.75 -39.70 -40.66
C PHE I 2182 31.11 -40.78 -39.65
N LEU I 2183 32.30 -40.71 -39.08
CA LEU I 2183 32.67 -41.64 -38.03
C LEU I 2183 31.85 -41.38 -36.76
N ARG I 2184 31.54 -40.12 -36.49
CA ARG I 2184 30.71 -39.78 -35.34
C ARG I 2184 29.31 -40.37 -35.48
N TRP I 2185 28.72 -40.25 -36.67
CA TRP I 2185 27.37 -40.79 -36.87
C TRP I 2185 27.37 -42.31 -36.79
N ILE I 2186 28.33 -42.97 -37.44
CA ILE I 2186 28.38 -44.42 -37.33
C ILE I 2186 28.76 -44.83 -35.91
N LYS I 2187 29.49 -43.98 -35.19
CA LYS I 2187 29.74 -44.27 -33.78
C LYS I 2187 28.47 -44.20 -32.96
N GLU I 2188 27.71 -43.11 -33.09
CA GLU I 2188 26.46 -43.01 -32.35
C GLU I 2188 25.45 -44.02 -32.86
N TRP I 2189 25.50 -44.36 -34.16
CA TRP I 2189 24.78 -45.53 -34.63
C TRP I 2189 25.39 -46.80 -34.04
N GLY I 2190 26.73 -46.88 -34.01
CA GLY I 2190 27.38 -48.05 -33.46
C GLY I 2190 27.15 -48.22 -31.97
N THR I 2191 27.22 -47.11 -31.21
CA THR I 2191 26.93 -47.19 -29.79
C THR I 2191 25.50 -47.68 -29.55
N ASN I 2192 24.55 -47.21 -30.36
CA ASN I 2192 23.20 -47.73 -30.29
C ASN I 2192 23.17 -49.22 -30.65
N VAL I 2193 23.92 -49.61 -31.68
CA VAL I 2193 23.92 -51.00 -32.13
C VAL I 2193 24.69 -51.88 -31.15
N CYS I 2194 25.87 -51.45 -30.71
CA CYS I 2194 26.69 -52.30 -29.87
C CYS I 2194 26.01 -52.57 -28.53
N ILE I 2195 25.43 -51.54 -27.92
CA ILE I 2195 24.72 -51.74 -26.66
C ILE I 2195 23.51 -52.65 -26.86
N GLN I 2196 23.02 -52.73 -28.10
CA GLN I 2196 21.87 -53.58 -28.39
C GLN I 2196 22.26 -55.05 -28.41
N LYS I 2197 23.46 -55.37 -28.90
CA LYS I 2197 23.83 -56.78 -29.09
C LYS I 2197 24.00 -57.49 -27.75
N GLN I 2198 24.55 -56.81 -26.74
CA GLN I 2198 24.69 -57.46 -25.44
C GLN I 2198 23.36 -57.56 -24.71
N GLU I 2199 22.44 -56.62 -24.96
CA GLU I 2199 21.14 -56.69 -24.31
C GLU I 2199 20.39 -57.96 -24.68
N HIS I 2200 20.45 -58.35 -25.96
CA HIS I 2200 19.89 -59.64 -26.36
C HIS I 2200 20.63 -60.78 -25.69
N LYS I 2201 21.96 -60.69 -25.60
CA LYS I 2201 22.74 -61.73 -24.95
C LYS I 2201 22.45 -61.79 -23.45
N GLU I 2202 22.31 -60.62 -22.82
CA GLU I 2202 22.03 -60.60 -21.38
C GLU I 2202 20.71 -61.28 -21.07
N TYR I 2203 19.66 -60.98 -21.84
CA TYR I 2203 18.37 -61.61 -21.61
C TYR I 2203 18.43 -63.11 -21.85
N VAL I 2204 19.10 -63.53 -22.93
CA VAL I 2204 19.17 -64.95 -23.27
C VAL I 2204 19.95 -65.71 -22.20
N LYS I 2205 21.08 -65.16 -21.75
CA LYS I 2205 21.89 -65.84 -20.76
C LYS I 2205 21.18 -65.89 -19.40
N SER I 2206 20.46 -64.82 -19.05
CA SER I 2206 19.74 -64.80 -17.78
C SER I 2206 18.66 -65.87 -17.74
N LYS I 2207 17.89 -65.98 -18.82
CA LYS I 2207 16.86 -67.01 -18.93
C LYS I 2207 16.56 -67.22 -20.40
N CYS I 2208 15.92 -68.36 -20.70
CA CYS I 2208 15.56 -68.83 -22.03
C CYS I 2208 16.78 -69.31 -22.82
N SER I 2209 17.91 -69.54 -22.16
CA SER I 2209 19.01 -70.26 -22.78
C SER I 2209 18.81 -71.76 -22.55
N ASN I 2210 19.77 -72.56 -23.03
CA ASN I 2210 19.82 -74.01 -22.84
C ASN I 2210 18.43 -74.65 -22.90
N VAL I 2211 17.77 -74.53 -24.05
CA VAL I 2211 16.36 -74.88 -24.20
C VAL I 2211 16.25 -76.33 -24.66
N THR I 2212 15.10 -76.94 -24.36
CA THR I 2212 14.65 -78.27 -24.82
C THR I 2212 15.34 -79.43 -24.11
N ASN I 2213 16.37 -79.17 -23.32
CA ASN I 2213 16.99 -80.24 -22.53
C ASN I 2213 16.47 -80.21 -21.09
N LEU I 2214 15.16 -80.42 -20.96
CA LEU I 2214 14.47 -80.49 -19.67
C LEU I 2214 14.73 -79.25 -18.83
N GLY I 2215 14.27 -78.11 -19.33
CA GLY I 2215 14.39 -76.86 -18.58
C GLY I 2215 15.19 -75.80 -19.29
N ALA I 2216 14.69 -74.57 -19.28
CA ALA I 2216 15.34 -73.44 -19.94
C ALA I 2216 15.31 -72.19 -19.08
N GLN I 2217 15.55 -72.35 -17.77
CA GLN I 2217 15.52 -71.25 -16.81
C GLN I 2217 14.19 -70.49 -16.85
N ALA I 2218 13.10 -71.21 -17.05
CA ALA I 2218 11.79 -70.59 -17.13
C ALA I 2218 10.75 -71.58 -16.64
N SER I 2219 9.58 -71.05 -16.24
CA SER I 2219 8.52 -71.90 -15.74
C SER I 2219 7.82 -72.64 -16.88
N GLU I 2220 7.76 -72.03 -18.07
CA GLU I 2220 7.06 -72.60 -19.20
C GLU I 2220 8.01 -73.29 -20.19
N SER I 2221 9.14 -72.65 -20.51
CA SER I 2221 10.13 -73.14 -21.46
C SER I 2221 9.60 -73.24 -22.88
N ASN I 2222 8.37 -72.74 -23.13
CA ASN I 2222 7.84 -72.78 -24.49
C ASN I 2222 7.78 -71.37 -25.08
N ASN I 2223 7.40 -70.39 -24.28
CA ASN I 2223 7.35 -69.01 -24.74
C ASN I 2223 8.73 -68.45 -25.04
N CYS I 2224 9.78 -68.98 -24.39
CA CYS I 2224 11.13 -68.46 -24.59
C CYS I 2224 11.59 -68.65 -26.03
N THR I 2225 11.27 -69.80 -26.63
CA THR I 2225 11.62 -70.03 -28.02
C THR I 2225 10.92 -69.01 -28.93
N SER I 2226 9.65 -68.73 -28.67
CA SER I 2226 8.93 -67.74 -29.47
C SER I 2226 9.49 -66.34 -29.25
N GLU I 2227 9.84 -66.01 -28.00
CA GLU I 2227 10.34 -64.67 -27.71
C GLU I 2227 11.65 -64.38 -28.43
N ILE I 2228 12.60 -65.31 -28.36
CA ILE I 2228 13.88 -65.09 -29.03
C ILE I 2228 13.71 -65.09 -30.54
N LYS I 2229 12.83 -65.95 -31.07
CA LYS I 2229 12.52 -65.91 -32.50
C LYS I 2229 11.85 -64.60 -32.88
N LYS I 2230 10.94 -64.10 -32.03
CA LYS I 2230 10.36 -62.79 -32.26
C LYS I 2230 11.41 -61.71 -32.17
N TYR I 2231 12.33 -61.81 -31.20
CA TYR I 2231 13.39 -60.83 -31.08
C TYR I 2231 14.31 -60.84 -32.30
N GLN I 2232 14.62 -62.03 -32.80
CA GLN I 2232 15.52 -62.14 -33.94
C GLN I 2232 14.91 -61.53 -35.20
N GLU I 2233 13.61 -61.76 -35.43
CA GLU I 2233 13.01 -61.38 -36.70
C GLU I 2233 13.03 -59.87 -36.91
N TRP I 2234 12.74 -59.08 -35.86
CA TRP I 2234 12.89 -57.64 -36.01
C TRP I 2234 14.35 -57.22 -35.92
N SER I 2235 15.18 -57.96 -35.19
CA SER I 2235 16.62 -57.72 -35.22
C SER I 2235 17.19 -57.96 -36.61
N ARG I 2236 16.69 -59.01 -37.29
CA ARG I 2236 17.02 -59.18 -38.70
C ARG I 2236 16.45 -58.05 -39.54
N LYS I 2237 15.26 -57.54 -39.18
CA LYS I 2237 14.78 -56.31 -39.80
C LYS I 2237 15.68 -55.15 -39.43
N ARG I 2238 16.18 -55.11 -38.19
CA ARG I 2238 17.23 -54.17 -37.85
C ARG I 2238 18.50 -54.46 -38.65
N SER I 2239 18.77 -55.73 -38.92
CA SER I 2239 19.91 -56.07 -39.77
C SER I 2239 19.70 -55.57 -41.19
N ILE I 2240 18.46 -55.66 -41.69
CA ILE I 2240 18.19 -55.27 -43.06
C ILE I 2240 18.05 -53.77 -43.25
N GLN I 2241 17.83 -53.00 -42.18
CA GLN I 2241 17.65 -51.56 -42.34
C GLN I 2241 18.97 -50.81 -42.49
N TRP I 2242 20.11 -51.42 -42.17
CA TRP I 2242 21.36 -50.79 -42.59
C TRP I 2242 21.79 -51.24 -43.97
N GLU I 2243 20.87 -51.66 -44.83
CA GLU I 2243 21.23 -51.96 -46.21
C GLU I 2243 21.83 -50.75 -46.91
N THR I 2244 21.56 -49.55 -46.40
CA THR I 2244 22.17 -48.34 -46.94
C THR I 2244 23.66 -48.24 -46.59
N ILE I 2245 24.13 -49.01 -45.61
CA ILE I 2245 25.55 -48.92 -45.24
C ILE I 2245 26.41 -49.44 -46.38
N SER I 2246 25.90 -50.38 -47.18
CA SER I 2246 26.62 -50.80 -48.37
C SER I 2246 26.78 -49.64 -49.34
N LYS I 2247 25.83 -48.72 -49.34
CA LYS I 2247 25.93 -47.51 -50.15
C LYS I 2247 26.61 -46.38 -49.39
N ARG I 2248 26.03 -45.99 -48.24
CA ARG I 2248 26.50 -44.83 -47.48
C ARG I 2248 26.69 -43.64 -48.40
N TYR I 2249 27.94 -43.21 -48.57
CA TYR I 2249 28.29 -42.24 -49.59
C TYR I 2249 29.03 -42.91 -50.76
N LYS I 2250 30.14 -43.59 -50.49
CA LYS I 2250 30.82 -44.40 -51.49
C LYS I 2250 31.27 -45.78 -50.99
N LYS I 2251 31.43 -45.99 -49.69
CA LYS I 2251 32.03 -47.22 -49.19
C LYS I 2251 31.38 -47.65 -47.89
N TYR I 2252 31.58 -48.93 -47.55
CA TYR I 2252 31.07 -49.51 -46.31
C TYR I 2252 32.18 -49.98 -45.38
N LYS I 2253 33.11 -50.80 -45.88
CA LYS I 2253 34.09 -51.47 -45.03
C LYS I 2253 35.20 -50.54 -44.59
N ARG I 2254 34.84 -49.49 -43.85
CA ARG I 2254 35.83 -48.58 -43.30
C ARG I 2254 35.98 -48.75 -41.79
N MET I 2255 34.89 -49.10 -41.10
CA MET I 2255 34.92 -49.28 -39.65
C MET I 2255 34.16 -50.55 -39.31
N ASP I 2256 34.87 -51.54 -38.77
CA ASP I 2256 34.27 -52.75 -38.21
C ASP I 2256 34.98 -53.12 -36.92
N ILE I 2257 35.36 -52.10 -36.14
CA ILE I 2257 36.15 -52.32 -34.94
C ILE I 2257 35.35 -53.08 -33.88
N LEU I 2258 34.12 -52.63 -33.63
CA LEU I 2258 33.29 -53.23 -32.60
C LEU I 2258 31.82 -53.20 -32.98
N GLU J 3 -30.03 -22.69 -11.37
CA GLU J 3 -29.85 -24.12 -11.23
C GLU J 3 -28.40 -24.45 -10.85
N ARG J 4 -28.18 -24.85 -9.61
CA ARG J 4 -26.86 -25.16 -9.11
C ARG J 4 -26.70 -26.68 -9.07
N ILE J 5 -25.66 -27.17 -9.73
CA ILE J 5 -25.38 -28.61 -9.80
C ILE J 5 -24.19 -28.91 -8.90
N VAL J 6 -24.39 -29.84 -7.97
CA VAL J 6 -23.34 -30.23 -7.04
C VAL J 6 -22.49 -31.33 -7.67
N LEU J 7 -21.22 -31.02 -7.91
CA LEU J 7 -20.33 -32.00 -8.53
C LEU J 7 -19.99 -33.11 -7.55
N VAL J 8 -19.30 -32.77 -6.46
CA VAL J 8 -18.90 -33.72 -5.43
C VAL J 8 -19.06 -33.04 -4.07
N ASP J 9 -19.54 -33.81 -3.09
CA ASP J 9 -19.69 -33.29 -1.73
C ASP J 9 -18.93 -34.16 -0.75
N ASN J 10 -17.67 -34.45 -1.07
CA ASN J 10 -16.85 -35.30 -0.22
C ASN J 10 -16.70 -34.67 1.16
N LYS J 11 -17.27 -35.34 2.17
CA LYS J 11 -17.24 -34.81 3.52
C LYS J 11 -15.96 -35.16 4.28
N CYS J 12 -15.18 -36.12 3.80
CA CYS J 12 -13.92 -36.45 4.46
C CYS J 12 -12.95 -35.29 4.37
N LYS J 13 -12.86 -34.65 3.20
CA LYS J 13 -12.14 -33.40 3.05
C LYS J 13 -13.02 -32.18 3.27
N CYS J 14 -14.33 -32.39 3.43
CA CYS J 14 -15.30 -31.33 3.73
C CYS J 14 -15.24 -30.23 2.67
N ALA J 15 -15.48 -30.63 1.42
CA ALA J 15 -15.49 -29.72 0.29
C ALA J 15 -16.82 -29.83 -0.43
N ARG J 16 -17.30 -28.70 -0.94
CA ARG J 16 -18.59 -28.66 -1.60
C ARG J 16 -18.49 -28.16 -3.03
N ILE J 17 -17.55 -28.73 -3.80
CA ILE J 17 -17.38 -28.33 -5.20
C ILE J 17 -18.72 -28.44 -5.93
N THR J 18 -19.05 -27.41 -6.69
CA THR J 18 -20.34 -27.28 -7.34
C THR J 18 -20.28 -26.10 -8.31
N SER J 19 -21.12 -26.16 -9.34
CA SER J 19 -21.07 -25.21 -10.44
C SER J 19 -22.47 -24.72 -10.79
N ARG J 20 -22.54 -23.55 -11.43
CA ARG J 20 -23.79 -22.95 -11.85
C ARG J 20 -23.58 -22.23 -13.18
N ILE J 21 -24.68 -22.04 -13.90
CA ILE J 21 -24.72 -21.23 -15.11
C ILE J 21 -25.59 -20.02 -14.84
N ILE J 22 -25.14 -18.86 -15.30
CA ILE J 22 -25.82 -17.59 -15.06
C ILE J 22 -26.28 -17.04 -16.39
N ARG J 23 -27.60 -16.93 -16.57
CA ARG J 23 -28.14 -16.34 -17.79
C ARG J 23 -27.89 -14.84 -17.79
N SER J 24 -27.34 -14.34 -18.89
CA SER J 24 -26.97 -12.94 -19.01
C SER J 24 -28.19 -12.11 -19.37
N SER J 25 -27.97 -10.85 -19.75
CA SER J 25 -29.03 -9.97 -20.19
C SER J 25 -29.42 -10.28 -21.63
N GLU J 26 -30.14 -9.38 -22.28
CA GLU J 26 -30.59 -9.63 -23.65
C GLU J 26 -29.39 -9.58 -24.58
N ASP J 27 -28.58 -10.63 -24.52
CA ASP J 27 -27.33 -10.76 -25.24
C ASP J 27 -27.28 -12.14 -25.87
N PRO J 28 -26.41 -12.36 -26.85
CA PRO J 28 -26.28 -13.71 -27.42
C PRO J 28 -25.88 -14.72 -26.35
N ASN J 29 -26.42 -15.93 -26.47
CA ASN J 29 -26.38 -16.91 -25.39
C ASN J 29 -25.00 -17.54 -25.24
N GLU J 30 -24.02 -16.68 -24.96
CA GLU J 30 -22.70 -17.14 -24.53
C GLU J 30 -22.66 -17.06 -23.01
N ASP J 31 -23.41 -17.96 -22.39
CA ASP J 31 -23.61 -17.92 -20.94
C ASP J 31 -22.30 -18.16 -20.20
N ILE J 32 -22.12 -17.43 -19.10
CA ILE J 32 -20.90 -17.52 -18.30
C ILE J 32 -20.94 -18.79 -17.44
N VAL J 33 -19.77 -19.19 -16.96
CA VAL J 33 -19.62 -20.37 -16.12
C VAL J 33 -18.94 -19.95 -14.83
N GLU J 34 -19.50 -20.40 -13.69
CA GLU J 34 -19.02 -20.00 -12.38
C GLU J 34 -18.82 -21.23 -11.50
N ARG J 35 -17.82 -21.15 -10.62
CA ARG J 35 -17.46 -22.25 -9.73
C ARG J 35 -17.23 -21.70 -8.33
N ASN J 36 -18.19 -21.90 -7.42
CA ASN J 36 -18.03 -21.55 -6.02
C ASN J 36 -17.41 -22.73 -5.28
N ILE J 37 -16.39 -22.43 -4.47
CA ILE J 37 -15.70 -23.43 -3.68
C ILE J 37 -15.65 -22.97 -2.23
N ARG J 38 -15.85 -23.93 -1.32
CA ARG J 38 -15.76 -23.65 0.11
C ARG J 38 -15.15 -24.86 0.79
N ILE J 39 -14.18 -24.62 1.66
CA ILE J 39 -13.45 -25.67 2.37
C ILE J 39 -13.56 -25.39 3.87
N ILE J 40 -13.28 -26.39 4.68
CA ILE J 40 -13.23 -26.26 6.13
C ILE J 40 -11.98 -26.94 6.65
N VAL J 41 -11.22 -26.25 7.49
CA VAL J 41 -10.02 -26.77 8.11
C VAL J 41 -10.26 -26.87 9.61
N PRO J 42 -9.88 -27.98 10.27
CA PRO J 42 -10.09 -28.06 11.72
C PRO J 42 -9.36 -26.98 12.51
N LEU J 43 -8.14 -26.62 12.09
CA LEU J 43 -7.32 -25.59 12.72
C LEU J 43 -6.77 -26.05 14.07
N ASN J 44 -7.26 -27.18 14.59
CA ASN J 44 -6.84 -27.63 15.91
C ASN J 44 -6.62 -29.14 15.97
N ASN J 45 -6.66 -29.84 14.84
CA ASN J 45 -6.46 -31.29 14.82
C ASN J 45 -5.03 -31.61 14.39
N ARG J 46 -4.76 -32.90 14.23
CA ARG J 46 -3.41 -33.42 14.04
C ARG J 46 -3.32 -34.18 12.73
N GLU J 47 -2.11 -34.62 12.42
CA GLU J 47 -1.87 -35.36 11.18
C GLU J 47 -2.71 -36.64 11.14
N ASN J 48 -2.73 -37.37 12.25
CA ASN J 48 -3.63 -38.52 12.41
C ASN J 48 -4.85 -38.05 13.18
N ILE J 49 -6.03 -38.15 12.55
CA ILE J 49 -7.24 -37.63 13.14
C ILE J 49 -7.76 -38.49 14.28
N SER J 50 -7.28 -39.73 14.40
CA SER J 50 -7.72 -40.64 15.45
C SER J 50 -6.63 -40.96 16.45
N ASP J 51 -5.45 -41.38 15.99
CA ASP J 51 -4.39 -41.74 16.90
C ASP J 51 -3.81 -40.49 17.57
N PRO J 52 -3.77 -40.42 18.91
CA PRO J 52 -3.29 -39.23 19.62
C PRO J 52 -1.78 -39.17 19.77
N THR J 53 -1.06 -39.33 18.66
CA THR J 53 0.40 -39.27 18.67
C THR J 53 0.99 -38.42 17.55
N SER J 54 0.27 -38.18 16.45
CA SER J 54 0.82 -37.44 15.34
C SER J 54 0.94 -35.95 15.69
N PRO J 55 1.87 -35.24 15.06
CA PRO J 55 1.99 -33.80 15.29
C PRO J 55 0.77 -33.05 14.76
N LEU J 56 0.74 -31.76 15.08
CA LEU J 56 -0.39 -30.92 14.68
C LEU J 56 -0.41 -30.70 13.17
N ARG J 57 -1.60 -30.46 12.64
CA ARG J 57 -1.79 -30.20 11.22
C ARG J 57 -1.16 -28.86 10.83
N THR J 58 -0.06 -28.90 10.08
CA THR J 58 0.64 -27.70 9.64
C THR J 58 0.50 -27.45 8.16
N ARG J 59 0.79 -28.44 7.32
CA ARG J 59 0.73 -28.31 5.87
C ARG J 59 -0.51 -29.04 5.35
N PHE J 60 -1.29 -28.34 4.53
CA PHE J 60 -2.54 -28.87 4.02
C PHE J 60 -2.50 -28.89 2.50
N VAL J 61 -3.00 -29.99 1.93
CA VAL J 61 -3.04 -30.18 0.47
C VAL J 61 -4.48 -30.43 0.06
N TYR J 62 -4.95 -29.69 -0.94
CA TYR J 62 -6.32 -29.82 -1.45
C TYR J 62 -6.25 -29.99 -2.96
N HIS J 63 -6.13 -31.23 -3.40
CA HIS J 63 -6.21 -31.55 -4.83
C HIS J 63 -7.68 -31.66 -5.21
N LEU J 64 -8.14 -30.73 -6.05
CA LEU J 64 -9.55 -30.62 -6.39
C LEU J 64 -10.00 -31.67 -7.41
N SER J 65 -9.16 -32.64 -7.73
CA SER J 65 -9.55 -33.71 -8.64
C SER J 65 -9.45 -35.06 -7.94
N ASP J 66 -8.50 -35.19 -7.02
CA ASP J 66 -8.32 -36.46 -6.29
C ASP J 66 -9.52 -36.79 -5.43
N LEU J 67 -10.07 -35.78 -4.73
CA LEU J 67 -11.17 -36.03 -3.81
C LEU J 67 -12.47 -36.39 -4.53
N CYS J 68 -12.54 -36.16 -5.83
CA CYS J 68 -13.77 -36.40 -6.59
C CYS J 68 -13.95 -37.84 -7.03
N LYS J 69 -12.99 -38.71 -6.73
CA LYS J 69 -13.11 -40.12 -7.11
C LYS J 69 -14.17 -40.83 -6.27
N GLU J 98 -4.60 -40.51 1.40
CA GLU J 98 -6.02 -40.22 1.41
C GLU J 98 -6.47 -40.00 2.86
N THR J 99 -5.55 -39.48 3.67
CA THR J 99 -5.83 -39.19 5.08
C THR J 99 -6.68 -37.92 5.19
N CYS J 100 -7.98 -38.12 4.99
CA CYS J 100 -8.92 -37.00 5.02
C CYS J 100 -8.92 -36.34 6.39
N TYR J 101 -9.01 -35.01 6.40
CA TYR J 101 -8.68 -34.24 7.60
C TYR J 101 -9.80 -34.30 8.64
N THR J 102 -10.97 -33.80 8.30
CA THR J 102 -12.04 -33.63 9.27
C THR J 102 -12.68 -34.96 9.62
N TYR J 103 -13.44 -34.96 10.72
CA TYR J 103 -14.15 -36.14 11.18
C TYR J 103 -15.39 -36.37 10.30
N ASP J 104 -16.20 -37.35 10.69
CA ASP J 104 -17.44 -37.65 10.00
C ASP J 104 -18.59 -37.62 11.01
N ARG J 105 -19.82 -37.63 10.49
CA ARG J 105 -20.99 -37.59 11.35
C ARG J 105 -21.07 -38.83 12.23
N ASN J 106 -20.71 -40.00 11.69
CA ASN J 106 -20.86 -41.27 12.40
C ASN J 106 -19.57 -42.08 12.47
N LYS J 107 -18.73 -42.06 11.44
CA LYS J 107 -17.52 -42.88 11.43
C LYS J 107 -16.46 -42.27 12.34
N CYS J 108 -15.84 -43.10 13.18
CA CYS J 108 -14.77 -42.70 14.06
C CYS J 108 -13.95 -43.92 14.48
N TYR J 109 -12.75 -43.67 14.96
CA TYR J 109 -11.89 -44.71 15.51
C TYR J 109 -11.67 -44.44 17.00
N THR J 110 -11.54 -45.52 17.78
CA THR J 110 -11.49 -45.41 19.23
C THR J 110 -10.60 -46.52 19.79
N ALA J 111 -10.05 -46.29 20.97
CA ALA J 111 -9.14 -47.21 21.64
C ALA J 111 -9.77 -47.71 22.93
N VAL J 112 -8.99 -48.46 23.71
CA VAL J 112 -9.45 -49.11 24.93
C VAL J 112 -8.50 -48.75 26.07
N VAL J 113 -9.06 -48.46 27.23
CA VAL J 113 -8.28 -48.04 28.40
C VAL J 113 -8.07 -49.22 29.33
N PRO J 114 -7.04 -49.20 30.19
CA PRO J 114 -6.83 -50.30 31.15
C PRO J 114 -7.58 -50.09 32.47
N LEU J 115 -8.56 -49.19 32.48
CA LEU J 115 -9.31 -48.89 33.70
C LEU J 115 -9.98 -50.16 34.24
N VAL J 116 -9.90 -50.33 35.55
CA VAL J 116 -10.40 -51.54 36.20
C VAL J 116 -11.71 -51.28 36.96
N TYR J 117 -11.87 -50.07 37.49
CA TYR J 117 -13.05 -49.70 38.28
C TYR J 117 -13.22 -50.62 39.49
N GLY J 118 -12.23 -50.56 40.38
CA GLY J 118 -12.28 -51.32 41.61
C GLY J 118 -12.25 -52.82 41.41
N GLY J 119 -12.89 -53.57 42.31
CA GLY J 119 -12.92 -55.02 42.24
C GLY J 119 -13.62 -55.52 41.00
N GLU J 120 -14.75 -54.92 40.65
CA GLU J 120 -15.48 -55.31 39.46
C GLU J 120 -14.73 -54.84 38.22
N THR J 121 -14.02 -55.76 37.57
CA THR J 121 -13.22 -55.41 36.40
C THR J 121 -14.11 -54.90 35.27
N LYS J 122 -13.69 -53.81 34.64
CA LYS J 122 -14.43 -53.17 33.57
C LYS J 122 -13.48 -52.94 32.39
N MET J 123 -13.33 -53.96 31.54
CA MET J 123 -12.56 -53.83 30.30
C MET J 123 -13.49 -53.26 29.22
N VAL J 124 -13.76 -51.97 29.34
CA VAL J 124 -14.80 -51.32 28.56
C VAL J 124 -14.17 -50.50 27.43
N GLU J 125 -14.76 -50.65 26.24
CA GLU J 125 -14.41 -49.80 25.11
C GLU J 125 -14.80 -48.36 25.42
N THR J 126 -14.15 -47.42 24.75
CA THR J 126 -14.21 -46.01 25.13
C THR J 126 -14.90 -45.19 24.04
N ALA J 127 -14.85 -43.86 24.20
CA ALA J 127 -15.46 -42.95 23.23
C ALA J 127 -14.53 -41.76 23.06
N LEU J 128 -13.72 -41.78 22.00
CA LEU J 128 -12.77 -40.70 21.78
C LEU J 128 -13.48 -39.44 21.30
N THR J 129 -14.47 -39.58 20.43
CA THR J 129 -15.22 -38.44 19.91
C THR J 129 -16.62 -38.42 20.51
N PRO J 130 -16.98 -37.41 21.29
CA PRO J 130 -18.34 -37.36 21.83
C PRO J 130 -19.35 -36.93 20.78
N ASP J 131 -20.51 -37.60 20.81
CA ASP J 131 -21.62 -37.44 19.87
C ASP J 131 -21.26 -37.93 18.46
N ALA J 132 -20.04 -38.39 18.24
CA ALA J 132 -19.63 -38.94 16.95
C ALA J 132 -19.24 -40.41 17.02
N CYS J 133 -18.78 -40.88 18.17
CA CYS J 133 -18.46 -42.29 18.37
C CYS J 133 -19.61 -43.07 19.00
N TYR J 134 -20.79 -42.47 19.11
CA TYR J 134 -21.95 -43.20 19.59
C TYR J 134 -22.29 -44.34 18.65
N PRO J 135 -22.84 -45.44 19.15
CA PRO J 135 -23.18 -46.57 18.28
C PRO J 135 -24.16 -46.15 17.19
N ASP J 136 -23.95 -46.68 15.99
CA ASP J 136 -24.76 -46.32 14.84
C ASP J 136 -24.77 -47.44 13.80
N ILE K 222 -7.26 -47.35 -76.04
CA ILE K 222 -8.68 -47.03 -76.15
C ILE K 222 -8.98 -45.75 -75.36
N ARG K 223 -9.18 -45.92 -74.05
CA ARG K 223 -9.48 -44.79 -73.18
C ARG K 223 -8.19 -44.10 -72.76
N VAL K 224 -8.15 -42.79 -72.95
CA VAL K 224 -7.02 -41.97 -72.53
C VAL K 224 -7.45 -41.18 -71.31
N PHE K 225 -6.80 -41.42 -70.18
CA PHE K 225 -7.16 -40.77 -68.92
C PHE K 225 -6.72 -39.31 -69.00
N ALA K 226 -7.65 -38.42 -69.33
CA ALA K 226 -7.38 -36.98 -69.39
C ALA K 226 -7.77 -36.38 -68.04
N ILE K 227 -6.77 -36.04 -67.24
CA ILE K 227 -6.99 -35.58 -65.87
C ILE K 227 -7.27 -34.09 -65.91
N PRO K 228 -8.46 -33.63 -65.51
CA PRO K 228 -8.70 -32.20 -65.43
C PRO K 228 -7.84 -31.58 -64.35
N PRO K 229 -7.44 -30.31 -64.52
CA PRO K 229 -6.65 -29.65 -63.47
C PRO K 229 -7.43 -29.53 -62.17
N SER K 230 -6.70 -29.67 -61.06
CA SER K 230 -7.27 -29.60 -59.73
C SER K 230 -6.91 -28.28 -59.07
N PHE K 231 -7.91 -27.59 -58.53
CA PHE K 231 -7.74 -26.22 -58.06
C PHE K 231 -6.62 -26.11 -57.02
N ALA K 232 -6.49 -27.12 -56.16
CA ALA K 232 -5.42 -27.10 -55.17
C ALA K 232 -4.05 -27.07 -55.84
N SER K 233 -3.84 -27.97 -56.80
CA SER K 233 -2.58 -27.97 -57.55
C SER K 233 -2.43 -26.69 -58.37
N ILE K 234 -3.54 -26.14 -58.86
CA ILE K 234 -3.48 -24.91 -59.64
C ILE K 234 -2.93 -23.77 -58.80
N PHE K 235 -3.46 -23.63 -57.57
CA PHE K 235 -2.92 -22.60 -56.68
C PHE K 235 -1.50 -22.92 -56.25
N LEU K 236 -1.19 -24.21 -56.07
CA LEU K 236 0.17 -24.58 -55.66
C LEU K 236 1.19 -24.19 -56.72
N THR K 237 0.85 -24.35 -58.00
CA THR K 237 1.78 -24.09 -59.08
C THR K 237 1.56 -22.75 -59.78
N LYS K 238 0.30 -22.30 -59.88
CA LYS K 238 -0.06 -21.13 -60.68
C LYS K 238 0.38 -21.29 -62.14
N SER K 239 0.48 -22.54 -62.58
CA SER K 239 0.93 -22.89 -63.92
C SER K 239 0.01 -23.97 -64.50
N THR K 240 -1.29 -23.69 -64.45
CA THR K 240 -2.32 -24.67 -64.82
C THR K 240 -1.97 -25.41 -66.11
N LYS K 241 -2.25 -26.70 -66.12
CA LYS K 241 -1.73 -27.61 -67.13
C LYS K 241 -2.77 -28.68 -67.43
N LEU K 242 -2.85 -29.07 -68.70
CA LEU K 242 -3.73 -30.15 -69.13
C LEU K 242 -2.89 -31.38 -69.43
N THR K 243 -3.27 -32.51 -68.84
CA THR K 243 -2.51 -33.75 -68.98
C THR K 243 -3.44 -34.88 -69.37
N CYS K 244 -2.99 -35.70 -70.31
CA CYS K 244 -3.71 -36.89 -70.74
C CYS K 244 -2.74 -38.06 -70.84
N LEU K 245 -2.99 -39.10 -70.06
CA LEU K 245 -2.18 -40.32 -70.06
C LEU K 245 -2.86 -41.33 -70.99
N VAL K 246 -2.22 -41.63 -72.11
CA VAL K 246 -2.74 -42.59 -73.07
C VAL K 246 -2.52 -43.99 -72.50
N THR K 247 -3.60 -44.67 -72.16
CA THR K 247 -3.58 -46.03 -71.62
C THR K 247 -4.53 -46.90 -72.42
N ASP K 248 -4.74 -48.12 -71.92
CA ASP K 248 -5.65 -49.12 -72.46
C ASP K 248 -5.27 -49.60 -73.86
N LEU K 249 -4.17 -49.12 -74.42
CA LEU K 249 -3.70 -49.59 -75.72
C LEU K 249 -2.56 -50.58 -75.52
N THR K 250 -2.42 -51.51 -76.45
CA THR K 250 -1.36 -52.50 -76.37
C THR K 250 0.00 -51.82 -76.46
N THR K 251 1.00 -52.46 -75.84
CA THR K 251 2.35 -51.90 -75.81
C THR K 251 2.90 -51.81 -77.23
N TYR K 252 3.03 -50.58 -77.74
CA TYR K 252 3.48 -50.35 -79.10
C TYR K 252 3.75 -48.86 -79.27
N ASP K 253 4.83 -48.53 -79.97
CA ASP K 253 5.23 -47.15 -80.19
C ASP K 253 4.41 -46.56 -81.33
N SER K 254 4.85 -45.40 -81.84
CA SER K 254 4.21 -44.72 -82.96
C SER K 254 2.79 -44.26 -82.60
N VAL K 255 2.72 -43.39 -81.60
CA VAL K 255 1.50 -42.71 -81.21
C VAL K 255 1.66 -41.23 -81.48
N THR K 256 0.53 -40.54 -81.65
CA THR K 256 0.55 -39.09 -81.82
C THR K 256 -0.45 -38.46 -80.86
N ILE K 257 0.05 -37.64 -79.94
CA ILE K 257 -0.78 -37.02 -78.90
C ILE K 257 -0.63 -35.51 -79.02
N SER K 258 -1.77 -34.81 -79.02
CA SER K 258 -1.75 -33.35 -79.04
C SER K 258 -3.00 -32.84 -78.36
N TRP K 259 -2.84 -32.05 -77.31
CA TRP K 259 -3.99 -31.42 -76.68
C TRP K 259 -4.58 -30.37 -77.61
N THR K 260 -5.89 -30.33 -77.70
CA THR K 260 -6.56 -29.47 -78.66
C THR K 260 -7.72 -28.70 -78.03
N ARG K 261 -8.55 -28.08 -78.85
CA ARG K 261 -9.61 -27.21 -78.37
C ARG K 261 -10.80 -27.33 -79.31
N GLN K 262 -11.98 -26.97 -78.79
CA GLN K 262 -13.20 -27.04 -79.60
C GLN K 262 -13.13 -26.08 -80.78
N ASN K 263 -12.65 -24.86 -80.54
CA ASN K 263 -12.55 -23.86 -81.60
C ASN K 263 -11.36 -24.09 -82.52
N GLY K 264 -10.47 -25.04 -82.19
CA GLY K 264 -9.38 -25.39 -83.08
C GLY K 264 -8.35 -24.29 -83.29
N GLU K 265 -8.00 -23.58 -82.22
CA GLU K 265 -6.95 -22.56 -82.29
C GLU K 265 -5.60 -23.25 -82.13
N ALA K 266 -4.55 -22.44 -81.93
CA ALA K 266 -3.21 -22.96 -81.77
C ALA K 266 -3.13 -23.95 -80.62
N VAL K 267 -2.44 -25.08 -80.84
CA VAL K 267 -2.36 -26.17 -79.89
C VAL K 267 -0.91 -26.41 -79.54
N LYS K 268 -0.69 -27.21 -78.51
CA LYS K 268 0.65 -27.55 -78.04
C LYS K 268 0.85 -29.05 -78.11
N THR K 269 2.01 -29.46 -78.59
CA THR K 269 2.36 -30.87 -78.72
C THR K 269 2.99 -31.38 -77.43
N HIS K 270 2.79 -32.67 -77.18
CA HIS K 270 3.30 -33.30 -75.98
C HIS K 270 4.83 -33.33 -75.99
N THR K 271 5.41 -33.75 -74.87
CA THR K 271 6.86 -33.74 -74.69
C THR K 271 7.21 -34.81 -73.66
N ASN K 272 8.46 -35.29 -73.73
CA ASN K 272 9.02 -36.24 -72.78
C ASN K 272 8.24 -37.56 -72.78
N ILE K 273 8.32 -38.24 -73.93
CA ILE K 273 7.75 -39.58 -74.04
C ILE K 273 8.40 -40.50 -73.02
N SER K 274 7.57 -41.21 -72.26
CA SER K 274 8.06 -42.21 -71.33
C SER K 274 8.42 -43.50 -72.05
N GLU K 275 9.24 -44.32 -71.40
CA GLU K 275 9.64 -45.59 -71.99
C GLU K 275 8.42 -46.50 -72.15
N SER K 276 8.39 -47.23 -73.26
CA SER K 276 7.30 -48.16 -73.52
C SER K 276 7.19 -49.18 -72.40
N HIS K 277 6.07 -49.13 -71.68
CA HIS K 277 5.92 -49.94 -70.49
C HIS K 277 5.85 -51.43 -70.86
N PRO K 278 6.62 -52.29 -70.17
CA PRO K 278 6.57 -53.72 -70.43
C PRO K 278 5.40 -54.45 -69.77
N ASN K 279 4.40 -53.74 -69.28
CA ASN K 279 3.25 -54.34 -68.60
C ASN K 279 2.07 -54.58 -69.53
N ALA K 280 2.35 -54.89 -70.81
CA ALA K 280 1.36 -55.25 -71.82
C ALA K 280 0.45 -54.10 -72.23
N THR K 281 0.70 -52.90 -71.71
CA THR K 281 -0.05 -51.72 -72.13
C THR K 281 0.90 -50.54 -72.25
N PHE K 282 0.63 -49.68 -73.22
CA PHE K 282 1.43 -48.48 -73.46
C PHE K 282 0.68 -47.27 -72.92
N SER K 283 1.31 -46.57 -71.97
CA SER K 283 0.75 -45.37 -71.36
C SER K 283 1.68 -44.20 -71.64
N ALA K 284 1.37 -43.43 -72.68
CA ALA K 284 2.18 -42.29 -73.08
C ALA K 284 1.62 -41.02 -72.43
N VAL K 285 2.35 -39.91 -72.58
CA VAL K 285 1.99 -38.67 -71.93
C VAL K 285 1.64 -37.62 -72.98
N GLY K 286 0.65 -36.79 -72.64
CA GLY K 286 0.32 -35.63 -73.43
C GLY K 286 0.12 -34.41 -72.55
N GLU K 287 0.94 -33.38 -72.75
CA GLU K 287 1.00 -32.23 -71.86
C GLU K 287 0.70 -30.96 -72.63
N ALA K 288 -0.02 -30.04 -71.99
CA ALA K 288 -0.32 -28.73 -72.56
C ALA K 288 -0.25 -27.68 -71.47
N SER K 289 0.44 -26.58 -71.77
CA SER K 289 0.57 -25.46 -70.86
C SER K 289 -0.41 -24.37 -71.26
N ILE K 290 -1.29 -23.98 -70.33
CA ILE K 290 -2.31 -22.98 -70.56
C ILE K 290 -2.37 -22.07 -69.34
N CYS K 291 -3.16 -20.99 -69.45
CA CYS K 291 -3.39 -20.10 -68.33
C CYS K 291 -4.81 -20.28 -67.80
N GLU K 292 -4.99 -19.91 -66.53
CA GLU K 292 -6.23 -20.24 -65.81
C GLU K 292 -7.45 -19.56 -66.42
N ASP K 293 -7.28 -18.36 -66.95
CA ASP K 293 -8.42 -17.67 -67.56
C ASP K 293 -8.95 -18.44 -68.75
N ASP K 294 -8.06 -19.04 -69.55
CA ASP K 294 -8.50 -19.88 -70.65
C ASP K 294 -9.27 -21.10 -70.15
N TRP K 295 -8.81 -21.71 -69.06
CA TRP K 295 -9.48 -22.89 -68.53
C TRP K 295 -10.87 -22.54 -68.01
N ASN K 296 -11.01 -21.43 -67.29
CA ASN K 296 -12.29 -21.05 -66.72
C ASN K 296 -13.18 -20.28 -67.69
N SER K 297 -12.69 -19.95 -68.87
CA SER K 297 -13.49 -19.23 -69.85
C SER K 297 -14.60 -20.07 -70.45
N GLY K 298 -14.59 -21.38 -70.24
CA GLY K 298 -15.59 -22.26 -70.79
C GLY K 298 -15.13 -23.07 -71.98
N GLU K 299 -14.01 -22.71 -72.59
CA GLU K 299 -13.48 -23.48 -73.71
C GLU K 299 -13.06 -24.87 -73.23
N ARG K 300 -13.43 -25.89 -74.00
CA ARG K 300 -13.17 -27.28 -73.65
C ARG K 300 -11.96 -27.79 -74.42
N PHE K 301 -11.12 -28.56 -73.73
CA PHE K 301 -9.87 -29.05 -74.29
C PHE K 301 -9.99 -30.55 -74.58
N THR K 302 -9.59 -30.94 -75.79
CA THR K 302 -9.61 -32.34 -76.21
C THR K 302 -8.18 -32.80 -76.48
N CYS K 303 -7.81 -33.94 -75.90
CA CYS K 303 -6.48 -34.52 -76.12
C CYS K 303 -6.58 -35.47 -77.30
N THR K 304 -6.36 -34.93 -78.50
CA THR K 304 -6.44 -35.74 -79.71
C THR K 304 -5.30 -36.75 -79.73
N VAL K 305 -5.66 -38.03 -79.73
CA VAL K 305 -4.70 -39.13 -79.80
C VAL K 305 -5.00 -39.93 -81.05
N THR K 306 -4.02 -40.02 -81.94
CA THR K 306 -4.12 -40.81 -83.15
C THR K 306 -3.11 -41.95 -83.09
N HIS K 307 -3.58 -43.15 -83.43
CA HIS K 307 -2.80 -44.38 -83.35
C HIS K 307 -2.90 -45.12 -84.67
N THR K 308 -1.80 -45.77 -85.05
CA THR K 308 -1.79 -46.53 -86.30
C THR K 308 -2.77 -47.70 -86.25
N ASP K 309 -2.81 -48.41 -85.11
CA ASP K 309 -3.74 -49.53 -84.97
C ASP K 309 -5.17 -49.08 -84.73
N LEU K 310 -5.37 -47.79 -84.41
CA LEU K 310 -6.70 -47.22 -84.19
C LEU K 310 -6.85 -46.01 -85.08
N PRO K 311 -7.19 -46.21 -86.36
CA PRO K 311 -7.27 -45.06 -87.28
C PRO K 311 -8.32 -44.05 -86.89
N SER K 312 -9.38 -44.46 -86.18
CA SER K 312 -10.41 -43.53 -85.77
C SER K 312 -9.88 -42.60 -84.69
N PRO K 313 -9.89 -41.28 -84.89
CA PRO K 313 -9.39 -40.38 -83.85
C PRO K 313 -10.32 -40.36 -82.64
N LEU K 314 -9.73 -40.11 -81.48
CA LEU K 314 -10.46 -40.01 -80.23
C LEU K 314 -10.13 -38.71 -79.52
N LYS K 315 -11.13 -38.12 -78.88
CA LYS K 315 -10.99 -36.84 -78.20
C LYS K 315 -11.58 -36.94 -76.80
N GLN K 316 -10.87 -36.37 -75.82
CA GLN K 316 -11.31 -36.33 -74.43
C GLN K 316 -11.69 -34.89 -74.09
N THR K 317 -12.98 -34.59 -74.16
CA THR K 317 -13.49 -33.25 -73.89
C THR K 317 -13.36 -32.97 -72.39
N ILE K 318 -12.44 -32.09 -72.02
CA ILE K 318 -12.15 -31.78 -70.63
C ILE K 318 -12.34 -30.28 -70.42
N SER K 319 -13.18 -29.92 -69.45
CA SER K 319 -13.39 -28.54 -69.05
C SER K 319 -14.10 -28.52 -67.71
N ARG K 320 -14.01 -27.40 -67.02
CA ARG K 320 -14.72 -27.27 -65.75
C ARG K 320 -16.21 -27.13 -65.99
N PRO K 321 -17.05 -27.69 -65.12
CA PRO K 321 -18.49 -27.59 -65.31
C PRO K 321 -19.01 -26.20 -65.02
N LYS K 322 -20.18 -25.90 -65.60
CA LYS K 322 -20.85 -24.64 -65.34
C LYS K 322 -21.51 -24.64 -63.97
N GLY K 323 -21.67 -23.45 -63.40
CA GLY K 323 -22.30 -23.29 -62.11
C GLY K 323 -21.48 -23.87 -60.97
N LEU K 326 -22.46 -21.65 -54.85
CA LEU K 326 -21.22 -20.95 -54.52
C LEU K 326 -21.36 -20.21 -53.19
N HIS K 327 -20.56 -20.60 -52.21
CA HIS K 327 -20.60 -19.99 -50.89
C HIS K 327 -19.20 -20.00 -50.28
N ARG K 328 -18.88 -18.92 -49.57
CA ARG K 328 -17.58 -18.82 -48.90
C ARG K 328 -17.59 -19.65 -47.63
N PRO K 329 -16.64 -20.56 -47.45
CA PRO K 329 -16.59 -21.36 -46.22
C PRO K 329 -16.21 -20.51 -45.02
N ASP K 330 -16.40 -21.11 -43.83
CA ASP K 330 -15.94 -20.51 -42.59
C ASP K 330 -15.02 -21.50 -41.90
N VAL K 331 -13.96 -20.98 -41.29
CA VAL K 331 -12.88 -21.78 -40.72
C VAL K 331 -12.78 -21.48 -39.23
N TYR K 332 -12.64 -22.54 -38.44
CA TYR K 332 -12.51 -22.43 -37.00
C TYR K 332 -11.33 -23.27 -36.53
N LEU K 333 -10.75 -22.86 -35.40
CA LEU K 333 -9.67 -23.60 -34.78
C LEU K 333 -10.07 -23.95 -33.35
N LEU K 334 -9.90 -25.21 -32.97
CA LEU K 334 -10.26 -25.61 -31.62
C LEU K 334 -9.00 -26.00 -30.85
N PRO K 335 -8.67 -25.29 -29.77
CA PRO K 335 -7.46 -25.60 -29.01
C PRO K 335 -7.57 -26.95 -28.34
N PRO K 336 -6.44 -27.57 -28.00
CA PRO K 336 -6.49 -28.89 -27.36
C PRO K 336 -7.24 -28.85 -26.04
N ALA K 337 -7.97 -29.93 -25.77
CA ALA K 337 -8.82 -29.98 -24.59
C ALA K 337 -7.98 -30.03 -23.30
N ARG K 338 -8.57 -29.50 -22.23
CA ARG K 338 -7.92 -29.55 -20.92
C ARG K 338 -7.73 -31.00 -20.47
N GLU K 339 -8.71 -31.85 -20.76
CA GLU K 339 -8.60 -33.27 -20.45
C GLU K 339 -7.45 -33.92 -21.22
N GLN K 340 -7.19 -33.45 -22.44
CA GLN K 340 -6.03 -33.93 -23.17
C GLN K 340 -4.74 -33.39 -22.57
N LEU K 341 -4.79 -32.15 -22.09
CA LEU K 341 -3.57 -31.50 -21.57
C LEU K 341 -3.13 -32.12 -20.25
N ASN K 342 -4.08 -32.57 -19.42
CA ASN K 342 -3.72 -32.89 -18.04
C ASN K 342 -2.91 -34.18 -17.90
N LEU K 343 -2.76 -34.98 -18.96
CA LEU K 343 -1.89 -36.14 -18.85
C LEU K 343 -0.44 -35.83 -19.23
N ARG K 344 -0.18 -34.66 -19.82
CA ARG K 344 1.18 -34.20 -20.14
C ARG K 344 1.95 -35.21 -21.00
N GLU K 345 1.42 -35.51 -22.18
CA GLU K 345 2.27 -36.23 -23.12
C GLU K 345 2.31 -35.59 -24.49
N SER K 346 1.19 -35.04 -24.96
CA SER K 346 1.08 -34.48 -26.30
C SER K 346 -0.29 -33.80 -26.39
N ALA K 347 -0.46 -33.01 -27.46
CA ALA K 347 -1.69 -32.29 -27.71
C ALA K 347 -2.05 -32.38 -29.18
N THR K 348 -3.33 -32.18 -29.46
CA THR K 348 -3.85 -32.20 -30.83
C THR K 348 -4.59 -30.91 -31.10
N ILE K 349 -4.39 -30.36 -32.29
CA ILE K 349 -5.05 -29.15 -32.74
C ILE K 349 -5.88 -29.49 -33.97
N THR K 350 -7.09 -28.94 -34.02
CA THR K 350 -8.04 -29.25 -35.08
C THR K 350 -8.52 -27.99 -35.77
N CYS K 351 -8.51 -28.03 -37.10
CA CYS K 351 -8.96 -26.96 -37.97
C CYS K 351 -10.20 -27.45 -38.72
N LEU K 352 -11.32 -26.73 -38.57
CA LEU K 352 -12.59 -27.11 -39.19
C LEU K 352 -12.92 -26.12 -40.29
N VAL K 353 -13.25 -26.64 -41.47
CA VAL K 353 -13.76 -25.83 -42.57
C VAL K 353 -15.18 -26.28 -42.87
N THR K 354 -16.11 -25.32 -43.00
CA THR K 354 -17.52 -25.65 -43.11
C THR K 354 -18.18 -24.75 -44.14
N GLY K 355 -19.25 -25.28 -44.75
CA GLY K 355 -20.14 -24.47 -45.56
C GLY K 355 -19.55 -23.93 -46.84
N PHE K 356 -18.90 -24.78 -47.64
CA PHE K 356 -18.34 -24.38 -48.91
C PHE K 356 -18.96 -25.17 -50.04
N SER K 357 -19.20 -24.48 -51.17
CA SER K 357 -19.69 -25.08 -52.38
C SER K 357 -18.99 -24.35 -53.52
N PRO K 358 -18.39 -25.07 -54.48
CA PRO K 358 -18.34 -26.54 -54.53
C PRO K 358 -17.21 -27.14 -53.70
N ALA K 359 -16.84 -28.37 -54.05
CA ALA K 359 -15.77 -29.11 -53.38
C ALA K 359 -14.41 -28.66 -53.86
N ASP K 360 -13.38 -29.46 -53.58
CA ASP K 360 -11.99 -29.20 -53.97
C ASP K 360 -11.44 -27.95 -53.28
N VAL K 361 -11.36 -28.00 -51.96
CA VAL K 361 -10.68 -26.97 -51.19
C VAL K 361 -9.27 -27.46 -50.88
N PHE K 362 -8.41 -26.53 -50.47
CA PHE K 362 -7.05 -26.88 -50.10
C PHE K 362 -6.75 -26.35 -48.70
N VAL K 363 -6.02 -27.13 -47.91
CA VAL K 363 -5.68 -26.75 -46.54
C VAL K 363 -4.25 -27.17 -46.26
N GLN K 364 -3.57 -26.37 -45.43
CA GLN K 364 -2.27 -26.78 -44.89
C GLN K 364 -1.98 -25.94 -43.65
N TRP K 365 -0.82 -26.18 -43.07
CA TRP K 365 -0.42 -25.54 -41.82
C TRP K 365 0.85 -24.73 -42.05
N MET K 366 0.81 -23.48 -41.64
CA MET K 366 1.94 -22.57 -41.73
C MET K 366 2.53 -22.41 -40.33
N GLN K 367 3.84 -22.63 -40.22
CA GLN K 367 4.57 -22.58 -38.95
C GLN K 367 5.45 -21.33 -38.97
N ARG K 368 4.97 -20.25 -38.36
CA ARG K 368 5.70 -19.00 -38.15
C ARG K 368 6.58 -18.60 -39.34
N GLY K 369 6.09 -18.79 -40.56
CA GLY K 369 6.80 -18.42 -41.76
C GLY K 369 7.36 -19.58 -42.57
N GLN K 370 7.35 -20.80 -42.04
CA GLN K 370 7.83 -21.93 -42.80
C GLN K 370 6.81 -23.06 -42.78
N PRO K 371 6.60 -23.73 -43.92
CA PRO K 371 5.62 -24.82 -43.95
C PRO K 371 6.15 -26.08 -43.26
N LEU K 372 5.21 -26.96 -42.93
CA LEU K 372 5.52 -28.25 -42.34
C LEU K 372 5.31 -29.35 -43.37
N SER K 373 5.93 -30.50 -43.11
CA SER K 373 5.79 -31.64 -44.01
C SER K 373 4.35 -32.16 -43.97
N PRO K 374 3.83 -32.63 -45.10
CA PRO K 374 2.42 -33.06 -45.15
C PRO K 374 2.08 -34.19 -44.18
N GLU K 375 3.00 -35.11 -43.92
CA GLU K 375 2.68 -36.27 -43.10
C GLU K 375 2.46 -35.91 -41.63
N LYS K 376 2.87 -34.73 -41.19
CA LYS K 376 2.66 -34.33 -39.81
C LYS K 376 1.21 -33.99 -39.49
N TYR K 377 0.35 -33.86 -40.51
CA TYR K 377 -1.04 -33.56 -40.29
C TYR K 377 -1.90 -34.43 -41.19
N VAL K 378 -3.15 -34.64 -40.78
CA VAL K 378 -4.09 -35.47 -41.52
C VAL K 378 -5.32 -34.64 -41.85
N THR K 379 -5.68 -34.60 -43.13
CA THR K 379 -6.82 -33.83 -43.61
C THR K 379 -7.97 -34.77 -43.96
N SER K 380 -9.14 -34.50 -43.40
CA SER K 380 -10.31 -35.31 -43.72
C SER K 380 -10.81 -35.00 -45.13
N ALA K 381 -11.29 -36.03 -45.81
CA ALA K 381 -11.83 -35.87 -47.14
C ALA K 381 -13.13 -35.07 -47.09
N PRO K 382 -13.48 -34.39 -48.19
CA PRO K 382 -14.74 -33.65 -48.21
C PRO K 382 -15.93 -34.58 -48.01
N MET K 383 -16.94 -34.08 -47.28
CA MET K 383 -18.10 -34.88 -46.93
C MET K 383 -19.34 -34.01 -47.07
N PRO K 384 -20.39 -34.50 -47.72
CA PRO K 384 -21.63 -33.71 -47.84
C PRO K 384 -22.24 -33.45 -46.47
N GLU K 385 -22.79 -32.25 -46.31
CA GLU K 385 -23.44 -31.90 -45.05
C GLU K 385 -24.86 -32.47 -45.03
N PRO K 386 -25.33 -32.93 -43.87
CA PRO K 386 -26.69 -33.48 -43.80
C PRO K 386 -27.78 -32.44 -44.04
N GLN K 387 -27.72 -31.31 -43.33
CA GLN K 387 -28.74 -30.28 -43.47
C GLN K 387 -28.59 -29.54 -44.79
N ALA K 388 -27.46 -28.87 -44.99
CA ALA K 388 -27.22 -28.14 -46.22
C ALA K 388 -26.85 -29.10 -47.33
N PRO K 389 -27.59 -29.15 -48.44
CA PRO K 389 -27.25 -30.11 -49.51
C PRO K 389 -25.95 -29.77 -50.22
N GLY K 390 -25.81 -28.52 -50.66
CA GLY K 390 -24.66 -28.14 -51.45
C GLY K 390 -23.40 -27.84 -50.67
N ARG K 391 -23.49 -27.69 -49.35
CA ARG K 391 -22.33 -27.37 -48.55
C ARG K 391 -21.57 -28.64 -48.16
N TYR K 392 -20.31 -28.44 -47.75
CA TYR K 392 -19.45 -29.53 -47.32
C TYR K 392 -18.64 -29.07 -46.13
N PHE K 393 -18.04 -30.05 -45.43
CA PHE K 393 -17.22 -29.75 -44.26
C PHE K 393 -16.03 -30.69 -44.25
N ALA K 394 -14.96 -30.26 -43.57
CA ALA K 394 -13.75 -31.06 -43.50
C ALA K 394 -12.95 -30.69 -42.26
N HIS K 395 -12.10 -31.65 -41.86
CA HIS K 395 -11.29 -31.55 -40.66
C HIS K 395 -9.81 -31.62 -41.03
N SER K 396 -8.98 -30.99 -40.20
CA SER K 396 -7.53 -31.13 -40.28
C SER K 396 -7.00 -31.30 -38.87
N ILE K 397 -6.24 -32.37 -38.64
CA ILE K 397 -5.75 -32.73 -37.31
C ILE K 397 -4.23 -32.69 -37.34
N LEU K 398 -3.64 -32.01 -36.36
CA LEU K 398 -2.18 -31.98 -36.21
C LEU K 398 -1.82 -32.28 -34.76
N THR K 399 -0.95 -33.25 -34.56
CA THR K 399 -0.53 -33.69 -33.24
C THR K 399 0.89 -33.22 -32.98
N VAL K 400 1.11 -32.61 -31.80
CA VAL K 400 2.42 -32.09 -31.44
C VAL K 400 2.56 -32.13 -29.93
N SER K 401 3.79 -32.31 -29.46
CA SER K 401 4.04 -32.62 -28.05
C SER K 401 3.69 -31.43 -27.15
N GLU K 402 3.33 -31.75 -25.90
CA GLU K 402 2.97 -30.73 -24.93
C GLU K 402 4.17 -29.91 -24.47
N GLU K 403 5.35 -30.53 -24.42
CA GLU K 403 6.52 -29.85 -23.87
C GLU K 403 6.87 -28.60 -24.67
N GLU K 404 6.87 -28.72 -25.99
CA GLU K 404 7.12 -27.55 -26.82
C GLU K 404 5.90 -26.64 -26.86
N TRP K 405 4.70 -27.21 -26.72
CA TRP K 405 3.49 -26.40 -26.67
C TRP K 405 3.48 -25.48 -25.46
N ASN K 406 4.22 -25.83 -24.40
CA ASN K 406 4.40 -24.92 -23.28
C ASN K 406 5.11 -23.63 -23.71
N THR K 407 5.79 -23.65 -24.84
CA THR K 407 6.28 -22.43 -25.47
C THR K 407 5.22 -21.91 -26.45
N GLY K 408 5.24 -20.61 -26.69
CA GLY K 408 4.19 -19.95 -27.44
C GLY K 408 3.90 -20.50 -28.83
N GLU K 409 4.82 -20.29 -29.77
CA GLU K 409 4.65 -20.69 -31.16
C GLU K 409 3.44 -20.05 -31.81
N THR K 410 3.21 -20.32 -33.10
CA THR K 410 2.08 -19.76 -33.83
C THR K 410 1.07 -20.81 -34.26
N TYR K 411 1.51 -21.82 -35.02
CA TYR K 411 0.66 -22.92 -35.44
C TYR K 411 -0.59 -22.42 -36.19
N THR K 412 -0.34 -21.81 -37.34
CA THR K 412 -1.41 -21.22 -38.11
C THR K 412 -1.98 -22.23 -39.11
N CYS K 413 -3.29 -22.19 -39.30
CA CYS K 413 -3.99 -23.03 -40.25
C CYS K 413 -4.44 -22.16 -41.42
N VAL K 414 -4.04 -22.52 -42.64
CA VAL K 414 -4.32 -21.73 -43.83
C VAL K 414 -5.13 -22.57 -44.80
N VAL K 415 -6.12 -21.93 -45.42
CA VAL K 415 -7.05 -22.59 -46.34
C VAL K 415 -7.15 -21.75 -47.60
N ALA K 416 -7.28 -22.45 -48.74
CA ALA K 416 -7.43 -21.82 -50.05
C ALA K 416 -8.67 -22.41 -50.73
N HIS K 417 -9.57 -21.53 -51.15
CA HIS K 417 -10.75 -21.91 -51.91
C HIS K 417 -11.16 -20.75 -52.80
N GLU K 418 -11.78 -21.07 -53.94
CA GLU K 418 -12.06 -20.07 -54.95
C GLU K 418 -13.07 -19.04 -54.50
N ALA K 419 -13.99 -19.42 -53.60
CA ALA K 419 -15.06 -18.50 -53.19
C ALA K 419 -14.53 -17.28 -52.45
N LEU K 420 -13.38 -17.39 -51.78
CA LEU K 420 -12.86 -16.27 -51.02
C LEU K 420 -12.44 -15.14 -51.97
N PRO K 421 -12.65 -13.88 -51.58
CA PRO K 421 -12.27 -12.77 -52.47
C PRO K 421 -10.79 -12.78 -52.85
N ASN K 422 -9.92 -13.13 -51.93
CA ASN K 422 -8.50 -13.28 -52.21
C ASN K 422 -8.09 -14.74 -52.35
N ARG K 423 -9.06 -15.66 -52.28
CA ARG K 423 -8.89 -17.10 -52.48
C ARG K 423 -8.09 -17.77 -51.38
N VAL K 424 -7.62 -17.05 -50.38
CA VAL K 424 -6.81 -17.62 -49.30
C VAL K 424 -7.14 -16.91 -48.00
N THR K 425 -7.41 -17.67 -46.94
CA THR K 425 -7.56 -17.14 -45.60
C THR K 425 -6.78 -18.02 -44.63
N GLU K 426 -6.66 -17.58 -43.38
CA GLU K 426 -5.91 -18.34 -42.39
C GLU K 426 -6.29 -17.84 -41.00
N ARG K 427 -6.02 -18.67 -40.00
CA ARG K 427 -6.19 -18.32 -38.60
C ARG K 427 -5.01 -18.85 -37.80
N THR K 428 -4.94 -18.44 -36.53
CA THR K 428 -3.83 -18.80 -35.66
C THR K 428 -4.35 -19.11 -34.27
N VAL K 429 -3.53 -19.83 -33.51
CA VAL K 429 -3.84 -20.24 -32.14
C VAL K 429 -2.62 -20.02 -31.27
N ASP K 430 -2.81 -20.20 -29.96
CA ASP K 430 -1.77 -20.09 -28.95
C ASP K 430 -2.38 -20.49 -27.61
N LYS K 431 -1.52 -20.81 -26.65
CA LYS K 431 -2.02 -21.09 -25.30
C LYS K 431 -2.63 -19.86 -24.66
N SER K 432 -2.22 -18.67 -25.09
CA SER K 432 -2.74 -17.42 -24.55
C SER K 432 -4.06 -17.01 -25.19
N THR K 433 -4.58 -17.80 -26.14
CA THR K 433 -5.85 -17.50 -26.78
C THR K 433 -7.04 -17.71 -25.87
N GLY K 434 -6.82 -18.01 -24.59
CA GLY K 434 -7.92 -18.15 -23.65
C GLY K 434 -8.55 -16.82 -23.26
N LYS K 435 -9.19 -16.79 -22.10
CA LYS K 435 -9.90 -15.63 -21.61
C LYS K 435 -9.25 -15.12 -20.32
N PRO K 436 -9.50 -13.86 -19.95
CA PRO K 436 -8.87 -13.32 -18.73
C PRO K 436 -9.19 -14.11 -17.47
N THR K 437 -10.39 -14.68 -17.36
CA THR K 437 -10.79 -15.51 -16.23
C THR K 437 -10.64 -14.74 -14.90
N LEU K 438 -11.50 -13.72 -14.76
CA LEU K 438 -11.50 -12.90 -13.56
C LEU K 438 -11.67 -13.74 -12.30
N TYR K 439 -10.86 -13.44 -11.29
CA TYR K 439 -11.00 -14.05 -9.97
C TYR K 439 -11.65 -13.07 -9.01
N ASN K 440 -12.44 -13.61 -8.09
CA ASN K 440 -13.07 -12.85 -7.03
C ASN K 440 -12.93 -13.59 -5.70
N VAL K 441 -11.71 -14.04 -5.42
CA VAL K 441 -11.45 -14.88 -4.26
C VAL K 441 -11.65 -14.07 -2.98
N SER K 442 -12.37 -14.65 -2.02
CA SER K 442 -12.58 -14.05 -0.71
C SER K 442 -12.22 -15.05 0.37
N LEU K 443 -11.54 -14.58 1.41
CA LEU K 443 -11.07 -15.43 2.49
C LEU K 443 -11.40 -14.78 3.83
N VAL K 444 -11.90 -15.58 4.77
CA VAL K 444 -12.23 -15.13 6.11
C VAL K 444 -11.43 -15.95 7.12
N MET K 445 -10.89 -15.27 8.12
CA MET K 445 -10.00 -15.89 9.10
C MET K 445 -10.66 -16.09 10.46
N SER K 446 -11.46 -15.13 10.92
CA SER K 446 -11.95 -15.13 12.28
C SER K 446 -12.81 -16.35 12.58
N ASP K 447 -12.52 -16.99 13.72
CA ASP K 447 -13.37 -18.06 14.23
C ASP K 447 -14.66 -17.51 14.83
N THR K 448 -14.64 -16.24 15.26
CA THR K 448 -15.80 -15.66 15.92
C THR K 448 -16.99 -15.55 14.97
N ALA K 449 -16.75 -15.23 13.70
CA ALA K 449 -17.83 -15.04 12.76
C ALA K 449 -18.62 -16.34 12.56
N GLY K 450 -19.94 -16.20 12.49
CA GLY K 450 -20.82 -17.33 12.28
C GLY K 450 -20.56 -18.05 10.97
N THR K 451 -20.48 -19.38 11.04
CA THR K 451 -20.21 -20.20 9.86
C THR K 451 -21.38 -21.16 9.62
N CYS K 452 -21.60 -21.48 8.36
CA CYS K 452 -22.67 -22.38 7.95
C CYS K 452 -22.11 -23.42 6.99
N TYR K 453 -22.76 -24.58 6.98
CA TYR K 453 -22.31 -25.69 6.14
C TYR K 453 -22.99 -25.66 4.77
N LEU L 326 -7.08 -53.59 -28.44
CA LEU L 326 -5.74 -53.93 -27.97
C LEU L 326 -5.27 -52.97 -26.88
N HIS L 327 -5.67 -51.71 -26.99
CA HIS L 327 -5.28 -50.68 -26.03
C HIS L 327 -6.49 -49.82 -25.71
N ARG L 328 -6.28 -48.81 -24.86
CA ARG L 328 -7.37 -48.04 -24.29
C ARG L 328 -7.68 -46.83 -25.17
N PRO L 329 -8.88 -46.72 -25.72
CA PRO L 329 -9.26 -45.49 -26.44
C PRO L 329 -9.36 -44.31 -25.51
N ASP L 330 -9.14 -43.12 -26.08
CA ASP L 330 -9.23 -41.86 -25.37
C ASP L 330 -10.28 -40.97 -26.04
N VAL L 331 -11.15 -40.39 -25.21
CA VAL L 331 -12.26 -39.58 -25.69
C VAL L 331 -12.19 -38.21 -25.04
N TYR L 332 -12.36 -37.16 -25.85
CA TYR L 332 -12.34 -35.79 -25.36
C TYR L 332 -13.48 -35.01 -26.01
N LEU L 333 -13.90 -33.93 -25.35
CA LEU L 333 -15.01 -33.11 -25.80
C LEU L 333 -14.51 -31.74 -26.22
N LEU L 334 -14.97 -31.26 -27.38
CA LEU L 334 -14.59 -29.94 -27.86
C LEU L 334 -15.82 -29.06 -28.01
N PRO L 335 -16.03 -28.07 -27.11
CA PRO L 335 -17.19 -27.20 -27.26
C PRO L 335 -17.05 -26.30 -28.47
N PRO L 336 -18.16 -25.87 -29.05
CA PRO L 336 -18.08 -24.95 -30.20
C PRO L 336 -17.41 -23.64 -29.82
N ALA L 337 -16.69 -23.07 -30.79
CA ALA L 337 -16.04 -21.78 -30.56
C ALA L 337 -17.06 -20.66 -30.51
N ARG L 338 -16.72 -19.60 -29.77
CA ARG L 338 -17.64 -18.48 -29.60
C ARG L 338 -17.89 -17.76 -30.91
N GLU L 339 -16.89 -17.72 -31.80
CA GLU L 339 -17.04 -17.04 -33.08
C GLU L 339 -18.08 -17.71 -33.96
N GLN L 340 -18.27 -19.02 -33.80
CA GLN L 340 -19.36 -19.69 -34.50
C GLN L 340 -20.70 -19.36 -33.88
N LEU L 341 -20.75 -19.17 -32.55
CA LEU L 341 -22.03 -18.95 -31.88
C LEU L 341 -22.54 -17.53 -32.08
N ASN L 342 -21.63 -16.56 -32.17
CA ASN L 342 -22.07 -15.16 -32.23
C ASN L 342 -22.88 -14.87 -33.50
N LEU L 343 -22.76 -15.70 -34.54
CA LEU L 343 -23.56 -15.52 -35.74
C LEU L 343 -25.03 -15.85 -35.53
N ARG L 344 -25.39 -16.44 -34.39
CA ARG L 344 -26.78 -16.74 -34.05
C ARG L 344 -27.44 -17.61 -35.11
N GLU L 345 -26.72 -18.62 -35.58
CA GLU L 345 -27.27 -19.49 -36.61
C GLU L 345 -27.24 -20.97 -36.24
N SER L 346 -26.18 -21.43 -35.57
CA SER L 346 -26.06 -22.84 -35.19
C SER L 346 -24.86 -23.08 -34.30
N ALA L 347 -24.66 -24.33 -33.90
CA ALA L 347 -23.50 -24.74 -33.11
C ALA L 347 -23.11 -26.15 -33.51
N THR L 348 -21.83 -26.47 -33.32
CA THR L 348 -21.29 -27.79 -33.63
C THR L 348 -20.57 -28.33 -32.42
N ILE L 349 -20.89 -29.57 -32.03
CA ILE L 349 -20.28 -30.20 -30.87
C ILE L 349 -19.69 -31.54 -31.29
N THR L 350 -18.46 -31.80 -30.86
CA THR L 350 -17.78 -33.04 -31.20
C THR L 350 -17.12 -33.64 -29.97
N CYS L 351 -17.07 -34.97 -29.95
CA CYS L 351 -16.25 -35.71 -29.01
C CYS L 351 -15.30 -36.60 -29.81
N LEU L 352 -14.03 -36.23 -29.79
CA LEU L 352 -12.98 -36.91 -30.55
C LEU L 352 -12.54 -38.16 -29.81
N VAL L 353 -12.49 -39.28 -30.53
CA VAL L 353 -11.96 -40.54 -30.02
C VAL L 353 -10.69 -40.85 -30.79
N THR L 354 -9.64 -41.24 -30.06
CA THR L 354 -8.34 -41.45 -30.68
C THR L 354 -7.53 -42.39 -29.80
N GLY L 355 -6.39 -42.83 -30.34
CA GLY L 355 -5.49 -43.70 -29.61
C GLY L 355 -6.10 -45.04 -29.24
N PHE L 356 -6.74 -45.70 -30.20
CA PHE L 356 -7.37 -46.99 -29.96
C PHE L 356 -6.93 -47.98 -31.03
N SER L 357 -6.98 -49.27 -30.66
CA SER L 357 -6.66 -50.35 -31.55
C SER L 357 -7.43 -51.57 -31.07
N PRO L 358 -8.04 -52.34 -31.99
CA PRO L 358 -8.01 -52.11 -33.44
C PRO L 358 -9.08 -51.14 -33.90
N ALA L 359 -9.39 -51.18 -35.20
CA ALA L 359 -10.41 -50.32 -35.78
C ALA L 359 -11.79 -50.91 -35.51
N ASP L 360 -12.81 -50.38 -36.18
CA ASP L 360 -14.20 -50.83 -36.04
C ASP L 360 -14.68 -50.66 -34.60
N VAL L 361 -14.73 -49.39 -34.19
CA VAL L 361 -15.21 -49.00 -32.88
C VAL L 361 -16.53 -48.27 -33.04
N PHE L 362 -17.51 -48.63 -32.23
CA PHE L 362 -18.86 -48.07 -32.36
C PHE L 362 -18.98 -46.78 -31.55
N VAL L 363 -19.81 -45.87 -32.04
CA VAL L 363 -20.14 -44.64 -31.35
C VAL L 363 -21.64 -44.41 -31.43
N GLN L 364 -22.22 -43.97 -30.32
CA GLN L 364 -23.66 -43.70 -30.26
C GLN L 364 -23.89 -42.36 -29.61
N TRP L 365 -24.92 -41.66 -30.07
CA TRP L 365 -25.29 -40.34 -29.56
C TRP L 365 -26.59 -40.46 -28.77
N MET L 366 -26.53 -40.11 -27.48
CA MET L 366 -27.67 -40.21 -26.59
C MET L 366 -27.93 -38.85 -25.97
N GLN L 367 -29.20 -38.44 -25.92
CA GLN L 367 -29.60 -37.20 -25.29
C GLN L 367 -30.83 -37.44 -24.43
N ARG L 368 -30.75 -37.05 -23.15
CA ARG L 368 -31.88 -37.14 -22.21
C ARG L 368 -32.44 -38.56 -22.15
N GLY L 369 -31.61 -39.56 -22.42
CA GLY L 369 -32.04 -40.94 -22.42
C GLY L 369 -32.74 -41.40 -23.68
N GLN L 370 -33.08 -40.49 -24.59
CA GLN L 370 -33.70 -40.92 -25.83
C GLN L 370 -32.68 -40.91 -26.95
N PRO L 371 -32.71 -41.91 -27.83
CA PRO L 371 -31.72 -41.98 -28.91
C PRO L 371 -31.83 -40.80 -29.85
N LEU L 372 -30.68 -40.36 -30.36
CA LEU L 372 -30.62 -39.26 -31.30
C LEU L 372 -30.70 -39.78 -32.73
N SER L 373 -31.43 -39.05 -33.57
CA SER L 373 -31.65 -39.49 -34.94
C SER L 373 -30.34 -39.49 -35.72
N PRO L 374 -30.14 -40.45 -36.61
CA PRO L 374 -28.83 -40.57 -37.28
C PRO L 374 -28.43 -39.36 -38.12
N GLU L 375 -29.39 -38.67 -38.74
CA GLU L 375 -29.02 -37.65 -39.72
C GLU L 375 -28.36 -36.44 -39.07
N LYS L 376 -28.68 -36.14 -37.81
CA LYS L 376 -28.14 -34.94 -37.17
C LYS L 376 -26.68 -35.08 -36.79
N TYR L 377 -26.09 -36.27 -36.88
CA TYR L 377 -24.68 -36.44 -36.62
C TYR L 377 -24.00 -37.15 -37.78
N VAL L 378 -22.72 -36.85 -37.97
CA VAL L 378 -21.90 -37.45 -39.00
C VAL L 378 -20.70 -38.11 -38.35
N THR L 379 -20.45 -39.36 -38.68
CA THR L 379 -19.36 -40.14 -38.11
C THR L 379 -18.28 -40.38 -39.17
N SER L 380 -17.03 -40.17 -38.78
CA SER L 380 -15.90 -40.39 -39.67
C SER L 380 -15.52 -41.87 -39.68
N ALA L 381 -14.40 -42.19 -40.30
CA ALA L 381 -13.89 -43.54 -40.40
C ALA L 381 -12.62 -43.70 -39.58
N PRO L 382 -12.28 -44.91 -39.15
CA PRO L 382 -11.06 -45.10 -38.37
C PRO L 382 -9.80 -45.06 -39.21
N MET L 383 -9.31 -43.86 -39.52
CA MET L 383 -8.03 -43.74 -40.21
C MET L 383 -6.88 -43.87 -39.21
N PRO L 384 -5.72 -44.34 -39.66
CA PRO L 384 -4.54 -44.31 -38.80
C PRO L 384 -4.00 -42.89 -38.65
N GLU L 385 -3.22 -42.69 -37.60
CA GLU L 385 -2.55 -41.42 -37.38
C GLU L 385 -1.04 -41.56 -37.57
N PRO L 386 -0.37 -40.50 -38.03
CA PRO L 386 1.06 -40.63 -38.36
C PRO L 386 1.94 -41.02 -37.18
N GLN L 387 1.60 -40.59 -35.97
CA GLN L 387 2.47 -40.86 -34.81
C GLN L 387 2.41 -42.32 -34.41
N ALA L 388 1.23 -42.81 -34.07
CA ALA L 388 1.08 -44.20 -33.66
C ALA L 388 0.59 -45.05 -34.82
N PRO L 389 1.39 -45.96 -35.35
CA PRO L 389 0.93 -46.78 -36.49
C PRO L 389 -0.21 -47.71 -36.12
N GLY L 390 -0.04 -48.50 -35.06
CA GLY L 390 -1.04 -49.46 -34.66
C GLY L 390 -2.33 -48.83 -34.18
N ARG L 391 -2.23 -47.75 -33.41
CA ARG L 391 -3.40 -47.08 -32.89
C ARG L 391 -4.14 -46.36 -34.02
N TYR L 392 -5.47 -46.28 -33.87
CA TYR L 392 -6.32 -45.66 -34.87
C TYR L 392 -7.13 -44.53 -34.23
N PHE L 393 -7.61 -43.61 -35.06
CA PHE L 393 -8.43 -42.50 -34.60
C PHE L 393 -9.61 -42.32 -35.53
N ALA L 394 -10.69 -41.77 -34.98
CA ALA L 394 -11.92 -41.51 -35.73
C ALA L 394 -12.50 -40.19 -35.23
N HIS L 395 -13.70 -39.86 -35.72
CA HIS L 395 -14.31 -38.59 -35.36
C HIS L 395 -15.82 -38.67 -35.56
N SER L 396 -16.54 -37.84 -34.81
CA SER L 396 -17.98 -37.69 -34.97
C SER L 396 -18.37 -36.27 -34.62
N ILE L 397 -19.44 -35.79 -35.24
CA ILE L 397 -19.88 -34.40 -35.08
C ILE L 397 -21.40 -34.35 -35.00
N THR L 399 -24.55 -31.32 -35.06
CA THR L 399 -24.92 -29.92 -35.31
C THR L 399 -26.27 -29.66 -34.64
N VAL L 400 -26.38 -28.52 -33.97
CA VAL L 400 -27.59 -28.11 -33.28
C VAL L 400 -27.88 -26.67 -33.65
N SER L 401 -29.11 -26.24 -33.36
CA SER L 401 -29.44 -24.84 -33.54
C SER L 401 -28.74 -24.00 -32.49
N GLU L 402 -28.53 -22.73 -32.81
CA GLU L 402 -27.73 -21.86 -31.94
C GLU L 402 -28.39 -21.68 -30.58
N GLU L 403 -29.71 -21.55 -30.55
CA GLU L 403 -30.44 -21.32 -29.31
C GLU L 403 -30.86 -22.60 -28.61
N GLU L 404 -30.36 -23.75 -29.05
CA GLU L 404 -30.68 -25.00 -28.37
C GLU L 404 -29.58 -25.38 -27.38
N TRP L 405 -28.31 -25.15 -27.75
CA TRP L 405 -27.19 -25.48 -26.89
C TRP L 405 -27.09 -24.58 -25.66
N ASN L 406 -27.83 -23.47 -25.62
CA ASN L 406 -27.80 -22.61 -24.45
C ASN L 406 -28.23 -23.35 -23.19
N THR L 407 -29.20 -24.26 -23.33
CA THR L 407 -29.57 -25.13 -22.21
C THR L 407 -28.65 -26.34 -22.09
N GLY L 408 -27.86 -26.62 -23.12
CA GLY L 408 -26.86 -27.67 -23.08
C GLY L 408 -27.35 -29.05 -23.47
N GLU L 409 -28.09 -29.70 -22.58
CA GLU L 409 -28.60 -31.07 -22.76
C GLU L 409 -27.48 -32.10 -22.84
N THR L 410 -26.23 -31.61 -22.77
CA THR L 410 -24.97 -32.31 -22.54
C THR L 410 -24.62 -33.33 -23.63
N TYR L 411 -25.55 -33.58 -24.56
CA TYR L 411 -25.29 -34.30 -25.81
C TYR L 411 -24.32 -35.47 -25.63
N THR L 412 -24.74 -36.44 -24.82
CA THR L 412 -23.86 -37.54 -24.46
C THR L 412 -23.47 -38.36 -25.68
N CYS L 413 -22.21 -38.80 -25.72
CA CYS L 413 -21.75 -39.75 -26.71
C CYS L 413 -21.07 -40.91 -26.01
N VAL L 414 -21.47 -42.14 -26.36
CA VAL L 414 -20.92 -43.33 -25.76
C VAL L 414 -20.12 -44.09 -26.81
N VAL L 415 -19.00 -44.67 -26.39
CA VAL L 415 -18.09 -45.39 -27.26
C VAL L 415 -18.08 -46.86 -26.86
N ALA L 416 -18.16 -47.73 -27.86
CA ALA L 416 -18.15 -49.17 -27.67
C ALA L 416 -16.94 -49.74 -28.39
N HIS L 417 -15.93 -50.11 -27.61
CA HIS L 417 -14.69 -50.68 -28.13
C HIS L 417 -14.42 -52.01 -27.45
N GLU L 418 -13.76 -52.91 -28.19
CA GLU L 418 -13.48 -54.24 -27.66
C GLU L 418 -12.58 -54.19 -26.44
N ALA L 419 -11.55 -53.33 -26.47
CA ALA L 419 -10.61 -53.21 -25.36
C ALA L 419 -11.14 -52.23 -24.31
N LEU L 420 -12.29 -52.58 -23.76
CA LEU L 420 -12.95 -51.81 -22.72
C LEU L 420 -13.49 -52.76 -21.67
N PRO L 421 -13.66 -52.31 -20.43
CA PRO L 421 -14.23 -53.20 -19.41
C PRO L 421 -15.63 -53.69 -19.74
N ASN L 422 -16.55 -52.76 -19.99
CA ASN L 422 -17.92 -53.11 -20.37
C ASN L 422 -18.30 -52.51 -21.72
N ARG L 423 -17.30 -52.17 -22.54
CA ARG L 423 -17.51 -51.53 -23.84
C ARG L 423 -18.30 -50.24 -23.72
N VAL L 424 -18.13 -49.54 -22.60
CA VAL L 424 -18.81 -48.27 -22.35
C VAL L 424 -17.81 -47.35 -21.65
N THR L 425 -17.53 -46.20 -22.25
CA THR L 425 -16.66 -45.19 -21.66
C THR L 425 -17.33 -43.82 -21.84
N GLU L 426 -18.59 -43.73 -21.43
CA GLU L 426 -19.40 -42.54 -21.66
C GLU L 426 -18.75 -41.30 -21.05
N ARG L 427 -18.70 -40.23 -21.85
CA ARG L 427 -18.28 -38.91 -21.38
C ARG L 427 -19.18 -37.88 -22.04
N THR L 428 -19.56 -36.86 -21.27
CA THR L 428 -20.48 -35.85 -21.78
C THR L 428 -20.14 -34.49 -21.16
N VAL L 429 -20.48 -33.44 -21.91
CA VAL L 429 -20.24 -32.06 -21.48
C VAL L 429 -21.46 -31.23 -21.84
N ASP L 430 -21.94 -30.45 -20.87
CA ASP L 430 -23.09 -29.58 -21.07
C ASP L 430 -22.62 -28.16 -21.34
N LYS L 431 -23.59 -27.26 -21.55
CA LYS L 431 -23.26 -25.85 -21.76
C LYS L 431 -22.59 -25.26 -20.53
N SER L 432 -23.09 -25.60 -19.35
CA SER L 432 -22.46 -25.13 -18.12
C SER L 432 -21.05 -25.68 -17.98
N THR L 433 -20.86 -26.94 -18.36
CA THR L 433 -19.52 -27.54 -18.32
C THR L 433 -18.62 -26.87 -19.36
N GLY L 434 -17.43 -26.48 -18.93
CA GLY L 434 -16.49 -25.83 -19.83
C GLY L 434 -15.62 -24.81 -19.14
N LYS L 435 -15.13 -23.83 -19.89
CA LYS L 435 -14.26 -22.80 -19.33
C LYS L 435 -15.05 -21.91 -18.38
N PRO L 436 -14.59 -21.70 -17.16
CA PRO L 436 -15.28 -20.80 -16.25
C PRO L 436 -14.82 -19.35 -16.39
N THR L 437 -15.78 -18.45 -16.60
CA THR L 437 -15.44 -17.03 -16.75
C THR L 437 -14.91 -16.43 -15.45
N LEU L 438 -15.52 -16.79 -14.33
CA LEU L 438 -15.14 -16.23 -13.04
C LEU L 438 -15.44 -17.26 -11.95
N TYR L 439 -14.83 -17.06 -10.79
CA TYR L 439 -14.87 -18.07 -9.75
C TYR L 439 -15.53 -17.60 -8.46
N ASN L 440 -15.22 -16.39 -8.01
CA ASN L 440 -15.61 -15.86 -6.69
C ASN L 440 -15.50 -16.95 -5.62
N VAL L 441 -14.37 -17.66 -5.63
CA VAL L 441 -14.16 -18.73 -4.66
C VAL L 441 -14.09 -18.11 -3.26
N SER L 442 -15.07 -18.44 -2.43
CA SER L 442 -15.15 -17.92 -1.07
C SER L 442 -15.01 -19.10 -0.11
N LEU L 443 -13.82 -19.28 0.44
CA LEU L 443 -13.55 -20.35 1.38
C LEU L 443 -13.47 -19.79 2.79
N VAL L 444 -14.08 -20.52 3.72
CA VAL L 444 -14.10 -20.13 5.13
C VAL L 444 -13.18 -21.07 5.89
N MET L 445 -12.72 -20.62 7.06
CA MET L 445 -11.91 -21.46 7.92
C MET L 445 -11.92 -20.87 9.32
N SER L 446 -11.98 -21.76 10.32
CA SER L 446 -12.18 -21.33 11.70
C SER L 446 -11.69 -22.43 12.64
N ASP L 447 -11.45 -22.05 13.89
CA ASP L 447 -10.95 -23.00 14.88
C ASP L 447 -12.02 -24.02 15.22
N THR L 448 -13.26 -23.57 15.43
CA THR L 448 -14.34 -24.47 15.82
C THR L 448 -14.74 -25.37 14.66
N ALA L 449 -13.90 -26.35 14.35
CA ALA L 449 -14.13 -27.27 13.24
C ALA L 449 -13.51 -28.60 13.63
N GLY L 450 -13.33 -29.48 12.63
CA GLY L 450 -12.75 -30.79 12.83
C GLY L 450 -13.71 -31.93 12.62
N THR L 451 -15.02 -31.65 12.58
CA THR L 451 -16.03 -32.68 12.34
C THR L 451 -16.84 -32.43 11.08
N CYS L 452 -16.45 -31.46 10.25
CA CYS L 452 -17.21 -31.06 9.06
C CYS L 452 -18.65 -30.74 9.44
N TYR L 453 -18.82 -29.84 10.40
CA TYR L 453 -20.13 -29.39 10.84
C TYR L 453 -20.94 -28.82 9.69
N THR M 970 -80.19 58.67 3.51
CA THR M 970 -78.80 58.58 3.95
C THR M 970 -77.95 57.90 2.90
N ASN M 971 -76.97 57.10 3.36
CA ASN M 971 -76.10 56.37 2.46
C ASN M 971 -76.55 54.94 2.20
N GLU M 972 -77.56 54.46 2.93
CA GLU M 972 -78.04 53.09 2.72
C GLU M 972 -78.65 52.92 1.34
N GLU M 973 -79.43 53.91 0.88
CA GLU M 973 -80.01 53.83 -0.45
C GLU M 973 -78.93 53.97 -1.52
N THR M 974 -77.93 54.81 -1.27
CA THR M 974 -76.79 54.95 -2.18
C THR M 974 -75.85 53.77 -2.13
N CYS M 975 -76.04 52.85 -1.18
CA CYS M 975 -75.19 51.67 -1.06
C CYS M 975 -75.87 50.39 -1.51
N ASP M 976 -77.21 50.34 -1.43
CA ASP M 976 -77.93 49.15 -1.88
C ASP M 976 -77.84 48.97 -3.39
N ASP M 977 -77.90 50.09 -4.14
CA ASP M 977 -77.82 49.99 -5.59
C ASP M 977 -76.47 49.44 -6.04
N ARG M 978 -75.40 49.83 -5.35
CA ARG M 978 -74.09 49.24 -5.61
C ARG M 978 -74.08 47.76 -5.28
N LYS M 979 -74.86 47.34 -4.28
CA LYS M 979 -75.02 45.93 -3.93
C LYS M 979 -73.69 45.26 -3.61
N GLU M 980 -72.80 45.99 -2.94
CA GLU M 980 -71.49 45.43 -2.60
C GLU M 980 -71.62 44.29 -1.59
N TYR M 981 -72.48 44.45 -0.59
CA TYR M 981 -72.65 43.45 0.46
C TYR M 981 -74.03 42.81 0.44
N MET M 982 -75.09 43.61 0.52
CA MET M 982 -76.46 43.16 0.36
C MET M 982 -76.79 42.07 1.39
N ASN M 983 -76.85 42.51 2.64
CA ASN M 983 -77.32 41.65 3.72
C ASN M 983 -78.83 41.72 3.79
N GLN M 984 -79.48 40.55 3.76
CA GLN M 984 -80.93 40.48 3.71
C GLN M 984 -81.57 39.85 4.95
N TRP M 985 -80.79 39.26 5.86
CA TRP M 985 -81.37 38.68 7.05
C TRP M 985 -81.94 39.77 7.94
N SER M 986 -83.15 39.53 8.45
CA SER M 986 -83.87 40.49 9.28
C SER M 986 -84.05 39.92 10.67
N CYS M 987 -83.65 40.69 11.68
CA CYS M 987 -83.76 40.30 13.09
C CYS M 987 -84.89 41.06 13.78
N GLY M 988 -85.94 41.38 13.04
CA GLY M 988 -87.06 42.11 13.60
C GLY M 988 -88.40 41.73 12.98
N ASP M 1000 -91.35 38.65 22.98
CA ASP M 1000 -90.05 38.67 23.63
C ASP M 1000 -89.55 37.26 23.90
N ASN M 1001 -90.18 36.28 23.25
CA ASN M 1001 -89.83 34.88 23.46
C ASN M 1001 -88.39 34.60 23.05
N TYR M 1002 -88.08 34.74 21.76
CA TYR M 1002 -86.72 34.47 21.29
C TYR M 1002 -86.18 35.48 20.29
N GLU M 1003 -87.01 36.37 19.73
CA GLU M 1003 -86.56 37.36 18.75
C GLU M 1003 -85.85 36.69 17.57
N LEU M 1004 -86.62 35.89 16.83
CA LEU M 1004 -86.09 35.14 15.71
C LEU M 1004 -85.57 36.08 14.62
N CYS M 1005 -84.43 35.72 14.04
CA CYS M 1005 -83.85 36.48 12.93
C CYS M 1005 -84.28 35.80 11.62
N LYS M 1006 -85.35 36.34 11.05
CA LYS M 1006 -85.90 35.78 9.82
C LYS M 1006 -85.03 36.14 8.62
N TYR M 1007 -84.74 35.14 7.80
CA TYR M 1007 -83.89 35.36 6.63
C TYR M 1007 -84.56 36.27 5.62
N ASN M 1008 -85.81 35.96 5.26
CA ASN M 1008 -86.57 36.73 4.28
C ASN M 1008 -88.05 36.47 4.53
N GLY M 1009 -88.87 36.80 3.54
CA GLY M 1009 -90.31 36.62 3.67
C GLY M 1009 -90.75 35.18 3.60
N VAL M 1010 -90.23 34.34 4.50
CA VAL M 1010 -90.58 32.94 4.60
C VAL M 1010 -91.16 32.71 5.99
N ASP M 1011 -92.37 32.15 6.06
CA ASP M 1011 -93.03 31.94 7.33
C ASP M 1011 -92.34 30.82 8.11
N VAL M 1012 -92.52 30.86 9.43
CA VAL M 1012 -91.93 29.90 10.35
C VAL M 1012 -93.04 29.07 10.97
N LYS M 1013 -92.87 27.75 10.95
CA LYS M 1013 -93.86 26.81 11.50
C LYS M 1013 -93.39 26.33 12.86
N PRO M 1014 -94.04 26.73 13.96
CA PRO M 1014 -93.61 26.30 15.28
C PRO M 1014 -94.26 24.99 15.72
N THR M 1015 -93.49 24.12 16.37
CA THR M 1015 -93.99 22.85 16.86
C THR M 1015 -93.49 22.59 18.27
N THR M 1016 -94.28 21.85 19.04
CA THR M 1016 -93.93 21.46 20.39
C THR M 1016 -94.18 19.96 20.55
N VAL M 1017 -93.27 19.28 21.22
CA VAL M 1017 -93.33 17.84 21.42
C VAL M 1017 -93.34 17.48 22.91
N ARG M 1018 -92.27 17.81 23.62
CA ARG M 1018 -92.14 17.43 25.03
C ARG M 1018 -91.59 18.56 25.87
N SER M 1022 -87.71 18.16 32.02
CA SER M 1022 -88.14 18.60 30.69
C SER M 1022 -86.95 18.66 29.73
N LYS M 1023 -87.03 17.88 28.66
CA LYS M 1023 -85.97 17.83 27.66
C LYS M 1023 -86.21 18.91 26.60
N LEU M 1024 -85.47 18.83 25.50
CA LEU M 1024 -85.59 19.83 24.44
C LEU M 1024 -87.01 19.83 23.86
N ASP M 1025 -87.50 21.03 23.56
CA ASP M 1025 -88.86 21.19 23.04
C ASP M 1025 -89.03 22.62 22.55
N GLY M 1026 -90.25 22.92 22.11
CA GLY M 1026 -90.60 24.26 21.71
C GLY M 1026 -90.14 24.61 20.31
N ASN M 1027 -90.57 25.79 19.87
CA ASN M 1027 -90.13 26.30 18.58
C ASN M 1027 -88.68 26.75 18.61
N ASP M 1028 -88.08 26.85 19.80
CA ASP M 1028 -86.71 27.32 19.93
C ASP M 1028 -85.76 26.51 19.06
N VAL M 1029 -85.87 25.18 19.10
CA VAL M 1029 -85.01 24.34 18.28
C VAL M 1029 -85.16 24.69 16.81
N THR M 1030 -86.40 24.93 16.36
CA THR M 1030 -86.61 25.41 15.01
C THR M 1030 -85.83 26.69 14.78
N PHE M 1031 -86.01 27.68 15.65
CA PHE M 1031 -85.18 28.88 15.61
C PHE M 1031 -83.71 28.50 15.59
N PHE M 1032 -83.32 27.58 16.48
CA PHE M 1032 -81.94 27.12 16.54
C PHE M 1032 -81.45 26.74 15.15
N ASN M 1033 -82.24 25.96 14.42
CA ASN M 1033 -81.84 25.53 13.09
C ASN M 1033 -81.51 26.74 12.23
N LEU M 1034 -82.44 27.70 12.15
CA LEU M 1034 -82.20 28.90 11.35
C LEU M 1034 -80.87 29.52 11.73
N PHE M 1035 -80.60 29.59 13.03
CA PHE M 1035 -79.35 30.12 13.55
C PHE M 1035 -78.16 29.58 12.77
N GLU M 1036 -77.95 28.26 12.80
CA GLU M 1036 -76.72 27.74 12.21
C GLU M 1036 -76.71 28.01 10.71
N GLN M 1037 -77.88 27.97 10.07
CA GLN M 1037 -77.93 28.30 8.64
C GLN M 1037 -77.36 29.69 8.41
N TRP M 1038 -77.88 30.68 9.14
CA TRP M 1038 -77.33 32.03 9.06
C TRP M 1038 -75.83 31.98 9.33
N ASN M 1039 -75.43 31.24 10.37
CA ASN M 1039 -74.03 31.06 10.70
C ASN M 1039 -73.21 30.83 9.44
N LYS M 1040 -73.56 29.78 8.68
CA LYS M 1040 -72.74 29.41 7.53
C LYS M 1040 -72.54 30.60 6.61
N GLU M 1041 -73.63 31.25 6.20
CA GLU M 1041 -73.49 32.29 5.19
C GLU M 1041 -72.60 33.40 5.72
N ILE M 1042 -72.74 33.73 6.99
CA ILE M 1042 -71.86 34.73 7.62
C ILE M 1042 -70.42 34.40 7.29
N GLN M 1043 -69.97 33.21 7.70
CA GLN M 1043 -68.59 32.82 7.43
C GLN M 1043 -68.25 33.01 5.97
N TYR M 1044 -69.09 32.48 5.08
CA TYR M 1044 -68.80 32.57 3.65
C TYR M 1044 -68.55 34.01 3.25
N GLN M 1045 -69.45 34.90 3.66
CA GLN M 1045 -69.37 36.28 3.21
C GLN M 1045 -68.02 36.90 3.56
N ILE M 1046 -67.46 36.54 4.73
CA ILE M 1046 -66.24 37.23 5.16
C ILE M 1046 -65.13 37.00 4.14
N GLU M 1047 -65.03 35.78 3.58
CA GLU M 1047 -63.96 35.54 2.62
C GLU M 1047 -64.13 36.44 1.41
N GLN M 1048 -65.35 36.58 0.91
CA GLN M 1048 -65.58 37.49 -0.20
C GLN M 1048 -65.19 38.91 0.19
N TYR M 1049 -65.54 39.33 1.40
CA TYR M 1049 -65.18 40.66 1.84
C TYR M 1049 -63.71 40.78 2.21
N MET M 1050 -63.00 39.65 2.35
CA MET M 1050 -61.55 39.72 2.43
C MET M 1050 -60.95 40.22 1.12
N THR M 1051 -61.70 40.15 0.03
CA THR M 1051 -61.25 40.79 -1.21
C THR M 1051 -61.33 42.31 -1.12
N ASN M 1052 -62.15 42.86 -0.23
CA ASN M 1052 -62.23 44.31 -0.09
C ASN M 1052 -61.01 44.87 0.61
N ALA M 1053 -60.53 44.19 1.65
CA ALA M 1053 -59.36 44.65 2.40
C ALA M 1053 -58.18 43.70 2.19
N CYS M 1093 -62.47 57.58 -2.25
CA CYS M 1093 -62.91 56.22 -1.94
C CYS M 1093 -63.70 56.18 -0.64
N LYS M 1094 -64.23 57.34 -0.24
CA LYS M 1094 -64.99 57.42 1.00
C LYS M 1094 -66.32 56.69 0.92
N GLU M 1095 -66.89 56.53 -0.29
CA GLU M 1095 -68.12 55.76 -0.42
C GLU M 1095 -67.89 54.29 -0.07
N LYS M 1096 -66.73 53.75 -0.47
CA LYS M 1096 -66.40 52.37 -0.11
C LYS M 1096 -66.30 52.23 1.41
N CYS M 1097 -65.65 53.19 2.07
CA CYS M 1097 -65.55 53.15 3.53
C CYS M 1097 -66.92 53.28 4.18
N LYS M 1098 -67.80 54.11 3.61
CA LYS M 1098 -69.14 54.26 4.16
C LYS M 1098 -69.92 52.95 4.09
N CYS M 1099 -69.93 52.33 2.90
CA CYS M 1099 -70.60 51.04 2.75
C CYS M 1099 -69.99 49.99 3.67
N TYR M 1100 -68.67 50.04 3.81
CA TYR M 1100 -67.95 49.05 4.62
C TYR M 1100 -68.32 49.18 6.09
N LYS M 1101 -68.30 50.41 6.61
CA LYS M 1101 -68.73 50.64 7.98
C LYS M 1101 -70.19 50.25 8.18
N LEU M 1102 -71.04 50.56 7.19
CA LEU M 1102 -72.47 50.24 7.32
C LEU M 1102 -72.67 48.74 7.46
N TRP M 1103 -72.08 47.95 6.57
CA TRP M 1103 -72.29 46.51 6.64
C TRP M 1103 -71.63 45.91 7.87
N ILE M 1104 -70.47 46.43 8.28
CA ILE M 1104 -69.85 45.92 9.50
C ILE M 1104 -70.74 46.18 10.71
N GLU M 1105 -71.30 47.39 10.81
CA GLU M 1105 -72.18 47.70 11.93
C GLU M 1105 -73.43 46.85 11.89
N LYS M 1106 -73.96 46.59 10.69
CA LYS M 1106 -75.11 45.70 10.57
C LYS M 1106 -74.78 44.32 11.12
N ILE M 1107 -73.63 43.78 10.73
CA ILE M 1107 -73.23 42.46 11.22
C ILE M 1107 -72.99 42.49 12.72
N ASN M 1108 -72.45 43.59 13.24
CA ASN M 1108 -72.21 43.69 14.68
C ASN M 1108 -73.51 43.64 15.47
N ASP M 1109 -74.51 44.42 15.04
CA ASP M 1109 -75.78 44.41 15.75
C ASP M 1109 -76.49 43.06 15.60
N GLN M 1110 -76.41 42.46 14.41
CA GLN M 1110 -77.00 41.14 14.22
C GLN M 1110 -76.33 40.10 15.12
N TRP M 1111 -75.00 40.16 15.24
CA TRP M 1111 -74.28 39.23 16.08
C TRP M 1111 -74.61 39.44 17.55
N GLY M 1112 -74.78 40.71 17.97
CA GLY M 1112 -75.21 40.96 19.34
C GLY M 1112 -76.59 40.39 19.62
N LYS M 1113 -77.52 40.59 18.69
CA LYS M 1113 -78.86 40.02 18.87
C LYS M 1113 -78.80 38.49 18.90
N GLN M 1114 -77.97 37.90 18.04
CA GLN M 1114 -77.84 36.44 18.02
C GLN M 1114 -77.24 35.93 19.33
N LYS M 1115 -76.26 36.63 19.88
CA LYS M 1115 -75.71 36.24 21.17
C LYS M 1115 -76.77 36.33 22.26
N ASP M 1116 -77.57 37.39 22.23
CA ASP M 1116 -78.62 37.55 23.24
C ASP M 1116 -79.64 36.41 23.15
N ASN M 1117 -80.15 36.14 21.95
CA ASN M 1117 -81.14 35.08 21.83
C ASN M 1117 -80.54 33.70 22.04
N TYR M 1118 -79.24 33.52 21.79
CA TYR M 1118 -78.59 32.25 22.10
C TYR M 1118 -78.47 32.06 23.60
N ASN M 1119 -78.15 33.13 24.34
CA ASN M 1119 -78.18 33.05 25.79
C ASN M 1119 -79.57 32.71 26.31
N LYS M 1120 -80.59 33.33 25.71
CA LYS M 1120 -81.97 33.00 26.08
C LYS M 1120 -82.29 31.54 25.77
N PHE M 1121 -81.84 31.05 24.62
CA PHE M 1121 -82.05 29.67 24.22
C PHE M 1121 -81.40 28.71 25.22
N ARG M 1122 -80.17 28.99 25.63
CA ARG M 1122 -79.51 28.16 26.63
C ARG M 1122 -80.23 28.23 27.97
N SER M 1123 -80.71 29.41 28.35
CA SER M 1123 -81.42 29.54 29.62
C SER M 1123 -82.71 28.73 29.64
N LYS M 1124 -83.48 28.79 28.56
CA LYS M 1124 -84.74 28.04 28.50
C LYS M 1124 -84.54 26.56 28.16
N GLN M 1125 -83.32 26.15 27.81
CA GLN M 1125 -83.07 24.75 27.46
C GLN M 1125 -81.94 24.17 28.30
N ILE M 1126 -82.01 24.35 29.62
CA ILE M 1126 -81.02 23.75 30.50
C ILE M 1126 -81.03 22.24 30.36
N TYR M 1127 -82.19 21.66 30.06
CA TYR M 1127 -82.30 20.23 29.81
C TYR M 1127 -83.19 19.96 28.60
N VAL M 1139 -72.11 24.62 22.56
CA VAL M 1139 -72.94 24.44 23.75
C VAL M 1139 -72.83 25.66 24.65
N SER M 1140 -71.69 26.34 24.58
CA SER M 1140 -71.43 27.53 25.39
C SER M 1140 -70.79 28.62 24.54
N LEU M 1141 -71.32 28.83 23.33
CA LEU M 1141 -70.87 29.82 22.35
C LEU M 1141 -69.48 29.50 21.80
N SER M 1142 -68.83 28.46 22.27
CA SER M 1142 -67.55 28.03 21.75
C SER M 1142 -67.54 26.57 21.34
N ASN M 1143 -68.19 25.70 22.11
CA ASN M 1143 -68.20 24.28 21.79
C ASN M 1143 -68.92 24.02 20.47
N PHE M 1144 -70.09 24.64 20.29
CA PHE M 1144 -70.81 24.49 19.03
C PHE M 1144 -70.03 25.08 17.86
N LEU M 1145 -69.40 26.24 18.09
CA LEU M 1145 -68.59 26.86 17.05
C LEU M 1145 -67.41 25.97 16.66
N PHE M 1146 -66.75 25.40 17.66
CA PHE M 1146 -65.63 24.49 17.38
C PHE M 1146 -66.10 23.27 16.61
N PHE M 1147 -67.23 22.70 17.02
CA PHE M 1147 -67.74 21.53 16.30
C PHE M 1147 -68.08 21.88 14.86
N SER M 1148 -68.69 23.04 14.63
CA SER M 1148 -69.03 23.44 13.27
C SER M 1148 -67.79 23.65 12.41
N CYS M 1149 -66.79 24.35 12.96
CA CYS M 1149 -65.61 24.67 12.16
C CYS M 1149 -64.69 23.46 11.99
N TRP M 1150 -64.88 22.40 12.78
CA TRP M 1150 -64.19 21.15 12.48
C TRP M 1150 -65.02 20.24 11.59
N GLU M 1151 -66.35 20.32 11.68
CA GLU M 1151 -67.22 19.53 10.83
C GLU M 1151 -67.11 19.97 9.38
N GLU M 1152 -66.94 21.27 9.14
CA GLU M 1152 -66.77 21.74 7.77
C GLU M 1152 -65.54 21.11 7.13
N TYR M 1153 -64.44 21.01 7.88
CA TYR M 1153 -63.25 20.35 7.37
C TYR M 1153 -63.48 18.85 7.20
N ILE M 1154 -64.05 18.20 8.21
CA ILE M 1154 -64.22 16.76 8.17
C ILE M 1154 -65.22 16.31 7.11
N GLN M 1155 -66.03 17.24 6.58
CA GLN M 1155 -66.94 16.89 5.50
C GLN M 1155 -66.50 17.39 4.14
N LYS M 1156 -65.74 18.50 4.07
CA LYS M 1156 -65.33 19.04 2.78
C LYS M 1156 -64.39 18.10 2.05
N TYR M 1157 -63.45 17.48 2.78
CA TYR M 1157 -62.49 16.57 2.19
C TYR M 1157 -62.64 15.14 2.68
N PHE M 1158 -62.89 14.94 3.96
CA PHE M 1158 -63.19 13.62 4.50
C PHE M 1158 -64.71 13.42 4.49
N ASN M 1159 -65.17 12.37 5.14
CA ASN M 1159 -66.61 12.11 5.22
C ASN M 1159 -67.05 11.96 6.68
N SER M 1163 -66.23 9.00 7.33
CA SER M 1163 -65.03 9.15 8.16
C SER M 1163 -65.39 9.44 9.60
N LYS M 1164 -65.08 10.66 10.05
CA LYS M 1164 -65.33 11.19 11.39
C LYS M 1164 -64.46 10.51 12.44
N ILE M 1165 -63.69 9.49 12.08
CA ILE M 1165 -62.85 8.77 13.03
C ILE M 1165 -61.43 8.73 12.50
N LYS M 1166 -61.27 8.95 11.19
CA LYS M 1166 -59.96 8.85 10.53
C LYS M 1166 -59.16 10.10 10.88
N ASN M 1167 -58.56 10.09 12.06
CA ASN M 1167 -57.73 11.19 12.55
C ASN M 1167 -56.28 10.70 12.60
N ILE M 1168 -55.62 10.77 11.45
CA ILE M 1168 -54.23 10.34 11.34
C ILE M 1168 -53.41 11.42 10.64
N GLY M 1169 -53.88 12.67 10.70
CA GLY M 1169 -53.23 13.76 10.01
C GLY M 1169 -51.81 14.00 10.44
N SER M 1170 -51.63 14.49 11.66
CA SER M 1170 -50.34 14.74 12.31
C SER M 1170 -49.55 15.87 11.65
N ASP M 1171 -50.05 16.44 10.56
CA ASP M 1171 -49.40 17.58 9.91
C ASP M 1171 -50.35 18.70 9.55
N THR M 1172 -51.65 18.44 9.46
CA THR M 1172 -52.65 19.50 9.36
C THR M 1172 -53.17 19.94 10.71
N PHE M 1173 -52.76 19.26 11.79
CA PHE M 1173 -53.25 19.60 13.12
C PHE M 1173 -52.84 21.02 13.51
N GLU M 1174 -51.59 21.39 13.21
CA GLU M 1174 -51.15 22.76 13.48
C GLU M 1174 -51.95 23.76 12.65
N PHE M 1175 -52.25 23.42 11.40
CA PHE M 1175 -53.09 24.28 10.59
C PHE M 1175 -54.48 24.42 11.20
N LEU M 1176 -55.04 23.32 11.70
CA LEU M 1176 -56.37 23.38 12.32
C LEU M 1176 -56.35 24.28 13.55
N ILE M 1177 -55.38 24.06 14.45
CA ILE M 1177 -55.34 24.84 15.68
C ILE M 1177 -55.04 26.31 15.39
N LYS M 1178 -54.29 26.58 14.31
CA LYS M 1178 -54.16 27.96 13.85
C LYS M 1178 -55.51 28.51 13.41
N LYS M 1179 -56.30 27.70 12.71
CA LYS M 1179 -57.64 28.14 12.32
C LYS M 1179 -58.57 28.19 13.51
N CYS M 1180 -58.50 27.19 14.40
CA CYS M 1180 -59.47 27.08 15.47
C CYS M 1180 -59.01 26.02 16.47
N GLY M 1181 -59.28 26.26 17.76
CA GLY M 1181 -59.03 25.26 18.77
C GLY M 1181 -57.77 25.45 19.58
N ASN M 1182 -57.53 26.67 20.06
CA ASN M 1182 -56.41 26.89 20.97
C ASN M 1182 -56.61 26.12 22.28
N ASN M 1183 -57.82 26.18 22.84
CA ASN M 1183 -58.15 25.45 24.05
C ASN M 1183 -59.40 24.59 23.89
N SER M 1184 -60.04 24.59 22.73
CA SER M 1184 -61.20 23.76 22.40
C SER M 1184 -62.43 24.09 23.24
N ALA M 1185 -62.39 25.14 24.05
CA ALA M 1185 -63.54 25.51 24.85
C ALA M 1185 -63.77 27.01 24.98
N HIS M 1186 -62.99 27.85 24.30
CA HIS M 1186 -63.06 29.29 24.51
C HIS M 1186 -63.12 30.08 23.21
N GLY M 1187 -63.46 29.43 22.09
CA GLY M 1187 -63.44 30.12 20.82
C GLY M 1187 -64.74 30.82 20.46
N GLU M 1188 -64.80 32.12 20.79
CA GLU M 1188 -65.86 32.99 20.31
C GLU M 1188 -65.36 34.36 19.88
N GLU M 1189 -64.13 34.72 20.23
CA GLU M 1189 -63.56 36.03 19.88
C GLU M 1189 -62.96 36.04 18.48
N ILE M 1190 -62.97 34.89 17.79
CA ILE M 1190 -62.45 34.86 16.42
C ILE M 1190 -63.25 35.78 15.52
N PHE M 1191 -64.56 35.88 15.76
CA PHE M 1191 -65.38 36.85 15.03
C PHE M 1191 -64.93 38.27 15.33
N SER M 1192 -64.65 38.56 16.61
CA SER M 1192 -64.19 39.90 16.99
C SER M 1192 -62.84 40.21 16.36
N GLU M 1193 -61.93 39.23 16.36
CA GLU M 1193 -60.63 39.44 15.73
C GLU M 1193 -60.76 39.66 14.24
N LYS M 1194 -61.64 38.90 13.58
CA LYS M 1194 -61.89 39.09 12.16
C LYS M 1194 -62.42 40.49 11.88
N LEU M 1195 -63.38 40.94 12.69
CA LEU M 1195 -63.90 42.30 12.53
C LEU M 1195 -62.80 43.34 12.74
N LYS M 1196 -61.97 43.14 13.75
CA LYS M 1196 -60.92 44.11 14.05
C LYS M 1196 -59.91 44.21 12.91
N ASN M 1197 -59.46 43.07 12.40
CA ASN M 1197 -58.49 43.12 11.31
C ASN M 1197 -59.12 43.53 9.99
N ALA M 1198 -60.43 43.34 9.84
CA ALA M 1198 -61.12 43.83 8.65
C ALA M 1198 -61.32 45.33 8.70
N GLU M 1199 -61.46 45.89 9.90
CA GLU M 1199 -61.69 47.32 10.04
C GLU M 1199 -60.47 48.15 9.65
N LYS M 1200 -59.32 47.51 9.43
CA LYS M 1200 -58.11 48.22 8.99
C LYS M 1200 -58.17 48.50 7.49
N LYS M 1201 -59.26 49.15 7.08
CA LYS M 1201 -59.50 49.51 5.69
C LYS M 1201 -60.04 50.94 5.61
N CYS M 1202 -59.54 51.82 6.48
CA CYS M 1202 -59.97 53.21 6.52
C CYS M 1202 -59.12 54.11 5.64
N LYS M 1203 -58.17 53.56 4.90
CA LYS M 1203 -57.31 54.36 4.04
C LYS M 1203 -58.09 55.01 2.91
N SER M 1218 -23.59 52.61 2.92
CA SER M 1218 -22.81 53.73 3.45
C SER M 1218 -21.41 53.27 3.85
N CYS M 1219 -20.92 52.24 3.18
CA CYS M 1219 -19.60 51.67 3.44
C CYS M 1219 -18.85 51.46 2.12
N ASP M 1220 -18.84 52.49 1.27
CA ASP M 1220 -18.17 52.41 -0.03
C ASP M 1220 -16.66 52.61 0.13
N LEU M 1221 -16.04 51.67 0.83
CA LEU M 1221 -14.59 51.62 0.99
C LEU M 1221 -14.08 50.30 0.41
N ASN M 1222 -12.78 50.06 0.61
CA ASN M 1222 -12.18 48.83 0.13
C ASN M 1222 -12.72 47.63 0.90
N ALA M 1223 -12.63 46.44 0.28
CA ALA M 1223 -13.17 45.22 0.84
C ALA M 1223 -12.26 44.75 1.98
N THR M 1224 -12.44 45.38 3.14
CA THR M 1224 -11.65 45.02 4.31
C THR M 1224 -12.13 43.69 4.89
N ASN M 1225 -11.24 43.07 5.68
CA ASN M 1225 -11.53 41.82 6.38
C ASN M 1225 -11.95 40.72 5.40
N TYR M 1226 -11.01 40.38 4.52
CA TYR M 1226 -11.23 39.32 3.54
C TYR M 1226 -11.17 37.96 4.20
N ILE M 1227 -12.15 37.11 3.91
CA ILE M 1227 -12.34 35.84 4.61
C ILE M 1227 -11.39 34.79 4.05
N ARG M 1228 -11.10 33.78 4.87
CA ARG M 1228 -10.21 32.69 4.50
C ARG M 1228 -10.94 31.40 4.15
N GLY M 1229 -11.94 31.01 4.96
CA GLY M 1229 -12.52 29.69 4.83
C GLY M 1229 -13.27 29.49 3.53
N CYS M 1230 -14.09 30.47 3.15
CA CYS M 1230 -14.95 30.32 1.98
C CYS M 1230 -14.13 30.36 0.69
N GLN M 1231 -14.57 29.56 -0.28
CA GLN M 1231 -13.96 29.48 -1.60
C GLN M 1231 -15.01 29.79 -2.67
N SER M 1232 -14.61 29.64 -3.92
CA SER M 1232 -15.53 29.87 -5.03
C SER M 1232 -16.63 28.82 -5.03
N LYS M 1233 -17.83 29.23 -5.42
CA LYS M 1233 -18.98 28.33 -5.41
C LYS M 1233 -18.78 27.20 -6.41
N THR M 1234 -19.24 26.00 -6.03
CA THR M 1234 -19.02 24.80 -6.84
C THR M 1234 -20.27 23.94 -6.96
N TYR M 1235 -21.34 24.22 -6.22
CA TYR M 1235 -22.50 23.32 -6.17
C TYR M 1235 -23.06 23.06 -7.56
N ASP M 1236 -23.11 24.09 -8.40
CA ASP M 1236 -23.67 23.94 -9.74
C ASP M 1236 -22.64 23.51 -10.78
N GLY M 1237 -21.40 23.29 -10.37
CA GLY M 1237 -20.35 22.85 -11.28
C GLY M 1237 -19.11 23.71 -11.19
N LYS M 1238 -17.98 23.12 -11.56
CA LYS M 1238 -16.71 23.83 -11.50
C LYS M 1238 -16.64 24.91 -12.57
N ILE M 1239 -15.99 26.03 -12.23
CA ILE M 1239 -15.81 27.11 -13.18
C ILE M 1239 -14.92 26.65 -14.33
N PHE M 1240 -15.23 27.12 -15.54
CA PHE M 1240 -14.39 26.83 -16.68
C PHE M 1240 -12.97 27.32 -16.42
N PRO M 1241 -11.93 26.56 -16.80
CA PRO M 1241 -11.97 25.32 -17.58
C PRO M 1241 -12.23 24.05 -16.77
N GLY M 1242 -12.57 24.20 -15.49
CA GLY M 1242 -12.88 23.03 -14.69
C GLY M 1242 -14.15 22.34 -15.17
N LYS M 1243 -14.18 21.02 -15.00
CA LYS M 1243 -15.31 20.21 -15.43
C LYS M 1243 -15.74 19.30 -14.29
N GLY M 1244 -17.05 19.07 -14.19
CA GLY M 1244 -17.59 18.22 -13.16
C GLY M 1244 -17.77 18.95 -11.84
N GLY M 1245 -18.09 18.17 -10.81
CA GLY M 1245 -18.31 18.70 -9.49
C GLY M 1245 -19.73 19.19 -9.29
N GLU M 1246 -20.70 18.31 -9.49
CA GLU M 1246 -22.11 18.65 -9.39
C GLU M 1246 -22.69 18.09 -8.11
N LYS M 1247 -23.31 18.95 -7.31
CA LYS M 1247 -24.08 18.50 -6.15
C LYS M 1247 -25.49 18.09 -6.59
N GLN M 1248 -26.17 17.36 -5.70
CA GLN M 1248 -27.50 16.86 -5.99
C GLN M 1248 -28.43 17.14 -4.82
N TRP M 1249 -29.71 17.27 -5.14
CA TRP M 1249 -30.73 17.35 -4.10
C TRP M 1249 -30.71 16.07 -3.27
N ILE M 1250 -30.70 16.22 -1.96
CA ILE M 1250 -30.63 15.08 -1.04
C ILE M 1250 -31.95 14.98 -0.29
N CYS M 1251 -32.53 13.79 -0.27
CA CYS M 1251 -33.81 13.51 0.34
C CYS M 1251 -33.65 12.42 1.40
N LYS M 1252 -34.78 11.93 1.90
CA LYS M 1252 -34.83 10.87 2.89
C LYS M 1252 -34.19 11.28 4.21
N ASP M 1253 -34.27 10.41 5.22
CA ASP M 1253 -33.63 10.68 6.50
C ASP M 1253 -32.11 10.62 6.33
N THR M 1254 -31.41 11.46 7.10
CA THR M 1254 -29.96 11.57 7.00
C THR M 1254 -29.35 11.48 8.39
N ILE M 1255 -28.07 11.11 8.44
CA ILE M 1255 -27.40 10.91 9.71
C ILE M 1255 -26.74 12.21 10.19
N ILE M 1256 -26.11 12.94 9.28
CA ILE M 1256 -25.39 14.15 9.66
C ILE M 1256 -26.17 15.38 9.21
N HIS M 1257 -27.09 15.19 8.28
CA HIS M 1257 -27.91 16.29 7.77
C HIS M 1257 -29.27 16.36 8.44
N GLY M 1258 -29.49 15.63 9.53
CA GLY M 1258 -30.73 15.69 10.27
C GLY M 1258 -31.78 14.76 9.71
N ASP M 1259 -32.96 14.83 10.33
CA ASP M 1259 -34.11 14.01 9.95
C ASP M 1259 -35.19 14.87 9.28
N THR M 1260 -34.76 15.82 8.45
CA THR M 1260 -35.71 16.70 7.76
C THR M 1260 -36.45 15.92 6.68
N ASN M 1261 -37.63 15.40 7.02
CA ASN M 1261 -38.41 14.61 6.08
C ASN M 1261 -39.22 15.47 5.12
N GLY M 1262 -39.15 16.79 5.22
CA GLY M 1262 -39.87 17.66 4.33
C GLY M 1262 -39.20 17.80 2.98
N ALA M 1263 -39.15 19.03 2.45
CA ALA M 1263 -38.56 19.25 1.14
C ALA M 1263 -37.07 18.90 1.15
N CYS M 1264 -36.61 18.34 0.04
CA CYS M 1264 -35.20 17.95 -0.07
C CYS M 1264 -34.30 19.18 -0.08
N ILE M 1265 -33.10 19.00 0.45
CA ILE M 1265 -32.16 20.11 0.61
C ILE M 1265 -31.62 20.52 -0.75
N PRO M 1266 -31.73 21.80 -1.13
CA PRO M 1266 -31.15 22.25 -2.40
C PRO M 1266 -29.64 22.13 -2.38
N PRO M 1267 -29.03 21.82 -3.53
CA PRO M 1267 -27.56 21.74 -3.57
C PRO M 1267 -26.86 23.04 -3.22
N ARG M 1268 -27.48 24.18 -3.53
CA ARG M 1268 -26.85 25.46 -3.25
C ARG M 1268 -26.63 25.68 -1.76
N THR M 1269 -27.62 25.30 -0.95
CA THR M 1269 -27.49 25.50 0.49
C THR M 1269 -26.40 24.62 1.10
N GLN M 1270 -26.09 23.48 0.46
CA GLN M 1270 -25.02 22.63 0.96
C GLN M 1270 -23.66 23.29 0.83
N ASN M 1271 -23.51 24.26 -0.07
CA ASN M 1271 -22.31 25.07 -0.20
C ASN M 1271 -22.70 26.47 0.28
N LEU M 1272 -22.57 26.71 1.59
CA LEU M 1272 -23.24 27.83 2.22
C LEU M 1272 -22.29 28.93 2.69
N CYS M 1273 -21.01 28.63 2.87
CA CYS M 1273 -19.99 29.61 3.28
C CYS M 1273 -20.35 30.22 4.65
N VAL M 1274 -20.25 29.35 5.66
CA VAL M 1274 -20.53 29.78 7.03
C VAL M 1274 -19.51 30.82 7.49
N GLY M 1275 -18.25 30.69 7.05
CA GLY M 1275 -17.22 31.63 7.45
C GLY M 1275 -16.61 31.30 8.80
N GLU M 1276 -16.17 32.35 9.50
CA GLU M 1276 -15.55 32.19 10.81
C GLU M 1276 -16.53 31.71 11.87
N LEU M 1277 -17.83 31.73 11.58
CA LEU M 1277 -18.82 31.24 12.54
C LEU M 1277 -18.55 29.79 12.92
N TRP M 1278 -18.01 29.01 11.99
CA TRP M 1278 -17.67 27.62 12.27
C TRP M 1278 -16.59 27.20 11.28
N ASP M 1279 -15.48 26.68 11.80
CA ASP M 1279 -14.36 26.28 10.97
C ASP M 1279 -14.38 24.78 10.69
N LYS M 1280 -13.67 24.37 9.64
CA LYS M 1280 -13.56 22.98 9.27
C LYS M 1280 -12.16 22.49 9.62
N SER M 1281 -12.08 21.34 10.26
CA SER M 1281 -10.81 20.80 10.74
C SER M 1281 -10.90 19.27 10.71
N TYR M 1282 -10.01 18.61 11.44
CA TYR M 1282 -10.00 17.16 11.50
C TYR M 1282 -11.38 16.61 11.87
N GLY M 1283 -11.99 17.19 12.90
CA GLY M 1283 -13.31 16.77 13.31
C GLY M 1283 -14.39 17.80 13.01
N GLY M 1284 -13.97 19.00 12.63
CA GLY M 1284 -14.91 20.06 12.34
C GLY M 1284 -15.64 20.58 13.55
N ARG M 1285 -14.91 21.23 14.45
CA ARG M 1285 -15.51 21.81 15.64
C ARG M 1285 -15.95 23.25 15.34
N SER M 1286 -16.42 23.95 16.36
CA SER M 1286 -16.80 25.35 16.24
C SER M 1286 -15.71 26.23 16.85
N ASN M 1287 -15.88 27.54 16.68
CA ASN M 1287 -14.93 28.52 17.18
C ASN M 1287 -15.65 29.69 17.81
N ILE M 1288 -16.78 29.43 18.46
CA ILE M 1288 -17.54 30.44 19.18
C ILE M 1288 -17.89 29.86 20.54
N LYS M 1289 -17.06 30.15 21.54
CA LYS M 1289 -17.29 29.64 22.89
C LYS M 1289 -17.27 30.73 23.94
N ASN M 1290 -16.41 31.74 23.78
CA ASN M 1290 -16.26 32.82 24.75
C ASN M 1290 -16.32 34.17 24.05
N ASP M 1291 -17.30 34.35 23.19
CA ASP M 1291 -17.46 35.55 22.38
C ASP M 1291 -18.63 36.39 22.88
N THR M 1292 -18.75 37.59 22.32
CA THR M 1292 -19.80 38.52 22.68
C THR M 1292 -20.76 38.71 21.51
N LYS M 1293 -21.81 39.51 21.74
CA LYS M 1293 -22.80 39.75 20.70
C LYS M 1293 -22.22 40.52 19.53
N GLU M 1294 -21.38 41.51 19.81
CA GLU M 1294 -20.83 42.35 18.75
C GLU M 1294 -19.91 41.56 17.83
N LEU M 1295 -19.11 40.66 18.39
CA LEU M 1295 -18.28 39.79 17.55
C LEU M 1295 -19.13 38.93 16.65
N LEU M 1296 -20.22 38.37 17.18
CA LEU M 1296 -21.13 37.57 16.37
C LEU M 1296 -21.72 38.39 15.24
N LYS M 1297 -22.15 39.62 15.55
CA LYS M 1297 -22.73 40.48 14.51
C LYS M 1297 -21.71 40.80 13.42
N GLU M 1298 -20.48 41.12 13.81
CA GLU M 1298 -19.44 41.43 12.83
C GLU M 1298 -19.13 40.23 11.96
N LYS M 1299 -19.04 39.04 12.57
CA LYS M 1299 -18.78 37.83 11.80
C LYS M 1299 -19.92 37.54 10.83
N ILE M 1300 -21.17 37.74 11.26
CA ILE M 1300 -22.30 37.54 10.37
C ILE M 1300 -22.25 38.52 9.20
N LYS M 1301 -21.91 39.78 9.48
CA LYS M 1301 -21.80 40.78 8.42
C LYS M 1301 -20.72 40.39 7.41
N ASN M 1302 -19.56 39.96 7.90
CA ASN M 1302 -18.49 39.54 6.99
C ASN M 1302 -18.90 38.33 6.16
N ALA M 1303 -19.59 37.38 6.78
CA ALA M 1303 -20.05 36.20 6.05
C ALA M 1303 -21.04 36.60 4.96
N ILE M 1304 -21.95 37.53 5.26
CA ILE M 1304 -22.90 38.00 4.26
C ILE M 1304 -22.17 38.67 3.11
N HIS M 1305 -21.18 39.51 3.43
CA HIS M 1305 -20.38 40.16 2.39
C HIS M 1305 -19.75 39.12 1.48
N LYS M 1306 -19.07 38.13 2.06
CA LYS M 1306 -18.38 37.13 1.25
C LYS M 1306 -19.38 36.33 0.41
N GLU M 1307 -20.52 35.98 1.00
CA GLU M 1307 -21.51 35.20 0.26
C GLU M 1307 -22.07 35.97 -0.93
N THR M 1308 -22.39 37.25 -0.74
CA THR M 1308 -22.94 38.02 -1.85
C THR M 1308 -21.89 38.22 -2.95
N GLU M 1309 -20.63 38.46 -2.57
CA GLU M 1309 -19.59 38.58 -3.59
C GLU M 1309 -19.42 37.28 -4.36
N LEU M 1310 -19.41 36.15 -3.66
CA LEU M 1310 -19.24 34.86 -4.31
C LEU M 1310 -20.40 34.56 -5.26
N LEU M 1311 -21.63 34.83 -4.82
CA LEU M 1311 -22.78 34.60 -5.69
C LEU M 1311 -22.73 35.50 -6.92
N TYR M 1312 -22.35 36.76 -6.75
CA TYR M 1312 -22.27 37.66 -7.89
C TYR M 1312 -21.25 37.17 -8.90
N GLU M 1313 -20.05 36.80 -8.43
CA GLU M 1313 -19.03 36.35 -9.37
C GLU M 1313 -19.40 35.01 -10.01
N TYR M 1314 -20.09 34.13 -9.26
CA TYR M 1314 -20.52 32.87 -9.83
C TYR M 1314 -21.54 33.09 -10.94
N HIS M 1315 -22.48 34.02 -10.74
CA HIS M 1315 -23.49 34.26 -11.74
C HIS M 1315 -22.97 35.07 -12.93
N ASP M 1316 -21.92 35.88 -12.72
CA ASP M 1316 -21.39 36.68 -13.81
C ASP M 1316 -20.88 35.82 -14.96
N THR M 1317 -20.14 34.76 -14.64
CA THR M 1317 -19.62 33.89 -15.69
C THR M 1317 -20.69 33.01 -16.32
N GLY M 1318 -21.89 32.95 -15.73
CA GLY M 1318 -22.95 32.17 -16.32
C GLY M 1318 -22.82 30.68 -16.18
N THR M 1319 -22.02 30.21 -15.21
CA THR M 1319 -21.91 28.78 -14.98
C THR M 1319 -23.13 28.20 -14.29
N ALA M 1320 -23.88 29.01 -13.56
CA ALA M 1320 -25.08 28.53 -12.88
C ALA M 1320 -26.16 28.19 -13.91
N ILE M 1321 -26.96 27.18 -13.60
CA ILE M 1321 -28.01 26.74 -14.51
C ILE M 1321 -29.01 27.86 -14.76
N ILE M 1322 -29.40 28.58 -13.70
CA ILE M 1322 -30.35 29.68 -13.84
C ILE M 1322 -29.77 30.76 -14.74
N SER M 1323 -28.49 31.09 -14.56
CA SER M 1323 -27.83 32.10 -15.37
C SER M 1323 -27.50 31.62 -16.78
N LYS M 1324 -27.54 30.31 -17.02
CA LYS M 1324 -27.22 29.76 -18.34
C LYS M 1324 -28.29 30.16 -19.33
N ASN M 1325 -27.94 31.08 -20.24
CA ASN M 1325 -28.82 31.43 -21.36
C ASN M 1325 -28.64 30.39 -22.46
N ASP M 1326 -29.13 30.70 -23.66
CA ASP M 1326 -28.97 29.80 -24.80
C ASP M 1326 -27.48 29.61 -25.09
N LYS M 1327 -27.11 28.47 -25.68
CA LYS M 1327 -25.72 28.09 -25.84
C LYS M 1327 -25.05 28.86 -26.99
N LYS M 1328 -25.04 30.19 -26.84
CA LYS M 1328 -24.30 31.06 -27.74
C LYS M 1328 -23.22 31.84 -27.00
N GLY M 1329 -23.57 32.53 -25.92
CA GLY M 1329 -22.60 33.23 -25.10
C GLY M 1329 -22.99 33.24 -23.64
N GLN M 1330 -24.04 32.50 -23.31
CA GLN M 1330 -24.64 32.44 -21.97
C GLN M 1330 -25.14 33.78 -21.47
N LYS M 1331 -25.22 34.79 -22.34
CA LYS M 1331 -25.74 36.10 -22.01
C LYS M 1331 -26.62 36.63 -23.13
N GLY M 1332 -27.35 35.72 -23.78
CA GLY M 1332 -28.23 36.13 -24.86
C GLY M 1332 -29.46 36.88 -24.38
N LYS M 1333 -29.83 36.68 -23.13
CA LYS M 1333 -31.00 37.32 -22.52
C LYS M 1333 -30.56 38.00 -21.22
N ASN M 1334 -30.09 39.23 -21.33
CA ASN M 1334 -29.66 39.98 -20.16
C ASN M 1334 -30.86 40.56 -19.44
N ASP M 1335 -30.74 40.69 -18.12
CA ASP M 1335 -31.80 41.26 -17.32
C ASP M 1335 -31.90 42.77 -17.57
N PRO M 1336 -33.05 43.37 -17.29
CA PRO M 1336 -33.16 44.83 -17.45
C PRO M 1336 -32.62 45.59 -16.25
N ASN M 1337 -31.47 45.15 -15.73
CA ASN M 1337 -30.78 45.86 -14.68
C ASN M 1337 -29.26 45.82 -14.81
N GLY M 1338 -28.73 45.25 -15.89
CA GLY M 1338 -27.29 45.09 -16.02
C GLY M 1338 -26.69 44.11 -15.03
N LEU M 1339 -27.39 43.02 -14.76
CA LEU M 1339 -26.97 41.99 -13.81
C LEU M 1339 -27.10 40.63 -14.46
N PRO M 1340 -26.35 39.64 -13.97
CA PRO M 1340 -26.55 38.27 -14.46
C PRO M 1340 -27.97 37.79 -14.21
N LYS M 1341 -28.49 37.01 -15.17
CA LYS M 1341 -29.87 36.55 -15.08
C LYS M 1341 -30.04 35.61 -13.90
N GLY M 1342 -31.12 35.81 -13.15
CA GLY M 1342 -31.41 34.99 -12.00
C GLY M 1342 -30.37 35.07 -10.90
N PHE M 1343 -29.96 36.29 -10.55
CA PHE M 1343 -28.92 36.50 -9.55
C PHE M 1343 -29.48 36.99 -8.23
N CYS M 1344 -30.24 38.08 -8.23
CA CYS M 1344 -30.73 38.65 -6.97
C CYS M 1344 -31.68 37.70 -6.25
N HIS M 1345 -32.37 36.84 -7.01
CA HIS M 1345 -33.22 35.83 -6.39
C HIS M 1345 -32.40 34.91 -5.49
N ALA M 1346 -31.25 34.46 -5.97
CA ALA M 1346 -30.38 33.62 -5.15
C ALA M 1346 -29.88 34.38 -3.92
N VAL M 1347 -29.64 35.69 -4.06
CA VAL M 1347 -29.25 36.49 -2.91
C VAL M 1347 -30.35 36.48 -1.86
N GLN M 1348 -31.60 36.66 -2.30
CA GLN M 1348 -32.72 36.61 -1.37
C GLN M 1348 -32.82 35.24 -0.70
N ARG M 1349 -32.64 34.18 -1.47
CA ARG M 1349 -32.71 32.83 -0.89
C ARG M 1349 -31.62 32.61 0.15
N SER M 1350 -30.41 33.08 -0.14
CA SER M 1350 -29.32 32.94 0.82
C SER M 1350 -29.59 33.75 2.08
N PHE M 1351 -30.14 34.95 1.94
CA PHE M 1351 -30.49 35.76 3.10
C PHE M 1351 -31.55 35.05 3.94
N ILE M 1352 -32.55 34.45 3.29
CA ILE M 1352 -33.58 33.71 4.01
C ILE M 1352 -32.96 32.53 4.75
N ASP M 1353 -32.03 31.83 4.10
CA ASP M 1353 -31.38 30.69 4.75
C ASP M 1353 -30.61 31.13 5.98
N TYR M 1354 -29.84 32.21 5.87
CA TYR M 1354 -29.15 32.76 7.03
C TYR M 1354 -30.15 33.09 8.15
N LYS M 1355 -31.19 33.85 7.81
CA LYS M 1355 -32.14 34.28 8.83
C LYS M 1355 -32.77 33.09 9.54
N ASN M 1356 -33.20 32.09 8.78
CA ASN M 1356 -33.85 30.94 9.37
C ASN M 1356 -32.87 29.98 10.04
N MET M 1357 -31.57 30.14 9.79
CA MET M 1357 -30.58 29.31 10.46
C MET M 1357 -30.09 29.90 11.76
N ILE M 1358 -30.06 31.23 11.89
CA ILE M 1358 -29.55 31.83 13.13
C ILE M 1358 -30.40 31.49 14.34
N LEU M 1359 -31.67 31.14 14.15
CA LEU M 1359 -32.52 30.72 15.26
C LEU M 1359 -32.97 29.28 15.04
N GLY M 1360 -33.30 28.61 16.14
CA GLY M 1360 -33.69 27.22 16.08
C GLY M 1360 -34.96 26.98 15.29
N THR M 1361 -34.80 26.43 14.09
CA THR M 1361 -35.91 26.11 13.19
C THR M 1361 -35.59 24.79 12.51
N SER M 1362 -36.27 24.52 11.40
CA SER M 1362 -36.00 23.30 10.64
C SER M 1362 -34.72 23.45 9.84
N VAL M 1363 -33.60 23.67 10.53
CA VAL M 1363 -32.30 23.84 9.92
C VAL M 1363 -31.32 22.95 10.69
N ASN M 1364 -31.10 21.74 10.19
CA ASN M 1364 -30.18 20.79 10.82
C ASN M 1364 -29.36 20.02 9.79
N ILE M 1365 -29.05 20.65 8.66
CA ILE M 1365 -28.60 19.90 7.49
C ILE M 1365 -27.09 20.03 7.29
N TYR M 1366 -26.57 21.26 7.21
CA TYR M 1366 -25.16 21.47 6.87
C TYR M 1366 -24.30 20.96 8.02
N GLU M 1367 -23.48 19.95 7.73
CA GLU M 1367 -22.52 19.37 8.67
C GLU M 1367 -23.11 19.18 10.07
N HIS M 1368 -22.91 20.13 10.98
CA HIS M 1368 -23.43 20.05 12.34
C HIS M 1368 -23.95 21.40 12.77
N ILE M 1369 -24.72 22.06 11.89
CA ILE M 1369 -25.26 23.37 12.21
C ILE M 1369 -26.17 23.36 13.42
N GLY M 1370 -26.62 22.18 13.85
CA GLY M 1370 -27.31 22.08 15.14
C GLY M 1370 -26.39 22.47 16.29
N LYS M 1371 -25.10 22.14 16.19
CA LYS M 1371 -24.14 22.59 17.19
C LYS M 1371 -24.06 24.11 17.23
N LEU M 1372 -24.02 24.74 16.06
CA LEU M 1372 -24.03 26.20 16.01
C LEU M 1372 -25.32 26.76 16.59
N GLN M 1373 -26.45 26.11 16.30
CA GLN M 1373 -27.74 26.56 16.81
C GLN M 1373 -27.76 26.54 18.33
N GLU M 1374 -27.36 25.41 18.92
CA GLU M 1374 -27.36 25.32 20.38
C GLU M 1374 -26.33 26.26 21.01
N ASP M 1375 -25.18 26.43 20.37
CA ASP M 1375 -24.19 27.36 20.89
C ASP M 1375 -24.72 28.79 20.90
N ILE M 1376 -25.40 29.19 19.82
CA ILE M 1376 -25.99 30.52 19.76
C ILE M 1376 -27.07 30.67 20.83
N LYS M 1377 -27.91 29.64 20.99
CA LYS M 1377 -28.99 29.72 21.97
C LYS M 1377 -28.44 29.83 23.38
N LYS M 1378 -27.33 29.14 23.67
CA LYS M 1378 -26.66 29.33 24.95
C LYS M 1378 -26.09 30.73 25.08
N ILE M 1379 -25.31 31.17 24.09
CA ILE M 1379 -24.58 32.44 24.21
C ILE M 1379 -25.49 33.65 24.20
N ILE M 1380 -26.73 33.52 23.73
CA ILE M 1380 -27.62 34.66 23.65
C ILE M 1380 -28.44 34.83 24.93
N GLU M 1381 -29.04 33.75 25.41
CA GLU M 1381 -29.96 33.86 26.56
C GLU M 1381 -29.24 33.71 27.89
N LYS M 1382 -28.10 34.39 28.02
CA LYS M 1382 -27.34 34.57 29.26
C LYS M 1382 -27.12 36.04 29.60
N GLY M 1383 -26.85 36.88 28.61
CA GLY M 1383 -26.56 38.28 28.85
C GLY M 1383 -27.78 39.17 28.81
N THR M 1384 -28.56 39.07 27.74
CA THR M 1384 -29.79 39.85 27.65
C THR M 1384 -30.79 39.54 28.77
N PRO M 1385 -31.02 38.27 29.17
CA PRO M 1385 -31.98 38.13 30.28
C PRO M 1385 -31.35 38.41 31.63
N GLU M 1399 -36.09 33.06 23.38
CA GLU M 1399 -37.15 33.99 23.02
C GLU M 1399 -36.59 35.38 22.70
N ASN M 1400 -35.45 35.70 23.32
CA ASN M 1400 -34.77 36.96 23.01
C ASN M 1400 -34.05 36.91 21.67
N VAL M 1401 -33.83 35.70 21.14
CA VAL M 1401 -33.20 35.58 19.82
C VAL M 1401 -34.08 36.22 18.76
N ASN M 1402 -35.40 36.07 18.89
CA ASN M 1402 -36.32 36.67 17.93
C ASN M 1402 -36.22 38.19 17.94
N ALA M 1403 -36.22 38.78 19.14
CA ALA M 1403 -36.13 40.24 19.25
C ALA M 1403 -34.78 40.74 18.74
N TRP M 1404 -33.70 40.03 19.07
CA TRP M 1404 -32.38 40.43 18.60
C TRP M 1404 -32.29 40.37 17.09
N TRP M 1405 -32.83 39.31 16.48
CA TRP M 1405 -32.81 39.21 15.03
C TRP M 1405 -33.66 40.29 14.39
N LYS M 1406 -34.83 40.59 14.98
CA LYS M 1406 -35.65 41.67 14.46
C LYS M 1406 -34.93 43.01 14.55
N GLY M 1407 -34.14 43.21 15.60
CA GLY M 1407 -33.36 44.43 15.70
C GLY M 1407 -32.26 44.51 14.66
N ILE M 1408 -31.59 43.39 14.39
CA ILE M 1408 -30.40 43.43 13.51
C ILE M 1408 -30.70 43.12 12.05
N GLU M 1409 -31.95 42.76 11.72
CA GLU M 1409 -32.26 42.40 10.33
C GLU M 1409 -32.10 43.58 9.40
N ARG M 1410 -32.56 44.76 9.83
CA ARG M 1410 -32.40 45.95 9.01
C ARG M 1410 -30.93 46.26 8.77
N GLU M 1411 -30.10 46.14 9.81
CA GLU M 1411 -28.67 46.38 9.66
C GLU M 1411 -28.06 45.38 8.69
N MET M 1412 -28.44 44.11 8.78
CA MET M 1412 -27.90 43.10 7.86
C MET M 1412 -28.30 43.38 6.43
N TRP M 1413 -29.55 43.75 6.20
CA TRP M 1413 -30.00 44.06 4.84
C TRP M 1413 -29.27 45.29 4.30
N ASP M 1414 -29.08 46.31 5.14
CA ASP M 1414 -28.30 47.46 4.71
C ASP M 1414 -26.86 47.08 4.41
N ALA M 1415 -26.31 46.14 5.17
CA ALA M 1415 -24.95 45.68 4.91
C ALA M 1415 -24.84 44.99 3.56
N VAL M 1416 -25.81 44.11 3.24
CA VAL M 1416 -25.74 43.43 1.95
C VAL M 1416 -25.98 44.42 0.81
N ARG M 1417 -26.84 45.42 1.02
CA ARG M 1417 -27.01 46.46 0.00
C ARG M 1417 -25.73 47.25 -0.21
N CYS M 1418 -25.04 47.59 0.88
CA CYS M 1418 -23.75 48.26 0.76
C CYS M 1418 -22.74 47.40 0.03
N ALA M 1419 -22.77 46.09 0.30
CA ALA M 1419 -21.87 45.15 -0.38
C ALA M 1419 -22.11 45.16 -1.89
N ILE M 1420 -23.38 45.09 -2.29
CA ILE M 1420 -23.66 45.04 -3.73
C ILE M 1420 -23.31 46.39 -4.37
N THR M 1421 -23.57 47.50 -3.67
CA THR M 1421 -23.21 48.81 -4.21
C THR M 1421 -21.70 48.90 -4.43
N LYS M 1422 -20.91 48.48 -3.45
CA LYS M 1422 -19.46 48.59 -3.60
C LYS M 1422 -18.93 47.60 -4.63
N ILE M 1423 -19.54 46.43 -4.76
CA ILE M 1423 -19.03 45.46 -5.72
C ILE M 1423 -19.34 45.90 -7.15
N ASN M 1424 -20.48 46.56 -7.37
CA ASN M 1424 -20.71 47.11 -8.70
C ASN M 1424 -19.92 48.40 -8.92
N LYS M 1425 -19.56 49.11 -7.84
CA LYS M 1425 -18.67 50.26 -7.96
C LYS M 1425 -17.29 49.82 -8.42
N LYS M 1426 -16.81 48.68 -7.91
CA LYS M 1426 -15.48 48.21 -8.30
C LYS M 1426 -15.40 47.97 -9.80
N ASN M 1427 -16.48 47.48 -10.41
CA ASN M 1427 -16.50 47.29 -11.85
C ASN M 1427 -16.46 48.64 -12.56
N ASN M 1428 -15.80 48.65 -13.72
CA ASN M 1428 -15.65 49.89 -14.49
C ASN M 1428 -16.97 50.35 -15.11
N ASN M 1429 -17.99 49.50 -15.12
CA ASN M 1429 -19.27 49.87 -15.70
C ASN M 1429 -20.00 50.86 -14.77
N SER M 1430 -21.23 51.20 -15.15
CA SER M 1430 -22.03 52.12 -14.36
C SER M 1430 -22.23 51.58 -12.94
N ILE M 1431 -22.01 52.44 -11.95
CA ILE M 1431 -22.12 52.03 -10.55
C ILE M 1431 -23.59 51.90 -10.19
N PHE M 1432 -23.99 50.70 -9.80
CA PHE M 1432 -25.38 50.46 -9.42
C PHE M 1432 -25.59 50.91 -7.97
N ASN M 1433 -26.76 50.61 -7.42
CA ASN M 1433 -27.15 51.04 -6.09
C ASN M 1433 -28.06 49.99 -5.49
N GLY M 1434 -28.82 50.36 -4.46
CA GLY M 1434 -29.69 49.43 -3.78
C GLY M 1434 -30.91 49.02 -4.59
N ASP M 1435 -30.85 49.18 -5.90
CA ASP M 1435 -31.93 48.79 -6.81
C ASP M 1435 -32.04 47.29 -7.01
N GLU M 1436 -31.34 46.50 -6.20
CA GLU M 1436 -31.54 45.06 -6.19
C GLU M 1436 -33.01 44.75 -5.90
N CYS M 1437 -33.48 43.61 -6.43
CA CYS M 1437 -34.89 43.27 -6.33
C CYS M 1437 -35.32 43.24 -4.87
N GLY M 1438 -36.14 44.21 -4.47
CA GLY M 1438 -36.57 44.34 -3.10
C GLY M 1438 -35.68 45.29 -2.32
N VAL M 1439 -36.15 46.52 -2.08
CA VAL M 1439 -35.37 47.46 -1.27
C VAL M 1439 -35.33 46.99 0.18
N SER M 1440 -36.48 46.60 0.72
CA SER M 1440 -36.55 46.01 2.03
C SER M 1440 -36.12 44.54 1.96
N PRO M 1441 -35.74 43.94 3.09
CA PRO M 1441 -35.46 42.51 3.11
C PRO M 1441 -36.71 41.71 2.76
N PRO M 1442 -36.54 40.47 2.32
CA PRO M 1442 -37.72 39.68 1.92
C PRO M 1442 -38.73 39.56 3.05
N THR M 1443 -40.00 39.66 2.69
CA THR M 1443 -41.06 39.69 3.68
C THR M 1443 -41.26 38.31 4.32
N GLY M 1444 -41.96 38.30 5.44
CA GLY M 1444 -42.14 37.09 6.22
C GLY M 1444 -43.30 36.21 5.82
N ASN M 1445 -44.01 36.54 4.73
CA ASN M 1445 -45.14 35.72 4.32
C ASN M 1445 -44.68 34.31 3.92
N ASP M 1446 -43.70 34.22 3.04
CA ASP M 1446 -43.13 32.94 2.62
C ASP M 1446 -41.88 32.60 3.40
N GLU M 1447 -42.00 32.52 4.73
CA GLU M 1447 -40.86 32.20 5.59
C GLU M 1447 -40.54 30.71 5.62
N ASP M 1448 -41.43 29.86 5.07
CA ASP M 1448 -41.19 28.43 5.10
C ASP M 1448 -40.02 28.07 4.19
N GLN M 1449 -39.09 27.27 4.72
CA GLN M 1449 -38.02 26.74 3.88
C GLN M 1449 -38.57 25.83 2.79
N SER M 1450 -39.60 25.07 3.12
CA SER M 1450 -40.15 24.11 2.16
C SER M 1450 -40.68 24.81 0.91
N VAL M 1451 -41.36 25.93 1.08
CA VAL M 1451 -41.92 26.65 -0.06
C VAL M 1451 -40.79 27.14 -0.97
N SER M 1452 -39.77 27.74 -0.38
CA SER M 1452 -38.66 28.25 -1.18
C SER M 1452 -37.93 27.12 -1.90
N TRP M 1453 -37.70 26.00 -1.22
CA TRP M 1453 -37.02 24.87 -1.84
C TRP M 1453 -37.86 24.28 -2.97
N PHE M 1454 -39.18 24.21 -2.78
CA PHE M 1454 -40.07 23.76 -3.84
C PHE M 1454 -39.97 24.68 -5.06
N LYS M 1455 -39.97 25.99 -4.82
CA LYS M 1455 -39.86 26.94 -5.94
C LYS M 1455 -38.52 26.78 -6.67
N GLU M 1456 -37.44 26.60 -5.91
CA GLU M 1456 -36.13 26.42 -6.55
C GLU M 1456 -36.11 25.17 -7.40
N TRP M 1457 -36.61 24.06 -6.86
CA TRP M 1457 -36.65 22.82 -7.63
C TRP M 1457 -37.49 22.99 -8.88
N GLY M 1458 -38.64 23.65 -8.75
CA GLY M 1458 -39.50 23.84 -9.91
C GLY M 1458 -38.84 24.67 -11.00
N GLU M 1459 -38.23 25.78 -10.61
CA GLU M 1459 -37.58 26.63 -11.61
C GLU M 1459 -36.43 25.90 -12.29
N GLN M 1460 -35.61 25.19 -11.51
CA GLN M 1460 -34.50 24.45 -12.11
C GLN M 1460 -35.01 23.38 -13.06
N PHE M 1461 -36.05 22.65 -12.65
CA PHE M 1461 -36.60 21.59 -13.50
C PHE M 1461 -37.17 22.17 -14.79
N CYS M 1462 -37.87 23.29 -14.70
CA CYS M 1462 -38.42 23.92 -15.91
C CYS M 1462 -37.30 24.33 -16.85
N ILE M 1463 -36.24 24.95 -16.32
CA ILE M 1463 -35.15 25.42 -17.16
C ILE M 1463 -34.46 24.24 -17.84
N GLU M 1464 -34.17 23.18 -17.09
CA GLU M 1464 -33.49 22.05 -17.70
C GLU M 1464 -34.39 21.31 -18.69
N ARG M 1465 -35.70 21.27 -18.43
CA ARG M 1465 -36.61 20.63 -19.37
C ARG M 1465 -36.66 21.41 -20.68
N LEU M 1466 -36.69 22.74 -20.60
CA LEU M 1466 -36.62 23.55 -21.80
C LEU M 1466 -35.31 23.34 -22.54
N ARG M 1467 -34.21 23.21 -21.79
CA ARG M 1467 -32.92 22.96 -22.42
C ARG M 1467 -32.90 21.63 -23.16
N TYR M 1468 -33.44 20.58 -22.54
CA TYR M 1468 -33.51 19.28 -23.20
C TYR M 1468 -34.42 19.33 -24.42
N GLU M 1469 -35.54 20.06 -24.31
CA GLU M 1469 -36.43 20.19 -25.46
C GLU M 1469 -35.71 20.87 -26.63
N GLN M 1470 -34.98 21.94 -26.34
CA GLN M 1470 -34.23 22.62 -27.39
C GLN M 1470 -33.16 21.70 -27.99
N ASN M 1471 -32.46 20.95 -27.13
CA ASN M 1471 -31.41 20.06 -27.62
C ASN M 1471 -31.98 18.96 -28.52
N ILE M 1472 -33.09 18.36 -28.10
CA ILE M 1472 -33.69 17.29 -28.91
C ILE M 1472 -34.25 17.86 -30.20
N ARG M 1473 -34.81 19.09 -30.16
CA ARG M 1473 -35.29 19.71 -31.38
C ARG M 1473 -34.16 19.96 -32.36
N GLU M 1474 -33.02 20.45 -31.86
CA GLU M 1474 -31.88 20.72 -32.74
C GLU M 1474 -31.30 19.44 -33.31
N ALA M 1475 -31.14 18.42 -32.47
CA ALA M 1475 -30.50 17.18 -32.90
C ALA M 1475 -31.44 16.26 -33.66
N CYS M 1476 -32.73 16.57 -33.71
CA CYS M 1476 -33.70 15.71 -34.39
C CYS M 1476 -34.56 16.49 -35.38
N THR M 1477 -34.04 17.61 -35.89
CA THR M 1477 -34.82 18.48 -36.77
C THR M 1477 -35.03 17.85 -38.15
N ILE M 1478 -33.94 17.55 -38.84
CA ILE M 1478 -34.01 17.04 -40.20
C ILE M 1478 -34.70 15.68 -40.23
N CYS M 1486 -36.81 8.38 -38.77
CA CYS M 1486 -37.50 9.25 -39.72
C CYS M 1486 -36.52 9.81 -40.75
N ILE M 1487 -35.38 10.28 -40.28
CA ILE M 1487 -34.33 10.82 -41.14
C ILE M 1487 -33.09 9.95 -40.99
N ASN M 1488 -32.66 9.34 -42.09
CA ASN M 1488 -31.48 8.46 -42.12
C ASN M 1488 -31.57 7.37 -41.05
N SER M 1489 -32.78 6.91 -40.78
CA SER M 1489 -33.03 5.91 -39.76
C SER M 1489 -33.26 4.55 -40.39
N LYS M 1490 -32.82 3.49 -39.71
CA LYS M 1490 -32.95 2.13 -40.20
C LYS M 1490 -34.09 1.44 -39.47
N SER M 1491 -35.04 0.90 -40.23
CA SER M 1491 -36.19 0.22 -39.66
C SER M 1491 -35.80 -1.15 -39.09
N GLY M 1494 -39.90 1.00 -34.96
CA GLY M 1494 -39.46 0.71 -36.32
C GLY M 1494 -38.15 1.37 -36.68
N ASP M 1495 -38.22 2.64 -37.07
CA ASP M 1495 -37.04 3.40 -37.46
C ASP M 1495 -36.14 3.59 -36.24
N LYS M 1496 -35.00 2.91 -36.23
CA LYS M 1496 -34.06 3.02 -35.12
C LYS M 1496 -33.13 4.20 -35.33
N ILE M 1497 -33.00 5.04 -34.31
CA ILE M 1497 -32.14 6.21 -34.40
C ILE M 1497 -30.68 5.78 -34.39
N GLN M 1498 -29.85 6.51 -35.14
CA GLN M 1498 -28.42 6.26 -35.18
C GLN M 1498 -27.71 6.59 -33.87
N GLY M 1499 -28.43 7.02 -32.85
CA GLY M 1499 -27.86 7.20 -31.53
C GLY M 1499 -28.05 8.57 -30.90
N ALA M 1500 -27.92 9.63 -31.69
CA ALA M 1500 -27.99 10.98 -31.12
C ALA M 1500 -29.35 11.27 -30.50
N CYS M 1501 -30.40 11.25 -31.32
CA CYS M 1501 -31.74 11.53 -30.84
C CYS M 1501 -32.13 10.57 -29.72
N LYS M 1502 -31.87 9.28 -29.93
CA LYS M 1502 -32.27 8.27 -28.96
C LYS M 1502 -31.53 8.46 -27.64
N ARG M 1503 -30.23 8.78 -27.68
CA ARG M 1503 -29.50 8.95 -26.43
C ARG M 1503 -29.95 10.22 -25.71
N LYS M 1504 -30.28 11.28 -26.45
CA LYS M 1504 -30.76 12.50 -25.81
C LYS M 1504 -32.07 12.24 -25.08
N CYS M 1505 -33.06 11.66 -25.77
CA CYS M 1505 -34.32 11.39 -25.09
C CYS M 1505 -34.20 10.27 -24.08
N GLU M 1506 -33.17 9.43 -24.15
CA GLU M 1506 -32.95 8.43 -23.10
C GLU M 1506 -32.43 9.09 -21.83
N LYS M 1507 -31.48 10.02 -21.95
CA LYS M 1507 -31.07 10.81 -20.79
C LYS M 1507 -32.26 11.54 -20.20
N TYR M 1508 -33.11 12.11 -21.06
CA TYR M 1508 -34.35 12.71 -20.60
C TYR M 1508 -35.20 11.72 -19.82
N LYS M 1509 -35.28 10.48 -20.32
CA LYS M 1509 -36.10 9.46 -19.66
C LYS M 1509 -35.58 9.17 -18.25
N LYS M 1510 -34.26 8.94 -18.11
CA LYS M 1510 -33.72 8.66 -16.78
C LYS M 1510 -33.90 9.84 -15.85
N TYR M 1511 -33.67 11.06 -16.35
CA TYR M 1511 -33.81 12.25 -15.52
C TYR M 1511 -35.24 12.35 -14.99
N ILE M 1512 -36.22 12.18 -15.87
CA ILE M 1512 -37.62 12.17 -15.45
C ILE M 1512 -37.87 11.03 -14.48
N SER M 1513 -37.16 9.90 -14.65
CA SER M 1513 -37.35 8.77 -13.75
C SER M 1513 -37.04 9.14 -12.31
N GLU M 1514 -35.89 9.78 -12.08
CA GLU M 1514 -35.61 10.14 -10.69
C GLU M 1514 -36.49 11.31 -10.21
N LYS M 1515 -36.74 12.27 -11.11
CA LYS M 1515 -37.56 13.40 -10.74
C LYS M 1515 -38.96 12.99 -10.34
N LYS M 1516 -39.47 11.88 -10.89
CA LYS M 1516 -40.78 11.38 -10.52
C LYS M 1516 -40.87 11.18 -9.00
N GLN M 1517 -40.02 10.30 -8.45
CA GLN M 1517 -40.12 10.00 -7.03
C GLN M 1517 -39.80 11.21 -6.17
N GLU M 1518 -38.75 11.96 -6.52
CA GLU M 1518 -38.40 13.07 -5.64
C GLU M 1518 -39.52 14.12 -5.61
N TRP M 1519 -40.11 14.40 -6.78
CA TRP M 1519 -41.20 15.37 -6.83
C TRP M 1519 -42.44 14.84 -6.13
N ASP M 1520 -42.71 13.54 -6.23
CA ASP M 1520 -43.86 12.98 -5.53
C ASP M 1520 -43.72 13.20 -4.03
N LYS M 1521 -42.54 12.89 -3.48
CA LYS M 1521 -42.33 13.10 -2.04
C LYS M 1521 -42.49 14.57 -1.67
N GLN M 1522 -41.84 15.46 -2.44
CA GLN M 1522 -41.90 16.87 -2.08
C GLN M 1522 -43.31 17.42 -2.18
N LYS M 1523 -44.05 17.03 -3.22
CA LYS M 1523 -45.39 17.56 -3.43
C LYS M 1523 -46.35 17.02 -2.38
N THR M 1524 -46.22 15.75 -1.99
CA THR M 1524 -47.12 15.25 -0.96
C THR M 1524 -46.84 15.92 0.37
N LYS M 1525 -45.57 16.19 0.67
CA LYS M 1525 -45.26 16.95 1.88
C LYS M 1525 -45.90 18.33 1.83
N TYR M 1526 -45.75 19.02 0.69
CA TYR M 1526 -46.28 20.38 0.59
C TYR M 1526 -47.81 20.39 0.73
N GLU M 1527 -48.49 19.48 0.03
CA GLU M 1527 -49.95 19.49 0.06
C GLU M 1527 -50.47 19.09 1.43
N ASN M 1528 -49.77 18.18 2.13
CA ASN M 1528 -50.14 17.88 3.50
C ASN M 1528 -49.97 19.11 4.39
N LYS M 1529 -48.89 19.86 4.19
CA LYS M 1529 -48.66 21.05 5.01
C LYS M 1529 -49.64 22.17 4.67
N TYR M 1530 -50.03 22.30 3.41
CA TYR M 1530 -50.80 23.43 2.93
C TYR M 1530 -52.06 22.96 2.21
N VAL M 1531 -52.83 22.09 2.88
CA VAL M 1531 -54.08 21.61 2.31
C VAL M 1531 -54.98 22.78 1.93
N GLY M 1532 -55.60 22.69 0.77
CA GLY M 1532 -56.44 23.74 0.23
C GLY M 1532 -55.90 24.39 -1.02
N LYS M 1533 -54.70 24.02 -1.46
CA LYS M 1533 -54.09 24.61 -2.65
C LYS M 1533 -53.32 23.51 -3.38
N SER M 1534 -52.97 23.80 -4.64
CA SER M 1534 -52.29 22.85 -5.50
C SER M 1534 -50.88 23.35 -5.80
N ALA M 1535 -49.90 22.46 -5.68
CA ALA M 1535 -48.50 22.85 -5.91
C ALA M 1535 -48.27 23.24 -7.36
N SER M 1536 -48.87 22.50 -8.30
CA SER M 1536 -48.63 22.76 -9.71
C SER M 1536 -49.04 24.17 -10.11
N ASP M 1537 -50.21 24.62 -9.63
CA ASP M 1537 -50.62 25.99 -9.89
C ASP M 1537 -49.57 26.99 -9.42
N LEU M 1538 -49.29 26.99 -8.12
CA LEU M 1538 -48.34 27.93 -7.53
C LEU M 1538 -47.03 27.94 -8.30
N LEU M 1539 -46.51 26.75 -8.64
CA LEU M 1539 -45.31 26.66 -9.44
C LEU M 1539 -45.49 27.34 -10.79
N LYS M 1540 -46.70 27.23 -11.37
CA LYS M 1540 -46.92 27.82 -12.70
C LYS M 1540 -46.97 29.33 -12.65
N GLU M 1541 -47.71 29.91 -11.69
CA GLU M 1541 -47.78 31.38 -11.72
C GLU M 1541 -46.52 32.03 -11.18
N ASN M 1542 -45.81 31.37 -10.25
CA ASN M 1542 -44.59 31.98 -9.72
C ASN M 1542 -43.54 32.15 -10.80
N TYR M 1543 -43.35 31.15 -11.64
CA TYR M 1543 -42.34 31.20 -12.70
C TYR M 1543 -42.99 31.08 -14.06
N PRO M 1544 -43.09 32.16 -14.84
CA PRO M 1544 -43.72 32.07 -16.17
C PRO M 1544 -42.88 31.37 -17.20
N GLU M 1545 -41.69 30.87 -16.84
CA GLU M 1545 -40.83 30.22 -17.82
C GLU M 1545 -41.46 28.95 -18.37
N CYS M 1546 -42.10 28.16 -17.50
CA CYS M 1546 -42.69 26.89 -17.89
C CYS M 1546 -44.21 26.98 -17.76
N ILE M 1547 -44.86 27.41 -18.84
CA ILE M 1547 -46.30 27.33 -18.91
C ILE M 1547 -46.75 26.06 -19.60
N SER M 1548 -45.90 25.49 -20.47
CA SER M 1548 -46.23 24.25 -21.16
C SER M 1548 -46.03 23.01 -20.28
N ALA M 1549 -45.47 23.17 -19.08
CA ALA M 1549 -45.27 22.03 -18.21
C ALA M 1549 -46.60 21.40 -17.83
N ASN M 1550 -46.65 20.07 -17.89
CA ASN M 1550 -47.85 19.30 -17.56
C ASN M 1550 -47.43 18.24 -16.53
N PHE M 1551 -47.62 18.57 -15.26
CA PHE M 1551 -47.30 17.64 -14.19
C PHE M 1551 -48.29 16.47 -14.18
N PHE M 1553 -48.53 14.04 -15.65
CA PHE M 1553 -48.62 13.39 -16.95
C PHE M 1553 -47.24 13.05 -17.49
N ILE M 1554 -46.28 13.97 -17.34
CA ILE M 1554 -44.87 13.61 -17.48
C ILE M 1554 -44.48 12.65 -16.37
N PHE M 1555 -44.93 12.93 -15.16
CA PHE M 1555 -44.74 12.04 -14.02
C PHE M 1555 -45.90 11.05 -13.90
N ASN M 1556 -46.18 10.37 -15.01
CA ASN M 1556 -47.27 9.41 -15.04
C ASN M 1556 -46.92 8.15 -14.26
N ASP M 1557 -47.95 7.46 -13.76
CA ASP M 1557 -47.78 6.28 -12.95
C ASP M 1557 -48.26 4.99 -13.61
N ASN M 1558 -49.16 5.07 -14.59
CA ASN M 1558 -49.65 3.87 -15.25
C ASN M 1558 -48.55 3.22 -16.07
N ILE M 1559 -48.47 1.89 -15.99
CA ILE M 1559 -47.40 1.16 -16.67
C ILE M 1559 -47.56 1.26 -18.18
N GLU M 1560 -48.80 1.27 -18.67
CA GLU M 1560 -49.01 1.43 -20.11
C GLU M 1560 -48.51 2.77 -20.61
N TYR M 1561 -48.69 3.82 -19.78
CA TYR M 1561 -48.16 5.13 -20.14
C TYR M 1561 -46.64 5.15 -20.17
N LYS M 1562 -45.99 4.12 -19.63
CA LYS M 1562 -44.54 3.97 -19.72
C LYS M 1562 -44.13 2.97 -20.80
N THR M 1563 -44.81 1.83 -20.87
CA THR M 1563 -44.46 0.83 -21.87
C THR M 1563 -44.81 1.31 -23.28
N TYR M 1564 -46.04 1.81 -23.47
CA TYR M 1564 -46.44 2.32 -24.77
C TYR M 1564 -45.84 3.68 -25.07
N TYR M 1565 -45.37 4.41 -24.05
CA TYR M 1565 -44.72 5.70 -24.21
C TYR M 1565 -43.39 5.63 -23.45
N PRO M 1566 -42.36 5.03 -24.05
CA PRO M 1566 -41.08 4.89 -23.35
C PRO M 1566 -40.42 6.21 -23.01
N TYR M 1567 -40.80 7.30 -23.66
CA TYR M 1567 -40.23 8.62 -23.41
C TYR M 1567 -41.28 9.58 -22.86
N GLY M 1568 -42.33 9.05 -22.24
CA GLY M 1568 -43.36 9.89 -21.66
C GLY M 1568 -44.04 10.73 -22.71
N ASP M 1569 -44.08 12.04 -22.48
CA ASP M 1569 -44.63 12.98 -23.45
C ASP M 1569 -43.80 13.07 -24.71
N TYR M 1570 -42.59 12.51 -24.72
CA TYR M 1570 -41.70 12.57 -25.88
C TYR M 1570 -41.76 11.31 -26.72
N SER M 1571 -42.96 10.75 -26.89
CA SER M 1571 -43.24 9.82 -27.99
C SER M 1571 -43.38 10.56 -29.34
N SER M 1572 -42.97 11.81 -29.22
CA SER M 1572 -42.75 12.75 -30.32
C SER M 1572 -41.43 12.44 -30.99
N ILE M 1573 -40.85 13.42 -31.68
CA ILE M 1573 -39.74 13.27 -32.62
C ILE M 1573 -38.69 12.26 -32.15
N CYS M 1574 -38.50 12.11 -30.84
CA CYS M 1574 -37.73 10.97 -30.34
C CYS M 1574 -38.24 9.66 -30.92
N SER M 1575 -39.56 9.52 -31.04
CA SER M 1575 -40.17 8.34 -31.65
C SER M 1575 -40.57 8.71 -33.08
N CYS M 1576 -39.63 8.57 -34.00
CA CYS M 1576 -39.88 8.83 -35.42
C CYS M 1576 -40.56 7.62 -36.03
N GLU M 1577 -41.87 7.50 -35.80
CA GLU M 1577 -42.63 6.38 -36.33
C GLU M 1577 -43.80 6.87 -37.17
N GLN M 1578 -44.35 8.03 -36.82
CA GLN M 1578 -45.50 8.62 -37.52
C GLN M 1578 -46.66 7.64 -37.57
N VAL M 1579 -47.19 7.31 -36.38
CA VAL M 1579 -48.29 6.36 -36.30
C VAL M 1579 -49.52 6.93 -37.01
N LYS M 1580 -50.33 6.03 -37.56
CA LYS M 1580 -51.52 6.40 -38.32
C LYS M 1580 -52.77 6.10 -37.51
N TYR M 1581 -53.82 6.89 -37.78
CA TYR M 1581 -55.09 6.74 -37.08
C TYR M 1581 -55.76 5.43 -37.48
N TYR M 1582 -56.38 4.78 -36.50
CA TYR M 1582 -57.08 3.51 -36.70
C TYR M 1582 -58.58 3.76 -36.67
N LYS M 1583 -59.26 3.55 -37.79
CA LYS M 1583 -60.68 3.79 -37.91
C LYS M 1583 -61.45 2.53 -37.50
N TYR M 1584 -62.76 2.54 -37.76
CA TYR M 1584 -63.58 1.35 -37.48
C TYR M 1584 -63.16 0.17 -38.33
N ASN M 1585 -62.60 0.43 -39.52
CA ASN M 1585 -62.14 -0.65 -40.38
C ASN M 1585 -60.97 -1.40 -39.73
N ASN M 1586 -60.09 -0.68 -39.05
CA ASN M 1586 -58.96 -1.30 -38.38
C ASN M 1586 -59.47 -2.23 -37.28
N ALA M 1587 -59.05 -3.50 -37.34
CA ALA M 1587 -59.47 -4.46 -36.33
C ALA M 1587 -58.95 -4.09 -34.95
N GLU M 1588 -57.70 -3.61 -34.88
CA GLU M 1588 -57.13 -3.20 -33.61
C GLU M 1588 -57.87 -1.98 -33.06
N LYS M 1589 -58.07 -1.98 -31.75
CA LYS M 1589 -58.73 -0.85 -31.09
C LYS M 1589 -57.70 0.01 -30.36
N LYS M 1590 -58.13 1.21 -30.00
CA LYS M 1590 -57.29 2.15 -29.27
C LYS M 1590 -57.43 1.99 -27.76
N ASN M 1591 -58.20 1.00 -27.29
CA ASN M 1591 -58.40 0.82 -25.86
C ASN M 1591 -57.11 0.47 -25.12
N ASN M 1592 -56.14 -0.16 -25.80
CA ASN M 1592 -54.89 -0.53 -25.15
C ASN M 1592 -53.87 0.59 -25.15
N LYS M 1593 -54.16 1.73 -25.79
CA LYS M 1593 -53.21 2.83 -25.90
C LYS M 1593 -53.88 4.13 -25.49
N SER M 1594 -53.13 4.97 -24.78
CA SER M 1594 -53.60 6.28 -24.33
C SER M 1594 -54.85 6.16 -23.47
N LEU M 1595 -54.96 5.08 -22.71
CA LEU M 1595 -56.13 4.86 -21.86
C LEU M 1595 -56.13 5.84 -20.70
N CYS M 1596 -57.31 6.33 -20.35
CA CYS M 1596 -57.48 7.22 -19.21
C CYS M 1596 -58.39 6.55 -18.18
N TYR M 1597 -58.18 6.92 -16.92
CA TYR M 1597 -58.86 6.25 -15.82
C TYR M 1597 -60.37 6.50 -15.87
N GLU M 1598 -61.14 5.54 -15.38
CA GLU M 1598 -62.58 5.63 -15.43
C GLU M 1598 -63.09 6.76 -14.53
N LYS M 1599 -64.23 7.33 -14.92
CA LYS M 1599 -64.76 8.49 -14.23
C LYS M 1599 -65.34 8.11 -12.87
N ASP M 1600 -65.16 8.99 -11.89
CA ASP M 1600 -65.70 8.78 -10.56
C ASP M 1600 -67.15 9.24 -10.50
N ASN M 1601 -67.93 8.59 -9.63
CA ASN M 1601 -69.34 8.90 -9.47
C ASN M 1601 -69.65 9.51 -8.10
N ASP M 1602 -68.65 10.06 -7.43
CA ASP M 1602 -68.85 10.65 -6.11
C ASP M 1602 -68.33 12.08 -6.06
N MET M 1603 -67.41 12.41 -6.94
CA MET M 1603 -66.86 13.76 -7.00
C MET M 1603 -67.97 14.75 -7.37
N THR M 1604 -67.96 15.91 -6.71
CA THR M 1604 -69.08 16.84 -6.74
C THR M 1604 -68.69 18.16 -7.39
N TRP M 1605 -69.65 19.08 -7.44
CA TRP M 1605 -69.45 20.36 -8.11
C TRP M 1605 -68.40 21.21 -7.38
N SER M 1606 -67.77 22.10 -8.14
CA SER M 1606 -66.73 22.96 -7.60
C SER M 1606 -66.98 24.40 -8.00
N LYS M 1607 -66.80 25.31 -7.04
CA LYS M 1607 -66.90 26.75 -7.30
C LYS M 1607 -65.61 27.33 -7.85
N LYS M 1608 -64.51 26.60 -7.79
CA LYS M 1608 -63.22 27.12 -8.21
C LYS M 1608 -63.12 27.14 -9.74
N TYR M 1609 -61.97 27.57 -10.22
CA TYR M 1609 -61.64 27.57 -11.65
C TYR M 1609 -62.62 28.41 -12.45
N ILE M 1610 -63.04 29.53 -11.88
CA ILE M 1610 -63.91 30.50 -12.55
C ILE M 1610 -63.09 31.76 -12.77
N LYS M 1611 -62.95 32.17 -14.03
CA LYS M 1611 -62.15 33.34 -14.34
C LYS M 1611 -62.89 34.61 -13.94
N LYS M 1612 -62.19 35.50 -13.25
CA LYS M 1612 -62.74 36.81 -12.88
C LYS M 1612 -62.29 37.83 -13.92
N LEU M 1613 -63.27 38.39 -14.65
CA LEU M 1613 -62.93 39.37 -15.68
C LEU M 1613 -62.33 40.63 -15.07
N GLU M 1614 -62.82 41.05 -13.91
CA GLU M 1614 -62.28 42.20 -13.19
C GLU M 1614 -62.41 41.96 -11.68
N ASN M 1615 -61.53 42.61 -10.93
CA ASN M 1615 -61.61 42.52 -9.47
C ASN M 1615 -62.89 43.16 -8.96
N GLY M 1616 -63.27 44.31 -9.52
CA GLY M 1616 -64.50 44.97 -9.14
C GLY M 1616 -65.75 44.19 -9.47
N ARG M 1617 -65.78 43.53 -10.63
CA ARG M 1617 -66.96 42.75 -11.01
C ARG M 1617 -66.99 41.42 -10.27
N SER M 1618 -65.99 40.56 -10.51
CA SER M 1618 -65.84 39.27 -9.83
C SER M 1618 -67.14 38.46 -9.89
N LEU M 1619 -67.53 38.11 -11.11
CA LEU M 1619 -68.77 37.36 -11.31
C LEU M 1619 -68.69 36.02 -10.59
N GLU M 1620 -69.78 35.68 -9.90
CA GLU M 1620 -69.84 34.46 -9.11
C GLU M 1620 -71.27 33.94 -9.10
N GLY M 1621 -71.40 32.64 -8.90
CA GLY M 1621 -72.68 31.98 -8.91
C GLY M 1621 -72.81 30.82 -9.86
N VAL M 1622 -71.69 30.25 -10.33
CA VAL M 1622 -71.71 29.14 -11.28
C VAL M 1622 -70.87 28.01 -10.71
N TYR M 1623 -71.33 26.78 -10.94
CA TYR M 1623 -70.60 25.59 -10.51
C TYR M 1623 -70.47 24.63 -11.68
N VAL M 1624 -69.30 24.03 -11.81
CA VAL M 1624 -69.02 23.14 -12.93
C VAL M 1624 -69.60 21.76 -12.63
N PRO M 1625 -70.38 21.17 -13.54
CA PRO M 1625 -70.91 19.84 -13.30
C PRO M 1625 -69.79 18.84 -13.14
N PRO M 1626 -69.95 17.86 -12.25
CA PRO M 1626 -68.85 16.91 -12.00
C PRO M 1626 -68.40 16.16 -13.24
N ARG M 1627 -69.34 15.75 -14.11
CA ARG M 1627 -68.97 14.95 -15.27
C ARG M 1627 -68.07 15.74 -16.23
N ARG M 1628 -68.31 17.06 -16.33
CA ARG M 1628 -67.45 17.88 -17.16
C ARG M 1628 -66.05 17.99 -16.55
N GLN M 1629 -65.94 18.04 -15.23
CA GLN M 1629 -64.64 18.15 -14.59
C GLN M 1629 -63.78 16.92 -14.88
N GLN M 1630 -64.37 15.74 -14.77
CA GLN M 1630 -63.66 14.50 -15.09
C GLN M 1630 -63.80 14.20 -16.59
N LEU M 1631 -63.10 15.01 -17.37
CA LEU M 1631 -63.10 14.90 -18.83
C LEU M 1631 -61.79 14.30 -19.29
N CYS M 1632 -61.88 13.30 -20.15
CA CYS M 1632 -60.69 12.61 -20.67
C CYS M 1632 -60.23 13.34 -21.93
N LEU M 1633 -59.18 14.15 -21.78
CA LEU M 1633 -58.61 14.88 -22.92
C LEU M 1633 -57.09 14.89 -22.86
N TYR M 1634 -56.50 13.88 -22.23
CA TYR M 1634 -55.05 13.84 -22.07
C TYR M 1634 -54.34 13.76 -23.41
N GLU M 1635 -54.84 12.93 -24.33
CA GLU M 1635 -54.18 12.71 -25.60
C GLU M 1635 -54.06 13.98 -26.44
N LEU M 1636 -54.89 14.99 -26.15
CA LEU M 1636 -54.79 16.25 -26.87
C LEU M 1636 -53.50 17.00 -26.56
N PHE M 1637 -52.82 16.67 -25.47
CA PHE M 1637 -51.61 17.40 -25.09
C PHE M 1637 -50.38 16.93 -25.88
N PRO M 1638 -50.03 15.64 -25.91
CA PRO M 1638 -48.77 15.25 -26.57
C PRO M 1638 -48.71 15.58 -28.04
N ILE M 1639 -49.85 15.53 -28.75
CA ILE M 1639 -49.86 15.79 -30.19
C ILE M 1639 -49.31 17.18 -30.49
N ILE M 1640 -49.47 18.11 -29.56
CA ILE M 1640 -48.93 19.46 -29.75
C ILE M 1640 -47.43 19.40 -29.93
N ILE M 1641 -46.75 18.62 -29.09
CA ILE M 1641 -45.31 18.45 -29.21
C ILE M 1641 -44.96 17.90 -30.58
N LYS M 1642 -45.85 17.09 -31.16
CA LYS M 1642 -45.61 16.56 -32.49
C LYS M 1642 -45.83 17.62 -33.57
N ASN M 1643 -46.79 18.53 -33.36
CA ASN M 1643 -47.18 19.46 -34.41
C ASN M 1643 -46.52 20.83 -34.28
N GLU M 1644 -45.29 20.88 -33.77
CA GLU M 1644 -44.53 22.13 -33.76
C GLU M 1644 -43.92 22.45 -35.11
N GLU M 1645 -43.99 21.53 -36.07
CA GLU M 1645 -43.51 21.74 -37.42
C GLU M 1645 -44.58 21.31 -38.40
N GLY M 1646 -44.64 21.97 -39.55
CA GLY M 1646 -45.67 21.66 -40.52
C GLY M 1646 -46.90 22.52 -40.39
N MET M 1647 -46.71 23.84 -40.44
CA MET M 1647 -47.83 24.77 -40.28
C MET M 1647 -48.84 24.58 -41.41
N GLU M 1648 -50.12 24.83 -41.09
CA GLU M 1648 -51.24 24.62 -42.00
C GLU M 1648 -51.38 23.16 -42.42
N LYS M 1649 -50.91 22.23 -41.58
CA LYS M 1649 -51.04 20.80 -41.85
C LYS M 1649 -51.59 20.11 -40.62
N ALA M 1650 -51.37 20.72 -39.44
CA ALA M 1650 -51.74 20.11 -38.17
C ALA M 1650 -53.25 19.99 -37.98
N LYS M 1651 -54.06 20.62 -38.83
CA LYS M 1651 -55.50 20.53 -38.69
C LYS M 1651 -55.98 19.09 -38.88
N GLU M 1652 -55.35 18.35 -39.80
CA GLU M 1652 -55.72 16.95 -39.99
C GLU M 1652 -55.47 16.11 -38.74
N GLU M 1653 -54.29 16.28 -38.13
CA GLU M 1653 -53.99 15.56 -36.90
C GLU M 1653 -54.90 15.98 -35.77
N LEU M 1654 -55.24 17.27 -35.71
CA LEU M 1654 -56.17 17.76 -34.71
C LEU M 1654 -57.53 17.10 -34.86
N LEU M 1655 -58.04 17.02 -36.09
CA LEU M 1655 -59.33 16.37 -36.34
C LEU M 1655 -59.28 14.90 -35.98
N GLU M 1656 -58.19 14.21 -36.33
CA GLU M 1656 -58.06 12.80 -35.99
C GLU M 1656 -58.05 12.60 -34.48
N THR M 1657 -57.32 13.46 -33.76
CA THR M 1657 -57.28 13.36 -32.30
C THR M 1657 -58.66 13.63 -31.70
N LEU M 1658 -59.39 14.60 -32.26
CA LEU M 1658 -60.75 14.86 -31.79
C LEU M 1658 -61.64 13.65 -31.98
N GLN M 1659 -61.56 12.99 -33.15
CA GLN M 1659 -62.35 11.79 -33.36
C GLN M 1659 -61.98 10.69 -32.37
N ILE M 1660 -60.67 10.48 -32.17
CA ILE M 1660 -60.22 9.43 -31.26
C ILE M 1660 -60.71 9.70 -29.85
N VAL M 1661 -60.56 10.94 -29.38
CA VAL M 1661 -60.92 11.26 -28.01
C VAL M 1661 -62.44 11.20 -27.82
N ALA M 1662 -63.21 11.61 -28.83
CA ALA M 1662 -64.66 11.51 -28.73
C ALA M 1662 -65.11 10.05 -28.66
N GLU M 1663 -64.53 9.20 -29.52
CA GLU M 1663 -64.86 7.78 -29.48
C GLU M 1663 -64.51 7.18 -28.12
N ARG M 1664 -63.34 7.52 -27.60
CA ARG M 1664 -62.90 6.93 -26.33
C ARG M 1664 -63.75 7.40 -25.16
N GLU M 1665 -64.07 8.70 -25.11
CA GLU M 1665 -64.90 9.19 -24.02
C GLU M 1665 -66.30 8.60 -24.09
N ALA M 1666 -66.86 8.45 -25.30
CA ALA M 1666 -68.16 7.80 -25.43
C ALA M 1666 -68.10 6.35 -24.95
N TYR M 1667 -67.04 5.63 -25.32
CA TYR M 1667 -66.94 4.24 -24.92
C TYR M 1667 -66.81 4.11 -23.40
N TYR M 1668 -65.97 4.93 -22.77
CA TYR M 1668 -65.87 4.90 -21.32
C TYR M 1668 -67.18 5.32 -20.64
N LEU M 1669 -67.87 6.32 -21.19
CA LEU M 1669 -69.13 6.74 -20.59
C LEU M 1669 -70.14 5.61 -20.61
N TRP M 1670 -70.24 4.92 -21.75
CA TRP M 1670 -71.18 3.79 -21.82
C TRP M 1670 -70.71 2.64 -20.92
N LYS M 1671 -69.40 2.43 -20.82
CA LYS M 1671 -68.88 1.35 -19.99
C LYS M 1671 -69.19 1.58 -18.52
N GLN M 1672 -69.05 2.81 -18.05
CA GLN M 1672 -69.24 3.13 -16.63
C GLN M 1672 -70.64 3.63 -16.33
N TYR M 1673 -71.52 3.72 -17.32
CA TYR M 1673 -72.83 4.32 -17.12
C TYR M 1673 -73.97 3.31 -17.28
N ASN M 1674 -74.04 2.63 -18.42
CA ASN M 1674 -75.17 1.73 -18.67
C ASN M 1674 -75.27 0.58 -17.68
N PRO M 1675 -74.21 -0.18 -17.39
CA PRO M 1675 -74.35 -1.26 -16.39
C PRO M 1675 -74.65 -0.76 -14.99
N THR M 1676 -74.33 0.50 -14.69
CA THR M 1676 -74.63 1.08 -13.38
C THR M 1676 -76.09 1.51 -13.37
N GLY M 1677 -76.96 0.51 -13.24
CA GLY M 1677 -78.39 0.74 -13.25
C GLY M 1677 -79.14 -0.30 -14.07
N LYS M 1678 -80.15 -0.92 -13.48
CA LYS M 1678 -80.90 -1.98 -14.14
C LYS M 1678 -82.13 -1.46 -14.88
N GLY M 1679 -82.41 -0.17 -14.80
CA GLY M 1679 -83.49 0.44 -15.55
C GLY M 1679 -83.08 0.74 -16.98
N ILE M 1680 -83.07 -0.28 -17.83
CA ILE M 1680 -82.45 -0.16 -19.15
C ILE M 1680 -82.99 1.03 -19.91
N ASP M 1681 -84.31 1.24 -19.87
CA ASP M 1681 -84.92 2.33 -20.62
C ASP M 1681 -84.41 3.69 -20.16
N ASP M 1682 -84.66 4.05 -18.90
CA ASP M 1682 -84.26 5.37 -18.45
C ASP M 1682 -82.76 5.50 -18.26
N ALA M 1683 -82.05 4.40 -17.98
CA ALA M 1683 -80.59 4.45 -17.96
C ALA M 1683 -80.04 4.79 -19.34
N ASN M 1684 -80.59 4.17 -20.39
CA ASN M 1684 -80.18 4.51 -21.75
C ASN M 1684 -80.54 5.96 -22.08
N LYS M 1685 -81.72 6.40 -21.65
CA LYS M 1685 -82.13 7.77 -21.90
C LYS M 1685 -81.16 8.77 -21.27
N LYS M 1686 -80.82 8.55 -19.99
CA LYS M 1686 -79.91 9.48 -19.33
C LYS M 1686 -78.49 9.35 -19.84
N ALA M 1687 -78.08 8.16 -20.28
CA ALA M 1687 -76.78 8.03 -20.94
C ALA M 1687 -76.74 8.83 -22.24
N CYS M 1688 -77.81 8.76 -23.02
CA CYS M 1688 -77.90 9.55 -24.24
C CYS M 1688 -77.83 11.04 -23.92
N CYS M 1689 -78.55 11.47 -22.89
CA CYS M 1689 -78.53 12.87 -22.49
C CYS M 1689 -77.13 13.30 -22.05
N ALA M 1690 -76.45 12.45 -21.28
CA ALA M 1690 -75.10 12.77 -20.82
C ALA M 1690 -74.14 12.89 -21.99
N ILE M 1691 -74.25 11.98 -22.96
CA ILE M 1691 -73.37 12.05 -24.13
C ILE M 1691 -73.66 13.30 -24.95
N ARG M 1692 -74.95 13.66 -25.08
CA ARG M 1692 -75.31 14.88 -25.77
C ARG M 1692 -74.70 16.10 -25.08
N GLY M 1693 -74.78 16.14 -23.74
CA GLY M 1693 -74.20 17.24 -23.00
C GLY M 1693 -72.69 17.30 -23.16
N SER M 1694 -72.03 16.14 -23.13
CA SER M 1694 -70.58 16.11 -23.31
C SER M 1694 -70.18 16.61 -24.69
N PHE M 1695 -70.92 16.20 -25.73
CA PHE M 1695 -70.64 16.68 -27.07
C PHE M 1695 -70.86 18.19 -27.17
N TYR M 1696 -71.93 18.68 -26.54
CA TYR M 1696 -72.19 20.12 -26.55
C TYR M 1696 -71.07 20.87 -25.85
N ASP M 1697 -70.59 20.35 -24.72
CA ASP M 1697 -69.48 21.00 -24.02
C ASP M 1697 -68.21 20.99 -24.87
N LEU M 1698 -67.95 19.89 -25.57
CA LEU M 1698 -66.80 19.85 -26.46
C LEU M 1698 -66.92 20.87 -27.57
N GLU M 1699 -68.12 21.01 -28.14
CA GLU M 1699 -68.33 22.02 -29.19
C GLU M 1699 -68.14 23.42 -28.63
N ASP M 1700 -68.59 23.66 -27.40
CA ASP M 1700 -68.41 24.98 -26.79
C ASP M 1700 -66.94 25.29 -26.54
N ILE M 1701 -66.19 24.32 -26.01
CA ILE M 1701 -64.78 24.57 -25.68
C ILE M 1701 -63.96 24.72 -26.95
N ILE M 1702 -64.27 23.94 -28.00
CA ILE M 1702 -63.56 24.12 -29.26
C ILE M 1702 -63.93 25.45 -29.91
N LYS M 1703 -65.09 26.02 -29.54
CA LYS M 1703 -65.48 27.35 -29.96
C LYS M 1703 -64.96 28.44 -29.02
N GLY M 1704 -64.24 28.07 -27.97
CA GLY M 1704 -63.70 29.04 -27.04
C GLY M 1704 -64.73 29.80 -26.24
N ASN M 1705 -65.76 29.12 -25.74
CA ASN M 1705 -66.81 29.75 -24.94
C ASN M 1705 -66.93 29.15 -23.55
N ASP M 1706 -65.98 28.32 -23.13
CA ASP M 1706 -66.04 27.73 -21.81
C ASP M 1706 -65.79 28.78 -20.74
N LEU M 1707 -66.48 28.62 -19.60
CA LEU M 1707 -66.32 29.57 -18.50
C LEU M 1707 -65.03 29.35 -17.73
N VAL M 1708 -64.58 28.10 -17.60
CA VAL M 1708 -63.36 27.83 -16.86
C VAL M 1708 -62.15 28.33 -17.62
N HIS M 1709 -61.05 28.54 -16.88
CA HIS M 1709 -59.82 29.06 -17.45
C HIS M 1709 -58.60 28.33 -16.89
N ASP M 1710 -58.74 27.05 -16.56
CA ASP M 1710 -57.63 26.30 -15.99
C ASP M 1710 -56.53 26.10 -17.03
N GLU M 1711 -55.44 25.47 -16.60
CA GLU M 1711 -54.24 25.40 -17.43
C GLU M 1711 -54.47 24.56 -18.68
N TYR M 1712 -55.27 23.49 -18.59
CA TYR M 1712 -55.73 22.82 -19.82
C TYR M 1712 -56.39 23.81 -20.76
N THR M 1713 -57.44 24.49 -20.29
CA THR M 1713 -58.18 25.40 -21.17
C THR M 1713 -57.30 26.56 -21.62
N LYS M 1714 -56.49 27.11 -20.72
CA LYS M 1714 -55.64 28.24 -21.08
C LYS M 1714 -54.65 27.85 -22.18
N TYR M 1715 -53.93 26.75 -21.98
CA TYR M 1715 -52.94 26.32 -22.97
C TYR M 1715 -53.61 25.94 -24.28
N ILE M 1716 -54.76 25.26 -24.22
CA ILE M 1716 -55.45 24.85 -25.43
C ILE M 1716 -55.92 26.06 -26.23
N ASP M 1717 -56.51 27.05 -25.55
CA ASP M 1717 -56.99 28.23 -26.27
C ASP M 1717 -55.83 29.03 -26.83
N SER M 1718 -54.71 29.11 -26.10
CA SER M 1718 -53.54 29.79 -26.63
C SER M 1718 -53.04 29.11 -27.91
N LYS M 1719 -52.97 27.77 -27.87
CA LYS M 1719 -52.52 27.03 -29.05
C LYS M 1719 -53.49 27.22 -30.22
N LEU M 1720 -54.79 27.17 -29.95
CA LEU M 1720 -55.78 27.37 -31.02
C LEU M 1720 -55.66 28.76 -31.61
N ASN M 1721 -55.48 29.77 -30.77
CA ASN M 1721 -55.34 31.14 -31.26
C ASN M 1721 -54.08 31.29 -32.11
N GLU M 1722 -52.99 30.63 -31.72
CA GLU M 1722 -51.76 30.78 -32.50
C GLU M 1722 -51.73 29.90 -33.75
N ILE M 1723 -52.60 28.89 -33.85
CA ILE M 1723 -52.60 28.09 -35.08
C ILE M 1723 -53.66 28.61 -36.05
N PHE M 1724 -54.94 28.66 -35.61
CA PHE M 1724 -55.99 29.11 -36.51
C PHE M 1724 -55.94 30.62 -36.72
N GLY M 1725 -55.44 31.36 -35.74
CA GLY M 1725 -55.17 32.77 -35.95
C GLY M 1725 -53.77 32.96 -36.48
N SER M 1726 -53.65 33.15 -37.80
CA SER M 1726 -52.35 33.17 -38.46
C SER M 1726 -51.48 34.31 -37.98
N SER M 1727 -51.84 35.54 -38.34
CA SER M 1727 -51.04 36.71 -38.00
C SER M 1727 -51.75 37.69 -37.08
N ASN M 1728 -52.97 38.11 -37.45
CA ASN M 1728 -53.64 39.16 -36.68
C ASN M 1728 -55.15 38.97 -36.62
N THR M 1729 -55.65 37.74 -36.65
CA THR M 1729 -57.08 37.51 -36.57
C THR M 1729 -57.63 37.99 -35.23
N ASN M 1730 -58.72 38.76 -35.28
CA ASN M 1730 -59.33 39.29 -34.07
C ASN M 1730 -60.02 38.16 -33.29
N ASP M 1731 -60.46 38.50 -32.08
CA ASP M 1731 -61.15 37.51 -31.26
C ASP M 1731 -62.43 37.04 -31.95
N ILE M 1732 -63.22 37.96 -32.49
CA ILE M 1732 -64.38 37.58 -33.27
C ILE M 1732 -63.96 36.91 -34.57
N ASP M 1733 -62.87 37.41 -35.19
CA ASP M 1733 -62.39 36.78 -36.42
C ASP M 1733 -61.88 35.37 -36.17
N THR M 1734 -61.13 35.17 -35.08
CA THR M 1734 -60.67 33.83 -34.75
C THR M 1734 -61.85 32.93 -34.40
N LYS M 1735 -62.84 33.47 -33.68
CA LYS M 1735 -64.02 32.68 -33.35
C LYS M 1735 -64.76 32.23 -34.61
N ARG M 1736 -64.90 33.13 -35.59
CA ARG M 1736 -65.55 32.76 -36.84
C ARG M 1736 -64.71 31.76 -37.63
N ALA M 1737 -63.38 31.96 -37.67
CA ALA M 1737 -62.51 31.06 -38.40
C ALA M 1737 -62.41 29.68 -37.76
N ARG M 1738 -62.79 29.56 -36.49
CA ARG M 1738 -62.89 28.25 -35.87
C ARG M 1738 -64.30 27.67 -36.01
N THR M 1739 -65.32 28.53 -35.99
CA THR M 1739 -66.70 28.05 -36.11
C THR M 1739 -66.95 27.49 -37.51
N ASP M 1740 -66.50 28.19 -38.55
CA ASP M 1740 -66.70 27.69 -39.91
C ASP M 1740 -65.93 26.38 -40.11
N TRP M 1741 -64.72 26.30 -39.56
CA TRP M 1741 -63.96 25.05 -39.58
C TRP M 1741 -64.75 23.93 -38.91
N TRP M 1742 -65.37 24.22 -37.77
CA TRP M 1742 -66.23 23.25 -37.11
C TRP M 1742 -67.42 22.87 -37.98
N GLU M 1743 -67.89 23.79 -38.82
CA GLU M 1743 -69.02 23.54 -39.71
C GLU M 1743 -68.61 23.11 -41.10
N ASN M 1744 -67.34 23.22 -41.46
CA ASN M 1744 -66.90 22.81 -42.79
C ASN M 1744 -66.89 21.29 -42.91
N GLU M 1745 -66.96 20.82 -44.16
CA GLU M 1745 -67.02 19.40 -44.45
C GLU M 1745 -65.98 19.05 -45.52
N THR M 1746 -65.50 17.81 -45.47
CA THR M 1746 -64.58 17.31 -46.49
C THR M 1746 -65.16 16.13 -47.26
N THR M 1755 -69.76 17.28 -42.14
CA THR M 1755 -69.13 18.32 -41.35
C THR M 1755 -68.34 17.71 -40.19
N ILE M 1756 -67.58 18.56 -39.51
CA ILE M 1756 -66.84 18.10 -38.34
C ILE M 1756 -67.79 17.58 -37.27
N ARG M 1757 -68.92 18.27 -37.07
CA ARG M 1757 -69.98 17.72 -36.23
C ARG M 1757 -70.86 16.74 -37.01
N GLN M 1758 -70.23 15.91 -37.81
CA GLN M 1758 -70.68 14.63 -38.34
C GLN M 1758 -69.62 13.57 -38.18
N LEU M 1759 -68.34 13.94 -38.36
CA LEU M 1759 -67.25 13.02 -38.07
C LEU M 1759 -67.16 12.72 -36.59
N VAL M 1760 -67.34 13.73 -35.73
CA VAL M 1760 -67.34 13.48 -34.30
C VAL M 1760 -68.55 12.63 -33.91
N TRP M 1761 -69.68 12.85 -34.58
CA TRP M 1761 -70.85 12.01 -34.35
C TRP M 1761 -70.58 10.57 -34.74
N ASP M 1762 -69.89 10.36 -35.88
CA ASP M 1762 -69.53 9.01 -36.29
C ASP M 1762 -68.58 8.37 -35.27
N ALA M 1763 -67.62 9.16 -34.76
CA ALA M 1763 -66.68 8.63 -33.79
C ALA M 1763 -67.38 8.19 -32.50
N MET M 1764 -68.27 9.05 -31.97
CA MET M 1764 -69.00 8.69 -30.76
C MET M 1764 -69.95 7.52 -31.00
N GLN M 1765 -70.57 7.46 -32.19
CA GLN M 1765 -71.41 6.32 -32.51
C GLN M 1765 -70.61 5.04 -32.58
N SER M 1766 -69.41 5.09 -33.16
CA SER M 1766 -68.55 3.91 -33.22
C SER M 1766 -68.11 3.47 -31.82
N GLY M 1767 -67.79 4.44 -30.96
CA GLY M 1767 -67.44 4.09 -29.59
C GLY M 1767 -68.59 3.44 -28.84
N VAL M 1768 -69.80 3.99 -29.00
CA VAL M 1768 -70.96 3.40 -28.34
C VAL M 1768 -71.25 2.01 -28.90
N ARG M 1769 -71.06 1.81 -30.21
CA ARG M 1769 -71.23 0.50 -30.81
C ARG M 1769 -70.20 -0.49 -30.26
N TYR M 1770 -68.95 -0.04 -30.08
CA TYR M 1770 -67.93 -0.88 -29.48
C TYR M 1770 -68.34 -1.29 -28.07
N ALA M 1771 -68.82 -0.34 -27.27
CA ALA M 1771 -69.28 -0.66 -25.93
C ALA M 1771 -70.45 -1.65 -25.96
N VAL M 1772 -71.37 -1.46 -26.91
CA VAL M 1772 -72.54 -2.33 -27.00
C VAL M 1772 -72.13 -3.75 -27.35
N GLU M 1773 -71.25 -3.89 -28.35
CA GLU M 1773 -70.83 -5.23 -28.76
C GLU M 1773 -69.97 -5.90 -27.69
N GLU M 1774 -69.20 -5.12 -26.93
CA GLU M 1774 -68.51 -5.68 -25.78
C GLU M 1774 -69.49 -6.17 -24.72
N LYS M 1775 -70.56 -5.41 -24.49
CA LYS M 1775 -71.59 -5.80 -23.54
C LYS M 1775 -72.63 -6.75 -24.14
N ASN M 1776 -72.59 -6.96 -25.45
CA ASN M 1776 -73.56 -7.83 -26.15
C ASN M 1776 -74.99 -7.35 -25.91
N GLU M 1777 -75.28 -6.13 -26.40
CA GLU M 1777 -76.57 -5.51 -26.19
C GLU M 1777 -77.11 -4.93 -27.49
N ASN M 1778 -78.16 -4.12 -27.40
CA ASN M 1778 -78.81 -3.54 -28.56
C ASN M 1778 -78.66 -2.01 -28.55
N PHE M 1779 -78.81 -1.43 -29.72
CA PHE M 1779 -78.72 0.03 -29.86
C PHE M 1779 -79.98 0.68 -29.33
N PRO M 1780 -79.88 1.62 -28.39
CA PRO M 1780 -81.08 2.25 -27.84
C PRO M 1780 -81.78 3.14 -28.86
N LEU M 1781 -83.06 3.39 -28.61
CA LEU M 1781 -83.84 4.26 -29.49
C LEU M 1781 -83.26 5.67 -29.52
N CYS M 1782 -82.87 6.19 -28.36
CA CYS M 1782 -82.18 7.47 -28.33
C CYS M 1782 -80.83 7.35 -29.03
N MET M 1783 -80.33 8.50 -29.50
CA MET M 1783 -79.03 8.60 -30.17
C MET M 1783 -79.10 7.98 -31.56
N GLY M 1784 -80.23 7.36 -31.89
CA GLY M 1784 -80.41 6.79 -33.22
C GLY M 1784 -80.33 7.79 -34.34
N VAL M 1785 -80.69 9.05 -34.08
CA VAL M 1785 -80.61 10.08 -35.11
C VAL M 1785 -79.14 10.34 -35.45
N GLU M 1786 -78.90 10.73 -36.70
CA GLU M 1786 -77.55 11.01 -37.16
C GLU M 1786 -77.06 12.41 -36.81
N HIS M 1787 -77.95 13.29 -36.36
CA HIS M 1787 -77.57 14.66 -36.07
C HIS M 1787 -78.53 15.23 -35.04
N ILE M 1788 -78.11 16.33 -34.41
CA ILE M 1788 -78.92 17.05 -33.42
C ILE M 1788 -78.83 18.54 -33.71
N GLY M 1789 -79.81 19.27 -33.19
CA GLY M 1789 -79.95 20.69 -33.47
C GLY M 1789 -79.07 21.56 -32.60
N ILE M 1790 -79.39 22.86 -32.61
CA ILE M 1790 -78.62 23.83 -31.85
C ILE M 1790 -78.84 23.61 -30.35
N ALA M 1791 -77.75 23.79 -29.59
CA ALA M 1791 -77.76 23.56 -28.16
C ALA M 1791 -77.93 24.87 -27.40
N LYS M 1792 -78.63 24.79 -26.26
CA LYS M 1792 -78.79 25.94 -25.39
C LYS M 1792 -77.46 26.25 -24.70
N PRO M 1793 -77.31 27.46 -24.16
CA PRO M 1793 -76.07 27.80 -23.46
C PRO M 1793 -75.78 26.84 -22.31
N GLN M 1794 -74.50 26.54 -22.12
CA GLN M 1794 -74.10 25.48 -21.19
C GLN M 1794 -74.53 25.76 -19.77
N PHE M 1795 -74.68 27.04 -19.40
CA PHE M 1795 -75.17 27.35 -18.06
C PHE M 1795 -76.58 26.81 -17.85
N ILE M 1796 -77.44 26.96 -18.85
CA ILE M 1796 -78.80 26.45 -18.74
C ILE M 1796 -78.78 24.94 -18.58
N ARG M 1797 -78.06 24.24 -19.46
CA ARG M 1797 -77.98 22.78 -19.39
C ARG M 1797 -77.45 22.32 -18.04
N TRP M 1798 -76.47 23.04 -17.50
CA TRP M 1798 -76.01 22.75 -16.15
C TRP M 1798 -77.14 22.90 -15.15
N LEU M 1799 -77.98 23.93 -15.33
CA LEU M 1799 -79.12 24.10 -14.45
C LEU M 1799 -80.05 22.89 -14.48
N GLU M 1800 -80.45 22.46 -15.68
CA GLU M 1800 -81.39 21.33 -15.73
C GLU M 1800 -80.75 20.05 -15.18
N GLU M 1801 -79.49 19.78 -15.51
CA GLU M 1801 -78.90 18.53 -15.01
C GLU M 1801 -78.73 18.58 -13.49
N TRP M 1802 -78.39 19.75 -12.95
CA TRP M 1802 -78.27 19.88 -11.50
C TRP M 1802 -79.63 19.67 -10.83
N THR M 1803 -80.69 20.25 -11.41
CA THR M 1803 -82.02 20.04 -10.84
C THR M 1803 -82.43 18.58 -10.92
N ASN M 1804 -82.09 17.91 -12.02
CA ASN M 1804 -82.44 16.51 -12.20
C ASN M 1804 -81.77 15.65 -11.12
N GLU M 1805 -80.45 15.81 -10.96
CA GLU M 1805 -79.75 15.01 -9.96
C GLU M 1805 -80.24 15.36 -8.55
N PHE M 1806 -80.51 16.64 -8.30
CA PHE M 1806 -81.01 17.06 -7.00
C PHE M 1806 -82.33 16.38 -6.68
N CYS M 1807 -83.29 16.41 -7.62
CA CYS M 1807 -84.60 15.83 -7.32
C CYS M 1807 -84.52 14.31 -7.23
N GLU M 1808 -83.69 13.67 -8.05
CA GLU M 1808 -83.52 12.23 -7.94
C GLU M 1808 -82.96 11.85 -6.58
N LYS M 1809 -81.91 12.55 -6.13
CA LYS M 1809 -81.30 12.24 -4.85
C LYS M 1809 -82.27 12.53 -3.70
N TYR M 1810 -83.03 13.62 -3.81
CA TYR M 1810 -84.02 13.93 -2.78
C TYR M 1810 -85.09 12.86 -2.69
N THR M 1811 -85.59 12.40 -3.84
CA THR M 1811 -86.60 11.35 -3.81
C THR M 1811 -86.05 10.09 -3.17
N LYS M 1812 -84.83 9.68 -3.55
CA LYS M 1812 -84.24 8.49 -2.96
C LYS M 1812 -84.06 8.65 -1.46
N TYR M 1813 -83.54 9.80 -1.02
CA TYR M 1813 -83.29 10.01 0.39
C TYR M 1813 -84.57 10.07 1.20
N PHE M 1814 -85.61 10.71 0.67
CA PHE M 1814 -86.86 10.81 1.42
C PHE M 1814 -87.57 9.46 1.48
N GLU M 1815 -87.50 8.67 0.41
CA GLU M 1815 -88.04 7.32 0.47
C GLU M 1815 -87.29 6.49 1.50
N ASP M 1816 -85.97 6.65 1.57
CA ASP M 1816 -85.19 5.96 2.59
C ASP M 1816 -85.62 6.41 3.99
N MET M 1817 -85.85 7.71 4.17
CA MET M 1817 -86.29 8.22 5.46
C MET M 1817 -87.62 7.60 5.87
N LYS M 1818 -88.57 7.54 4.94
CA LYS M 1818 -89.88 6.98 5.26
C LYS M 1818 -89.78 5.48 5.53
N SER M 1819 -88.96 4.77 4.76
CA SER M 1819 -88.85 3.32 4.95
C SER M 1819 -88.16 2.97 6.27
N LYS M 1820 -87.03 3.61 6.56
CA LYS M 1820 -86.28 3.27 7.77
C LYS M 1820 -87.06 3.59 9.04
N CYS M 1821 -87.70 4.75 9.08
CA CYS M 1821 -88.45 5.17 10.25
C CYS M 1821 -89.47 6.24 9.90
N ILE M 1836 -85.17 3.82 15.15
CA ILE M 1836 -84.19 4.16 16.16
C ILE M 1836 -82.79 4.13 15.56
N GLU M 1837 -82.66 3.42 14.43
CA GLU M 1837 -81.37 3.31 13.75
C GLU M 1837 -81.26 4.24 12.55
N CYS M 1838 -82.36 4.87 12.13
CA CYS M 1838 -82.33 5.81 11.00
C CYS M 1838 -81.60 7.10 11.31
N LYS M 1839 -80.97 7.20 12.48
CA LYS M 1839 -80.26 8.41 12.85
C LYS M 1839 -79.13 8.73 11.88
N LYS M 1840 -78.32 7.72 11.54
CA LYS M 1840 -77.23 7.93 10.60
C LYS M 1840 -77.74 8.30 9.21
N ALA M 1841 -78.82 7.64 8.77
CA ALA M 1841 -79.40 7.97 7.47
C ALA M 1841 -79.96 9.39 7.46
N CYS M 1842 -80.61 9.80 8.55
CA CYS M 1842 -81.12 11.17 8.64
C CYS M 1842 -79.98 12.18 8.62
N ALA M 1843 -78.89 11.88 9.32
CA ALA M 1843 -77.73 12.76 9.29
C ALA M 1843 -77.16 12.87 7.88
N ASN M 1844 -77.08 11.73 7.18
CA ASN M 1844 -76.62 11.75 5.79
C ASN M 1844 -77.53 12.63 4.94
N TYR M 1845 -78.84 12.48 5.09
CA TYR M 1845 -79.78 13.26 4.30
C TYR M 1845 -79.61 14.76 4.56
N THR M 1846 -79.52 15.15 5.84
CA THR M 1846 -79.46 16.57 6.15
C THR M 1846 -78.14 17.19 5.73
N ASN M 1847 -77.02 16.46 5.91
CA ASN M 1847 -75.74 17.02 5.49
C ASN M 1847 -75.63 17.08 3.97
N TRP M 1848 -76.27 16.15 3.26
CA TRP M 1848 -76.36 16.27 1.81
C TRP M 1848 -77.19 17.48 1.41
N LEU M 1849 -78.28 17.73 2.14
CA LEU M 1849 -79.17 18.84 1.79
C LEU M 1849 -78.55 20.20 2.08
N ASN M 1850 -77.67 20.28 3.09
CA ASN M 1850 -77.20 21.59 3.54
C ASN M 1850 -76.54 22.43 2.46
N PRO M 1851 -75.56 21.95 1.68
CA PRO M 1851 -74.90 22.85 0.70
C PRO M 1851 -75.79 23.23 -0.47
N LYS M 1852 -76.88 22.50 -0.70
CA LYS M 1852 -77.74 22.77 -1.84
C LYS M 1852 -78.40 24.14 -1.72
N ARG M 1853 -78.65 24.61 -0.50
CA ARG M 1853 -79.19 25.96 -0.32
C ARG M 1853 -78.26 27.00 -0.90
N ILE M 1854 -76.97 26.93 -0.54
CA ILE M 1854 -76.00 27.89 -1.05
C ILE M 1854 -75.86 27.75 -2.56
N GLU M 1855 -75.81 26.51 -3.05
CA GLU M 1855 -75.68 26.30 -4.50
C GLU M 1855 -76.83 26.95 -5.26
N TRP M 1856 -78.07 26.67 -4.84
CA TRP M 1856 -79.23 27.23 -5.51
C TRP M 1856 -79.28 28.74 -5.37
N ASN M 1857 -78.91 29.27 -4.19
CA ASN M 1857 -78.92 30.72 -4.01
C ASN M 1857 -77.95 31.39 -4.98
N GLY M 1858 -76.73 30.85 -5.11
CA GLY M 1858 -75.78 31.43 -6.03
C GLY M 1858 -76.24 31.36 -7.46
N MET M 1859 -76.75 30.19 -7.88
CA MET M 1859 -77.17 30.04 -9.27
C MET M 1859 -78.35 30.96 -9.58
N SER M 1860 -79.33 31.04 -8.68
CA SER M 1860 -80.48 31.90 -8.91
C SER M 1860 -80.08 33.37 -8.94
N ASN M 1861 -79.18 33.77 -8.03
CA ASN M 1861 -78.73 35.15 -8.02
C ASN M 1861 -78.01 35.51 -9.32
N TYR M 1862 -77.15 34.62 -9.81
CA TYR M 1862 -76.48 34.91 -11.07
C TYR M 1862 -77.48 34.95 -12.22
N TYR M 1863 -78.50 34.10 -12.19
CA TYR M 1863 -79.51 34.10 -13.23
C TYR M 1863 -80.31 35.40 -13.25
N ASN M 1864 -80.64 35.94 -12.06
CA ASN M 1864 -81.60 37.03 -12.00
C ASN M 1864 -81.11 38.29 -12.71
N LYS M 1865 -79.80 38.40 -12.95
CA LYS M 1865 -79.24 39.59 -13.57
C LYS M 1865 -78.71 39.34 -14.98
N ILE M 1866 -79.19 38.30 -15.66
CA ILE M 1866 -78.68 37.97 -16.98
C ILE M 1866 -79.80 37.73 -17.97
N TYR M 1867 -81.03 37.59 -17.47
CA TYR M 1867 -82.14 37.24 -18.34
C TYR M 1867 -82.47 38.37 -19.31
N ARG M 1868 -82.78 38.00 -20.55
CA ARG M 1868 -83.18 38.93 -21.60
C ARG M 1868 -82.12 40.01 -21.83
N LYS M 1869 -80.93 39.55 -22.22
CA LYS M 1869 -79.82 40.44 -22.53
C LYS M 1869 -79.08 39.87 -23.73
N SER M 1870 -78.95 40.69 -24.79
CA SER M 1870 -78.50 40.20 -26.09
C SER M 1870 -77.08 40.71 -26.39
N ASN M 1871 -76.09 39.98 -25.88
CA ASN M 1871 -74.71 40.05 -26.36
C ASN M 1871 -74.01 41.38 -26.10
N LYS M 1872 -74.73 42.37 -25.58
CA LYS M 1872 -74.15 43.68 -25.32
C LYS M 1872 -74.51 44.27 -23.97
N GLU M 1873 -75.61 43.85 -23.36
CA GLU M 1873 -76.01 44.36 -22.05
C GLU M 1873 -75.85 43.32 -20.94
N SER M 1874 -75.43 42.11 -21.26
CA SER M 1874 -75.22 41.08 -20.25
C SER M 1874 -73.86 41.28 -19.58
N GLU M 1875 -73.57 40.40 -18.62
CA GLU M 1875 -72.28 40.44 -17.94
C GLU M 1875 -71.12 40.13 -18.88
N ASP M 1876 -71.39 39.42 -19.98
CA ASP M 1876 -70.36 39.13 -20.97
C ASP M 1876 -70.95 39.20 -22.38
N GLY M 1877 -70.20 38.74 -23.37
CA GLY M 1877 -70.62 38.78 -24.75
C GLY M 1877 -71.40 37.59 -25.24
N LYS M 1878 -71.76 36.66 -24.37
CA LYS M 1878 -72.49 35.48 -24.80
C LYS M 1878 -73.94 35.84 -25.14
N ASP M 1879 -74.56 34.99 -25.98
CA ASP M 1879 -75.88 35.28 -26.53
C ASP M 1879 -76.96 34.77 -25.58
N TYR M 1880 -77.39 35.63 -24.67
CA TYR M 1880 -78.56 35.39 -23.86
C TYR M 1880 -79.77 36.02 -24.54
N SER M 1881 -80.88 36.17 -23.82
CA SER M 1881 -82.17 36.68 -24.27
C SER M 1881 -82.92 35.68 -25.13
N MET M 1882 -82.34 34.52 -25.41
CA MET M 1882 -83.11 33.44 -26.03
C MET M 1882 -84.22 32.98 -25.09
N ILE M 1883 -83.97 33.00 -23.78
CA ILE M 1883 -84.98 32.66 -22.81
C ILE M 1883 -85.89 33.86 -22.54
N MET M 1884 -87.06 33.58 -21.99
CA MET M 1884 -87.99 34.64 -21.58
C MET M 1884 -88.74 34.10 -20.35
N ALA M 1885 -88.23 34.45 -19.17
CA ALA M 1885 -88.81 34.00 -17.92
C ALA M 1885 -88.47 34.98 -16.80
N PRO M 1886 -89.47 35.62 -16.19
CA PRO M 1886 -89.17 36.55 -15.09
C PRO M 1886 -88.49 35.89 -13.91
N THR M 1887 -88.81 34.63 -13.63
CA THR M 1887 -88.25 33.92 -12.49
C THR M 1887 -87.75 32.55 -12.93
N VAL M 1888 -86.74 32.05 -12.21
CA VAL M 1888 -86.15 30.76 -12.53
C VAL M 1888 -87.14 29.63 -12.23
N ILE M 1889 -87.94 29.78 -11.18
CA ILE M 1889 -88.85 28.71 -10.75
C ILE M 1889 -89.86 28.42 -11.85
N ASP M 1890 -90.45 29.47 -12.44
CA ASP M 1890 -91.41 29.26 -13.52
C ASP M 1890 -90.78 28.58 -14.72
N TYR M 1891 -89.57 28.99 -15.08
CA TYR M 1891 -88.91 28.40 -16.24
C TYR M 1891 -88.62 26.92 -16.00
N LEU M 1892 -88.14 26.56 -14.82
CA LEU M 1892 -87.90 25.15 -14.53
C LEU M 1892 -89.20 24.36 -14.46
N ASN M 1893 -90.25 24.94 -13.91
CA ASN M 1893 -91.54 24.25 -13.85
C ASN M 1893 -92.08 23.98 -15.23
N LYS M 1894 -91.96 24.95 -16.14
CA LYS M 1894 -92.41 24.76 -17.51
C LYS M 1894 -91.40 24.04 -18.38
N ARG M 1895 -90.21 23.75 -17.85
CA ARG M 1895 -89.14 23.18 -18.67
C ARG M 1895 -89.34 21.69 -18.92
N CYS M 1896 -89.35 20.89 -17.86
CA CYS M 1896 -89.32 19.44 -18.01
C CYS M 1896 -90.27 18.76 -17.03
N HIS M 1897 -91.49 19.27 -16.91
CA HIS M 1897 -92.50 18.62 -16.08
C HIS M 1897 -93.14 17.48 -16.87
N GLY M 1898 -92.32 16.58 -17.41
CA GLY M 1898 -92.83 15.51 -18.24
C GLY M 1898 -92.12 14.18 -18.02
N GLU M 1899 -91.66 13.56 -19.09
CA GLU M 1899 -91.06 12.24 -19.07
C GLU M 1899 -89.54 12.37 -19.16
N ILE M 1900 -88.85 11.24 -18.98
CA ILE M 1900 -87.40 11.22 -18.81
C ILE M 1900 -86.72 10.67 -20.06
N ASN M 1901 -87.34 10.88 -21.22
CA ASN M 1901 -86.76 10.41 -22.48
C ASN M 1901 -85.39 11.05 -22.72
N GLY M 1902 -84.70 10.54 -23.73
CA GLY M 1902 -83.36 11.00 -24.04
C GLY M 1902 -83.33 12.04 -25.15
N ASN M 1903 -84.47 12.67 -25.43
CA ASN M 1903 -84.60 13.62 -26.54
C ASN M 1903 -85.12 14.95 -26.00
N TYR M 1904 -84.18 15.85 -25.68
CA TYR M 1904 -84.46 17.26 -25.39
C TYR M 1904 -85.25 17.48 -24.09
N ILE M 1905 -85.65 16.41 -23.42
CA ILE M 1905 -86.28 16.48 -22.11
C ILE M 1905 -85.58 15.45 -21.24
N CYS M 1906 -84.53 15.89 -20.53
CA CYS M 1906 -83.66 14.99 -19.79
C CYS M 1906 -83.86 15.06 -18.29
N CYS M 1907 -84.87 15.81 -17.83
CA CYS M 1907 -85.16 15.94 -16.40
C CYS M 1907 -86.65 15.77 -16.17
N SER M 1908 -86.98 15.24 -14.99
CA SER M 1908 -88.39 15.05 -14.61
C SER M 1908 -88.42 14.97 -13.08
N CYS M 1909 -88.82 16.07 -12.44
CA CYS M 1909 -88.89 16.14 -10.99
C CYS M 1909 -90.33 16.43 -10.58
N LYS M 1910 -90.92 15.51 -9.82
CA LYS M 1910 -92.31 15.62 -9.39
C LYS M 1910 -92.40 15.11 -7.96
N ASN M 1911 -93.63 14.92 -7.49
CA ASN M 1911 -93.97 14.40 -6.17
C ASN M 1911 -93.11 14.99 -5.06
N ILE M 1912 -92.80 16.29 -5.15
CA ILE M 1912 -91.99 16.94 -4.12
C ILE M 1912 -92.81 17.39 -2.92
N GLY M 1913 -94.14 17.28 -2.99
CA GLY M 1913 -94.98 17.70 -1.89
C GLY M 1913 -95.64 16.55 -1.16
N ALA M 1914 -95.47 15.34 -1.68
CA ALA M 1914 -96.07 14.16 -1.06
C ALA M 1914 -95.22 12.91 -1.33
N LEU M 1940 -94.39 23.01 -8.11
CA LEU M 1940 -93.01 22.63 -7.87
C LEU M 1940 -92.26 23.73 -7.13
N ASP M 1941 -93.01 24.65 -6.53
CA ASP M 1941 -92.42 25.78 -5.83
C ASP M 1941 -91.91 25.41 -4.44
N LEU M 1942 -92.25 24.23 -3.93
CA LEU M 1942 -91.84 23.82 -2.59
C LEU M 1942 -90.36 23.50 -2.48
N MET M 1943 -89.59 23.66 -3.56
CA MET M 1943 -88.17 23.34 -3.51
C MET M 1943 -87.43 24.26 -2.53
N ASN M 1944 -87.79 25.54 -2.51
CA ASN M 1944 -87.18 26.44 -1.52
C ASN M 1944 -87.66 26.11 -0.12
N GLU M 1945 -88.93 25.68 0.02
CA GLU M 1945 -89.45 25.31 1.33
C GLU M 1945 -88.77 24.06 1.88
N VAL M 1946 -88.27 23.19 1.00
CA VAL M 1946 -87.57 21.99 1.45
C VAL M 1946 -86.06 22.19 1.51
N LEU M 1947 -85.54 23.22 0.84
CA LEU M 1947 -84.11 23.51 0.95
C LEU M 1947 -83.74 23.80 2.40
N ASN M 1948 -84.52 24.63 3.07
CA ASN M 1948 -84.45 24.75 4.51
C ASN M 1948 -85.37 23.73 5.18
N LYS M 1949 -84.95 23.23 6.34
CA LYS M 1949 -85.61 22.09 6.99
C LYS M 1949 -86.82 22.59 7.79
N MET M 1950 -87.82 23.06 7.06
CA MET M 1950 -89.09 23.44 7.68
C MET M 1950 -90.31 23.04 6.86
N ASP M 1951 -90.14 22.27 5.79
CA ASP M 1951 -91.24 21.94 4.90
C ASP M 1951 -92.22 20.99 5.58
N LYS M 1952 -93.37 20.79 4.93
CA LYS M 1952 -94.41 19.94 5.49
C LYS M 1952 -93.95 18.50 5.64
N LYS M 1953 -93.26 17.97 4.64
CA LYS M 1953 -92.82 16.58 4.69
C LYS M 1953 -91.71 16.38 5.72
N TYR M 1954 -90.91 17.42 5.96
CA TYR M 1954 -89.83 17.31 6.94
C TYR M 1954 -90.34 17.19 8.36
N SER M 1955 -91.59 17.58 8.62
CA SER M 1955 -92.13 17.58 9.98
C SER M 1955 -92.29 16.18 10.57
N ALA M 1956 -92.17 15.13 9.76
CA ALA M 1956 -92.40 13.78 10.25
C ALA M 1956 -91.35 13.36 11.27
N HIS M 1957 -90.08 13.60 10.96
CA HIS M 1957 -88.98 13.08 11.78
C HIS M 1957 -87.93 14.16 12.05
N LYS M 1958 -88.37 15.33 12.49
CA LYS M 1958 -87.44 16.43 12.72
C LYS M 1958 -86.79 16.35 14.11
N MET M 1959 -87.61 16.16 15.15
CA MET M 1959 -87.12 16.29 16.51
C MET M 1959 -86.16 15.16 16.88
N LYS M 1960 -86.50 13.92 16.51
CA LYS M 1960 -85.60 12.80 16.76
C LYS M 1960 -84.28 13.01 16.03
N CYS M 1961 -84.36 13.47 14.78
CA CYS M 1961 -83.15 13.71 13.99
C CYS M 1961 -82.27 14.75 14.66
N THR M 1962 -82.85 15.87 15.10
CA THR M 1962 -82.03 16.94 15.67
C THR M 1962 -81.47 16.54 17.03
N GLU M 1963 -82.24 15.79 17.84
CA GLU M 1963 -81.71 15.39 19.14
C GLU M 1963 -80.58 14.38 19.00
N VAL M 1964 -80.72 13.41 18.07
CA VAL M 1964 -79.60 12.49 17.87
C VAL M 1964 -78.42 13.22 17.22
N TYR M 1965 -78.70 14.25 16.41
CA TYR M 1965 -77.63 15.03 15.83
C TYR M 1965 -76.83 15.75 16.90
N LEU M 1966 -77.52 16.36 17.88
CA LEU M 1966 -76.80 17.06 18.93
C LEU M 1966 -76.09 16.09 19.87
N GLU M 1967 -76.65 14.89 20.08
CA GLU M 1967 -75.93 13.87 20.86
C GLU M 1967 -74.64 13.48 20.15
N HIS M 1968 -74.71 13.28 18.83
CA HIS M 1968 -73.51 13.00 18.06
C HIS M 1968 -72.52 14.14 18.12
N VAL M 1969 -73.02 15.38 18.10
CA VAL M 1969 -72.16 16.55 18.25
C VAL M 1969 -71.41 16.47 19.58
N GLU M 1970 -72.12 16.16 20.66
CA GLU M 1970 -71.51 16.09 21.97
C GLU M 1970 -70.41 15.02 22.02
N GLU M 1971 -70.73 13.81 21.55
CA GLU M 1971 -69.75 12.73 21.66
C GLU M 1971 -68.54 12.98 20.76
N GLN M 1972 -68.77 13.52 19.55
CA GLN M 1972 -67.66 13.85 18.66
C GLN M 1972 -66.80 14.96 19.26
N LEU M 1973 -67.42 15.94 19.91
CA LEU M 1973 -66.64 16.98 20.57
C LEU M 1973 -65.78 16.40 21.69
N ASN M 1974 -66.34 15.47 22.46
CA ASN M 1974 -65.56 14.81 23.51
C ASN M 1974 -64.35 14.11 22.90
N GLU M 1975 -64.57 13.30 21.86
CA GLU M 1975 -63.47 12.53 21.29
C GLU M 1975 -62.43 13.46 20.66
N ILE M 1976 -62.86 14.55 20.03
CA ILE M 1976 -61.92 15.44 19.37
C ILE M 1976 -61.09 16.21 20.40
N ASP M 1977 -61.69 16.59 21.53
CA ASP M 1977 -60.89 17.26 22.55
C ASP M 1977 -59.91 16.30 23.21
N ASN M 1978 -60.31 15.04 23.40
CA ASN M 1978 -59.34 14.06 23.89
C ASN M 1978 -58.19 13.89 22.89
N ALA M 1979 -58.50 13.83 21.60
CA ALA M 1979 -57.45 13.67 20.59
C ALA M 1979 -56.51 14.87 20.57
N ILE M 1980 -57.06 16.09 20.65
CA ILE M 1980 -56.19 17.27 20.61
C ILE M 1980 -55.37 17.37 21.88
N LYS M 1981 -55.90 16.94 23.03
CA LYS M 1981 -55.10 16.90 24.25
C LYS M 1981 -53.99 15.87 24.14
N ASP M 1982 -54.27 14.73 23.52
CA ASP M 1982 -53.23 13.71 23.33
C ASP M 1982 -52.13 14.21 22.40
N TYR M 1983 -52.50 14.95 21.36
CA TYR M 1983 -51.51 15.40 20.38
C TYR M 1983 -50.47 16.33 20.98
N LYS M 1984 -50.75 16.94 22.14
CA LYS M 1984 -49.85 17.94 22.70
C LYS M 1984 -48.44 17.41 22.89
N LEU M 1985 -48.30 16.12 23.15
CA LEU M 1985 -46.97 15.52 23.32
C LEU M 1985 -46.72 14.44 22.29
N GLY M 2009 -25.88 -6.98 20.36
CA GLY M 2009 -26.18 -7.56 21.67
C GLY M 2009 -27.23 -8.64 21.61
N CYS M 2010 -27.28 -9.45 22.66
CA CYS M 2010 -28.24 -10.56 22.82
C CYS M 2010 -28.39 -11.35 21.51
N LYS M 2011 -27.27 -11.94 21.08
CA LYS M 2011 -27.26 -12.68 19.82
C LYS M 2011 -28.28 -13.81 19.85
N ASP M 2012 -28.31 -14.58 20.93
CA ASP M 2012 -29.37 -15.55 21.11
C ASP M 2012 -30.69 -14.84 21.35
N LYS M 2013 -31.75 -15.34 20.72
CA LYS M 2013 -33.04 -14.68 20.82
C LYS M 2013 -33.84 -15.12 22.03
N THR M 2014 -33.83 -16.42 22.34
CA THR M 2014 -34.53 -16.89 23.52
C THR M 2014 -33.99 -18.25 23.93
N LYS M 2015 -34.10 -18.53 25.22
CA LYS M 2015 -33.97 -19.87 25.77
C LYS M 2015 -35.36 -20.47 25.94
N LEU M 2016 -35.43 -21.58 26.69
CA LEU M 2016 -36.70 -22.27 26.89
C LEU M 2016 -37.75 -21.30 27.46
N ASP M 2017 -38.97 -21.45 26.98
CA ASP M 2017 -40.05 -20.50 27.26
C ASP M 2017 -40.62 -20.76 28.66
N GLU M 2018 -41.80 -20.19 28.92
CA GLU M 2018 -42.45 -20.30 30.21
C GLU M 2018 -42.54 -21.74 30.68
N LEU M 2019 -42.02 -22.00 31.88
CA LEU M 2019 -42.00 -23.33 32.47
C LEU M 2019 -41.60 -23.17 33.93
N ASP M 2020 -41.85 -24.22 34.73
CA ASP M 2020 -41.55 -24.20 36.16
C ASP M 2020 -40.05 -24.36 36.36
N GLU M 2021 -39.33 -23.23 36.30
CA GLU M 2021 -37.92 -23.20 36.67
C GLU M 2021 -37.60 -21.97 37.50
N TRP M 2022 -38.60 -21.17 37.84
CA TRP M 2022 -38.42 -19.95 38.61
C TRP M 2022 -38.07 -20.31 40.04
N ASN M 2023 -37.03 -19.69 40.59
CA ASN M 2023 -36.45 -20.15 41.84
C ASN M 2023 -35.88 -18.94 42.59
N ASP M 2024 -35.21 -19.21 43.71
CA ASP M 2024 -34.71 -18.16 44.59
C ASP M 2024 -33.20 -18.26 44.83
N MET M 2025 -32.59 -19.43 44.65
CA MET M 2025 -31.17 -19.57 44.94
C MET M 2025 -30.28 -18.88 43.91
N ASP M 2026 -30.85 -18.38 42.82
CA ASP M 2026 -30.08 -17.53 41.91
C ASP M 2026 -29.59 -16.29 42.63
N LEU M 2027 -30.45 -15.69 43.46
CA LEU M 2027 -30.06 -14.62 44.38
C LEU M 2027 -30.28 -15.17 45.79
N ARG M 2028 -29.28 -15.88 46.30
CA ARG M 2028 -29.38 -16.50 47.61
C ARG M 2028 -29.22 -15.45 48.71
N GLY M 2029 -29.71 -15.76 49.90
CA GLY M 2029 -29.75 -14.78 50.96
C GLY M 2029 -30.67 -13.65 50.60
N THR M 2030 -31.83 -13.99 50.03
CA THR M 2030 -32.79 -13.01 49.52
C THR M 2030 -33.48 -12.24 50.66
N TYR M 2031 -33.13 -12.54 51.91
CA TYR M 2031 -33.66 -11.81 53.06
C TYR M 2031 -33.04 -10.41 53.11
N ASN M 2032 -33.29 -9.66 52.04
CA ASN M 2032 -32.79 -8.30 51.88
C ASN M 2032 -33.86 -7.25 52.13
N LYS M 2033 -35.06 -7.43 51.59
CA LYS M 2033 -36.18 -6.53 51.86
C LYS M 2033 -37.31 -7.21 52.63
N HIS M 2034 -37.92 -8.27 52.08
CA HIS M 2034 -38.90 -9.04 52.84
C HIS M 2034 -38.54 -10.51 52.96
N LYS M 2035 -38.32 -11.22 51.85
CA LYS M 2035 -38.12 -12.67 51.86
C LYS M 2035 -37.74 -13.11 50.46
N GLY M 2036 -37.62 -14.43 50.27
CA GLY M 2036 -37.25 -14.96 48.97
C GLY M 2036 -38.40 -14.92 47.98
N VAL M 2037 -38.04 -14.72 46.70
CA VAL M 2037 -39.01 -14.60 45.61
C VAL M 2037 -38.47 -15.36 44.41
N LEU M 2038 -39.38 -15.88 43.59
CA LEU M 2038 -38.99 -16.48 42.32
C LEU M 2038 -38.49 -15.40 41.36
N ILE M 2039 -38.14 -15.81 40.15
CA ILE M 2039 -37.59 -14.93 39.13
C ILE M 2039 -38.29 -15.24 37.81
N PRO M 2040 -38.82 -14.25 37.11
CA PRO M 2040 -39.47 -14.50 35.82
C PRO M 2040 -38.44 -14.70 34.74
N PRO M 2041 -38.80 -15.35 33.64
CA PRO M 2041 -37.86 -15.45 32.51
C PRO M 2041 -37.47 -14.09 31.94
N ARG M 2042 -38.36 -13.10 32.03
CA ARG M 2042 -38.07 -11.79 31.45
C ARG M 2042 -36.83 -11.16 32.08
N ARG M 2043 -36.71 -11.27 33.41
CA ARG M 2043 -35.50 -10.81 34.06
C ARG M 2043 -34.29 -11.66 33.69
N ARG M 2044 -34.49 -12.98 33.53
CA ARG M 2044 -33.38 -13.86 33.20
C ARG M 2044 -32.84 -13.57 31.80
N GLN M 2045 -33.72 -13.49 30.81
CA GLN M 2045 -33.33 -13.18 29.44
C GLN M 2045 -33.90 -11.83 29.05
N LEU M 2046 -33.03 -10.88 28.73
CA LEU M 2046 -33.44 -9.56 28.28
C LEU M 2046 -32.28 -8.95 27.51
N CYS M 2047 -32.61 -8.12 26.53
CA CYS M 2047 -31.64 -7.61 25.57
C CYS M 2047 -31.01 -6.32 26.05
N PHE M 2048 -29.68 -6.28 26.04
CA PHE M 2048 -28.90 -5.07 26.23
C PHE M 2048 -27.61 -5.18 25.45
N SER M 2049 -26.99 -4.03 25.18
CA SER M 2049 -25.73 -4.00 24.45
C SER M 2049 -24.58 -3.49 25.32
N ARG M 2050 -24.69 -2.30 25.89
CA ARG M 2050 -23.62 -1.70 26.68
C ARG M 2050 -23.99 -1.84 28.16
N ILE M 2051 -23.44 -2.85 28.81
CA ILE M 2051 -23.67 -3.07 30.24
C ILE M 2051 -22.39 -3.19 31.05
N VAL M 2052 -21.26 -3.52 30.43
CA VAL M 2052 -20.00 -3.65 31.16
C VAL M 2052 -19.41 -2.27 31.38
N ARG M 2053 -18.61 -2.12 32.44
CA ARG M 2053 -17.91 -0.86 32.66
C ARG M 2053 -16.85 -0.60 31.60
N GLY M 2054 -16.63 -1.55 30.69
CA GLY M 2054 -15.73 -1.35 29.58
C GLY M 2054 -16.09 -0.08 28.83
N PRO M 2055 -17.21 -0.10 28.12
CA PRO M 2055 -17.75 1.15 27.56
C PRO M 2055 -18.06 2.18 28.63
N ALA M 2056 -18.51 1.74 29.80
CA ALA M 2056 -18.84 2.62 30.91
C ALA M 2056 -19.82 3.70 30.48
N ASN M 2057 -19.29 4.88 30.17
CA ASN M 2057 -20.11 6.02 29.81
C ASN M 2057 -20.30 6.06 28.29
N LEU M 2058 -21.07 7.04 27.84
CA LEU M 2058 -21.41 7.17 26.42
C LEU M 2058 -21.08 8.58 25.96
N ARG M 2059 -21.06 8.75 24.64
CA ARG M 2059 -20.61 10.01 24.06
C ARG M 2059 -21.59 11.14 24.34
N SER M 2060 -22.82 11.02 23.83
CA SER M 2060 -23.80 12.10 23.93
C SER M 2060 -25.00 11.73 24.79
N LEU M 2061 -25.73 10.67 24.42
CA LEU M 2061 -26.93 10.28 25.14
C LEU M 2061 -27.14 8.78 24.96
N ASN M 2062 -28.35 8.32 25.31
CA ASN M 2062 -28.71 6.91 25.19
C ASN M 2062 -29.54 6.72 23.92
N GLU M 2063 -28.86 6.87 22.77
CA GLU M 2063 -29.51 6.78 21.48
C GLU M 2063 -29.67 5.34 21.00
N PHE M 2064 -29.47 4.35 21.87
CA PHE M 2064 -29.36 2.98 21.39
C PHE M 2064 -30.19 1.97 22.18
N LYS M 2065 -30.92 2.39 23.23
CA LYS M 2065 -31.89 1.49 23.83
C LYS M 2065 -32.98 1.12 22.84
N GLU M 2066 -33.44 2.09 22.05
CA GLU M 2066 -34.39 1.78 20.99
C GLU M 2066 -33.78 0.80 19.99
N GLU M 2067 -32.47 0.94 19.72
CA GLU M 2067 -31.78 -0.02 18.87
C GLU M 2067 -31.78 -1.41 19.50
N ILE M 2068 -31.57 -1.47 20.81
CA ILE M 2068 -31.56 -2.77 21.50
C ILE M 2068 -32.93 -3.43 21.43
N LEU M 2069 -33.98 -2.69 21.78
CA LEU M 2069 -35.31 -3.29 21.80
C LEU M 2069 -35.80 -3.60 20.40
N LYS M 2070 -35.13 -3.07 19.38
CA LYS M 2070 -35.44 -3.47 18.01
C LYS M 2070 -35.16 -4.96 17.81
N GLY M 2071 -34.12 -5.48 18.47
CA GLY M 2071 -33.89 -6.91 18.44
C GLY M 2071 -34.67 -7.67 19.48
N ALA M 2072 -35.41 -6.95 20.33
CA ALA M 2072 -36.12 -7.61 21.43
C ALA M 2072 -37.27 -8.47 20.91
N GLN M 2073 -38.05 -7.95 19.97
CA GLN M 2073 -39.21 -8.70 19.48
C GLN M 2073 -39.20 -8.96 17.98
N SER M 2074 -38.36 -8.26 17.20
CA SER M 2074 -38.30 -8.53 15.77
C SER M 2074 -37.95 -9.98 15.51
N GLU M 2075 -36.96 -10.50 16.22
CA GLU M 2075 -36.64 -11.92 16.23
C GLU M 2075 -36.57 -12.50 17.63
N GLY M 2076 -36.35 -11.68 18.66
CA GLY M 2076 -36.29 -12.20 20.02
C GLY M 2076 -37.62 -12.75 20.48
N LYS M 2077 -38.70 -12.00 20.25
CA LYS M 2077 -40.02 -12.50 20.60
C LYS M 2077 -40.60 -13.36 19.47
N PHE M 2078 -40.21 -13.09 18.23
CA PHE M 2078 -40.55 -13.94 17.11
C PHE M 2078 -40.06 -15.36 17.39
N LEU M 2079 -38.74 -15.52 17.47
CA LEU M 2079 -38.06 -16.73 17.93
C LEU M 2079 -38.58 -17.99 17.23
N GLY M 2080 -39.25 -17.82 16.09
CA GLY M 2080 -39.83 -18.95 15.38
C GLY M 2080 -41.35 -18.94 15.35
N ASN M 2081 -41.93 -17.74 15.42
CA ASN M 2081 -43.39 -17.56 15.33
C ASN M 2081 -44.13 -18.38 16.39
N TYR M 2082 -43.56 -18.42 17.61
CA TYR M 2082 -44.08 -19.34 18.62
C TYR M 2082 -45.52 -19.03 18.97
N TYR M 2083 -45.92 -17.76 18.88
CA TYR M 2083 -47.32 -17.42 19.13
C TYR M 2083 -48.14 -17.44 17.85
N LYS M 2084 -47.54 -17.78 16.71
CA LYS M 2084 -48.32 -17.98 15.50
C LYS M 2084 -48.95 -19.37 15.48
N GLU M 2085 -48.15 -20.41 15.71
CA GLU M 2085 -48.71 -21.74 15.90
C GLU M 2085 -49.60 -21.77 17.14
N HIS M 2086 -49.18 -21.09 18.20
CA HIS M 2086 -50.02 -20.95 19.39
C HIS M 2086 -51.27 -20.13 19.11
N LYS M 2087 -51.26 -19.31 18.05
CA LYS M 2087 -52.37 -18.52 17.55
C LYS M 2087 -52.83 -17.44 18.53
N ASP M 2088 -52.17 -17.29 19.66
CA ASP M 2088 -52.56 -16.30 20.67
C ASP M 2088 -51.64 -15.09 20.55
N LYS M 2089 -51.99 -14.19 19.63
CA LYS M 2089 -51.24 -12.95 19.47
C LYS M 2089 -51.35 -12.06 20.70
N GLU M 2090 -52.52 -12.01 21.35
CA GLU M 2090 -52.65 -11.23 22.58
C GLU M 2090 -51.75 -11.77 23.68
N LYS M 2091 -51.49 -13.09 23.69
CA LYS M 2091 -50.54 -13.66 24.63
C LYS M 2091 -49.14 -13.12 24.38
N ALA M 2092 -48.77 -12.94 23.11
CA ALA M 2092 -47.52 -12.23 22.81
C ALA M 2092 -47.60 -10.78 23.26
N LEU M 2093 -48.74 -10.13 23.06
CA LEU M 2093 -48.89 -8.73 23.43
C LEU M 2093 -48.60 -8.51 24.91
N GLU M 2094 -49.13 -9.38 25.77
CA GLU M 2094 -48.86 -9.24 27.20
C GLU M 2094 -47.39 -9.46 27.51
N ALA M 2095 -46.70 -10.27 26.70
CA ALA M 2095 -45.27 -10.51 26.91
C ALA M 2095 -44.48 -9.21 26.74
N MET M 2096 -44.75 -8.46 25.68
CA MET M 2096 -44.11 -7.16 25.53
C MET M 2096 -44.61 -6.16 26.57
N LYS M 2097 -45.89 -6.28 26.96
CA LYS M 2097 -46.42 -5.39 27.99
C LYS M 2097 -45.65 -5.56 29.29
N ASN M 2098 -45.38 -6.81 29.69
CA ASN M 2098 -44.60 -7.04 30.90
C ASN M 2098 -43.17 -6.53 30.74
N SER M 2099 -42.55 -6.82 29.60
CA SER M 2099 -41.16 -6.39 29.40
C SER M 2099 -41.06 -4.87 29.35
N PHE M 2100 -42.03 -4.20 28.70
CA PHE M 2100 -42.00 -2.75 28.65
C PHE M 2100 -42.12 -2.15 30.04
N TYR M 2101 -42.99 -2.72 30.88
CA TYR M 2101 -43.11 -2.26 32.25
C TYR M 2101 -41.85 -2.57 33.04
N ASP M 2102 -41.12 -3.63 32.65
CA ASP M 2102 -39.84 -3.91 33.28
C ASP M 2102 -38.84 -2.79 33.01
N TYR M 2103 -38.82 -2.27 31.80
CA TYR M 2103 -37.93 -1.15 31.48
C TYR M 2103 -38.27 0.08 32.29
N GLU M 2104 -39.53 0.22 32.70
CA GLU M 2104 -39.91 1.32 33.58
C GLU M 2104 -39.14 1.24 34.89
N ASP M 2105 -39.05 0.04 35.46
CA ASP M 2105 -38.40 -0.12 36.76
C ASP M 2105 -36.88 -0.06 36.63
N ILE M 2106 -36.35 -0.54 35.51
CA ILE M 2106 -34.90 -0.57 35.33
C ILE M 2106 -34.34 0.85 35.32
N ILE M 2107 -34.99 1.75 34.58
CA ILE M 2107 -34.52 3.13 34.51
C ILE M 2107 -34.72 3.87 35.82
N LYS M 2108 -35.76 3.54 36.57
CA LYS M 2108 -36.07 4.23 37.82
C LYS M 2108 -35.38 3.62 39.03
N GLY M 2109 -34.55 2.59 38.84
CA GLY M 2109 -33.89 1.97 39.97
C GLY M 2109 -34.85 1.25 40.91
N THR M 2110 -35.81 0.52 40.34
CA THR M 2110 -36.83 -0.16 41.12
C THR M 2110 -36.66 -1.67 41.16
N ASP M 2111 -35.97 -2.25 40.17
CA ASP M 2111 -35.78 -3.69 40.12
C ASP M 2111 -35.01 -4.17 41.35
N MET M 2112 -35.35 -5.37 41.80
CA MET M 2112 -34.74 -5.94 43.00
C MET M 2112 -33.57 -6.88 42.72
N LEU M 2113 -33.32 -7.21 41.45
CA LEU M 2113 -32.21 -8.11 41.14
C LEU M 2113 -30.88 -7.41 41.31
N THR M 2114 -29.84 -8.21 41.54
CA THR M 2114 -28.47 -7.70 41.60
C THR M 2114 -27.84 -7.79 40.21
N ASN M 2115 -28.50 -7.12 39.27
CA ASN M 2115 -28.09 -7.13 37.87
C ASN M 2115 -26.88 -6.23 37.67
N ILE M 2116 -26.19 -6.45 36.53
CA ILE M 2116 -25.17 -5.50 36.11
C ILE M 2116 -25.79 -4.14 35.84
N GLU M 2117 -26.96 -4.14 35.18
CA GLU M 2117 -27.67 -2.89 34.94
C GLU M 2117 -28.16 -2.29 36.25
N PHE M 2118 -28.45 -3.13 37.25
CA PHE M 2118 -28.84 -2.65 38.57
C PHE M 2118 -27.74 -1.82 39.22
N LYS M 2119 -26.50 -1.99 38.79
CA LYS M 2119 -25.40 -1.26 39.39
C LYS M 2119 -25.46 0.21 38.97
N ASP M 2120 -24.43 0.97 39.35
CA ASP M 2120 -24.45 2.42 39.20
C ASP M 2120 -24.59 2.83 37.74
N ILE M 2121 -24.28 1.93 36.80
CA ILE M 2121 -24.30 2.20 35.37
C ILE M 2121 -25.59 2.89 34.95
N LYS M 2122 -26.71 2.54 35.59
CA LYS M 2122 -27.95 3.27 35.31
C LYS M 2122 -27.91 4.67 35.90
N ILE M 2123 -27.50 4.79 37.16
CA ILE M 2123 -27.45 6.10 37.80
C ILE M 2123 -26.26 6.90 37.29
N LYS M 2124 -25.12 6.23 37.06
CA LYS M 2124 -23.90 6.94 36.68
C LYS M 2124 -24.09 7.70 35.37
N LEU M 2125 -24.78 7.08 34.40
CA LEU M 2125 -25.03 7.78 33.14
C LEU M 2125 -25.99 8.94 33.32
N ASP M 2126 -27.10 8.72 34.04
CA ASP M 2126 -28.12 9.76 34.13
C ASP M 2126 -27.64 10.98 34.89
N ARG M 2127 -26.85 10.79 35.96
CA ARG M 2127 -26.34 11.98 36.63
C ARG M 2127 -25.27 12.69 35.82
N LEU M 2128 -24.50 11.95 34.99
CA LEU M 2128 -23.55 12.62 34.12
C LEU M 2128 -24.24 13.56 33.14
N LEU M 2129 -25.32 13.08 32.50
CA LEU M 2129 -26.07 13.93 31.60
C LEU M 2129 -26.78 15.04 32.35
N GLU M 2130 -27.07 14.83 33.62
CA GLU M 2130 -27.62 15.84 34.51
C GLU M 2130 -26.54 16.42 35.43
N LYS M 2131 -25.32 16.58 34.89
CA LYS M 2131 -24.20 17.04 35.70
C LYS M 2131 -24.48 18.39 36.33
N GLU M 2132 -25.13 19.30 35.59
CA GLU M 2132 -25.54 20.59 36.12
C GLU M 2132 -26.96 20.55 36.66
N THR M 2133 -27.52 19.36 36.87
CA THR M 2133 -28.87 19.15 37.40
C THR M 2133 -29.94 19.84 36.56
N ASN M 2134 -29.68 20.02 35.27
CA ASN M 2134 -30.67 20.60 34.37
C ASN M 2134 -31.75 19.57 34.07
N ASN M 2135 -32.98 19.83 34.51
CA ASN M 2135 -34.10 18.93 34.32
C ASN M 2135 -33.78 17.54 34.88
N THR M 2136 -33.69 17.50 36.22
CA THR M 2136 -33.37 16.28 36.96
C THR M 2136 -34.52 15.28 36.96
N LYS M 2137 -35.52 15.54 36.13
CA LYS M 2137 -36.69 14.69 35.98
C LYS M 2137 -36.37 13.43 35.17
N LYS M 2138 -35.44 12.63 35.70
CA LYS M 2138 -35.07 11.38 35.05
C LYS M 2138 -36.25 10.41 35.00
N ALA M 2139 -37.24 10.60 35.88
CA ALA M 2139 -38.47 9.84 35.77
C ALA M 2139 -39.33 10.36 34.63
N GLU M 2140 -39.44 11.69 34.51
CA GLU M 2140 -40.33 12.27 33.50
C GLU M 2140 -39.74 12.18 32.10
N ASP M 2141 -38.43 12.42 31.96
CA ASP M 2141 -37.83 12.35 30.63
C ASP M 2141 -37.90 10.94 30.08
N TRP M 2142 -37.74 9.93 30.94
CA TRP M 2142 -38.01 8.55 30.53
C TRP M 2142 -39.47 8.38 30.14
N TRP M 2143 -40.37 8.96 30.93
CA TRP M 2143 -41.78 9.00 30.54
C TRP M 2143 -41.98 9.83 29.29
N LYS M 2144 -41.23 10.92 29.15
CA LYS M 2144 -41.25 11.69 27.92
C LYS M 2144 -40.78 10.84 26.74
N THR M 2145 -39.71 10.06 26.95
CA THR M 2145 -39.23 9.17 25.91
C THR M 2145 -40.17 7.99 25.69
N ASN M 2146 -41.06 7.71 26.65
CA ASN M 2146 -41.90 6.51 26.56
C ASN M 2146 -42.78 6.51 25.32
N LYS M 2147 -43.36 7.67 24.97
CA LYS M 2147 -44.26 7.72 23.83
C LYS M 2147 -43.55 7.28 22.55
N LYS M 2148 -42.31 7.74 22.35
CA LYS M 2148 -41.53 7.25 21.21
C LYS M 2148 -40.91 5.90 21.50
N SER M 2149 -40.59 5.62 22.77
CA SER M 2149 -40.02 4.32 23.12
C SER M 2149 -41.00 3.19 22.82
N ILE M 2150 -42.27 3.39 23.17
CA ILE M 2150 -43.26 2.38 22.83
C ILE M 2150 -43.54 2.35 21.33
N TRP M 2151 -43.56 3.52 20.68
CA TRP M 2151 -43.92 3.57 19.27
C TRP M 2151 -42.93 2.78 18.43
N ASN M 2152 -41.63 2.89 18.75
CA ASN M 2152 -40.64 2.09 18.05
C ASN M 2152 -40.62 0.66 18.55
N ALA M 2153 -41.29 0.37 19.68
CA ALA M 2153 -41.32 -0.99 20.20
C ALA M 2153 -42.08 -1.92 19.26
N MET M 2154 -43.23 -1.47 18.75
CA MET M 2154 -43.94 -2.30 17.78
C MET M 2154 -43.36 -2.16 16.38
N LEU M 2155 -42.49 -1.16 16.17
CA LEU M 2155 -41.89 -0.98 14.85
C LEU M 2155 -41.08 -2.21 14.45
N CYS M 2156 -40.29 -2.74 15.38
CA CYS M 2156 -39.57 -3.98 15.10
C CYS M 2156 -40.51 -5.18 15.07
N GLY M 2157 -41.67 -5.07 15.71
CA GLY M 2157 -42.66 -6.12 15.60
C GLY M 2157 -43.13 -6.33 14.18
N TYR M 2158 -43.16 -5.26 13.38
CA TYR M 2158 -43.47 -5.38 11.96
C TYR M 2158 -42.33 -6.02 11.18
N LYS M 2159 -41.10 -5.93 11.67
CA LYS M 2159 -40.00 -6.64 11.03
C LYS M 2159 -40.19 -8.15 11.14
N LYS M 2160 -40.82 -8.61 12.23
CA LYS M 2160 -41.29 -9.97 12.32
C LYS M 2160 -42.33 -10.23 11.22
N SER M 2161 -42.65 -11.51 11.02
CA SER M 2161 -43.64 -11.92 10.03
C SER M 2161 -44.85 -11.00 10.05
N GLY M 2162 -45.33 -10.64 8.86
CA GLY M 2162 -46.27 -9.56 8.71
C GLY M 2162 -47.67 -9.81 9.24
N ASN M 2163 -47.76 -10.15 10.53
CA ASN M 2163 -49.05 -10.26 11.21
C ASN M 2163 -49.41 -8.95 11.91
N LYS M 2164 -49.37 -7.85 11.15
CA LYS M 2164 -49.54 -6.53 11.72
C LYS M 2164 -51.03 -6.19 11.83
N ILE M 2165 -51.43 -5.77 13.02
CA ILE M 2165 -52.79 -5.30 13.28
C ILE M 2165 -52.70 -3.88 13.82
N ILE M 2166 -53.48 -2.98 13.22
CA ILE M 2166 -53.34 -1.55 13.51
C ILE M 2166 -54.30 -1.14 14.61
N ASP M 2167 -54.86 -2.11 15.31
CA ASP M 2167 -55.79 -1.81 16.40
C ASP M 2167 -55.06 -1.03 17.50
N PRO M 2168 -55.68 0.01 18.06
CA PRO M 2168 -54.97 0.82 19.08
C PRO M 2168 -54.60 0.03 20.31
N SER M 2169 -55.37 -0.99 20.69
CA SER M 2169 -55.02 -1.80 21.85
C SER M 2169 -53.69 -2.50 21.66
N TRP M 2170 -53.44 -3.01 20.47
CA TRP M 2170 -52.19 -3.69 20.14
C TRP M 2170 -51.16 -2.73 19.55
N CYS M 2171 -51.47 -1.44 19.44
CA CYS M 2171 -50.53 -0.48 18.86
C CYS M 2171 -50.42 0.82 19.64
N THR M 2172 -51.17 0.98 20.74
CA THR M 2172 -51.08 2.22 21.52
C THR M 2172 -51.46 1.87 22.96
N ILE M 2173 -50.46 1.76 23.82
CA ILE M 2173 -50.67 1.49 25.24
C ILE M 2173 -50.74 2.83 25.96
N PRO M 2174 -51.61 2.98 26.96
CA PRO M 2174 -51.61 4.23 27.75
C PRO M 2174 -50.38 4.33 28.64
N THR M 2175 -49.27 4.81 28.06
CA THR M 2175 -48.01 4.89 28.78
C THR M 2175 -48.08 5.76 30.02
N THR M 2176 -49.07 6.67 30.09
CA THR M 2176 -49.20 7.53 31.26
C THR M 2176 -49.46 6.72 32.53
N GLU M 2177 -50.32 5.72 32.45
CA GLU M 2177 -50.65 4.90 33.59
C GLU M 2177 -49.73 3.68 33.67
N THR M 2178 -49.60 3.15 34.88
CA THR M 2178 -48.82 1.93 35.11
C THR M 2178 -49.24 1.34 36.44
N PRO M 2179 -49.25 0.02 36.56
CA PRO M 2179 -49.56 -0.59 37.85
C PRO M 2179 -48.49 -0.24 38.88
N PRO M 2180 -48.88 -0.10 40.15
CA PRO M 2180 -47.87 0.22 41.18
C PRO M 2180 -46.85 -0.90 41.30
N GLN M 2181 -45.57 -0.51 41.26
CA GLN M 2181 -44.49 -1.48 41.17
C GLN M 2181 -44.55 -2.49 42.33
N PHE M 2182 -45.04 -2.05 43.50
CA PHE M 2182 -45.22 -2.98 44.60
C PHE M 2182 -46.20 -4.08 44.22
N LEU M 2183 -47.35 -3.70 43.68
CA LEU M 2183 -48.29 -4.70 43.17
C LEU M 2183 -47.84 -5.21 41.80
N ARG M 2184 -47.28 -4.33 40.96
CA ARG M 2184 -46.95 -4.71 39.59
C ARG M 2184 -45.91 -5.84 39.58
N TRP M 2185 -44.89 -5.74 40.42
CA TRP M 2185 -43.86 -6.78 40.45
C TRP M 2185 -44.44 -8.10 40.95
N ILE M 2186 -45.16 -8.07 42.07
CA ILE M 2186 -45.79 -9.30 42.53
C ILE M 2186 -46.88 -9.73 41.56
N LYS M 2187 -47.46 -8.78 40.82
CA LYS M 2187 -48.32 -9.16 39.69
C LYS M 2187 -47.51 -9.82 38.59
N GLU M 2188 -46.32 -9.31 38.31
CA GLU M 2188 -45.44 -9.96 37.35
C GLU M 2188 -45.17 -11.41 37.75
N TRP M 2189 -44.90 -11.64 39.03
CA TRP M 2189 -44.81 -13.00 39.52
C TRP M 2189 -46.19 -13.63 39.64
N GLY M 2190 -47.20 -12.81 39.95
CA GLY M 2190 -48.56 -13.32 39.95
C GLY M 2190 -49.03 -13.75 38.58
N THR M 2191 -48.74 -12.93 37.57
CA THR M 2191 -49.09 -13.32 36.20
C THR M 2191 -48.16 -14.42 35.71
N ASN M 2192 -47.00 -14.57 36.35
CA ASN M 2192 -46.09 -15.65 35.97
C ASN M 2192 -46.66 -17.01 36.37
N VAL M 2193 -47.12 -17.13 37.63
CA VAL M 2193 -47.62 -18.41 38.10
C VAL M 2193 -48.96 -18.74 37.48
N CYS M 2194 -49.87 -17.76 37.37
CA CYS M 2194 -51.23 -18.05 36.94
C CYS M 2194 -51.29 -18.56 35.52
N ILE M 2195 -50.47 -18.01 34.61
CA ILE M 2195 -50.49 -18.48 33.23
C ILE M 2195 -50.06 -19.93 33.15
N GLN M 2196 -49.12 -20.34 34.01
CA GLN M 2196 -48.70 -21.74 34.02
C GLN M 2196 -49.75 -22.62 34.70
N LYS M 2197 -50.35 -22.12 35.79
CA LYS M 2197 -51.31 -22.94 36.52
C LYS M 2197 -52.57 -23.19 35.71
N GLN M 2198 -52.96 -22.24 34.84
CA GLN M 2198 -54.07 -22.50 33.93
C GLN M 2198 -53.74 -23.62 32.96
N GLU M 2199 -52.51 -23.64 32.45
CA GLU M 2199 -52.09 -24.72 31.57
C GLU M 2199 -52.06 -26.05 32.31
N HIS M 2200 -51.55 -26.04 33.54
CA HIS M 2200 -51.50 -27.28 34.32
C HIS M 2200 -52.90 -27.81 34.61
N LYS M 2201 -53.85 -26.92 34.89
CA LYS M 2201 -55.20 -27.36 35.16
C LYS M 2201 -55.83 -28.02 33.94
N GLU M 2202 -55.58 -27.47 32.74
CA GLU M 2202 -56.24 -28.01 31.56
C GLU M 2202 -55.55 -29.27 31.03
N TYR M 2203 -54.32 -29.54 31.47
CA TYR M 2203 -53.69 -30.82 31.12
C TYR M 2203 -54.47 -31.99 31.71
N VAL M 2204 -54.94 -31.84 32.95
CA VAL M 2204 -55.73 -32.89 33.58
C VAL M 2204 -57.03 -33.10 32.82
N LYS M 2205 -57.68 -32.01 32.42
CA LYS M 2205 -58.96 -32.12 31.71
C LYS M 2205 -58.76 -32.64 30.30
N SER M 2206 -57.75 -32.11 29.58
CA SER M 2206 -57.55 -32.51 28.19
C SER M 2206 -57.13 -33.97 28.08
N LYS M 2207 -56.20 -34.42 28.93
CA LYS M 2207 -55.70 -35.78 28.88
C LYS M 2207 -55.61 -36.35 30.29
N CYS M 2208 -55.68 -37.68 30.36
CA CYS M 2208 -55.57 -38.41 31.63
C CYS M 2208 -56.65 -37.99 32.62
N SER M 2209 -57.83 -37.65 32.11
CA SER M 2209 -58.98 -37.35 32.96
C SER M 2209 -59.72 -38.65 33.26
N ASN M 2210 -60.92 -38.53 33.82
CA ASN M 2210 -61.91 -39.61 33.98
C ASN M 2210 -61.26 -40.96 34.28
N VAL M 2211 -60.55 -40.99 35.40
CA VAL M 2211 -59.68 -42.11 35.73
C VAL M 2211 -60.50 -43.39 35.90
N THR M 2212 -60.11 -44.44 35.17
CA THR M 2212 -60.59 -45.81 35.32
C THR M 2212 -62.08 -46.01 35.03
N ASN M 2213 -62.78 -44.98 34.59
CA ASN M 2213 -64.19 -45.16 34.22
C ASN M 2213 -64.35 -45.42 32.72
N LEU M 2214 -63.60 -46.40 32.21
CA LEU M 2214 -63.57 -46.73 30.79
C LEU M 2214 -63.18 -45.52 29.95
N GLY M 2215 -62.21 -44.75 30.47
CA GLY M 2215 -61.69 -43.58 29.77
C GLY M 2215 -60.31 -43.23 30.24
N ALA M 2216 -59.38 -43.01 29.31
CA ALA M 2216 -57.99 -42.75 29.68
C ALA M 2216 -57.43 -41.51 29.01
N GLN M 2217 -57.90 -41.20 27.81
CA GLN M 2217 -57.37 -40.14 26.97
C GLN M 2217 -55.89 -40.33 26.62
N ALA M 2218 -55.34 -41.52 26.91
CA ALA M 2218 -53.94 -41.81 26.64
C ALA M 2218 -53.78 -43.33 26.62
N SER M 2219 -52.56 -43.77 26.34
CA SER M 2219 -52.29 -45.21 26.25
C SER M 2219 -52.50 -45.90 27.59
N GLU M 2220 -51.95 -45.33 28.67
CA GLU M 2220 -52.07 -45.92 30.00
C GLU M 2220 -52.87 -45.05 30.95
N SER M 2221 -52.46 -43.79 31.14
CA SER M 2221 -53.15 -42.82 32.00
C SER M 2221 -53.08 -43.19 33.48
N ASN M 2222 -52.48 -44.33 33.80
CA ASN M 2222 -52.31 -44.71 35.20
C ASN M 2222 -51.19 -43.89 35.84
N ASN M 2223 -50.09 -43.69 35.11
CA ASN M 2223 -49.00 -42.87 35.61
C ASN M 2223 -49.30 -41.37 35.50
N CYS M 2224 -50.38 -41.01 34.81
CA CYS M 2224 -50.73 -39.59 34.67
C CYS M 2224 -51.07 -38.98 36.02
N THR M 2225 -51.76 -39.73 36.88
CA THR M 2225 -52.14 -39.20 38.19
C THR M 2225 -50.91 -38.85 39.01
N SER M 2226 -49.87 -39.70 38.96
CA SER M 2226 -48.63 -39.39 39.66
C SER M 2226 -48.00 -38.12 39.11
N GLU M 2227 -48.01 -37.94 37.79
CA GLU M 2227 -47.51 -36.70 37.21
C GLU M 2227 -48.36 -35.50 37.64
N ILE M 2228 -49.68 -35.69 37.68
CA ILE M 2228 -50.56 -34.62 38.15
C ILE M 2228 -50.30 -34.31 39.61
N LYS M 2229 -50.13 -35.35 40.43
CA LYS M 2229 -49.76 -35.14 41.83
C LYS M 2229 -48.39 -34.47 41.93
N LYS M 2230 -47.46 -34.85 41.07
CA LYS M 2230 -46.18 -34.15 41.01
C LYS M 2230 -46.37 -32.71 40.56
N TYR M 2231 -47.28 -32.48 39.61
CA TYR M 2231 -47.69 -31.12 39.28
C TYR M 2231 -48.37 -30.46 40.49
N GLN M 2232 -49.22 -31.21 41.18
CA GLN M 2232 -49.99 -30.64 42.28
C GLN M 2232 -49.09 -30.25 43.44
N GLU M 2233 -48.06 -31.06 43.74
CA GLU M 2233 -47.23 -30.80 44.91
C GLU M 2233 -46.38 -29.54 44.72
N TRP M 2234 -45.72 -29.40 43.56
CA TRP M 2234 -44.88 -28.22 43.37
C TRP M 2234 -45.71 -26.95 43.25
N SER M 2235 -46.88 -27.05 42.65
CA SER M 2235 -47.78 -25.89 42.61
C SER M 2235 -48.20 -25.48 44.01
N ARG M 2236 -48.45 -26.47 44.88
CA ARG M 2236 -48.68 -26.15 46.28
C ARG M 2236 -47.41 -25.67 46.96
N LYS M 2237 -46.24 -26.14 46.50
CA LYS M 2237 -44.98 -25.60 47.01
C LYS M 2237 -44.83 -24.13 46.63
N ARG M 2238 -45.46 -23.72 45.54
CA ARG M 2238 -45.57 -22.29 45.27
C ARG M 2238 -46.43 -21.61 46.33
N SER M 2239 -47.55 -22.24 46.71
CA SER M 2239 -48.44 -21.65 47.70
C SER M 2239 -47.72 -21.39 49.02
N ILE M 2240 -46.76 -22.24 49.36
CA ILE M 2240 -46.02 -22.06 50.60
C ILE M 2240 -44.84 -21.10 50.47
N GLN M 2241 -44.55 -20.62 49.26
CA GLN M 2241 -43.47 -19.65 49.10
C GLN M 2241 -43.96 -18.24 48.78
N TRP M 2242 -45.12 -18.08 48.14
CA TRP M 2242 -45.68 -16.74 48.02
C TRP M 2242 -46.45 -16.32 49.26
N GLU M 2243 -46.40 -17.11 50.33
CA GLU M 2243 -46.99 -16.68 51.59
C GLU M 2243 -46.41 -15.38 52.10
N THR M 2244 -45.29 -14.94 51.53
CA THR M 2244 -44.72 -13.64 51.88
C THR M 2244 -45.66 -12.48 51.54
N ILE M 2245 -46.55 -12.67 50.57
CA ILE M 2245 -47.51 -11.61 50.24
C ILE M 2245 -48.49 -11.40 51.39
N SER M 2246 -48.68 -12.41 52.24
CA SER M 2246 -49.42 -12.20 53.46
C SER M 2246 -48.74 -11.17 54.34
N LYS M 2247 -47.42 -11.06 54.24
CA LYS M 2247 -46.70 -10.03 54.98
C LYS M 2247 -46.74 -8.69 54.23
N ARG M 2248 -46.12 -8.63 53.05
CA ARG M 2248 -45.87 -7.38 52.35
C ARG M 2248 -45.45 -6.30 53.32
N TYR M 2249 -46.31 -5.31 53.56
CA TYR M 2249 -46.12 -4.46 54.73
C TYR M 2249 -46.71 -5.15 55.96
N LYS M 2250 -48.03 -5.26 56.00
CA LYS M 2250 -48.76 -5.90 57.09
C LYS M 2250 -49.86 -6.86 56.63
N LYS M 2251 -50.24 -6.85 55.35
CA LYS M 2251 -51.53 -7.41 54.97
C LYS M 2251 -51.44 -8.12 53.62
N TYR M 2252 -52.48 -8.90 53.33
CA TYR M 2252 -52.65 -9.63 52.08
C TYR M 2252 -53.82 -9.14 51.25
N LYS M 2253 -55.03 -9.13 51.82
CA LYS M 2253 -56.24 -9.04 51.02
C LYS M 2253 -56.55 -7.61 50.58
N ARG M 2254 -55.58 -6.94 49.97
CA ARG M 2254 -55.86 -5.69 49.28
C ARG M 2254 -56.52 -5.94 47.93
N MET M 2255 -56.09 -6.99 47.24
CA MET M 2255 -56.63 -7.35 45.94
C MET M 2255 -56.55 -8.86 45.77
N ASP M 2256 -57.64 -9.45 45.29
CA ASP M 2256 -57.70 -10.88 45.01
C ASP M 2256 -58.41 -11.12 43.68
N ILE M 2257 -58.03 -10.34 42.66
CA ILE M 2257 -58.70 -10.42 41.37
C ILE M 2257 -58.51 -11.80 40.76
N LEU M 2258 -57.28 -12.31 40.78
CA LEU M 2258 -56.98 -13.61 40.18
C LEU M 2258 -55.72 -14.21 40.80
#